data_6CRV
#
_entry.id   6CRV
#
_cell.length_a   1
_cell.length_b   1
_cell.length_c   1
_cell.angle_alpha   90.000
_cell.angle_beta   90.000
_cell.angle_gamma   90.000
#
_symmetry.space_group_name_H-M   'P 1'
#
loop_
_entity.id
_entity.type
_entity.pdbx_description
1 polymer 'Spike glycoprotein,Fibritin'
2 branched 2-acetamido-2-deoxy-beta-D-glucopyranose-(1-4)-2-acetamido-2-deoxy-beta-D-glucopyranose
3 branched beta-D-mannopyranose-(1-4)-2-acetamido-2-deoxy-beta-D-glucopyranose-(1-4)-2-acetamido-2-deoxy-beta-D-glucopyranose
4 non-polymer 2-acetamido-2-deoxy-beta-D-glucopyranose
#
_entity_poly.entity_id   1
_entity_poly.type   'polypeptide(L)'
_entity_poly.pdbx_seq_one_letter_code
;SDLDRCTTFDDVQAPNYTQHTSSMRGVYYPDEIFRSDTLYLTQDLFLPFYSNVTGFHTINHTFGNPVIPFKDGIYFAATE
KSNVVRGWVFGSTMNNKSQSVIIINNSTNVVIRACNFELCDNPFFAVSKPMGTQTHTMIFDNAFNCTFEYISDAFSLDVS
EKSGNFKHLREFVFKNKDGFLYVYKGYQPIDVVRDLPSGFNTLKPIFKLPLGINITNFRAILTAFSPAQDIWGTSAAAYF
VGYLKPTTFMLKYDENGTITDAVDCSQNPLAELKCSVKSFEIDKGIYQTSNFRVVPSGDVVRFPNITNLCPFGEVFNATK
FPSVYAWERKKISNCVADYSVLYNSTFFSTFKCYGVSATKLNDLCFSNVYADSFVVKGDDVRQIAPGQTGVIADYNYKLP
DDFMGCVLAWNTRNIDATSTGNYNYKYRYLRHGKLRPFERDISNVPFSPDGKPCTPPALNCYWPLNDYGFYTTTGIGYQP
YRVVVLSFELLNAPATVCGPKLSTDLIKNQCVNFNFNGLTGTGVLTPSSKRFQPFQQFGRDVSDFTDSVRDPKTSEILDI
SPCAFGGVSVITPGTNASSEVAVLYQDVNCTDVSTAIHADQLTPAWRIYSTGNNVFQTQAGCLIGAEHVDTSYECDIPIG
AGICASYHTVSLLRSTSQKSIVAYTMSLGADSSIAYSNNTIAIPTNFSISITTEVMPVSMAKTSVDCNMYICGDSTECAN
LLLQYGSFCTQLNRALSGIAAEQDRNTREVFAQVKQMYKTPTLKYFGGFNFSQILPDPLKPTKRSFIEDLLFNKVTLADA
GFMKQYGECLGDINARDLICAQKFNGLTVLPPLLTDDMIAAYTAALVSGTATAGWTFGAGAALQIPFAMQMAYRFNGIGV
TQNVLYENQKQIANQFNKAISQIQESLTTTSTALGKLQDVVNQNAQALNTLVKQLSSNFGAISSVLNDILSRLDPPEAEV
QIDRLITGRLQSLQTYVTQQLIRAAEIRASANLAATKMSECVLGQSKRVDFCGKGYHLMSFPQAAPHGVVFLHVTYVPSQ
ERNFTTAPAICHEGKAYFPREGVFVFNGTSWFITQRNFFSPQIITTDNTFVSGNCDVVIGIINNTVYDPLQPELDSFKEE
LDKYFKNHTSPDVDLGDISGINASVVNIQKEIDRLNEVAKNLNESLIDLQELGKYEQGSGYIPEAPRDGQAYVRKDGEWV
LLSTFLGRSLEVLFQGPGHHHHHHHHSAWSHPQFEK
;
_entity_poly.pdbx_strand_id   A,B,C
#
loop_
_chem_comp.id
_chem_comp.type
_chem_comp.name
_chem_comp.formula
BMA D-saccharide, beta linking beta-D-mannopyranose 'C6 H12 O6'
NAG D-saccharide, beta linking 2-acetamido-2-deoxy-beta-D-glucopyranose 'C8 H15 N O6'
#
# COMPACT_ATOMS: atom_id res chain seq x y z
N ARG A 5 21.38 -76.99 -10.41
CA ARG A 5 20.12 -77.73 -10.42
C ARG A 5 19.11 -77.09 -9.47
N CYS A 6 18.14 -76.37 -10.03
CA CYS A 6 17.09 -75.73 -9.23
C CYS A 6 16.24 -76.79 -8.54
N THR A 7 16.25 -76.77 -7.21
CA THR A 7 15.67 -77.83 -6.39
C THR A 7 14.61 -77.25 -5.47
N THR A 8 13.39 -77.77 -5.56
CA THR A 8 12.34 -77.37 -4.64
C THR A 8 12.46 -78.14 -3.33
N PHE A 9 11.69 -77.71 -2.33
CA PHE A 9 11.73 -78.33 -1.02
C PHE A 9 10.45 -79.11 -0.77
N ASP A 10 10.53 -80.09 0.13
CA ASP A 10 9.50 -81.12 0.25
C ASP A 10 8.24 -80.62 0.92
N ASP A 11 8.37 -79.86 2.01
CA ASP A 11 7.24 -79.59 2.88
C ASP A 11 7.23 -78.11 3.32
N VAL A 12 7.34 -77.20 2.35
CA VAL A 12 7.33 -75.76 2.64
C VAL A 12 5.94 -75.34 3.14
N GLN A 13 5.91 -74.75 4.33
CA GLN A 13 4.71 -74.18 4.92
C GLN A 13 4.32 -72.89 4.20
N ALA A 14 3.02 -72.62 4.16
CA ALA A 14 2.53 -71.37 3.59
C ALA A 14 2.99 -70.20 4.45
N PRO A 15 3.27 -69.03 3.83
CA PRO A 15 3.71 -67.88 4.61
C PRO A 15 2.62 -67.31 5.50
N ASN A 16 3.04 -66.65 6.58
CA ASN A 16 2.13 -66.31 7.66
C ASN A 16 1.51 -64.92 7.50
N TYR A 17 2.28 -63.95 6.98
CA TYR A 17 1.84 -62.58 6.74
C TYR A 17 1.38 -61.89 8.03
N THR A 18 2.14 -62.04 9.11
CA THR A 18 1.73 -61.41 10.36
C THR A 18 2.00 -59.91 10.32
N GLN A 19 1.28 -59.17 11.17
CA GLN A 19 1.23 -57.73 11.10
C GLN A 19 2.06 -57.10 12.22
N HIS A 20 2.84 -56.09 11.86
CA HIS A 20 3.59 -55.32 12.84
C HIS A 20 3.57 -53.85 12.42
N THR A 21 4.12 -53.01 13.28
CA THR A 21 4.02 -51.56 13.16
C THR A 21 5.41 -50.95 13.04
N SER A 22 5.65 -50.28 11.92
CA SER A 22 6.92 -49.60 11.69
C SER A 22 6.82 -48.17 12.20
N SER A 23 7.48 -47.88 13.32
CA SER A 23 7.27 -46.58 13.95
C SER A 23 7.94 -45.44 13.20
N MET A 24 9.27 -45.43 13.17
CA MET A 24 10.00 -44.33 12.55
C MET A 24 11.15 -44.84 11.70
N ARG A 25 10.91 -45.87 10.90
CA ARG A 25 11.97 -46.45 10.10
C ARG A 25 11.74 -46.22 8.62
N GLY A 26 12.80 -46.36 7.84
CA GLY A 26 12.72 -46.14 6.42
C GLY A 26 13.14 -44.76 5.96
N VAL A 27 13.69 -43.96 6.85
CA VAL A 27 14.15 -42.63 6.51
C VAL A 27 15.55 -42.73 5.96
N TYR A 28 15.79 -42.16 4.79
CA TYR A 28 17.07 -42.27 4.12
C TYR A 28 17.44 -40.93 3.52
N TYR A 29 18.67 -40.83 3.04
CA TYR A 29 19.16 -39.63 2.36
C TYR A 29 18.64 -39.61 0.92
N PRO A 30 17.74 -38.69 0.59
CA PRO A 30 17.09 -38.76 -0.73
C PRO A 30 17.98 -38.30 -1.87
N ASP A 31 19.05 -37.59 -1.60
CA ASP A 31 19.89 -37.03 -2.64
C ASP A 31 21.34 -37.02 -2.17
N GLU A 32 22.22 -36.44 -2.99
CA GLU A 32 23.64 -36.34 -2.65
C GLU A 32 24.05 -34.91 -2.37
N ILE A 33 23.23 -34.18 -1.61
CA ILE A 33 23.46 -32.78 -1.31
C ILE A 33 23.83 -32.68 0.15
N PHE A 34 24.91 -31.98 0.45
CA PHE A 34 25.22 -31.67 1.83
C PHE A 34 24.39 -30.48 2.28
N ARG A 35 23.68 -30.64 3.38
CA ARG A 35 22.99 -29.53 3.99
C ARG A 35 23.34 -29.52 5.47
N SER A 36 23.44 -28.33 6.05
CA SER A 36 23.85 -28.25 7.43
C SER A 36 22.94 -27.28 8.17
N ASP A 37 22.51 -27.69 9.37
CA ASP A 37 21.83 -26.86 10.34
C ASP A 37 20.54 -26.26 9.76
N THR A 38 19.68 -27.13 9.25
CA THR A 38 18.48 -26.66 8.58
C THR A 38 17.40 -27.71 8.59
N LEU A 39 16.18 -27.25 8.40
CA LEU A 39 15.02 -28.09 8.17
C LEU A 39 14.71 -28.09 6.68
N TYR A 40 14.21 -29.20 6.18
CA TYR A 40 14.04 -29.30 4.74
C TYR A 40 12.87 -30.21 4.42
N LEU A 41 11.92 -29.73 3.63
CA LEU A 41 10.75 -30.50 3.23
C LEU A 41 11.03 -31.22 1.93
N THR A 42 10.89 -32.53 1.94
CA THR A 42 11.04 -33.36 0.76
C THR A 42 9.69 -33.94 0.36
N GLN A 43 9.52 -34.18 -0.92
CA GLN A 43 8.43 -35.02 -1.40
C GLN A 43 9.06 -36.17 -2.16
N ASP A 44 8.96 -37.38 -1.62
CA ASP A 44 9.60 -38.52 -2.24
C ASP A 44 8.90 -39.77 -1.72
N LEU A 45 9.46 -40.93 -2.05
CA LEU A 45 8.92 -42.22 -1.65
C LEU A 45 9.49 -42.60 -0.30
N PHE A 46 8.65 -42.56 0.73
CA PHE A 46 9.07 -42.85 2.09
C PHE A 46 8.17 -43.90 2.69
N LEU A 47 8.72 -44.65 3.62
CA LEU A 47 7.91 -45.50 4.46
C LEU A 47 7.21 -44.65 5.49
N PRO A 48 5.88 -44.53 5.46
CA PRO A 48 5.20 -43.57 6.34
C PRO A 48 5.23 -44.05 7.77
N PHE A 49 5.12 -43.10 8.69
CA PHE A 49 5.25 -43.43 10.10
C PHE A 49 4.02 -44.17 10.59
N TYR A 50 4.28 -45.19 11.42
CA TYR A 50 3.27 -46.06 12.03
C TYR A 50 2.42 -46.77 10.97
N SER A 51 3.10 -47.33 9.99
CA SER A 51 2.42 -48.08 8.95
C SER A 51 2.57 -49.57 9.19
N ASN A 52 1.64 -50.33 8.61
CA ASN A 52 1.62 -51.76 8.81
C ASN A 52 2.62 -52.46 7.92
N VAL A 53 3.53 -53.21 8.52
CA VAL A 53 4.50 -54.03 7.81
C VAL A 53 4.11 -55.49 7.95
N THR A 54 4.54 -56.28 6.98
CA THR A 54 4.19 -57.68 6.90
C THR A 54 5.38 -58.56 7.26
N GLY A 55 5.23 -59.35 8.31
CA GLY A 55 6.32 -60.18 8.80
C GLY A 55 6.31 -61.57 8.19
N PHE A 56 7.51 -62.04 7.82
CA PHE A 56 7.73 -63.36 7.28
C PHE A 56 8.73 -64.12 8.13
N HIS A 57 8.78 -65.43 7.93
CA HIS A 57 9.46 -66.32 8.85
C HIS A 57 10.42 -67.27 8.13
N THR A 58 11.53 -67.54 8.81
CA THR A 58 12.40 -68.68 8.53
C THR A 58 12.46 -69.44 9.85
N ILE A 59 11.58 -70.44 9.98
CA ILE A 59 11.36 -71.18 11.22
C ILE A 59 10.92 -72.56 10.74
N ASN A 60 10.82 -73.54 11.65
CA ASN A 60 10.98 -74.99 11.45
C ASN A 60 10.57 -75.57 10.10
N HIS A 61 9.35 -75.32 9.66
CA HIS A 61 8.88 -75.76 8.34
C HIS A 61 8.58 -74.59 7.41
N THR A 62 8.81 -73.37 7.87
CA THR A 62 8.45 -72.16 7.14
C THR A 62 9.67 -71.63 6.42
N PHE A 63 9.61 -71.59 5.09
CA PHE A 63 10.72 -71.19 4.24
C PHE A 63 10.12 -70.16 3.28
N GLY A 64 10.03 -68.91 3.72
CA GLY A 64 9.25 -67.92 3.00
C GLY A 64 10.10 -67.27 1.91
N ASN A 65 10.06 -67.84 0.71
CA ASN A 65 10.58 -67.10 -0.42
C ASN A 65 9.59 -66.90 -1.57
N PRO A 66 8.36 -66.44 -1.35
CA PRO A 66 7.40 -66.38 -2.45
C PRO A 66 7.65 -65.17 -3.32
N VAL A 67 6.85 -65.07 -4.39
CA VAL A 67 6.80 -63.84 -5.16
C VAL A 67 6.04 -62.81 -4.35
N ILE A 68 6.74 -61.81 -3.86
CA ILE A 68 6.16 -60.68 -3.13
C ILE A 68 6.12 -59.51 -4.10
N PRO A 69 5.00 -58.80 -4.23
CA PRO A 69 4.98 -57.64 -5.11
C PRO A 69 5.83 -56.50 -4.55
N PHE A 70 6.36 -55.71 -5.48
CA PHE A 70 7.26 -54.60 -5.23
C PHE A 70 6.50 -53.28 -5.28
N LYS A 71 5.89 -53.04 -6.44
CA LYS A 71 4.86 -52.06 -6.79
C LYS A 71 5.41 -50.64 -6.84
N ASP A 72 6.26 -50.21 -5.93
CA ASP A 72 6.67 -48.81 -5.86
C ASP A 72 8.09 -48.67 -5.39
N GLY A 73 8.61 -49.72 -4.79
CA GLY A 73 9.71 -49.62 -3.86
C GLY A 73 9.29 -50.30 -2.58
N ILE A 74 10.23 -50.97 -1.95
CA ILE A 74 9.94 -51.68 -0.72
C ILE A 74 10.92 -51.24 0.35
N TYR A 75 10.53 -51.47 1.59
CA TYR A 75 11.43 -51.42 2.72
C TYR A 75 11.66 -52.84 3.20
N PHE A 76 12.91 -53.27 3.19
CA PHE A 76 13.26 -54.61 3.62
C PHE A 76 14.06 -54.50 4.90
N ALA A 77 13.73 -55.33 5.87
CA ALA A 77 14.55 -55.40 7.07
C ALA A 77 14.69 -56.85 7.44
N ALA A 78 15.76 -57.17 8.18
CA ALA A 78 16.00 -58.54 8.55
C ALA A 78 16.69 -58.60 9.90
N THR A 79 16.13 -59.40 10.80
CA THR A 79 16.76 -59.73 12.06
C THR A 79 17.63 -60.95 11.82
N GLU A 80 18.91 -60.86 12.15
CA GLU A 80 19.80 -61.97 11.90
C GLU A 80 20.69 -62.25 13.09
N LYS A 81 20.96 -63.54 13.27
CA LYS A 81 22.10 -64.05 14.02
C LYS A 81 22.93 -65.03 13.21
N SER A 82 22.40 -65.56 12.10
CA SER A 82 23.09 -66.58 11.31
C SER A 82 23.17 -66.22 9.84
N ASN A 83 22.79 -64.99 9.47
CA ASN A 83 22.84 -64.45 8.09
C ASN A 83 22.07 -65.35 7.12
N VAL A 84 20.80 -65.61 7.44
CA VAL A 84 19.98 -66.47 6.59
C VAL A 84 19.60 -65.74 5.31
N VAL A 85 19.22 -64.48 5.42
CA VAL A 85 18.88 -63.68 4.24
C VAL A 85 20.17 -63.27 3.55
N ARG A 86 20.30 -63.66 2.28
CA ARG A 86 21.49 -63.36 1.50
C ARG A 86 21.22 -62.57 0.25
N GLY A 87 20.04 -62.69 -0.34
CA GLY A 87 19.87 -62.14 -1.67
C GLY A 87 18.43 -61.90 -2.03
N TRP A 88 18.26 -61.27 -3.19
CA TRP A 88 16.95 -60.91 -3.71
C TRP A 88 16.97 -61.09 -5.21
N VAL A 89 15.83 -61.51 -5.75
CA VAL A 89 15.62 -61.63 -7.18
C VAL A 89 14.59 -60.60 -7.58
N PHE A 90 14.97 -59.67 -8.44
CA PHE A 90 14.04 -58.63 -8.87
C PHE A 90 13.70 -58.83 -10.33
N GLY A 91 12.42 -58.68 -10.65
CA GLY A 91 12.00 -58.79 -12.03
C GLY A 91 10.49 -58.69 -12.12
N SER A 92 9.96 -58.96 -13.30
CA SER A 92 8.51 -58.95 -13.47
C SER A 92 7.94 -60.36 -13.51
N THR A 93 8.34 -61.17 -14.48
CA THR A 93 7.73 -62.48 -14.70
C THR A 93 8.44 -63.59 -13.96
N MET A 94 9.65 -63.32 -13.44
CA MET A 94 10.54 -64.28 -12.76
C MET A 94 10.92 -65.46 -13.66
N ASN A 95 10.91 -65.27 -14.97
CA ASN A 95 11.23 -66.30 -15.94
C ASN A 95 12.43 -65.82 -16.78
N ASN A 96 12.98 -66.73 -17.59
CA ASN A 96 14.10 -66.39 -18.46
C ASN A 96 13.69 -65.64 -19.72
N LYS A 97 12.40 -65.32 -19.87
CA LYS A 97 11.91 -64.63 -21.05
C LYS A 97 12.21 -63.14 -21.04
N SER A 98 12.55 -62.56 -19.90
CA SER A 98 12.91 -61.15 -19.82
C SER A 98 14.10 -61.02 -18.89
N GLN A 99 14.44 -59.78 -18.57
CA GLN A 99 15.64 -59.51 -17.78
C GLN A 99 15.27 -59.40 -16.31
N SER A 100 16.12 -59.98 -15.47
CA SER A 100 15.97 -59.93 -14.03
C SER A 100 17.35 -59.69 -13.45
N VAL A 101 17.40 -59.29 -12.19
CA VAL A 101 18.66 -59.01 -11.52
C VAL A 101 18.68 -59.79 -10.22
N ILE A 102 19.87 -60.26 -9.85
CA ILE A 102 20.09 -60.98 -8.61
C ILE A 102 21.24 -60.32 -7.88
N ILE A 103 20.99 -59.92 -6.65
CA ILE A 103 21.97 -59.24 -5.81
C ILE A 103 22.16 -60.15 -4.61
N ILE A 104 23.22 -60.96 -4.60
CA ILE A 104 23.43 -61.96 -3.56
C ILE A 104 24.78 -61.79 -2.89
N ASN A 105 24.81 -62.10 -1.60
CA ASN A 105 26.03 -62.23 -0.82
C ASN A 105 26.35 -63.72 -0.75
N ASN A 106 27.25 -64.19 -1.62
CA ASN A 106 27.53 -65.62 -1.73
C ASN A 106 28.58 -66.11 -0.74
N SER A 107 28.81 -65.38 0.34
CA SER A 107 29.80 -65.54 1.42
C SER A 107 31.23 -65.24 0.96
N THR A 108 31.44 -64.86 -0.30
CA THR A 108 32.76 -64.50 -0.75
C THR A 108 32.72 -63.09 -1.33
N ASN A 109 31.63 -62.79 -2.04
CA ASN A 109 31.48 -61.54 -2.77
C ASN A 109 30.01 -61.14 -2.78
N VAL A 110 29.77 -59.87 -3.03
CA VAL A 110 28.44 -59.41 -3.41
C VAL A 110 28.37 -59.43 -4.92
N VAL A 111 27.45 -60.22 -5.45
CA VAL A 111 27.37 -60.48 -6.89
C VAL A 111 26.07 -59.89 -7.41
N ILE A 112 26.19 -58.97 -8.36
CA ILE A 112 25.05 -58.28 -8.97
C ILE A 112 25.09 -58.57 -10.45
N ARG A 113 24.08 -59.25 -10.97
CA ARG A 113 24.04 -59.57 -12.40
C ARG A 113 22.64 -59.38 -12.94
N ALA A 114 22.52 -58.61 -14.03
CA ALA A 114 21.24 -58.34 -14.69
C ALA A 114 21.25 -59.01 -16.05
N CYS A 115 20.60 -60.17 -16.16
CA CYS A 115 20.70 -61.02 -17.34
C CYS A 115 19.36 -61.71 -17.54
N ASN A 116 19.27 -62.49 -18.62
CA ASN A 116 18.18 -63.45 -18.81
C ASN A 116 18.56 -64.70 -18.05
N PHE A 117 17.96 -64.89 -16.87
CA PHE A 117 18.32 -65.98 -15.97
C PHE A 117 17.31 -67.11 -16.00
N GLU A 118 17.82 -68.33 -16.03
CA GLU A 118 17.00 -69.53 -15.82
C GLU A 118 16.74 -69.66 -14.32
N LEU A 119 15.73 -68.91 -13.87
CA LEU A 119 15.51 -68.70 -12.45
C LEU A 119 14.91 -69.94 -11.79
N CYS A 120 15.38 -70.22 -10.58
CA CYS A 120 14.78 -71.27 -9.77
C CYS A 120 13.43 -70.80 -9.25
N ASP A 121 12.47 -71.72 -9.18
CA ASP A 121 11.26 -71.44 -8.43
C ASP A 121 11.50 -71.54 -6.93
N ASN A 122 12.58 -72.19 -6.52
CA ASN A 122 13.06 -72.21 -5.14
C ASN A 122 14.50 -71.73 -5.14
N PRO A 123 14.73 -70.40 -5.11
CA PRO A 123 16.11 -69.92 -5.00
C PRO A 123 16.55 -69.84 -3.54
N PHE A 124 17.75 -70.35 -3.28
CA PHE A 124 18.26 -70.43 -1.91
C PHE A 124 19.76 -70.64 -1.94
N PHE A 125 20.39 -70.35 -0.80
CA PHE A 125 21.68 -70.92 -0.43
C PHE A 125 21.43 -72.02 0.58
N ALA A 126 22.44 -72.85 0.81
CA ALA A 126 22.30 -73.89 1.82
C ALA A 126 23.57 -74.03 2.62
N VAL A 127 23.41 -74.13 3.94
CA VAL A 127 24.51 -74.27 4.88
C VAL A 127 24.28 -75.53 5.70
N SER A 128 25.28 -76.38 5.77
CA SER A 128 25.22 -77.57 6.60
C SER A 128 25.34 -77.17 8.07
N LYS A 129 24.41 -77.66 8.90
CA LYS A 129 24.48 -77.40 10.34
C LYS A 129 25.70 -78.03 11.04
N PRO A 130 26.08 -79.30 10.82
CA PRO A 130 27.30 -79.78 11.51
C PRO A 130 28.60 -79.26 10.92
N MET A 131 28.59 -78.76 9.68
CA MET A 131 29.79 -78.15 9.12
C MET A 131 29.90 -76.68 9.46
N GLY A 132 28.77 -75.97 9.47
CA GLY A 132 28.77 -74.54 9.66
C GLY A 132 29.22 -73.75 8.45
N THR A 133 29.25 -74.37 7.27
CA THR A 133 29.75 -73.75 6.05
C THR A 133 28.69 -73.85 4.95
N GLN A 134 28.81 -72.95 3.97
CA GLN A 134 27.93 -72.97 2.82
C GLN A 134 28.30 -74.14 1.91
N THR A 135 27.28 -74.85 1.42
CA THR A 135 27.50 -75.94 0.48
C THR A 135 26.83 -75.72 -0.87
N HIS A 136 25.68 -75.03 -0.93
CA HIS A 136 24.92 -74.93 -2.15
C HIS A 136 24.73 -73.47 -2.55
N THR A 137 24.71 -73.26 -3.86
CA THR A 137 24.49 -71.95 -4.49
C THR A 137 23.47 -72.21 -5.60
N MET A 138 22.18 -72.14 -5.27
CA MET A 138 21.13 -72.51 -6.21
C MET A 138 20.20 -71.31 -6.37
N ILE A 139 20.58 -70.39 -7.25
CA ILE A 139 19.81 -69.20 -7.53
C ILE A 139 19.23 -69.25 -8.94
N PHE A 140 20.08 -69.57 -9.90
CA PHE A 140 19.75 -69.86 -11.29
C PHE A 140 20.72 -70.96 -11.70
N ASP A 141 20.45 -71.56 -12.84
CA ASP A 141 21.41 -72.51 -13.38
C ASP A 141 22.28 -71.93 -14.49
N ASN A 142 21.73 -71.03 -15.30
CA ASN A 142 22.44 -70.52 -16.47
C ASN A 142 22.01 -69.08 -16.69
N ALA A 143 22.83 -68.35 -17.45
CA ALA A 143 22.59 -66.94 -17.74
C ALA A 143 23.06 -66.60 -19.14
N PHE A 144 22.35 -65.67 -19.77
CA PHE A 144 22.74 -65.14 -21.08
C PHE A 144 22.17 -63.74 -21.24
N ASN A 145 22.74 -63.01 -22.22
CA ASN A 145 22.34 -61.66 -22.59
C ASN A 145 22.40 -60.71 -21.39
N CYS A 146 23.56 -60.67 -20.75
CA CYS A 146 23.73 -59.84 -19.57
C CYS A 146 23.84 -58.37 -19.96
N THR A 147 23.20 -57.51 -19.17
CA THR A 147 23.22 -56.08 -19.41
C THR A 147 23.99 -55.30 -18.35
N PHE A 148 24.22 -55.87 -17.18
CA PHE A 148 25.00 -55.23 -16.14
C PHE A 148 25.61 -56.32 -15.26
N GLU A 149 26.81 -56.05 -14.78
CA GLU A 149 27.44 -56.92 -13.78
C GLU A 149 28.39 -56.10 -12.92
N TYR A 150 28.33 -56.33 -11.60
CA TYR A 150 29.26 -55.73 -10.67
C TYR A 150 29.50 -56.68 -9.51
N ILE A 151 30.75 -56.81 -9.11
CA ILE A 151 31.13 -57.64 -7.97
C ILE A 151 31.93 -56.78 -7.01
N SER A 152 31.57 -56.78 -5.73
CA SER A 152 32.29 -55.96 -4.78
C SER A 152 33.57 -56.64 -4.32
N ASP A 153 34.20 -56.05 -3.31
CA ASP A 153 35.42 -56.58 -2.73
C ASP A 153 35.15 -57.93 -2.06
N ALA A 154 36.22 -58.72 -1.96
CA ALA A 154 36.09 -60.01 -1.31
C ALA A 154 36.09 -59.86 0.20
N PHE A 155 35.35 -60.75 0.86
CA PHE A 155 35.39 -60.91 2.30
C PHE A 155 34.94 -62.33 2.63
N SER A 156 34.91 -62.66 3.92
CA SER A 156 34.61 -64.02 4.37
C SER A 156 33.46 -63.92 5.37
N LEU A 157 32.33 -64.54 5.04
CA LEU A 157 31.09 -64.29 5.75
C LEU A 157 30.77 -65.44 6.70
N ASP A 158 30.34 -65.07 7.92
CA ASP A 158 29.86 -66.01 8.93
C ASP A 158 28.54 -66.58 8.47
N VAL A 159 28.53 -67.86 8.12
CA VAL A 159 27.37 -68.53 7.54
C VAL A 159 26.76 -69.53 8.51
N SER A 160 27.41 -69.80 9.63
CA SER A 160 27.01 -70.90 10.50
C SER A 160 25.79 -70.52 11.33
N GLU A 161 25.10 -71.54 11.83
CA GLU A 161 23.96 -71.30 12.69
C GLU A 161 24.44 -70.93 14.09
N LYS A 162 23.92 -69.84 14.63
CA LYS A 162 24.34 -69.34 15.93
C LYS A 162 23.24 -69.53 16.95
N SER A 163 23.65 -69.65 18.21
CA SER A 163 22.70 -69.69 19.31
C SER A 163 22.46 -68.27 19.84
N GLY A 164 21.58 -68.18 20.82
CA GLY A 164 21.26 -66.89 21.40
C GLY A 164 20.18 -66.16 20.64
N ASN A 165 20.05 -64.88 20.95
CA ASN A 165 19.01 -64.08 20.32
C ASN A 165 19.54 -63.40 19.08
N PHE A 166 18.67 -62.62 18.44
CA PHE A 166 19.08 -61.87 17.25
C PHE A 166 19.92 -60.67 17.67
N LYS A 167 21.09 -60.53 17.05
CA LYS A 167 22.01 -59.47 17.42
C LYS A 167 22.15 -58.37 16.39
N HIS A 168 21.64 -58.56 15.17
CA HIS A 168 21.93 -57.65 14.08
C HIS A 168 20.65 -57.37 13.31
N LEU A 169 20.38 -56.09 13.06
CA LEU A 169 19.28 -55.66 12.21
C LEU A 169 19.87 -54.95 11.00
N ARG A 170 19.74 -55.56 9.83
CA ARG A 170 20.11 -54.92 8.58
C ARG A 170 18.87 -54.34 7.94
N GLU A 171 19.00 -53.14 7.38
CA GLU A 171 17.88 -52.40 6.85
C GLU A 171 18.19 -51.90 5.45
N PHE A 172 17.34 -52.27 4.50
CA PHE A 172 17.54 -51.91 3.10
C PHE A 172 16.30 -51.21 2.57
N VAL A 173 16.51 -50.32 1.60
CA VAL A 173 15.43 -49.70 0.84
C VAL A 173 15.77 -49.83 -0.63
N PHE A 174 14.82 -50.26 -1.44
CA PHE A 174 15.01 -50.53 -2.85
C PHE A 174 14.04 -49.64 -3.62
N LYS A 175 14.53 -48.96 -4.65
CA LYS A 175 13.70 -48.04 -5.42
C LYS A 175 14.01 -48.11 -6.91
N ASN A 176 12.99 -47.87 -7.73
CA ASN A 176 13.15 -47.82 -9.18
C ASN A 176 13.01 -46.39 -9.67
N LYS A 177 14.02 -45.91 -10.38
CA LYS A 177 13.98 -44.54 -10.90
C LYS A 177 14.96 -44.41 -12.06
N ASP A 178 14.40 -44.14 -13.25
CA ASP A 178 15.15 -43.82 -14.47
C ASP A 178 16.11 -44.94 -14.87
N GLY A 179 15.64 -46.18 -14.74
CA GLY A 179 16.47 -47.33 -15.03
C GLY A 179 17.45 -47.72 -13.94
N PHE A 180 17.53 -46.96 -12.86
CA PHE A 180 18.47 -47.23 -11.77
C PHE A 180 17.76 -48.02 -10.68
N LEU A 181 18.48 -48.96 -10.09
CA LEU A 181 18.07 -49.56 -8.83
C LEU A 181 18.82 -48.87 -7.71
N TYR A 182 18.11 -48.06 -6.93
CA TYR A 182 18.65 -47.38 -5.76
C TYR A 182 18.66 -48.34 -4.59
N VAL A 183 19.83 -48.51 -3.97
CA VAL A 183 19.99 -49.40 -2.83
C VAL A 183 20.54 -48.60 -1.66
N TYR A 184 19.81 -48.57 -0.56
CA TYR A 184 20.12 -47.83 0.63
C TYR A 184 20.43 -48.83 1.75
N LYS A 185 21.37 -48.51 2.61
CA LYS A 185 21.81 -49.45 3.63
C LYS A 185 21.95 -48.81 5.00
N GLY A 186 21.29 -49.40 5.99
CA GLY A 186 21.50 -49.03 7.37
C GLY A 186 21.76 -50.25 8.24
N TYR A 187 22.09 -50.01 9.49
CA TYR A 187 22.39 -51.09 10.42
C TYR A 187 22.12 -50.63 11.85
N GLN A 188 21.55 -51.54 12.65
CA GLN A 188 21.34 -51.26 14.06
C GLN A 188 21.58 -52.53 14.86
N PRO A 189 22.41 -52.45 15.91
CA PRO A 189 22.56 -53.60 16.81
C PRO A 189 21.29 -53.79 17.63
N ILE A 190 20.86 -55.04 17.77
CA ILE A 190 19.63 -55.37 18.47
C ILE A 190 19.90 -56.52 19.44
N ASP A 191 18.92 -56.77 20.30
CA ASP A 191 18.88 -57.99 21.11
C ASP A 191 17.40 -58.33 21.30
N VAL A 192 16.87 -59.14 20.38
CA VAL A 192 15.45 -59.46 20.36
C VAL A 192 15.27 -60.95 20.11
N VAL A 193 14.14 -61.47 20.57
CA VAL A 193 13.68 -62.82 20.25
C VAL A 193 12.57 -62.81 19.22
N ARG A 194 12.09 -61.63 18.84
CA ARG A 194 10.85 -61.44 18.13
C ARG A 194 11.02 -60.24 17.21
N ASP A 195 9.90 -59.61 16.91
CA ASP A 195 9.61 -58.75 15.77
C ASP A 195 10.42 -57.45 15.68
N LEU A 196 10.06 -56.59 14.75
CA LEU A 196 10.71 -55.30 14.48
C LEU A 196 10.72 -54.36 15.68
N PRO A 197 11.87 -53.83 16.10
CA PRO A 197 11.89 -52.89 17.21
C PRO A 197 11.58 -51.47 16.75
N SER A 198 11.04 -50.68 17.67
CA SER A 198 10.73 -49.30 17.37
C SER A 198 11.98 -48.42 17.51
N GLY A 199 12.07 -47.42 16.65
CA GLY A 199 13.20 -46.52 16.69
C GLY A 199 13.41 -45.81 15.37
N PHE A 200 14.42 -44.93 15.37
CA PHE A 200 14.74 -44.06 14.25
C PHE A 200 16.21 -44.24 13.89
N ASN A 201 16.47 -44.62 12.64
CA ASN A 201 17.85 -44.77 12.17
C ASN A 201 17.85 -44.52 10.67
N THR A 202 18.71 -43.61 10.22
CA THR A 202 18.83 -43.23 8.83
C THR A 202 19.49 -44.33 8.02
N LEU A 203 19.28 -44.30 6.72
CA LEU A 203 19.85 -45.27 5.81
C LEU A 203 20.63 -44.53 4.73
N LYS A 204 21.84 -44.95 4.50
CA LYS A 204 22.76 -44.31 3.57
C LYS A 204 22.78 -45.04 2.24
N PRO A 205 23.00 -44.35 1.13
CA PRO A 205 23.05 -45.05 -0.16
C PRO A 205 24.35 -45.77 -0.39
N ILE A 206 24.27 -46.93 -1.06
CA ILE A 206 25.44 -47.73 -1.38
C ILE A 206 25.52 -48.10 -2.86
N PHE A 207 24.40 -48.11 -3.58
CA PHE A 207 24.45 -48.44 -4.99
C PHE A 207 23.43 -47.63 -5.79
N LYS A 208 23.83 -47.28 -7.01
CA LYS A 208 22.94 -46.80 -8.07
C LYS A 208 23.18 -47.74 -9.24
N LEU A 209 22.30 -48.71 -9.43
CA LEU A 209 22.59 -49.77 -10.38
C LEU A 209 21.84 -49.54 -11.68
N PRO A 210 22.52 -49.15 -12.77
CA PRO A 210 21.83 -48.86 -14.04
C PRO A 210 21.38 -50.14 -14.75
N LEU A 211 20.41 -50.82 -14.16
CA LEU A 211 20.04 -52.15 -14.64
C LEU A 211 19.23 -52.07 -15.91
N GLY A 212 18.31 -51.11 -15.98
CA GLY A 212 17.43 -50.99 -17.13
C GLY A 212 16.43 -52.11 -17.25
N ILE A 213 15.96 -52.67 -16.14
CA ILE A 213 14.99 -53.75 -16.17
C ILE A 213 13.71 -53.28 -15.49
N ASN A 214 12.62 -53.99 -15.78
CA ASN A 214 11.30 -53.65 -15.26
C ASN A 214 11.05 -54.51 -14.04
N ILE A 215 11.13 -53.92 -12.85
CA ILE A 215 10.95 -54.64 -11.60
C ILE A 215 9.55 -54.35 -11.08
N THR A 216 8.71 -55.36 -11.05
CA THR A 216 7.41 -55.26 -10.41
C THR A 216 7.21 -56.26 -9.30
N ASN A 217 8.04 -57.29 -9.20
CA ASN A 217 7.96 -58.27 -8.13
C ASN A 217 9.35 -58.56 -7.62
N PHE A 218 9.41 -59.16 -6.43
CA PHE A 218 10.70 -59.56 -5.91
C PHE A 218 10.54 -60.85 -5.11
N ARG A 219 11.66 -61.52 -4.89
CA ARG A 219 11.73 -62.72 -4.08
C ARG A 219 12.97 -62.67 -3.21
N ALA A 220 12.79 -62.75 -1.91
CA ALA A 220 13.92 -62.84 -1.01
C ALA A 220 14.57 -64.20 -1.15
N ILE A 221 15.90 -64.23 -1.09
CA ILE A 221 16.65 -65.49 -1.12
C ILE A 221 17.09 -65.81 0.30
N LEU A 222 16.56 -66.91 0.82
CA LEU A 222 16.88 -67.40 2.15
C LEU A 222 18.03 -68.37 2.08
N THR A 223 18.48 -68.82 3.24
CA THR A 223 19.47 -69.88 3.33
C THR A 223 18.85 -71.05 4.09
N ALA A 224 18.97 -72.25 3.51
CA ALA A 224 18.43 -73.45 4.12
C ALA A 224 19.49 -74.10 5.01
N PHE A 225 19.15 -74.34 6.27
CA PHE A 225 20.09 -74.97 7.20
C PHE A 225 19.61 -76.38 7.48
N SER A 226 20.39 -77.38 7.11
CA SER A 226 19.97 -78.77 7.28
C SER A 226 21.16 -79.59 7.78
N PRO A 227 20.91 -80.63 8.60
CA PRO A 227 21.93 -81.60 8.99
C PRO A 227 22.12 -82.74 7.97
N ILE A 231 17.40 -82.88 1.59
CA ILE A 231 17.56 -82.55 2.99
C ILE A 231 17.62 -81.03 3.13
N TRP A 232 16.47 -80.44 3.39
CA TRP A 232 16.33 -79.01 3.59
C TRP A 232 15.94 -78.72 5.03
N GLY A 233 16.03 -77.44 5.40
CA GLY A 233 15.64 -77.04 6.73
C GLY A 233 15.80 -75.55 6.88
N THR A 234 15.58 -75.08 8.11
CA THR A 234 15.59 -73.66 8.42
C THR A 234 16.31 -73.42 9.74
N SER A 235 16.56 -72.14 10.02
CA SER A 235 16.94 -71.68 11.34
C SER A 235 16.39 -70.28 11.54
N ALA A 236 16.36 -69.83 12.80
CA ALA A 236 15.57 -68.68 13.20
C ALA A 236 16.08 -67.40 12.56
N ALA A 237 15.21 -66.79 11.77
CA ALA A 237 15.44 -65.51 11.13
C ALA A 237 14.08 -64.95 10.78
N ALA A 238 14.03 -63.64 10.54
CA ALA A 238 12.78 -63.01 10.17
C ALA A 238 13.07 -61.88 9.20
N TYR A 239 12.18 -61.68 8.26
CA TYR A 239 12.35 -60.58 7.34
C TYR A 239 11.00 -59.89 7.10
N PHE A 240 11.07 -58.58 6.91
CA PHE A 240 9.91 -57.72 6.99
C PHE A 240 9.80 -56.94 5.70
N VAL A 241 8.58 -56.72 5.22
CA VAL A 241 8.38 -55.96 3.99
C VAL A 241 7.34 -54.88 4.24
N GLY A 242 7.75 -53.62 4.11
CA GLY A 242 6.83 -52.51 4.05
C GLY A 242 6.86 -51.89 2.67
N TYR A 243 5.87 -51.06 2.38
CA TYR A 243 5.77 -50.42 1.08
C TYR A 243 5.96 -48.92 1.20
N LEU A 244 6.68 -48.35 0.23
CA LEU A 244 6.96 -46.93 0.22
C LEU A 244 5.80 -46.19 -0.42
N LYS A 245 5.53 -44.99 0.08
CA LYS A 245 4.42 -44.20 -0.40
C LYS A 245 4.91 -42.81 -0.80
N PRO A 246 4.28 -42.20 -1.80
CA PRO A 246 4.59 -40.80 -2.11
C PRO A 246 4.02 -39.85 -1.08
N THR A 247 4.88 -39.28 -0.25
CA THR A 247 4.45 -38.52 0.91
C THR A 247 5.43 -37.39 1.12
N THR A 248 5.22 -36.62 2.18
CA THR A 248 6.07 -35.47 2.49
C THR A 248 6.63 -35.63 3.89
N PHE A 249 7.95 -35.57 4.01
CA PHE A 249 8.57 -35.52 5.32
C PHE A 249 9.29 -34.20 5.48
N MET A 250 9.47 -33.81 6.73
CA MET A 250 10.36 -32.70 7.07
C MET A 250 11.56 -33.25 7.82
N LEU A 251 12.74 -33.07 7.27
CA LEU A 251 13.96 -33.68 7.78
C LEU A 251 14.79 -32.62 8.49
N LYS A 252 15.37 -32.97 9.62
CA LYS A 252 16.22 -32.06 10.37
C LYS A 252 17.66 -32.50 10.27
N TYR A 253 18.53 -31.61 9.82
CA TYR A 253 19.94 -31.94 9.68
C TYR A 253 20.71 -31.13 10.71
N ASP A 254 21.66 -31.76 11.39
CA ASP A 254 22.44 -31.03 12.38
C ASP A 254 23.63 -30.35 11.73
N GLU A 255 24.60 -29.94 12.54
CA GLU A 255 25.74 -29.19 12.06
C GLU A 255 26.69 -30.03 11.21
N ASN A 256 26.68 -31.34 11.37
CA ASN A 256 27.52 -32.22 10.57
C ASN A 256 26.81 -32.71 9.33
N GLY A 257 25.60 -32.26 9.06
CA GLY A 257 24.90 -32.80 7.92
C GLY A 257 24.33 -34.17 8.12
N THR A 258 24.06 -34.56 9.37
CA THR A 258 23.49 -35.85 9.69
C THR A 258 22.02 -35.67 10.01
N ILE A 259 21.17 -36.48 9.40
CA ILE A 259 19.74 -36.39 9.67
C ILE A 259 19.49 -36.96 11.06
N THR A 260 18.98 -36.14 11.97
CA THR A 260 18.75 -36.59 13.33
C THR A 260 17.29 -36.81 13.67
N ASP A 261 16.36 -36.22 12.93
CA ASP A 261 14.96 -36.35 13.28
C ASP A 261 14.11 -36.06 12.04
N ALA A 262 12.86 -36.51 12.08
CA ALA A 262 11.96 -36.31 10.95
C ALA A 262 10.52 -36.27 11.43
N VAL A 263 9.65 -35.71 10.59
CA VAL A 263 8.22 -35.58 10.87
C VAL A 263 7.43 -35.93 9.61
N ASP A 264 6.50 -36.87 9.73
CA ASP A 264 5.63 -37.22 8.60
C ASP A 264 4.49 -36.22 8.57
N CYS A 265 4.42 -35.43 7.51
CA CYS A 265 3.45 -34.33 7.45
C CYS A 265 2.00 -34.78 7.33
N SER A 266 1.72 -36.05 7.05
CA SER A 266 0.35 -36.49 6.89
C SER A 266 -0.05 -37.52 7.91
N GLN A 267 0.65 -37.62 9.04
CA GLN A 267 0.29 -38.57 10.06
C GLN A 267 -0.95 -38.13 10.83
N ASN A 268 -0.95 -36.90 11.34
CA ASN A 268 -2.03 -36.39 12.17
C ASN A 268 -2.01 -34.87 12.09
N PRO A 269 -3.05 -34.17 12.60
CA PRO A 269 -3.04 -32.70 12.50
C PRO A 269 -1.91 -32.00 13.21
N LEU A 270 -1.34 -32.60 14.24
CA LEU A 270 -0.22 -31.98 14.91
C LEU A 270 1.01 -31.96 14.01
N ALA A 271 1.22 -33.01 13.25
CA ALA A 271 2.42 -33.09 12.42
C ALA A 271 2.30 -32.21 11.20
N GLU A 272 1.09 -32.06 10.68
CA GLU A 272 0.87 -31.16 9.55
C GLU A 272 1.09 -29.71 9.97
N LEU A 273 0.79 -29.41 11.23
CA LEU A 273 1.10 -28.10 11.78
C LEU A 273 2.60 -27.85 11.85
N LYS A 274 3.38 -28.87 12.25
CA LYS A 274 4.82 -28.69 12.36
C LYS A 274 5.47 -28.50 11.01
N CYS A 275 4.91 -29.13 9.97
CA CYS A 275 5.46 -28.95 8.64
C CYS A 275 5.15 -27.56 8.11
N SER A 276 4.03 -26.99 8.53
CA SER A 276 3.64 -25.66 8.09
C SER A 276 4.49 -24.58 8.76
N VAL A 277 4.68 -24.70 10.07
CA VAL A 277 5.47 -23.72 10.81
C VAL A 277 6.95 -23.88 10.51
N LYS A 278 7.35 -25.09 10.08
CA LYS A 278 8.76 -25.53 9.99
C LYS A 278 9.46 -25.39 11.34
N SER A 279 8.99 -26.17 12.31
CA SER A 279 9.52 -26.18 13.66
C SER A 279 9.06 -27.43 14.36
N PHE A 280 9.96 -28.04 15.11
CA PHE A 280 9.57 -29.16 15.96
C PHE A 280 8.91 -28.70 17.24
N GLU A 281 8.99 -27.42 17.56
CA GLU A 281 8.48 -26.88 18.81
C GLU A 281 7.49 -25.76 18.50
N ILE A 282 6.32 -25.82 19.11
CA ILE A 282 5.20 -24.98 18.74
C ILE A 282 4.53 -24.47 20.02
N ASP A 283 4.37 -23.16 20.11
CA ASP A 283 3.83 -22.52 21.30
C ASP A 283 2.31 -22.48 21.21
N LYS A 284 1.68 -22.09 22.32
CA LYS A 284 0.23 -22.14 22.45
C LYS A 284 -0.44 -21.11 21.55
N GLY A 285 -1.50 -21.51 20.88
CA GLY A 285 -2.24 -20.60 20.02
C GLY A 285 -3.17 -21.35 19.11
N ILE A 286 -3.77 -20.60 18.19
CA ILE A 286 -4.55 -21.16 17.08
C ILE A 286 -3.82 -20.80 15.79
N TYR A 287 -3.73 -21.76 14.89
CA TYR A 287 -2.85 -21.73 13.74
C TYR A 287 -3.57 -22.11 12.48
N GLN A 288 -3.56 -21.24 11.50
CA GLN A 288 -4.22 -21.52 10.24
C GLN A 288 -3.36 -22.44 9.39
N THR A 289 -3.96 -23.50 8.86
CA THR A 289 -3.27 -24.41 7.95
C THR A 289 -4.17 -24.76 6.76
N SER A 290 -3.85 -25.84 6.06
CA SER A 290 -4.30 -26.03 4.69
C SER A 290 -5.81 -26.24 4.57
N ASN A 291 -6.37 -25.77 3.46
CA ASN A 291 -7.80 -25.80 3.22
C ASN A 291 -8.31 -27.22 3.08
N PHE A 292 -9.58 -27.43 3.38
CA PHE A 292 -10.18 -28.73 3.17
C PHE A 292 -11.24 -28.65 2.08
N ARG A 293 -11.43 -29.76 1.38
CA ARG A 293 -12.47 -29.90 0.37
C ARG A 293 -13.23 -31.18 0.65
N VAL A 294 -14.49 -31.22 0.25
CA VAL A 294 -15.26 -32.45 0.23
C VAL A 294 -15.22 -33.00 -1.19
N VAL A 295 -14.90 -34.27 -1.32
CA VAL A 295 -14.81 -34.93 -2.63
C VAL A 295 -16.20 -35.46 -3.00
N PRO A 296 -16.67 -35.24 -4.23
CA PRO A 296 -18.02 -35.69 -4.59
C PRO A 296 -18.10 -37.20 -4.73
N SER A 297 -19.30 -37.73 -4.47
CA SER A 297 -19.55 -39.17 -4.57
C SER A 297 -20.92 -39.39 -5.22
N GLY A 298 -20.90 -39.55 -6.53
CA GLY A 298 -22.12 -39.73 -7.29
C GLY A 298 -21.98 -39.15 -8.67
N ASP A 299 -22.94 -39.50 -9.53
CA ASP A 299 -22.95 -38.93 -10.88
C ASP A 299 -24.40 -38.86 -11.33
N VAL A 300 -24.88 -37.66 -11.57
CA VAL A 300 -26.26 -37.40 -11.98
C VAL A 300 -26.22 -36.80 -13.37
N VAL A 301 -26.75 -37.52 -14.36
CA VAL A 301 -26.80 -37.02 -15.73
C VAL A 301 -28.25 -37.02 -16.19
N ARG A 302 -28.77 -35.84 -16.49
CA ARG A 302 -30.06 -35.71 -17.12
C ARG A 302 -30.00 -34.71 -18.26
N LEU A 502 -26.23 -40.66 -21.63
CA LEU A 502 -27.34 -41.45 -21.09
C LEU A 502 -28.19 -40.63 -20.14
N SER A 503 -28.70 -41.31 -19.12
CA SER A 503 -29.59 -40.70 -18.14
C SER A 503 -29.55 -41.53 -16.88
N THR A 504 -29.48 -40.87 -15.73
CA THR A 504 -29.40 -41.55 -14.45
C THR A 504 -30.49 -41.03 -13.54
N ASP A 505 -30.52 -41.57 -12.32
CA ASP A 505 -31.44 -41.09 -11.31
C ASP A 505 -30.90 -39.79 -10.70
N LEU A 506 -31.76 -39.12 -9.95
CA LEU A 506 -31.43 -37.81 -9.36
C LEU A 506 -31.07 -38.00 -7.89
N ILE A 507 -29.81 -37.81 -7.57
CA ILE A 507 -29.34 -37.95 -6.19
C ILE A 507 -29.43 -36.59 -5.53
N LYS A 508 -30.12 -36.51 -4.39
CA LYS A 508 -30.32 -35.26 -3.70
C LYS A 508 -29.59 -35.25 -2.36
N ASN A 509 -29.25 -34.03 -1.92
CA ASN A 509 -28.70 -33.77 -0.59
C ASN A 509 -27.38 -34.49 -0.36
N GLN A 510 -26.59 -34.58 -1.43
CA GLN A 510 -25.33 -35.29 -1.44
C GLN A 510 -24.45 -34.64 -2.49
N CYS A 511 -23.17 -34.44 -2.15
CA CYS A 511 -22.25 -33.80 -3.09
C CYS A 511 -21.99 -34.75 -4.24
N VAL A 512 -22.55 -34.44 -5.41
CA VAL A 512 -22.41 -35.26 -6.59
C VAL A 512 -21.81 -34.43 -7.70
N ASN A 513 -21.39 -35.13 -8.74
CA ASN A 513 -20.87 -34.50 -9.94
C ASN A 513 -21.97 -34.56 -10.99
N PHE A 514 -22.65 -33.45 -11.22
CA PHE A 514 -23.85 -33.45 -12.02
C PHE A 514 -23.58 -32.97 -13.43
N ASN A 515 -24.47 -33.39 -14.34
CA ASN A 515 -24.41 -32.99 -15.73
C ASN A 515 -25.86 -32.92 -16.22
N PHE A 516 -26.45 -31.74 -16.10
CA PHE A 516 -27.74 -31.47 -16.71
C PHE A 516 -27.49 -31.10 -18.15
N ASN A 517 -28.58 -30.81 -18.86
CA ASN A 517 -28.49 -30.55 -20.28
C ASN A 517 -27.77 -29.22 -20.47
N GLY A 518 -26.44 -29.29 -20.63
CA GLY A 518 -25.62 -28.12 -20.84
C GLY A 518 -24.95 -27.54 -19.61
N LEU A 519 -25.21 -28.06 -18.42
CA LEU A 519 -24.63 -27.51 -17.21
C LEU A 519 -23.87 -28.62 -16.51
N THR A 520 -22.60 -28.38 -16.21
CA THR A 520 -21.76 -29.34 -15.51
C THR A 520 -21.20 -28.71 -14.25
N GLY A 521 -20.67 -29.55 -13.39
CA GLY A 521 -20.02 -29.07 -12.20
C GLY A 521 -20.31 -30.01 -11.04
N THR A 522 -19.73 -29.70 -9.90
CA THR A 522 -19.95 -30.47 -8.70
C THR A 522 -20.84 -29.65 -7.78
N GLY A 523 -21.59 -30.33 -6.93
CA GLY A 523 -22.44 -29.60 -6.01
C GLY A 523 -23.46 -30.49 -5.36
N VAL A 524 -24.35 -29.84 -4.64
CA VAL A 524 -25.37 -30.50 -3.85
C VAL A 524 -26.72 -30.10 -4.42
N LEU A 525 -27.54 -31.09 -4.77
CA LEU A 525 -28.83 -30.86 -5.40
C LEU A 525 -29.94 -30.95 -4.37
N THR A 526 -30.88 -30.03 -4.44
CA THR A 526 -31.97 -29.94 -3.47
C THR A 526 -33.13 -29.18 -4.11
N PRO A 527 -34.37 -29.55 -3.81
CA PRO A 527 -35.50 -28.86 -4.43
C PRO A 527 -35.67 -27.45 -3.91
N SER A 528 -36.37 -26.63 -4.68
CA SER A 528 -36.48 -25.22 -4.36
C SER A 528 -37.81 -24.66 -4.84
N SER A 529 -38.06 -23.42 -4.44
CA SER A 529 -39.31 -22.73 -4.73
C SER A 529 -39.11 -21.51 -5.61
N LYS A 530 -38.00 -21.41 -6.33
CA LYS A 530 -37.83 -20.32 -7.27
C LYS A 530 -38.82 -20.47 -8.42
N ARG A 531 -39.62 -19.44 -8.63
CA ARG A 531 -40.70 -19.52 -9.61
C ARG A 531 -40.16 -19.20 -10.99
N PHE A 532 -39.68 -20.24 -11.66
CA PHE A 532 -39.26 -20.06 -13.04
C PHE A 532 -40.47 -19.79 -13.92
N GLN A 533 -40.25 -19.02 -14.93
CA GLN A 533 -41.20 -18.90 -16.02
C GLN A 533 -41.09 -20.13 -16.90
N PRO A 534 -42.12 -20.46 -17.70
CA PRO A 534 -42.05 -21.68 -18.51
C PRO A 534 -41.02 -21.69 -19.63
N PHE A 535 -40.32 -20.59 -19.84
CA PHE A 535 -39.30 -20.48 -20.87
C PHE A 535 -37.92 -20.26 -20.26
N GLN A 536 -37.76 -20.55 -18.98
CA GLN A 536 -36.52 -20.29 -18.26
C GLN A 536 -35.87 -21.61 -17.87
N GLN A 537 -34.76 -21.92 -18.52
CA GLN A 537 -34.16 -23.24 -18.36
C GLN A 537 -33.41 -23.35 -17.04
N PHE A 538 -32.69 -22.32 -16.64
CA PHE A 538 -31.98 -22.35 -15.37
C PHE A 538 -31.81 -20.93 -14.86
N GLY A 539 -31.25 -20.81 -13.66
CA GLY A 539 -31.19 -19.54 -12.98
C GLY A 539 -29.76 -19.17 -12.63
N ARG A 540 -29.60 -17.94 -12.15
CA ARG A 540 -28.29 -17.43 -11.77
C ARG A 540 -28.39 -16.57 -10.52
N ASP A 541 -27.24 -16.42 -9.87
CA ASP A 541 -27.12 -15.75 -8.59
C ASP A 541 -26.95 -14.26 -8.85
N VAL A 542 -26.62 -13.49 -7.82
CA VAL A 542 -26.32 -12.08 -8.03
C VAL A 542 -24.97 -11.90 -8.69
N SER A 543 -24.11 -12.90 -8.60
CA SER A 543 -22.93 -12.99 -9.45
C SER A 543 -23.29 -13.78 -10.70
N ASP A 544 -22.28 -14.24 -11.42
CA ASP A 544 -22.49 -14.88 -12.71
C ASP A 544 -22.41 -16.39 -12.61
N PHE A 545 -22.91 -16.95 -11.52
CA PHE A 545 -22.83 -18.37 -11.22
C PHE A 545 -24.21 -18.99 -11.32
N THR A 546 -24.28 -20.17 -11.93
CA THR A 546 -25.52 -20.92 -11.95
C THR A 546 -25.83 -21.44 -10.56
N ASP A 547 -27.00 -21.09 -10.04
CA ASP A 547 -27.37 -21.61 -8.73
C ASP A 547 -28.63 -22.44 -8.72
N SER A 548 -29.29 -22.62 -9.85
CA SER A 548 -30.53 -23.39 -9.88
C SER A 548 -30.74 -23.89 -11.29
N VAL A 549 -31.57 -24.92 -11.41
CA VAL A 549 -31.77 -25.54 -12.72
C VAL A 549 -33.15 -26.18 -12.76
N ARG A 550 -33.80 -26.11 -13.91
CA ARG A 550 -35.06 -26.82 -14.12
C ARG A 550 -34.75 -28.18 -14.69
N ASP A 551 -35.22 -29.23 -14.02
CA ASP A 551 -34.89 -30.61 -14.33
C ASP A 551 -35.42 -30.97 -15.73
N PRO A 552 -34.54 -31.34 -16.67
CA PRO A 552 -35.00 -31.53 -18.06
C PRO A 552 -35.87 -32.74 -18.30
N LYS A 553 -36.08 -33.60 -17.30
CA LYS A 553 -36.96 -34.75 -17.47
C LYS A 553 -38.28 -34.59 -16.74
N THR A 554 -38.31 -33.95 -15.57
CA THR A 554 -39.54 -33.83 -14.81
C THR A 554 -39.94 -32.41 -14.43
N SER A 555 -39.19 -31.39 -14.86
CA SER A 555 -39.43 -29.96 -14.61
C SER A 555 -39.39 -29.57 -13.15
N GLU A 556 -38.73 -30.34 -12.30
CA GLU A 556 -38.53 -29.94 -10.92
C GLU A 556 -37.48 -28.83 -10.85
N ILE A 557 -37.72 -27.84 -9.99
CA ILE A 557 -36.78 -26.75 -9.80
C ILE A 557 -35.82 -27.14 -8.69
N LEU A 558 -34.54 -27.24 -9.01
CA LEU A 558 -33.51 -27.66 -8.09
C LEU A 558 -32.62 -26.48 -7.73
N ASP A 559 -32.01 -26.53 -6.54
CA ASP A 559 -30.90 -25.65 -6.21
C ASP A 559 -29.58 -26.37 -6.43
N ILE A 560 -28.52 -25.58 -6.57
CA ILE A 560 -27.17 -26.08 -6.61
C ILE A 560 -26.36 -25.30 -5.60
N SER A 561 -25.97 -25.95 -4.53
CA SER A 561 -25.05 -25.40 -3.58
C SER A 561 -23.65 -25.83 -3.95
N PRO A 562 -22.60 -25.10 -3.56
CA PRO A 562 -21.25 -25.62 -3.72
C PRO A 562 -21.05 -26.80 -2.80
N CYS A 563 -20.05 -27.63 -3.11
CA CYS A 563 -19.92 -28.92 -2.45
C CYS A 563 -19.66 -28.78 -0.95
N ALA A 564 -18.45 -28.37 -0.56
CA ALA A 564 -18.09 -27.73 0.69
C ALA A 564 -16.62 -27.41 0.67
N PHE A 565 -16.22 -26.35 1.35
CA PHE A 565 -14.83 -25.97 1.44
C PHE A 565 -14.66 -25.05 2.64
N GLY A 566 -13.42 -24.79 2.99
CA GLY A 566 -13.12 -23.87 4.07
C GLY A 566 -11.68 -23.99 4.50
N GLY A 567 -11.34 -23.29 5.56
CA GLY A 567 -10.03 -23.40 6.14
C GLY A 567 -10.00 -24.36 7.30
N VAL A 568 -8.79 -24.77 7.66
CA VAL A 568 -8.55 -25.67 8.78
C VAL A 568 -7.62 -24.97 9.75
N SER A 569 -7.99 -24.95 11.02
CA SER A 569 -7.16 -24.33 12.03
C SER A 569 -6.92 -25.31 13.15
N VAL A 570 -5.69 -25.38 13.64
CA VAL A 570 -5.31 -26.36 14.64
C VAL A 570 -5.04 -25.65 15.96
N ILE A 571 -5.77 -26.05 16.99
CA ILE A 571 -5.76 -25.42 18.29
C ILE A 571 -4.88 -26.24 19.21
N THR A 572 -3.87 -25.62 19.81
CA THR A 572 -2.90 -26.37 20.58
C THR A 572 -2.57 -25.67 21.88
N PRO A 573 -2.35 -26.44 22.96
CA PRO A 573 -1.82 -25.86 24.19
C PRO A 573 -0.33 -25.63 24.17
N GLY A 574 0.34 -26.00 23.10
CA GLY A 574 1.79 -25.96 23.02
C GLY A 574 2.39 -27.35 23.12
N THR A 575 3.48 -27.55 22.41
CA THR A 575 4.16 -28.83 22.49
C THR A 575 4.94 -28.99 23.78
N ASN A 576 5.15 -27.91 24.53
CA ASN A 576 5.78 -27.98 25.84
C ASN A 576 4.82 -28.50 26.89
N ALA A 577 3.52 -28.45 26.63
CA ALA A 577 2.52 -28.85 27.59
C ALA A 577 1.88 -30.18 27.25
N SER A 578 1.55 -30.42 25.99
CA SER A 578 0.94 -31.67 25.58
C SER A 578 1.20 -31.90 24.10
N SER A 579 0.62 -32.97 23.59
CA SER A 579 0.68 -33.27 22.17
C SER A 579 -0.68 -33.60 21.58
N GLU A 580 -1.76 -33.25 22.26
CA GLU A 580 -3.09 -33.35 21.71
C GLU A 580 -3.54 -31.97 21.23
N VAL A 581 -4.28 -31.96 20.13
CA VAL A 581 -4.74 -30.73 19.51
C VAL A 581 -6.21 -30.89 19.18
N ALA A 582 -6.87 -29.76 18.98
CA ALA A 582 -8.23 -29.71 18.49
C ALA A 582 -8.24 -29.02 17.14
N VAL A 583 -9.19 -29.37 16.29
CA VAL A 583 -9.25 -28.79 14.96
C VAL A 583 -10.54 -28.01 14.78
N LEU A 584 -10.44 -26.94 14.02
CA LEU A 584 -11.60 -26.14 13.67
C LEU A 584 -11.75 -26.16 12.16
N TYR A 585 -12.87 -26.65 11.69
CA TYR A 585 -13.23 -26.63 10.28
C TYR A 585 -14.06 -25.39 10.08
N GLN A 586 -13.49 -24.36 9.46
CA GLN A 586 -14.11 -23.05 9.52
C GLN A 586 -15.25 -22.93 8.53
N ASP A 587 -16.37 -22.39 9.01
CA ASP A 587 -17.52 -21.97 8.20
C ASP A 587 -18.11 -23.13 7.41
N VAL A 588 -18.63 -24.12 8.12
CA VAL A 588 -19.11 -25.33 7.49
C VAL A 588 -20.09 -25.98 8.46
N ASN A 589 -21.08 -26.65 7.90
CA ASN A 589 -22.08 -27.37 8.67
C ASN A 589 -21.46 -28.65 9.20
N CYS A 590 -21.64 -28.92 10.49
CA CYS A 590 -21.05 -30.11 11.11
C CYS A 590 -21.67 -31.41 10.62
N THR A 591 -22.85 -31.37 10.00
CA THR A 591 -23.38 -32.59 9.40
C THR A 591 -22.53 -33.01 8.22
N ASP A 592 -22.14 -32.07 7.37
CA ASP A 592 -21.29 -32.37 6.23
C ASP A 592 -19.88 -32.76 6.65
N VAL A 593 -19.35 -32.13 7.68
CA VAL A 593 -18.00 -32.44 8.08
C VAL A 593 -17.92 -33.82 8.71
N SER A 594 -18.85 -34.14 9.62
CA SER A 594 -18.78 -35.40 10.34
C SER A 594 -19.01 -36.58 9.42
N THR A 595 -19.97 -36.46 8.51
CA THR A 595 -20.27 -37.55 7.59
C THR A 595 -19.15 -37.77 6.60
N ALA A 596 -18.55 -36.70 6.08
CA ALA A 596 -17.49 -36.87 5.10
C ALA A 596 -16.20 -37.34 5.75
N ILE A 597 -16.04 -37.12 7.06
CA ILE A 597 -14.90 -37.71 7.76
C ILE A 597 -15.08 -39.22 7.88
N HIS A 598 -16.27 -39.65 8.28
CA HIS A 598 -16.50 -41.08 8.47
C HIS A 598 -16.48 -41.83 7.15
N ALA A 599 -17.00 -41.24 6.09
CA ALA A 599 -16.98 -41.92 4.80
C ALA A 599 -15.70 -41.67 4.02
N ASP A 600 -14.73 -40.98 4.63
CA ASP A 600 -13.40 -40.71 4.06
C ASP A 600 -13.50 -39.92 2.74
N GLN A 601 -14.19 -38.80 2.81
CA GLN A 601 -14.40 -37.95 1.65
C GLN A 601 -13.66 -36.62 1.74
N LEU A 602 -12.90 -36.39 2.80
CA LEU A 602 -12.19 -35.12 2.94
C LEU A 602 -10.81 -35.19 2.32
N THR A 603 -10.38 -34.06 1.78
CA THR A 603 -9.03 -33.78 1.39
C THR A 603 -8.62 -32.50 2.11
N PRO A 604 -7.63 -32.53 3.02
CA PRO A 604 -6.71 -33.58 3.44
C PRO A 604 -7.32 -34.57 4.39
N ALA A 605 -6.74 -35.77 4.38
CA ALA A 605 -7.08 -36.80 5.32
C ALA A 605 -5.82 -37.19 6.06
N TRP A 606 -5.98 -37.53 7.33
CA TRP A 606 -4.86 -37.91 8.16
C TRP A 606 -5.05 -39.36 8.55
N ARG A 607 -3.94 -40.07 8.76
CA ARG A 607 -4.05 -41.47 9.11
C ARG A 607 -4.47 -41.65 10.56
N ILE A 608 -3.65 -41.15 11.49
CA ILE A 608 -3.88 -41.40 12.92
C ILE A 608 -4.72 -40.23 13.42
N TYR A 609 -6.03 -40.36 13.22
CA TYR A 609 -6.94 -39.26 13.49
C TYR A 609 -8.35 -39.80 13.64
N SER A 610 -9.08 -39.28 14.61
CA SER A 610 -10.46 -39.70 14.82
C SER A 610 -11.29 -38.53 15.34
N THR A 611 -12.61 -38.65 15.20
CA THR A 611 -13.53 -37.61 15.64
C THR A 611 -13.55 -37.48 17.15
N GLY A 612 -13.72 -38.59 17.87
CA GLY A 612 -13.70 -38.57 19.31
C GLY A 612 -15.01 -38.26 19.98
N ASN A 613 -16.09 -38.12 19.20
CA ASN A 613 -17.45 -37.82 19.68
C ASN A 613 -17.49 -36.51 20.50
N ASN A 614 -16.72 -35.52 20.08
CA ASN A 614 -16.83 -34.15 20.58
C ASN A 614 -16.95 -33.27 19.35
N VAL A 615 -18.16 -33.12 18.84
CA VAL A 615 -18.43 -32.26 17.71
C VAL A 615 -19.38 -31.17 18.17
N PHE A 616 -18.94 -29.93 18.06
CA PHE A 616 -19.66 -28.79 18.57
C PHE A 616 -19.64 -27.69 17.53
N GLN A 617 -20.81 -27.16 17.20
CA GLN A 617 -20.88 -26.17 16.13
C GLN A 617 -21.04 -24.77 16.68
N THR A 618 -20.08 -23.93 16.38
CA THR A 618 -20.06 -22.51 16.71
C THR A 618 -20.31 -21.73 15.43
N GLN A 619 -20.39 -20.40 15.53
CA GLN A 619 -20.51 -19.63 14.31
C GLN A 619 -19.22 -19.62 13.50
N ALA A 620 -18.08 -19.90 14.13
CA ALA A 620 -16.83 -19.96 13.41
C ALA A 620 -16.66 -21.24 12.61
N GLY A 621 -17.44 -22.28 12.91
CA GLY A 621 -17.40 -23.53 12.19
C GLY A 621 -17.58 -24.69 13.13
N CYS A 622 -17.02 -25.84 12.75
CA CYS A 622 -17.12 -27.07 13.52
C CYS A 622 -15.86 -27.27 14.34
N LEU A 623 -16.03 -27.38 15.65
CA LEU A 623 -14.92 -27.61 16.55
C LEU A 623 -14.92 -29.07 16.94
N ILE A 624 -13.86 -29.80 16.58
CA ILE A 624 -13.77 -31.22 16.79
C ILE A 624 -12.59 -31.52 17.71
N GLY A 625 -12.87 -32.13 18.84
CA GLY A 625 -11.84 -32.54 19.76
C GLY A 625 -11.86 -31.87 21.10
N ALA A 626 -12.54 -30.73 21.22
CA ALA A 626 -12.63 -30.02 22.49
C ALA A 626 -13.98 -30.25 23.13
N GLU A 627 -14.00 -30.22 24.45
CA GLU A 627 -15.22 -30.48 25.21
C GLU A 627 -15.93 -29.17 25.53
N HIS A 628 -17.25 -29.23 25.56
CA HIS A 628 -18.05 -28.04 25.84
C HIS A 628 -18.29 -27.93 27.33
N VAL A 629 -17.74 -26.91 27.94
CA VAL A 629 -17.88 -26.66 29.37
C VAL A 629 -18.86 -25.51 29.54
N ASP A 630 -19.78 -25.65 30.49
CA ASP A 630 -20.90 -24.75 30.67
C ASP A 630 -20.61 -23.61 31.64
N THR A 631 -19.34 -23.26 31.85
CA THR A 631 -19.02 -22.11 32.69
C THR A 631 -18.27 -21.06 31.88
N SER A 632 -17.74 -20.03 32.54
CA SER A 632 -17.10 -18.94 31.83
C SER A 632 -15.83 -18.51 32.54
N TYR A 633 -14.75 -18.41 31.77
CA TYR A 633 -13.44 -18.03 32.28
C TYR A 633 -12.91 -16.89 31.44
N GLU A 634 -11.67 -16.49 31.73
CA GLU A 634 -10.95 -15.55 30.88
C GLU A 634 -10.66 -16.20 29.53
N CYS A 635 -10.63 -15.42 28.47
CA CYS A 635 -10.32 -15.97 27.15
C CYS A 635 -8.85 -16.29 27.02
N ASP A 636 -8.54 -17.54 26.73
CA ASP A 636 -7.15 -17.99 26.56
C ASP A 636 -6.77 -17.98 25.08
N ILE A 637 -7.45 -18.80 24.28
CA ILE A 637 -7.22 -18.91 22.85
C ILE A 637 -8.54 -18.53 22.17
N PRO A 638 -8.60 -17.44 21.42
CA PRO A 638 -9.88 -17.02 20.85
C PRO A 638 -10.24 -17.79 19.59
N ILE A 639 -11.51 -18.18 19.51
CA ILE A 639 -12.05 -18.88 18.35
C ILE A 639 -13.02 -17.99 17.57
N GLY A 640 -14.01 -17.44 18.25
CA GLY A 640 -14.89 -16.48 17.61
C GLY A 640 -16.31 -16.57 18.12
N ALA A 641 -17.02 -15.45 18.00
CA ALA A 641 -18.42 -15.29 18.38
C ALA A 641 -18.64 -15.57 19.87
N GLY A 642 -17.68 -15.15 20.67
CA GLY A 642 -17.80 -15.25 22.11
C GLY A 642 -17.25 -16.50 22.73
N ILE A 643 -16.58 -17.35 21.96
CA ILE A 643 -16.16 -18.67 22.40
C ILE A 643 -14.65 -18.77 22.35
N CYS A 644 -14.04 -19.17 23.45
CA CYS A 644 -12.60 -19.35 23.52
C CYS A 644 -12.31 -20.79 23.90
N ALA A 645 -11.03 -21.13 24.01
CA ALA A 645 -10.62 -22.48 24.36
C ALA A 645 -9.34 -22.45 25.18
N SER A 646 -9.15 -23.48 25.99
CA SER A 646 -7.98 -23.56 26.86
C SER A 646 -7.76 -25.00 27.27
N TYR A 647 -6.78 -25.21 28.14
CA TYR A 647 -6.32 -26.55 28.50
C TYR A 647 -6.42 -26.70 30.01
N HIS A 648 -7.54 -27.26 30.48
CA HIS A 648 -7.87 -27.26 31.90
C HIS A 648 -8.09 -28.66 32.42
N THR A 649 -8.12 -28.76 33.74
CA THR A 649 -8.37 -30.02 34.43
C THR A 649 -9.87 -30.31 34.43
N VAL A 650 -10.26 -31.48 33.93
CA VAL A 650 -11.66 -31.87 33.89
C VAL A 650 -11.84 -33.28 34.44
N LYS A 659 -5.58 -33.32 32.11
CA LYS A 659 -6.06 -32.12 31.45
C LYS A 659 -6.56 -32.40 30.05
N SER A 660 -7.37 -31.50 29.51
CA SER A 660 -7.86 -31.64 28.14
C SER A 660 -8.22 -30.27 27.59
N ILE A 661 -8.41 -30.20 26.28
CA ILE A 661 -8.80 -28.94 25.66
C ILE A 661 -10.30 -28.77 25.79
N VAL A 662 -10.72 -27.64 26.34
CA VAL A 662 -12.12 -27.35 26.58
C VAL A 662 -12.52 -26.09 25.85
N ALA A 663 -13.82 -25.96 25.56
CA ALA A 663 -14.37 -24.79 24.90
C ALA A 663 -15.49 -24.20 25.73
N TYR A 664 -15.53 -22.88 25.82
CA TYR A 664 -16.43 -22.19 26.74
C TYR A 664 -16.69 -20.79 26.23
N THR A 665 -17.65 -20.12 26.87
CA THR A 665 -17.96 -18.75 26.53
C THR A 665 -17.20 -17.81 27.46
N MET A 666 -16.73 -16.68 26.93
CA MET A 666 -15.88 -15.78 27.69
C MET A 666 -16.58 -15.11 28.85
N SER A 667 -15.81 -14.81 29.89
CA SER A 667 -16.24 -13.89 30.92
C SER A 667 -15.64 -12.52 30.65
N LEU A 668 -16.42 -11.49 30.92
CA LEU A 668 -16.03 -10.12 30.55
C LEU A 668 -15.20 -9.44 31.61
N GLY A 669 -15.49 -9.68 32.88
CA GLY A 669 -14.76 -9.09 33.96
C GLY A 669 -15.42 -9.48 35.27
N ALA A 670 -14.86 -8.94 36.35
CA ALA A 670 -15.40 -9.21 37.67
C ALA A 670 -16.79 -8.59 37.83
N ASP A 671 -17.69 -9.35 38.43
CA ASP A 671 -19.07 -8.91 38.61
C ASP A 671 -19.15 -8.16 39.94
N SER A 672 -19.30 -6.85 39.88
CA SER A 672 -19.21 -6.01 41.07
C SER A 672 -20.39 -5.06 41.12
N SER A 673 -20.40 -4.21 42.14
CA SER A 673 -21.52 -3.30 42.35
C SER A 673 -21.06 -2.12 43.19
N ILE A 674 -21.56 -0.93 42.84
CA ILE A 674 -21.35 0.27 43.62
C ILE A 674 -22.71 0.71 44.13
N ALA A 675 -22.87 0.70 45.45
CA ALA A 675 -24.06 1.26 46.05
C ALA A 675 -24.09 2.76 45.80
N TYR A 676 -25.25 3.26 45.41
CA TYR A 676 -25.43 4.69 45.25
C TYR A 676 -26.09 5.24 46.49
N SER A 677 -25.54 6.32 47.02
CA SER A 677 -26.13 7.01 48.15
C SER A 677 -25.91 8.48 47.94
N ASN A 678 -26.86 9.29 48.37
CA ASN A 678 -26.78 10.71 48.14
C ASN A 678 -25.94 11.45 49.18
N ASN A 679 -25.42 10.75 50.18
CA ASN A 679 -24.66 11.46 51.19
C ASN A 679 -23.44 10.71 51.67
N THR A 680 -22.92 9.76 50.92
CA THR A 680 -21.79 8.97 51.37
C THR A 680 -20.70 9.04 50.33
N ILE A 681 -19.49 9.30 50.78
CA ILE A 681 -18.32 9.43 49.90
C ILE A 681 -17.27 8.48 50.42
N ALA A 682 -16.48 7.91 49.52
CA ALA A 682 -15.37 7.08 49.91
C ALA A 682 -14.07 7.82 49.65
N ILE A 683 -13.17 7.80 50.62
CA ILE A 683 -11.90 8.52 50.56
C ILE A 683 -10.79 7.56 50.93
N PRO A 684 -9.70 7.48 50.16
CA PRO A 684 -8.61 6.59 50.52
C PRO A 684 -7.74 7.12 51.65
N THR A 685 -7.06 6.21 52.34
CA THR A 685 -6.43 6.49 53.61
C THR A 685 -4.95 6.05 53.58
N ASN A 686 -4.50 5.49 52.48
CA ASN A 686 -3.12 5.05 52.35
C ASN A 686 -2.81 5.05 50.85
N PHE A 687 -1.59 4.69 50.47
CA PHE A 687 -1.26 4.70 49.05
C PHE A 687 -0.11 3.76 48.75
N SER A 688 0.19 3.61 47.46
CA SER A 688 1.28 2.77 47.02
C SER A 688 1.94 3.37 45.80
N ILE A 689 3.22 3.02 45.60
CA ILE A 689 4.00 3.44 44.45
C ILE A 689 4.21 2.23 43.56
N SER A 690 3.89 2.37 42.29
CA SER A 690 3.87 1.25 41.36
C SER A 690 4.61 1.62 40.09
N ILE A 691 5.39 0.70 39.56
CA ILE A 691 6.15 0.96 38.35
C ILE A 691 5.70 -0.03 37.28
N THR A 692 5.32 0.50 36.12
CA THR A 692 4.74 -0.26 35.03
C THR A 692 5.52 0.05 33.76
N THR A 693 5.77 -0.97 32.93
CA THR A 693 6.54 -0.79 31.72
C THR A 693 5.65 -0.72 30.47
N GLU A 694 6.13 0.02 29.49
CA GLU A 694 5.49 0.13 28.18
C GLU A 694 6.55 -0.01 27.10
N VAL A 695 6.30 -0.84 26.12
CA VAL A 695 7.29 -1.27 25.14
C VAL A 695 6.86 -0.76 23.78
N MET A 696 7.70 0.04 23.13
CA MET A 696 7.28 0.67 21.89
C MET A 696 8.36 0.56 20.83
N PRO A 697 8.07 -0.05 19.69
CA PRO A 697 9.07 -0.13 18.62
C PRO A 697 9.18 1.19 17.88
N VAL A 698 10.41 1.55 17.49
CA VAL A 698 10.58 2.85 16.85
C VAL A 698 11.20 2.72 15.47
N SER A 699 11.82 1.59 15.16
CA SER A 699 12.52 1.49 13.89
C SER A 699 12.46 0.08 13.36
N MET A 700 12.83 -0.06 12.10
CA MET A 700 12.66 -1.28 11.34
C MET A 700 13.99 -1.60 10.70
N ALA A 701 14.26 -2.88 10.46
CA ALA A 701 15.47 -3.25 9.74
C ALA A 701 15.42 -2.73 8.31
N LYS A 702 16.52 -2.16 7.86
CA LYS A 702 16.54 -1.51 6.56
C LYS A 702 17.42 -2.27 5.59
N THR A 703 16.90 -2.47 4.39
CA THR A 703 17.41 -3.45 3.46
C THR A 703 17.72 -2.80 2.13
N SER A 704 18.38 -3.55 1.27
CA SER A 704 18.63 -3.12 -0.09
C SER A 704 18.68 -4.35 -0.97
N VAL A 705 18.31 -4.17 -2.23
CA VAL A 705 18.22 -5.25 -3.20
C VAL A 705 18.97 -4.83 -4.45
N ASP A 706 19.83 -5.69 -4.95
CA ASP A 706 20.44 -5.53 -6.26
C ASP A 706 19.58 -6.33 -7.23
N CYS A 707 19.05 -5.67 -8.27
CA CYS A 707 18.18 -6.34 -9.22
C CYS A 707 18.92 -7.42 -9.99
N ASN A 708 20.11 -7.09 -10.48
CA ASN A 708 20.80 -7.98 -11.39
C ASN A 708 21.29 -9.23 -10.68
N MET A 709 21.57 -9.15 -9.39
CA MET A 709 21.81 -10.39 -8.67
C MET A 709 20.52 -11.13 -8.40
N TYR A 710 19.42 -10.41 -8.19
CA TYR A 710 18.17 -11.09 -7.89
C TYR A 710 17.54 -11.65 -9.15
N ILE A 711 17.32 -10.80 -10.14
CA ILE A 711 16.49 -11.20 -11.26
C ILE A 711 17.24 -12.17 -12.17
N CYS A 712 18.49 -11.87 -12.46
CA CYS A 712 19.28 -12.68 -13.37
C CYS A 712 20.22 -13.63 -12.67
N GLY A 713 21.06 -13.15 -11.78
CA GLY A 713 22.02 -14.03 -11.15
C GLY A 713 23.15 -14.32 -12.11
N ASP A 714 23.78 -13.25 -12.59
CA ASP A 714 24.97 -13.26 -13.44
C ASP A 714 24.74 -13.90 -14.81
N SER A 715 23.56 -13.72 -15.39
CA SER A 715 23.28 -14.20 -16.74
C SER A 715 23.23 -13.00 -17.68
N THR A 716 23.99 -13.08 -18.77
CA THR A 716 24.19 -11.93 -19.63
C THR A 716 23.00 -11.73 -20.55
N GLU A 717 22.40 -12.82 -21.03
CA GLU A 717 21.21 -12.73 -21.86
C GLU A 717 20.04 -12.20 -21.06
N CYS A 718 19.98 -12.54 -19.78
CA CYS A 718 18.97 -11.98 -18.89
C CYS A 718 19.19 -10.49 -18.70
N ALA A 719 20.44 -10.07 -18.58
CA ALA A 719 20.76 -8.68 -18.30
C ALA A 719 20.38 -7.77 -19.46
N ASN A 720 20.44 -8.30 -20.68
CA ASN A 720 20.08 -7.50 -21.85
C ASN A 720 18.58 -7.31 -21.94
N LEU A 721 17.79 -8.31 -21.55
CA LEU A 721 16.35 -8.19 -21.66
C LEU A 721 15.77 -7.29 -20.58
N LEU A 722 16.51 -7.04 -19.50
CA LEU A 722 16.03 -6.13 -18.48
C LEU A 722 15.94 -4.69 -18.97
N LEU A 723 16.72 -4.32 -19.99
CA LEU A 723 16.68 -2.95 -20.47
C LEU A 723 15.37 -2.63 -21.18
N GLN A 724 14.66 -3.63 -21.69
CA GLN A 724 13.40 -3.40 -22.36
C GLN A 724 12.29 -2.98 -21.42
N TYR A 725 12.51 -3.09 -20.13
CA TYR A 725 11.52 -2.75 -19.12
C TYR A 725 11.73 -1.32 -18.60
N GLY A 726 12.80 -0.68 -19.02
CA GLY A 726 13.05 0.66 -18.55
C GLY A 726 13.90 0.64 -17.30
N SER A 727 13.81 1.73 -16.55
CA SER A 727 14.58 1.86 -15.32
C SER A 727 13.72 1.47 -14.11
N PHE A 728 13.27 0.21 -14.12
CA PHE A 728 12.60 -0.33 -12.94
C PHE A 728 13.52 -0.42 -11.75
N CYS A 729 14.80 -0.68 -11.96
CA CYS A 729 15.68 -0.86 -10.82
C CYS A 729 16.08 0.45 -10.20
N THR A 730 15.96 1.54 -10.93
CA THR A 730 16.17 2.83 -10.33
C THR A 730 15.03 3.18 -9.38
N GLN A 731 13.79 2.88 -9.76
CA GLN A 731 12.70 3.22 -8.87
C GLN A 731 12.57 2.22 -7.72
N LEU A 732 13.09 1.01 -7.87
CA LEU A 732 13.06 0.10 -6.74
C LEU A 732 14.16 0.45 -5.75
N ASN A 733 15.27 0.97 -6.25
CA ASN A 733 16.32 1.44 -5.36
C ASN A 733 15.94 2.75 -4.68
N ARG A 734 15.17 3.59 -5.36
CA ARG A 734 14.73 4.84 -4.75
C ARG A 734 13.77 4.60 -3.61
N ALA A 735 12.80 3.70 -3.82
CA ALA A 735 11.79 3.46 -2.81
C ALA A 735 12.38 2.78 -1.59
N LEU A 736 13.35 1.90 -1.78
CA LEU A 736 13.94 1.23 -0.63
C LEU A 736 14.91 2.12 0.10
N SER A 737 15.51 3.09 -0.58
CA SER A 737 16.45 3.95 0.11
C SER A 737 15.72 5.05 0.84
N GLY A 738 14.54 5.41 0.35
CA GLY A 738 13.70 6.35 1.08
C GLY A 738 13.18 5.77 2.38
N ILE A 739 12.91 4.47 2.40
CA ILE A 739 12.48 3.82 3.63
C ILE A 739 13.63 3.77 4.62
N ALA A 740 14.84 3.57 4.14
CA ALA A 740 15.99 3.44 5.02
C ALA A 740 16.34 4.77 5.69
N ALA A 741 16.13 5.88 5.00
CA ALA A 741 16.43 7.17 5.61
C ALA A 741 15.38 7.54 6.65
N GLU A 742 14.13 7.12 6.44
CA GLU A 742 13.10 7.35 7.44
C GLU A 742 13.38 6.58 8.71
N GLN A 743 14.04 5.43 8.61
CA GLN A 743 14.33 4.64 9.80
C GLN A 743 15.38 5.32 10.66
N ASP A 744 16.26 6.11 10.07
CA ASP A 744 17.19 6.89 10.87
C ASP A 744 16.55 8.13 11.45
N ARG A 745 15.60 8.72 10.74
CA ARG A 745 14.87 9.87 11.26
C ARG A 745 13.98 9.48 12.44
N ASN A 746 13.43 8.27 12.42
CA ASN A 746 12.59 7.81 13.52
C ASN A 746 13.39 7.67 14.79
N THR A 747 14.65 7.25 14.68
CA THR A 747 15.45 6.99 15.87
C THR A 747 15.96 8.29 16.47
N ARG A 748 16.27 9.28 15.63
CA ARG A 748 16.74 10.56 16.14
C ARG A 748 15.64 11.30 16.88
N GLU A 749 14.42 11.21 16.39
CA GLU A 749 13.34 11.99 17.01
C GLU A 749 12.95 11.49 18.37
N VAL A 750 13.15 10.22 18.65
CA VAL A 750 12.83 9.70 19.96
C VAL A 750 13.90 10.08 20.96
N PHE A 751 15.13 9.63 20.73
CA PHE A 751 16.18 9.70 21.72
C PHE A 751 16.90 11.03 21.74
N ALA A 752 17.21 11.60 20.59
CA ALA A 752 18.03 12.81 20.56
C ALA A 752 17.14 14.04 20.75
N GLN A 753 16.56 14.15 21.93
CA GLN A 753 15.74 15.30 22.27
C GLN A 753 16.43 16.26 23.22
N VAL A 754 17.63 15.95 23.68
CA VAL A 754 18.35 16.80 24.60
C VAL A 754 19.66 17.24 23.96
N LYS A 755 20.05 18.46 24.25
CA LYS A 755 21.23 19.04 23.63
C LYS A 755 22.50 18.79 24.41
N GLN A 756 22.42 18.48 25.69
CA GLN A 756 23.60 18.30 26.50
C GLN A 756 23.62 16.91 27.09
N MET A 757 24.80 16.30 27.09
CA MET A 757 24.99 14.95 27.56
C MET A 757 25.49 15.04 28.99
N TYR A 758 24.63 14.73 29.94
CA TYR A 758 24.97 14.88 31.34
C TYR A 758 25.75 13.67 31.83
N LYS A 759 26.83 13.94 32.55
CA LYS A 759 27.66 12.86 33.05
C LYS A 759 26.93 12.12 34.15
N THR A 760 27.07 10.79 34.13
CA THR A 760 26.41 9.97 35.13
C THR A 760 26.99 10.26 36.50
N PRO A 761 26.16 10.55 37.50
CA PRO A 761 26.71 10.90 38.80
C PRO A 761 27.23 9.66 39.50
N THR A 762 28.18 9.89 40.41
CA THR A 762 28.76 8.77 41.15
C THR A 762 27.91 8.41 42.35
N LEU A 763 27.19 9.38 42.91
CA LEU A 763 26.19 9.10 43.91
C LEU A 763 24.93 8.66 43.18
N LYS A 764 24.51 7.42 43.39
CA LYS A 764 23.32 6.91 42.75
C LYS A 764 22.21 6.58 43.74
N TYR A 765 22.37 6.96 44.99
CA TYR A 765 21.40 6.72 46.06
C TYR A 765 20.88 8.09 46.49
N PHE A 766 19.88 8.59 45.79
CA PHE A 766 19.43 9.97 45.93
C PHE A 766 18.34 10.08 47.00
N GLY A 767 18.78 10.09 48.25
CA GLY A 767 17.83 10.24 49.34
C GLY A 767 16.95 9.04 49.58
N GLY A 768 17.50 7.84 49.51
CA GLY A 768 16.74 6.64 49.72
C GLY A 768 16.27 5.96 48.44
N PHE A 769 16.23 6.67 47.33
CA PHE A 769 15.79 6.12 46.07
C PHE A 769 17.02 5.57 45.36
N ASN A 770 17.04 4.27 45.10
CA ASN A 770 18.24 3.59 44.63
C ASN A 770 18.16 3.43 43.11
N PHE A 771 19.02 4.15 42.37
CA PHE A 771 18.99 4.17 40.92
C PHE A 771 20.08 3.36 40.26
N SER A 772 20.66 2.37 40.95
CA SER A 772 21.82 1.70 40.40
C SER A 772 21.47 0.73 39.29
N GLN A 773 20.21 0.37 39.12
CA GLN A 773 19.83 -0.54 38.07
C GLN A 773 19.24 0.18 36.87
N ILE A 774 19.27 1.51 36.87
CA ILE A 774 18.72 2.31 35.81
C ILE A 774 19.81 3.12 35.11
N LEU A 775 20.79 3.53 35.85
CA LEU A 775 22.00 4.19 35.37
C LEU A 775 23.07 3.15 35.06
N PRO A 776 24.02 3.45 34.16
CA PRO A 776 25.07 2.46 33.85
C PRO A 776 26.10 2.37 34.96
N ASP A 777 26.56 1.15 35.21
CA ASP A 777 27.60 0.95 36.21
C ASP A 777 28.96 1.01 35.54
N PRO A 778 29.82 1.97 35.88
CA PRO A 778 31.13 2.06 35.20
C PRO A 778 32.11 0.96 35.59
N LEU A 779 31.82 0.17 36.62
CA LEU A 779 32.74 -0.89 37.00
C LEU A 779 32.70 -2.06 36.03
N LYS A 780 31.56 -2.28 35.37
CA LYS A 780 31.39 -3.38 34.44
C LYS A 780 31.37 -2.85 33.01
N PRO A 781 32.21 -3.34 32.11
CA PRO A 781 32.42 -2.66 30.82
C PRO A 781 31.35 -2.97 29.79
N THR A 782 30.11 -2.61 30.07
CA THR A 782 29.03 -2.82 29.13
C THR A 782 28.39 -1.53 28.65
N LYS A 783 28.57 -0.44 29.41
CA LYS A 783 28.04 0.89 29.13
C LYS A 783 26.53 0.91 29.02
N ARG A 784 25.89 -0.02 29.71
CA ARG A 784 24.45 -0.21 29.74
C ARG A 784 24.02 -0.40 31.17
N SER A 785 22.76 -0.12 31.45
CA SER A 785 22.28 -0.37 32.79
C SER A 785 22.01 -1.87 32.96
N PHE A 786 21.62 -2.24 34.16
CA PHE A 786 21.35 -3.65 34.41
C PHE A 786 20.01 -4.06 33.84
N ILE A 787 19.09 -3.12 33.64
CA ILE A 787 17.83 -3.47 33.02
C ILE A 787 17.99 -3.55 31.51
N GLU A 788 18.87 -2.74 30.92
CA GLU A 788 19.10 -2.84 29.48
C GLU A 788 19.79 -4.13 29.10
N ASP A 789 20.65 -4.65 29.98
CA ASP A 789 21.24 -5.96 29.73
C ASP A 789 20.20 -7.05 29.68
N LEU A 790 19.15 -6.92 30.47
CA LEU A 790 18.06 -7.89 30.41
C LEU A 790 17.20 -7.68 29.18
N LEU A 791 17.01 -6.42 28.74
CA LEU A 791 16.17 -6.16 27.58
C LEU A 791 16.86 -6.59 26.30
N PHE A 792 18.17 -6.46 26.24
CA PHE A 792 18.95 -6.85 25.07
C PHE A 792 19.15 -8.34 24.96
N ASN A 793 18.64 -9.14 25.89
CA ASN A 793 18.77 -10.59 25.82
C ASN A 793 17.43 -11.30 25.74
N LYS A 794 16.33 -10.57 25.58
CA LYS A 794 15.03 -11.19 25.44
C LYS A 794 14.42 -11.00 24.06
N VAL A 795 14.87 -9.99 23.32
CA VAL A 795 14.35 -9.83 21.97
C VAL A 795 15.05 -10.78 21.02
N THR A 796 16.34 -11.03 21.27
CA THR A 796 17.18 -11.96 20.51
C THR A 796 16.58 -13.36 20.31
N GLN A 805 21.11 -16.06 5.31
CA GLN A 805 19.88 -15.85 4.55
C GLN A 805 20.01 -14.58 3.69
N TYR A 806 20.63 -13.55 4.26
CA TYR A 806 20.82 -12.28 3.58
C TYR A 806 22.24 -11.80 3.83
N GLY A 807 22.71 -10.92 2.97
CA GLY A 807 24.06 -10.38 3.13
C GLY A 807 24.13 -9.39 4.28
N GLU A 808 25.23 -9.45 5.02
CA GLU A 808 25.37 -8.65 6.23
C GLU A 808 26.84 -8.62 6.62
N CYS A 809 27.32 -7.47 7.10
CA CYS A 809 28.69 -7.35 7.54
C CYS A 809 28.74 -7.24 9.06
N LEU A 810 29.20 -8.29 9.72
CA LEU A 810 29.17 -8.39 11.17
C LEU A 810 30.53 -8.12 11.79
N GLY A 811 30.51 -7.53 12.99
CA GLY A 811 31.72 -7.30 13.73
C GLY A 811 31.71 -5.93 14.36
N ASP A 812 32.92 -5.40 14.55
CA ASP A 812 33.16 -4.19 15.32
C ASP A 812 34.39 -3.51 14.74
N ILE A 813 34.48 -2.20 14.97
CA ILE A 813 35.68 -1.46 14.62
C ILE A 813 36.22 -0.77 15.88
N LEU A 818 35.95 -7.28 11.14
CA LEU A 818 34.71 -7.32 10.39
C LEU A 818 34.68 -8.46 9.40
N ILE A 819 33.51 -9.07 9.22
CA ILE A 819 33.32 -10.12 8.24
C ILE A 819 32.18 -9.70 7.35
N CYS A 820 32.49 -9.16 6.18
CA CYS A 820 31.47 -8.75 5.22
C CYS A 820 31.24 -9.92 4.27
N ALA A 821 30.16 -10.66 4.52
CA ALA A 821 29.81 -11.82 3.73
C ALA A 821 28.62 -11.51 2.84
N GLN A 822 28.62 -12.06 1.63
CA GLN A 822 27.56 -11.80 0.67
C GLN A 822 26.94 -13.10 0.20
N LYS A 823 25.70 -13.02 -0.26
CA LYS A 823 24.94 -14.18 -0.64
C LYS A 823 24.63 -14.10 -2.13
N PHE A 824 24.17 -15.20 -2.70
CA PHE A 824 23.98 -15.25 -4.14
C PHE A 824 22.69 -14.60 -4.59
N ASN A 825 21.79 -14.30 -3.68
CA ASN A 825 20.68 -13.42 -4.00
C ASN A 825 21.16 -12.00 -3.87
N GLY A 826 20.31 -11.05 -4.18
CA GLY A 826 20.80 -9.69 -4.16
C GLY A 826 20.53 -8.98 -2.87
N LEU A 827 20.23 -9.72 -1.82
CA LEU A 827 19.58 -9.16 -0.64
C LEU A 827 20.59 -8.84 0.44
N THR A 828 20.49 -7.66 1.01
CA THR A 828 21.44 -7.22 2.02
C THR A 828 20.76 -6.30 3.03
N VAL A 829 21.34 -6.24 4.22
CA VAL A 829 20.83 -5.43 5.31
C VAL A 829 21.90 -4.44 5.72
N LEU A 830 21.57 -3.23 5.75
CA LEU A 830 22.40 -2.08 6.01
C LEU A 830 22.49 -1.79 7.50
N PRO A 831 23.60 -1.22 7.97
CA PRO A 831 23.68 -0.87 9.37
C PRO A 831 23.07 0.49 9.63
N PRO A 832 22.55 0.72 10.83
CA PRO A 832 21.94 2.03 11.13
C PRO A 832 22.97 3.09 11.46
N LEU A 833 22.50 4.34 11.50
CA LEU A 833 23.40 5.45 11.74
C LEU A 833 23.88 5.49 13.18
N LEU A 834 22.97 5.42 14.12
CA LEU A 834 23.31 5.42 15.53
C LEU A 834 23.50 3.99 15.99
N THR A 835 24.70 3.66 16.46
CA THR A 835 24.96 2.35 17.01
C THR A 835 24.28 2.19 18.37
N ASP A 836 24.35 0.98 18.91
CA ASP A 836 23.73 0.69 20.21
C ASP A 836 24.40 1.44 21.33
N ASP A 837 25.69 1.73 21.19
CA ASP A 837 26.42 2.38 22.26
C ASP A 837 26.09 3.86 22.31
N MET A 838 25.68 4.43 21.19
CA MET A 838 25.22 5.81 21.20
C MET A 838 23.82 5.92 21.76
N ILE A 839 22.98 4.91 21.55
CA ILE A 839 21.63 4.92 22.10
C ILE A 839 21.67 4.84 23.62
N ALA A 840 22.58 4.03 24.15
CA ALA A 840 22.66 3.88 25.60
C ALA A 840 23.27 5.10 26.25
N ALA A 841 23.97 5.94 25.49
CA ALA A 841 24.49 7.18 26.06
C ALA A 841 23.41 8.26 26.09
N TYR A 842 22.48 8.25 25.14
CA TYR A 842 21.36 9.18 25.21
C TYR A 842 20.39 8.80 26.30
N THR A 843 20.22 7.51 26.57
CA THR A 843 19.32 7.08 27.63
C THR A 843 19.88 7.39 29.00
N ALA A 844 21.19 7.28 29.18
CA ALA A 844 21.78 7.56 30.48
C ALA A 844 21.82 9.05 30.75
N ALA A 845 21.75 9.88 29.71
CA ALA A 845 21.65 11.31 29.93
C ALA A 845 20.23 11.73 30.27
N LEU A 846 19.24 11.00 29.79
CA LEU A 846 17.86 11.32 30.15
C LEU A 846 17.52 10.87 31.56
N VAL A 847 18.15 9.80 32.03
CA VAL A 847 17.88 9.35 33.39
C VAL A 847 18.57 10.24 34.40
N SER A 848 19.84 10.54 34.18
CA SER A 848 20.57 11.35 35.15
C SER A 848 20.18 12.81 35.07
N GLY A 849 19.58 13.23 33.97
CA GLY A 849 19.02 14.57 33.95
C GLY A 849 17.75 14.65 34.76
N THR A 850 16.91 13.61 34.70
CA THR A 850 15.67 13.59 35.47
C THR A 850 15.96 13.50 36.95
N ALA A 851 17.01 12.78 37.31
CA ALA A 851 17.32 12.55 38.72
C ALA A 851 17.86 13.80 39.39
N THR A 852 18.39 14.75 38.62
CA THR A 852 19.01 15.94 39.19
C THR A 852 18.39 17.26 38.74
N ALA A 853 17.57 17.29 37.69
CA ALA A 853 17.04 18.57 37.22
C ALA A 853 15.55 18.58 36.94
N GLY A 854 14.96 17.48 36.49
CA GLY A 854 13.52 17.38 36.30
C GLY A 854 12.90 17.92 35.02
N TRP A 855 11.91 18.80 35.19
CA TRP A 855 11.23 19.43 34.06
C TRP A 855 12.22 20.25 33.23
N THR A 856 13.02 21.09 33.89
CA THR A 856 13.84 22.09 33.24
C THR A 856 14.97 21.50 32.42
N PHE A 857 15.17 20.20 32.55
CA PHE A 857 16.05 19.43 31.70
C PHE A 857 15.65 19.50 30.23
N GLY A 858 14.35 19.54 29.94
CA GLY A 858 13.90 19.52 28.56
C GLY A 858 13.33 20.81 28.02
N ALA A 859 12.63 21.57 28.86
CA ALA A 859 12.00 22.79 28.41
C ALA A 859 12.85 24.03 28.66
N GLY A 860 14.17 23.89 28.75
CA GLY A 860 15.05 25.02 28.97
C GLY A 860 16.40 24.63 29.51
N ALA A 861 17.06 25.55 30.21
CA ALA A 861 18.34 25.24 30.84
C ALA A 861 18.09 24.47 32.12
N ALA A 862 18.87 23.42 32.36
CA ALA A 862 18.61 22.54 33.49
C ALA A 862 18.93 23.22 34.82
N LEU A 863 17.98 23.16 35.72
CA LEU A 863 18.09 23.74 37.04
C LEU A 863 18.40 22.65 38.04
N GLN A 864 19.39 22.86 38.89
CA GLN A 864 19.67 21.92 39.96
C GLN A 864 18.53 21.93 40.98
N ILE A 865 18.12 20.75 41.44
CA ILE A 865 17.16 20.68 42.54
C ILE A 865 17.46 19.39 43.30
N PRO A 866 17.35 19.36 44.63
CA PRO A 866 17.50 18.09 45.35
C PRO A 866 16.36 17.16 44.99
N PHE A 867 16.62 15.86 45.13
CA PHE A 867 15.71 14.90 44.55
C PHE A 867 14.39 14.83 45.31
N ALA A 868 14.45 14.92 46.63
CA ALA A 868 13.22 14.84 47.40
C ALA A 868 12.38 16.08 47.24
N MET A 869 13.01 17.23 46.98
CA MET A 869 12.21 18.41 46.71
C MET A 869 11.61 18.36 45.31
N GLN A 870 12.18 17.53 44.45
CA GLN A 870 11.57 17.29 43.14
C GLN A 870 10.38 16.37 43.25
N MET A 871 10.47 15.33 44.09
CA MET A 871 9.32 14.46 44.31
C MET A 871 8.20 15.19 45.02
N ALA A 872 8.52 16.19 45.84
CA ALA A 872 7.48 16.91 46.56
C ALA A 872 6.65 17.74 45.61
N TYR A 873 7.26 18.23 44.54
CA TYR A 873 6.55 19.03 43.57
C TYR A 873 5.63 18.17 42.72
N ARG A 874 6.07 16.96 42.41
CA ARG A 874 5.27 16.09 41.57
C ARG A 874 4.13 15.48 42.35
N PHE A 875 4.30 15.30 43.66
CA PHE A 875 3.15 14.96 44.50
C PHE A 875 2.16 16.09 44.57
N ASN A 876 2.66 17.32 44.60
CA ASN A 876 1.78 18.48 44.61
C ASN A 876 1.00 18.58 43.32
N GLY A 877 1.58 18.10 42.22
CA GLY A 877 0.94 18.20 40.93
C GLY A 877 -0.18 17.22 40.71
N ILE A 878 -0.32 16.21 41.55
CA ILE A 878 -1.39 15.24 41.39
C ILE A 878 -2.48 15.44 42.45
N GLY A 879 -2.41 16.53 43.20
CA GLY A 879 -3.44 16.83 44.16
C GLY A 879 -3.21 16.33 45.56
N VAL A 880 -1.97 16.08 45.93
CA VAL A 880 -1.62 15.57 47.25
C VAL A 880 -0.56 16.49 47.82
N THR A 881 -0.82 17.08 48.98
CA THR A 881 0.02 18.16 49.44
C THR A 881 1.39 17.68 49.92
N GLN A 882 2.31 18.64 50.07
CA GLN A 882 3.74 18.32 50.10
C GLN A 882 4.18 17.59 51.35
N ASN A 883 3.47 17.75 52.46
CA ASN A 883 3.89 17.09 53.67
C ASN A 883 3.71 15.58 53.62
N VAL A 884 2.85 15.08 52.73
CA VAL A 884 2.65 13.64 52.56
C VAL A 884 3.93 12.98 52.10
N LEU A 885 4.71 13.68 51.28
CA LEU A 885 6.00 13.16 50.90
C LEU A 885 6.96 13.13 52.08
N TYR A 886 7.17 14.28 52.74
CA TYR A 886 8.28 14.41 53.67
C TYR A 886 8.06 13.64 54.95
N GLU A 887 6.82 13.48 55.35
CA GLU A 887 6.51 12.66 56.50
C GLU A 887 6.53 11.17 56.19
N ASN A 888 6.67 10.80 54.93
CA ASN A 888 6.62 9.40 54.54
C ASN A 888 7.69 9.08 53.52
N GLN A 889 8.88 9.67 53.64
CA GLN A 889 9.94 9.34 52.70
C GLN A 889 10.42 7.91 52.87
N LYS A 890 10.35 7.37 54.08
CA LYS A 890 10.83 6.02 54.30
C LYS A 890 9.93 5.01 53.62
N GLN A 891 8.62 5.23 53.67
CA GLN A 891 7.69 4.36 52.97
C GLN A 891 7.85 4.48 51.47
N ILE A 892 7.97 5.70 50.96
CA ILE A 892 7.96 5.91 49.51
C ILE A 892 9.27 5.48 48.89
N ALA A 893 10.39 5.64 49.60
CA ALA A 893 11.64 5.13 49.08
C ALA A 893 11.66 3.61 49.05
N ASN A 894 11.01 2.98 50.02
CA ASN A 894 11.03 1.52 50.03
C ASN A 894 10.09 0.94 48.99
N GLN A 895 8.93 1.56 48.78
CA GLN A 895 8.02 1.09 47.75
C GLN A 895 8.59 1.33 46.36
N PHE A 896 9.39 2.37 46.21
CA PHE A 896 10.07 2.61 44.95
C PHE A 896 11.14 1.57 44.68
N ASN A 897 11.92 1.21 45.70
CA ASN A 897 13.04 0.31 45.50
C ASN A 897 12.55 -1.11 45.26
N LYS A 898 11.45 -1.50 45.88
CA LYS A 898 10.93 -2.85 45.63
C LYS A 898 10.28 -2.96 44.28
N ALA A 899 9.71 -1.87 43.77
CA ALA A 899 9.01 -1.95 42.50
C ALA A 899 9.97 -2.03 41.33
N ILE A 900 11.19 -1.50 41.49
CA ILE A 900 12.22 -1.71 40.48
C ILE A 900 12.67 -3.16 40.49
N SER A 901 12.82 -3.75 41.68
CA SER A 901 13.32 -5.12 41.77
C SER A 901 12.30 -6.13 41.25
N GLN A 902 11.02 -5.79 41.28
CA GLN A 902 10.03 -6.72 40.73
C GLN A 902 10.03 -6.69 39.21
N ILE A 903 10.39 -5.55 38.62
CA ILE A 903 10.52 -5.48 37.17
C ILE A 903 11.75 -6.25 36.71
N GLN A 904 12.85 -6.12 37.44
CA GLN A 904 14.07 -6.84 37.12
C GLN A 904 13.87 -8.34 37.20
N GLU A 905 13.04 -8.80 38.14
CA GLU A 905 12.72 -10.22 38.23
C GLU A 905 11.92 -10.69 37.02
N SER A 906 10.95 -9.88 36.57
CA SER A 906 10.14 -10.28 35.42
C SER A 906 10.96 -10.35 34.14
N LEU A 907 12.00 -9.53 34.04
CA LEU A 907 12.83 -9.55 32.86
C LEU A 907 13.95 -10.59 32.92
N THR A 908 14.01 -11.39 33.98
CA THR A 908 14.85 -12.58 34.00
C THR A 908 14.04 -13.86 34.05
N THR A 909 12.89 -13.84 34.70
CA THR A 909 12.12 -15.06 34.90
C THR A 909 11.30 -15.41 33.67
N THR A 910 10.58 -14.45 33.11
CA THR A 910 9.54 -14.79 32.16
C THR A 910 9.77 -14.03 30.85
N SER A 911 8.80 -14.15 29.95
CA SER A 911 8.94 -13.73 28.56
C SER A 911 7.68 -12.95 28.17
N THR A 912 7.56 -12.69 26.87
CA THR A 912 6.41 -12.09 26.17
C THR A 912 6.11 -10.65 26.58
N ALA A 913 6.94 -10.04 27.43
CA ALA A 913 6.76 -8.62 27.72
C ALA A 913 7.24 -7.77 26.55
N LEU A 914 8.23 -8.27 25.82
CA LEU A 914 8.79 -7.57 24.67
C LEU A 914 8.29 -8.19 23.36
N GLY A 915 7.03 -8.61 23.34
CA GLY A 915 6.50 -9.25 22.16
C GLY A 915 6.33 -8.32 20.99
N LYS A 916 6.15 -7.03 21.25
CA LYS A 916 6.01 -6.07 20.15
C LYS A 916 7.33 -5.82 19.46
N LEU A 917 8.44 -5.96 20.17
CA LEU A 917 9.73 -5.81 19.51
C LEU A 917 10.08 -7.05 18.72
N GLN A 918 9.68 -8.22 19.20
CA GLN A 918 9.92 -9.44 18.48
C GLN A 918 9.10 -9.50 17.21
N ASP A 919 7.93 -8.90 17.20
CA ASP A 919 7.08 -8.92 16.02
C ASP A 919 7.67 -8.10 14.89
N VAL A 920 8.36 -7.01 15.21
CA VAL A 920 9.07 -6.23 14.21
C VAL A 920 10.16 -7.05 13.56
N VAL A 921 10.84 -7.87 14.35
CA VAL A 921 11.91 -8.72 13.83
C VAL A 921 11.33 -9.82 12.96
N ASN A 922 10.23 -10.43 13.39
CA ASN A 922 9.71 -11.60 12.71
C ASN A 922 9.03 -11.24 11.40
N GLN A 923 8.42 -10.07 11.31
CA GLN A 923 7.80 -9.66 10.07
C GLN A 923 8.84 -9.35 8.99
N ASN A 924 10.03 -8.91 9.39
CA ASN A 924 11.08 -8.67 8.42
C ASN A 924 11.69 -9.96 7.94
N ALA A 925 11.65 -11.00 8.77
CA ALA A 925 12.18 -12.28 8.34
C ALA A 925 11.26 -12.96 7.36
N GLN A 926 9.94 -12.86 7.57
CA GLN A 926 9.00 -13.50 6.65
C GLN A 926 8.99 -12.82 5.29
N ALA A 927 9.22 -11.51 5.26
CA ALA A 927 9.21 -10.81 3.98
C ALA A 927 10.43 -11.16 3.15
N LEU A 928 11.58 -11.30 3.79
CA LEU A 928 12.77 -11.68 3.03
C LEU A 928 12.70 -13.14 2.61
N ASN A 929 12.15 -14.00 3.45
CA ASN A 929 12.16 -15.42 3.12
C ASN A 929 11.19 -15.72 2.00
N THR A 930 10.15 -14.93 1.85
CA THR A 930 9.22 -15.13 0.75
C THR A 930 9.84 -14.65 -0.56
N LEU A 931 10.60 -13.56 -0.51
CA LEU A 931 11.21 -13.06 -1.73
C LEU A 931 12.30 -13.98 -2.22
N VAL A 932 12.99 -14.64 -1.30
CA VAL A 932 13.99 -15.66 -1.66
C VAL A 932 13.30 -16.85 -2.31
N LYS A 933 12.22 -17.31 -1.70
CA LYS A 933 11.52 -18.50 -2.15
C LYS A 933 10.92 -18.34 -3.54
N GLN A 934 10.62 -17.11 -3.96
CA GLN A 934 10.09 -16.88 -5.31
C GLN A 934 11.13 -17.09 -6.39
N LEU A 935 12.40 -17.20 -6.04
CA LEU A 935 13.40 -17.51 -7.03
C LEU A 935 13.26 -18.92 -7.56
N SER A 936 12.69 -19.81 -6.74
CA SER A 936 12.52 -21.20 -7.11
C SER A 936 11.29 -21.45 -7.96
N SER A 937 10.42 -20.46 -8.14
CA SER A 937 9.22 -20.68 -8.92
C SER A 937 9.51 -20.62 -10.41
N ASN A 938 8.67 -21.30 -11.18
CA ASN A 938 8.85 -21.42 -12.62
C ASN A 938 8.00 -20.43 -13.40
N PHE A 939 6.86 -20.04 -12.84
CA PHE A 939 5.90 -19.11 -13.45
C PHE A 939 5.41 -19.62 -14.80
N GLY A 940 5.38 -20.93 -14.98
CA GLY A 940 5.02 -21.54 -16.23
C GLY A 940 6.17 -21.86 -17.16
N ALA A 941 7.39 -21.43 -16.85
CA ALA A 941 8.50 -21.64 -17.78
C ALA A 941 9.06 -23.05 -17.68
N ILE A 942 10.13 -23.27 -18.45
CA ILE A 942 10.72 -24.61 -18.55
C ILE A 942 11.43 -24.98 -17.26
N SER A 943 12.16 -24.03 -16.69
CA SER A 943 12.86 -24.25 -15.43
C SER A 943 13.05 -22.92 -14.76
N SER A 944 13.20 -22.97 -13.43
CA SER A 944 13.53 -21.80 -12.65
C SER A 944 14.99 -21.42 -12.75
N VAL A 945 15.81 -22.22 -13.42
CA VAL A 945 17.23 -21.97 -13.54
C VAL A 945 17.51 -21.49 -14.96
N LEU A 946 18.14 -20.32 -15.08
CA LEU A 946 18.33 -19.72 -16.39
C LEU A 946 19.34 -20.47 -17.22
N ASN A 947 20.24 -21.22 -16.58
CA ASN A 947 21.21 -21.99 -17.34
C ASN A 947 20.55 -23.15 -18.06
N ASP A 948 19.56 -23.79 -17.42
CA ASP A 948 18.86 -24.90 -18.05
C ASP A 948 17.97 -24.44 -19.19
N ILE A 949 17.52 -23.18 -19.15
CA ILE A 949 16.79 -22.64 -20.29
C ILE A 949 17.74 -22.44 -21.47
N LEU A 950 18.94 -21.95 -21.20
CA LEU A 950 19.92 -21.71 -22.25
C LEU A 950 20.45 -23.03 -22.82
N SER A 951 20.64 -24.03 -21.96
CA SER A 951 21.20 -25.29 -22.43
C SER A 951 20.19 -26.09 -23.26
N ARG A 952 18.94 -26.10 -22.83
CA ARG A 952 17.99 -27.02 -23.44
C ARG A 952 17.30 -26.42 -24.64
N LEU A 953 17.30 -25.10 -24.80
CA LEU A 953 16.45 -24.49 -25.80
C LEU A 953 17.25 -23.65 -26.80
N ASP A 954 16.70 -23.57 -28.00
CA ASP A 954 17.23 -22.71 -29.04
C ASP A 954 17.03 -21.25 -28.67
N PRO A 955 17.92 -20.35 -29.11
CA PRO A 955 17.88 -18.92 -28.68
C PRO A 955 16.60 -18.18 -29.00
N PRO A 956 15.79 -18.54 -30.04
CA PRO A 956 14.43 -17.96 -30.09
C PRO A 956 13.52 -18.30 -28.92
N GLU A 957 13.31 -19.59 -28.60
CA GLU A 957 12.47 -19.90 -27.45
C GLU A 957 13.20 -19.69 -26.13
N ALA A 958 14.53 -19.72 -26.14
CA ALA A 958 15.28 -19.35 -24.93
C ALA A 958 15.00 -17.90 -24.56
N GLU A 959 14.85 -17.03 -25.55
CA GLU A 959 14.55 -15.64 -25.26
C GLU A 959 13.14 -15.50 -24.72
N VAL A 960 12.22 -16.35 -25.14
CA VAL A 960 10.85 -16.28 -24.64
C VAL A 960 10.78 -16.81 -23.22
N GLN A 961 11.47 -17.92 -22.94
CA GLN A 961 11.38 -18.50 -21.61
C GLN A 961 12.16 -17.69 -20.58
N ILE A 962 13.25 -17.03 -20.99
CA ILE A 962 13.96 -16.14 -20.09
C ILE A 962 13.10 -14.92 -19.78
N ASP A 963 12.43 -14.38 -20.80
CA ASP A 963 11.58 -13.21 -20.60
C ASP A 963 10.36 -13.56 -19.76
N ARG A 964 9.97 -14.82 -19.74
CA ARG A 964 8.89 -15.25 -18.87
C ARG A 964 9.32 -15.23 -17.41
N LEU A 965 10.56 -15.62 -17.13
CA LEU A 965 11.04 -15.59 -15.75
C LEU A 965 11.36 -14.19 -15.29
N ILE A 966 11.61 -13.26 -16.21
CA ILE A 966 11.90 -11.90 -15.78
C ILE A 966 10.68 -11.25 -15.16
N THR A 967 9.54 -11.28 -15.84
CA THR A 967 8.35 -10.63 -15.30
C THR A 967 7.83 -11.35 -14.07
N GLY A 968 8.13 -12.62 -13.92
CA GLY A 968 7.76 -13.32 -12.71
C GLY A 968 8.60 -12.83 -11.55
N ARG A 969 9.89 -12.64 -11.77
CA ARG A 969 10.77 -12.20 -10.70
C ARG A 969 10.65 -10.71 -10.46
N LEU A 970 10.37 -9.94 -11.51
CA LEU A 970 10.31 -8.50 -11.38
C LEU A 970 9.02 -8.06 -10.70
N GLN A 971 7.99 -8.91 -10.74
CA GLN A 971 6.76 -8.56 -10.03
C GLN A 971 6.78 -9.06 -8.59
N SER A 972 7.57 -10.09 -8.30
CA SER A 972 7.76 -10.45 -6.91
C SER A 972 8.58 -9.40 -6.19
N LEU A 973 9.48 -8.75 -6.92
CA LEU A 973 10.29 -7.70 -6.34
C LEU A 973 9.47 -6.45 -6.10
N GLN A 974 8.54 -6.16 -6.99
CA GLN A 974 7.69 -4.99 -6.83
C GLN A 974 6.69 -5.17 -5.70
N THR A 975 6.29 -6.40 -5.42
CA THR A 975 5.40 -6.67 -4.31
C THR A 975 6.08 -6.43 -2.97
N TYR A 976 7.33 -6.89 -2.85
CA TYR A 976 8.12 -6.69 -1.64
C TYR A 976 8.31 -5.22 -1.33
N VAL A 977 8.55 -4.42 -2.36
CA VAL A 977 8.79 -2.99 -2.16
C VAL A 977 7.53 -2.29 -1.70
N THR A 978 6.39 -2.68 -2.26
CA THR A 978 5.12 -2.08 -1.88
C THR A 978 4.74 -2.40 -0.43
N GLN A 979 5.01 -3.61 0.03
CA GLN A 979 4.59 -3.95 1.38
C GLN A 979 5.58 -3.48 2.44
N GLN A 980 6.85 -3.31 2.10
CA GLN A 980 7.77 -2.65 3.02
C GLN A 980 7.40 -1.20 3.19
N LEU A 981 6.85 -0.61 2.16
CA LEU A 981 6.48 0.79 2.18
C LEU A 981 5.22 1.00 3.01
N ILE A 982 4.33 0.01 3.02
CA ILE A 982 3.14 0.07 3.86
C ILE A 982 3.52 -0.15 5.32
N ARG A 983 4.45 -1.05 5.58
CA ARG A 983 4.86 -1.35 6.94
C ARG A 983 5.69 -0.23 7.54
N ALA A 984 6.38 0.53 6.71
CA ALA A 984 7.14 1.67 7.20
C ALA A 984 6.23 2.79 7.66
N ALA A 985 5.01 2.82 7.14
CA ALA A 985 4.05 3.82 7.61
C ALA A 985 3.52 3.47 8.99
N GLU A 986 3.57 2.20 9.36
CA GLU A 986 3.09 1.80 10.66
C GLU A 986 4.15 2.02 11.72
N ILE A 987 5.43 1.89 11.38
CA ILE A 987 6.50 2.16 12.33
C ILE A 987 6.62 3.66 12.59
N ARG A 988 6.41 4.51 11.58
CA ARG A 988 6.34 5.95 11.84
C ARG A 988 5.24 6.30 12.81
N ALA A 989 4.11 5.61 12.76
CA ALA A 989 3.02 5.87 13.68
C ALA A 989 3.41 5.51 15.10
N SER A 990 4.19 4.46 15.26
CA SER A 990 4.61 4.07 16.60
C SER A 990 5.84 4.84 17.03
N ALA A 991 6.65 5.28 16.10
CA ALA A 991 7.84 6.04 16.49
C ALA A 991 7.49 7.48 16.78
N ASN A 992 6.40 7.99 16.20
CA ASN A 992 5.96 9.33 16.56
C ASN A 992 5.27 9.35 17.90
N LEU A 993 4.65 8.24 18.28
CA LEU A 993 4.03 8.19 19.60
C LEU A 993 5.07 8.08 20.69
N ALA A 994 6.15 7.36 20.42
CA ALA A 994 7.22 7.24 21.40
C ALA A 994 7.96 8.54 21.58
N ALA A 995 8.00 9.37 20.55
CA ALA A 995 8.61 10.69 20.69
C ALA A 995 7.69 11.62 21.47
N THR A 996 6.39 11.35 21.45
CA THR A 996 5.46 12.13 22.26
C THR A 996 5.49 11.65 23.70
N LYS A 997 5.67 10.36 23.92
CA LYS A 997 5.74 9.87 25.29
C LYS A 997 7.07 10.20 25.92
N MET A 998 8.06 10.61 25.14
CA MET A 998 9.32 10.92 25.81
C MET A 998 9.33 12.37 26.24
N SER A 999 8.83 13.26 25.39
CA SER A 999 8.83 14.67 25.75
C SER A 999 7.79 14.98 26.80
N GLU A 1000 6.59 14.46 26.67
CA GLU A 1000 5.50 14.84 27.57
C GLU A 1000 5.49 14.06 28.85
N CYS A 1001 6.37 13.08 29.02
CA CYS A 1001 6.24 12.19 30.15
C CYS A 1001 7.55 11.93 30.87
N VAL A 1002 8.65 11.80 30.14
CA VAL A 1002 9.96 11.78 30.77
C VAL A 1002 10.41 13.20 31.09
N LEU A 1003 10.35 14.08 30.11
CA LEU A 1003 10.81 15.45 30.26
C LEU A 1003 9.78 16.36 30.93
N GLY A 1004 8.70 15.81 31.44
CA GLY A 1004 7.68 16.62 32.08
C GLY A 1004 6.87 15.85 33.10
N GLN A 1005 5.58 16.13 33.19
CA GLN A 1005 4.65 15.34 33.98
C GLN A 1005 3.29 15.39 33.31
N SER A 1006 2.75 14.24 32.96
CA SER A 1006 1.51 14.19 32.20
C SER A 1006 0.29 14.24 33.11
N LYS A 1007 -0.76 14.91 32.65
CA LYS A 1007 -2.05 14.87 33.32
C LYS A 1007 -3.10 14.11 32.55
N ARG A 1008 -2.72 13.46 31.46
CA ARG A 1008 -3.66 12.72 30.65
C ARG A 1008 -3.81 11.34 31.25
N VAL A 1009 -5.05 10.96 31.55
CA VAL A 1009 -5.29 9.69 32.20
C VAL A 1009 -5.08 8.56 31.21
N ASP A 1010 -4.37 7.52 31.66
CA ASP A 1010 -3.92 6.34 30.92
C ASP A 1010 -2.87 6.63 29.86
N PHE A 1011 -2.50 7.87 29.66
CA PHE A 1011 -1.25 8.19 29.00
C PHE A 1011 -0.24 8.09 30.13
N CYS A 1012 0.88 7.43 29.85
CA CYS A 1012 1.97 7.22 30.81
C CYS A 1012 1.55 6.36 32.00
N GLY A 1013 0.96 5.21 31.72
CA GLY A 1013 0.68 4.22 32.74
C GLY A 1013 -0.57 4.53 33.53
N LYS A 1014 -0.98 3.56 34.35
CA LYS A 1014 -2.20 3.67 35.13
C LYS A 1014 -1.93 4.23 36.52
N GLY A 1015 -2.76 5.16 36.94
CA GLY A 1015 -2.54 5.90 38.16
C GLY A 1015 -2.22 7.35 37.86
N TYR A 1016 -1.86 8.06 38.91
CA TYR A 1016 -1.45 9.44 38.78
C TYR A 1016 0.04 9.46 38.50
N HIS A 1017 0.41 10.04 37.38
CA HIS A 1017 1.78 9.99 36.90
C HIS A 1017 2.69 10.85 37.73
N LEU A 1018 3.76 10.27 38.25
CA LEU A 1018 4.78 11.02 38.97
C LEU A 1018 6.01 11.31 38.11
N MET A 1019 6.74 10.29 37.69
CA MET A 1019 7.87 10.48 36.78
C MET A 1019 8.09 9.21 35.96
N SER A 1020 9.03 9.27 35.04
CA SER A 1020 9.17 8.18 34.09
C SER A 1020 10.58 8.11 33.53
N PHE A 1021 11.05 6.89 33.30
CA PHE A 1021 12.44 6.60 32.98
C PHE A 1021 12.54 5.80 31.68
N PRO A 1022 13.26 6.28 30.67
CA PRO A 1022 13.43 5.48 29.46
C PRO A 1022 14.52 4.45 29.60
N GLN A 1023 14.38 3.36 28.85
CA GLN A 1023 15.43 2.36 28.67
C GLN A 1023 15.47 1.96 27.21
N ALA A 1024 16.64 1.64 26.71
CA ALA A 1024 16.78 1.26 25.32
C ALA A 1024 16.57 -0.24 25.13
N ALA A 1025 16.21 -0.62 23.91
CA ALA A 1025 15.83 -1.97 23.56
C ALA A 1025 16.22 -2.16 22.10
N PRO A 1026 16.23 -3.41 21.59
CA PRO A 1026 16.45 -3.57 20.15
C PRO A 1026 15.26 -3.05 19.39
N HIS A 1027 15.51 -2.06 18.53
CA HIS A 1027 14.52 -1.43 17.65
C HIS A 1027 13.38 -0.79 18.40
N GLY A 1028 13.63 -0.23 19.58
CA GLY A 1028 12.53 0.30 20.35
C GLY A 1028 12.98 1.00 21.60
N VAL A 1029 11.99 1.35 22.42
CA VAL A 1029 12.17 1.98 23.72
C VAL A 1029 11.43 1.16 24.75
N VAL A 1030 11.82 1.31 26.00
CA VAL A 1030 11.06 0.81 27.13
C VAL A 1030 10.95 1.94 28.13
N PHE A 1031 9.72 2.34 28.45
CA PHE A 1031 9.46 3.36 29.44
C PHE A 1031 9.04 2.72 30.75
N LEU A 1032 9.64 3.13 31.84
CA LEU A 1032 9.25 2.68 33.16
C LEU A 1032 8.52 3.81 33.85
N HIS A 1033 7.20 3.67 34.03
CA HIS A 1033 6.38 4.75 34.54
C HIS A 1033 6.12 4.56 36.01
N VAL A 1034 6.53 5.53 36.83
CA VAL A 1034 6.29 5.51 38.26
C VAL A 1034 5.00 6.24 38.52
N THR A 1035 3.99 5.54 39.02
CA THR A 1035 2.68 6.12 39.24
C THR A 1035 2.27 5.92 40.69
N TYR A 1036 1.27 6.70 41.09
CA TYR A 1036 0.74 6.75 42.45
C TYR A 1036 -0.63 6.13 42.46
N VAL A 1037 -0.84 5.12 43.31
CA VAL A 1037 -2.10 4.40 43.39
C VAL A 1037 -2.67 4.57 44.79
N PRO A 1038 -3.84 5.18 44.96
CA PRO A 1038 -4.40 5.30 46.31
C PRO A 1038 -5.15 4.04 46.71
N SER A 1039 -5.33 3.86 48.02
CA SER A 1039 -5.86 2.59 48.50
C SER A 1039 -6.43 2.74 49.91
N GLN A 1040 -7.02 1.65 50.40
CA GLN A 1040 -7.63 1.51 51.73
C GLN A 1040 -8.75 2.53 51.95
N GLU A 1041 -9.82 2.33 51.23
CA GLU A 1041 -10.94 3.24 51.21
C GLU A 1041 -11.71 3.20 52.52
N ARG A 1042 -12.44 4.27 52.80
CA ARG A 1042 -13.19 4.39 54.04
C ARG A 1042 -14.44 5.22 53.79
N ASN A 1043 -15.58 4.78 54.30
CA ASN A 1043 -16.83 5.49 54.08
C ASN A 1043 -16.98 6.64 55.06
N PHE A 1044 -17.56 7.74 54.59
CA PHE A 1044 -17.83 8.90 55.42
C PHE A 1044 -19.19 9.45 55.02
N THR A 1045 -19.82 10.18 55.93
CA THR A 1045 -20.98 10.95 55.57
C THR A 1045 -20.51 12.33 55.16
N THR A 1046 -21.13 12.89 54.13
CA THR A 1046 -20.67 14.17 53.62
C THR A 1046 -21.86 15.09 53.41
N ALA A 1047 -21.57 16.29 52.93
CA ALA A 1047 -22.57 17.32 52.71
C ALA A 1047 -22.05 18.38 51.76
N PRO A 1048 -22.92 19.07 51.02
CA PRO A 1048 -22.43 20.11 50.12
C PRO A 1048 -22.12 21.41 50.79
N ALA A 1049 -22.72 21.72 51.93
CA ALA A 1049 -22.58 23.05 52.51
C ALA A 1049 -22.88 22.98 53.99
N ILE A 1050 -22.54 24.06 54.69
CA ILE A 1050 -22.79 24.20 56.12
C ILE A 1050 -23.44 25.54 56.37
N CYS A 1051 -24.53 25.54 57.13
CA CYS A 1051 -25.25 26.76 57.46
C CYS A 1051 -24.72 27.32 58.78
N HIS A 1052 -24.28 28.56 58.76
CA HIS A 1052 -23.84 29.20 60.01
C HIS A 1052 -24.27 30.65 60.00
N GLU A 1053 -25.15 31.00 60.94
CA GLU A 1053 -25.66 32.36 61.15
C GLU A 1053 -26.36 32.90 59.92
N GLY A 1054 -27.10 32.03 59.24
CA GLY A 1054 -27.88 32.43 58.09
C GLY A 1054 -27.15 32.41 56.77
N LYS A 1055 -25.86 32.09 56.76
CA LYS A 1055 -25.07 32.08 55.54
C LYS A 1055 -24.67 30.67 55.18
N ALA A 1056 -24.66 30.38 53.89
CA ALA A 1056 -24.23 29.07 53.41
C ALA A 1056 -22.73 29.11 53.15
N TYR A 1057 -22.01 28.16 53.73
CA TYR A 1057 -20.57 28.07 53.54
C TYR A 1057 -20.25 26.82 52.75
N PHE A 1058 -19.55 26.99 51.65
CA PHE A 1058 -19.11 26.00 50.71
C PHE A 1058 -17.63 25.72 50.87
N PRO A 1059 -17.15 24.52 50.60
CA PRO A 1059 -15.71 24.32 50.62
C PRO A 1059 -15.10 24.92 49.37
N ARG A 1060 -13.92 25.51 49.53
CA ARG A 1060 -13.26 26.09 48.38
C ARG A 1060 -12.52 24.99 47.60
N GLU A 1061 -11.91 24.06 48.31
CA GLU A 1061 -11.28 22.88 47.74
C GLU A 1061 -11.64 21.68 48.60
N GLY A 1062 -12.00 20.57 47.97
CA GLY A 1062 -12.26 19.38 48.74
C GLY A 1062 -13.69 19.26 49.18
N VAL A 1063 -13.93 18.36 50.14
CA VAL A 1063 -15.27 18.04 50.59
C VAL A 1063 -15.33 18.19 52.10
N PHE A 1064 -16.55 18.35 52.62
CA PHE A 1064 -16.76 18.21 54.05
C PHE A 1064 -17.05 16.76 54.35
N VAL A 1065 -16.42 16.23 55.38
CA VAL A 1065 -16.72 14.88 55.81
C VAL A 1065 -17.13 14.91 57.27
N PHE A 1066 -17.93 13.93 57.65
CA PHE A 1066 -18.30 13.75 59.04
C PHE A 1066 -17.50 12.58 59.59
N ASN A 1067 -16.59 12.88 60.52
CA ASN A 1067 -15.72 11.90 61.17
C ASN A 1067 -16.49 10.76 61.83
N GLY A 1068 -17.70 11.01 62.27
CA GLY A 1068 -18.39 10.19 63.24
C GLY A 1068 -18.67 10.96 64.51
N THR A 1069 -17.88 12.00 64.80
CA THR A 1069 -18.09 12.89 65.92
C THR A 1069 -18.22 14.35 65.55
N SER A 1070 -17.52 14.81 64.52
CA SER A 1070 -17.50 16.23 64.19
C SER A 1070 -17.14 16.40 62.73
N TRP A 1071 -17.36 17.61 62.22
CA TRP A 1071 -17.22 17.88 60.80
C TRP A 1071 -15.88 18.50 60.46
N PHE A 1072 -15.27 18.00 59.41
CA PHE A 1072 -13.94 18.38 58.96
C PHE A 1072 -13.99 18.63 57.46
N ILE A 1073 -12.99 19.34 56.95
CA ILE A 1073 -12.80 19.48 55.52
C ILE A 1073 -11.54 18.72 55.14
N THR A 1074 -11.58 18.04 54.00
CA THR A 1074 -10.48 17.20 53.57
C THR A 1074 -10.40 17.23 52.05
N GLN A 1075 -9.35 16.62 51.51
CA GLN A 1075 -9.14 16.48 50.08
C GLN A 1075 -9.50 15.05 49.64
N ARG A 1076 -9.61 14.85 48.33
CA ARG A 1076 -10.24 13.61 47.88
C ARG A 1076 -9.26 12.49 47.61
N ASN A 1077 -7.98 12.79 47.45
CA ASN A 1077 -7.03 11.76 47.07
C ASN A 1077 -6.29 11.19 48.25
N PHE A 1078 -6.52 11.73 49.44
CA PHE A 1078 -5.87 11.28 50.65
C PHE A 1078 -6.67 11.85 51.79
N PHE A 1079 -6.78 11.09 52.86
CA PHE A 1079 -7.61 11.50 53.98
C PHE A 1079 -6.75 12.24 54.99
N SER A 1080 -6.96 13.55 55.08
CA SER A 1080 -6.29 14.40 56.07
C SER A 1080 -7.29 15.43 56.55
N PRO A 1081 -7.89 15.22 57.71
CA PRO A 1081 -8.99 16.09 58.13
C PRO A 1081 -8.46 17.36 58.79
N GLN A 1082 -9.16 18.46 58.55
CA GLN A 1082 -8.78 19.76 59.08
C GLN A 1082 -9.99 20.48 59.64
N ILE A 1083 -9.72 21.48 60.48
CA ILE A 1083 -10.79 22.25 61.11
C ILE A 1083 -11.36 23.23 60.11
N ILE A 1084 -12.69 23.30 60.05
CA ILE A 1084 -13.40 24.15 59.12
C ILE A 1084 -13.30 25.57 59.63
N THR A 1085 -12.42 26.38 59.05
CA THR A 1085 -12.33 27.78 59.41
C THR A 1085 -12.73 28.60 58.18
N THR A 1086 -12.71 29.92 58.33
CA THR A 1086 -13.01 30.77 57.18
C THR A 1086 -11.82 31.00 56.28
N ASP A 1087 -10.70 30.34 56.54
CA ASP A 1087 -9.53 30.46 55.67
C ASP A 1087 -9.65 29.60 54.43
N ASN A 1088 -10.34 28.46 54.54
CA ASN A 1088 -10.43 27.50 53.46
C ASN A 1088 -11.85 27.31 52.97
N THR A 1089 -12.75 28.21 53.29
CA THR A 1089 -14.17 28.00 53.11
C THR A 1089 -14.81 29.21 52.45
N PHE A 1090 -15.55 28.94 51.39
CA PHE A 1090 -16.09 29.96 50.50
C PHE A 1090 -17.49 30.36 50.96
N VAL A 1091 -17.69 31.66 51.15
CA VAL A 1091 -18.91 32.22 51.71
C VAL A 1091 -19.75 32.71 50.56
N SER A 1092 -20.95 32.16 50.42
CA SER A 1092 -21.84 32.60 49.34
C SER A 1092 -23.29 32.19 49.52
N GLY A 1093 -24.19 33.15 49.39
CA GLY A 1093 -25.62 32.89 49.44
C GLY A 1093 -26.11 32.70 50.86
N ASN A 1094 -27.42 32.61 50.99
CA ASN A 1094 -28.05 32.38 52.29
C ASN A 1094 -28.34 30.90 52.47
N CYS A 1095 -28.70 30.54 53.69
CA CYS A 1095 -29.09 29.17 53.97
C CYS A 1095 -30.45 28.88 53.37
N ASP A 1096 -30.82 27.60 53.41
CA ASP A 1096 -32.10 27.07 52.91
C ASP A 1096 -32.30 27.38 51.44
N VAL A 1097 -31.21 27.36 50.68
CA VAL A 1097 -31.26 27.55 49.23
C VAL A 1097 -30.82 26.31 48.49
N VAL A 1098 -29.73 25.68 48.94
CA VAL A 1098 -29.21 24.50 48.28
C VAL A 1098 -29.63 23.28 49.09
N ILE A 1099 -29.51 22.13 48.47
CA ILE A 1099 -30.08 20.90 49.03
C ILE A 1099 -29.04 20.21 49.90
N GLY A 1100 -29.35 20.06 51.18
CA GLY A 1100 -28.49 19.29 52.05
C GLY A 1100 -27.55 20.09 52.91
N ILE A 1101 -27.99 21.20 53.45
CA ILE A 1101 -27.12 22.03 54.27
C ILE A 1101 -27.16 21.52 55.71
N ILE A 1102 -26.01 21.46 56.33
CA ILE A 1102 -25.88 20.97 57.68
C ILE A 1102 -25.74 22.15 58.62
N ASN A 1103 -26.53 22.18 59.69
CA ASN A 1103 -26.29 23.12 60.77
C ASN A 1103 -24.97 22.76 61.44
N ASN A 1104 -24.04 23.69 61.43
CA ASN A 1104 -22.78 23.55 62.13
C ASN A 1104 -22.22 24.94 62.33
N THR A 1105 -21.14 25.03 63.09
CA THR A 1105 -20.43 26.29 63.29
C THR A 1105 -19.13 26.27 62.49
N VAL A 1106 -18.71 27.45 62.07
CA VAL A 1106 -17.49 27.62 61.28
C VAL A 1106 -16.61 28.64 61.98
N TYR A 1107 -15.40 28.21 62.32
CA TYR A 1107 -14.48 28.99 63.13
C TYR A 1107 -14.02 30.26 62.43
N ARG B 5 -54.75 -17.83 -56.33
CA ARG B 5 -54.63 -16.77 -57.31
C ARG B 5 -54.27 -15.45 -56.66
N CYS B 6 -52.99 -15.05 -56.76
CA CYS B 6 -52.55 -13.78 -56.21
C CYS B 6 -53.23 -12.61 -56.91
N THR B 7 -54.00 -11.83 -56.14
CA THR B 7 -54.88 -10.81 -56.68
C THR B 7 -54.52 -9.46 -56.09
N THR B 8 -54.22 -8.49 -56.96
CA THR B 8 -53.98 -7.13 -56.50
C THR B 8 -55.30 -6.41 -56.31
N PHE B 9 -55.23 -5.23 -55.69
CA PHE B 9 -56.42 -4.44 -55.41
C PHE B 9 -56.45 -3.20 -56.31
N ASP B 10 -57.66 -2.67 -56.51
CA ASP B 10 -57.90 -1.71 -57.57
C ASP B 10 -57.36 -0.32 -57.25
N ASP B 11 -57.55 0.16 -56.03
CA ASP B 11 -57.33 1.56 -55.72
C ASP B 11 -56.62 1.72 -54.37
N VAL B 12 -55.51 1.00 -54.19
CA VAL B 12 -54.73 1.09 -52.95
C VAL B 12 -54.08 2.46 -52.84
N GLN B 13 -54.36 3.15 -51.74
CA GLN B 13 -53.75 4.43 -51.40
C GLN B 13 -52.30 4.22 -50.96
N ALA B 14 -51.46 5.23 -51.24
CA ALA B 14 -50.08 5.20 -50.78
C ALA B 14 -50.03 5.25 -49.25
N PRO B 15 -49.04 4.58 -48.64
CA PRO B 15 -48.97 4.60 -47.17
C PRO B 15 -48.57 5.97 -46.63
N ASN B 16 -48.97 6.22 -45.39
CA ASN B 16 -48.92 7.58 -44.83
C ASN B 16 -47.62 7.87 -44.09
N TYR B 17 -47.07 6.87 -43.40
CA TYR B 17 -45.80 6.99 -42.64
C TYR B 17 -45.88 8.08 -41.57
N THR B 18 -46.97 8.12 -40.81
CA THR B 18 -47.09 9.14 -39.78
C THR B 18 -46.21 8.80 -38.57
N GLN B 19 -45.87 9.83 -37.81
CA GLN B 19 -44.86 9.73 -36.77
C GLN B 19 -45.49 9.68 -35.38
N HIS B 20 -45.00 8.76 -34.55
CA HIS B 20 -45.43 8.69 -33.16
C HIS B 20 -44.22 8.35 -32.31
N THR B 21 -44.43 8.37 -30.99
CA THR B 21 -43.36 8.27 -30.01
C THR B 21 -43.57 7.04 -29.13
N SER B 22 -42.60 6.13 -29.17
CA SER B 22 -42.62 4.93 -28.35
C SER B 22 -41.93 5.21 -27.03
N SER B 23 -42.70 5.32 -25.95
CA SER B 23 -42.13 5.78 -24.69
C SER B 23 -41.26 4.70 -24.03
N MET B 24 -41.88 3.62 -23.57
CA MET B 24 -41.16 2.59 -22.85
C MET B 24 -41.56 1.20 -23.30
N ARG B 25 -41.65 0.99 -24.60
CA ARG B 25 -42.08 -0.29 -25.12
C ARG B 25 -40.95 -0.99 -25.86
N GLY B 26 -41.11 -2.29 -26.05
CA GLY B 26 -40.10 -3.09 -26.70
C GLY B 26 -39.13 -3.79 -25.77
N VAL B 27 -39.39 -3.77 -24.48
CA VAL B 27 -38.54 -4.42 -23.51
C VAL B 27 -38.97 -5.87 -23.40
N TYR B 28 -38.02 -6.80 -23.56
CA TYR B 28 -38.33 -8.21 -23.57
C TYR B 28 -37.28 -8.95 -22.77
N TYR B 29 -37.52 -10.24 -22.54
CA TYR B 29 -36.59 -11.12 -21.85
C TYR B 29 -35.50 -11.55 -22.81
N PRO B 30 -34.26 -11.08 -22.63
CA PRO B 30 -33.23 -11.33 -23.64
C PRO B 30 -32.69 -12.75 -23.62
N ASP B 31 -32.90 -13.51 -22.56
CA ASP B 31 -32.34 -14.84 -22.44
C ASP B 31 -33.30 -15.73 -21.67
N GLU B 32 -32.87 -16.96 -21.39
CA GLU B 32 -33.69 -17.90 -20.64
C GLU B 32 -33.11 -18.16 -19.25
N ILE B 33 -32.68 -17.11 -18.58
CA ILE B 33 -32.05 -17.22 -17.26
C ILE B 33 -33.00 -16.65 -16.23
N PHE B 34 -33.24 -17.41 -15.18
CA PHE B 34 -34.01 -16.86 -14.06
C PHE B 34 -33.08 -16.00 -13.20
N ARG B 35 -33.47 -14.78 -12.95
CA ARG B 35 -32.76 -13.93 -12.00
C ARG B 35 -33.78 -13.35 -11.05
N SER B 36 -33.39 -13.16 -9.81
CA SER B 36 -34.34 -12.68 -8.82
C SER B 36 -33.69 -11.59 -8.00
N ASP B 37 -34.45 -10.51 -7.78
CA ASP B 37 -34.13 -9.43 -6.84
C ASP B 37 -32.79 -8.78 -7.16
N THR B 38 -32.65 -8.34 -8.40
CA THR B 38 -31.36 -7.80 -8.83
C THR B 38 -31.54 -6.85 -10.01
N LEU B 39 -30.53 -6.02 -10.19
CA LEU B 39 -30.39 -5.15 -11.36
C LEU B 39 -29.38 -5.79 -12.29
N TYR B 40 -29.56 -5.62 -13.58
CA TYR B 40 -28.72 -6.32 -14.52
C TYR B 40 -28.57 -5.49 -15.80
N LEU B 41 -27.33 -5.24 -16.21
CA LEU B 41 -27.05 -4.48 -17.41
C LEU B 41 -26.89 -5.44 -18.59
N THR B 42 -27.69 -5.21 -19.62
CA THR B 42 -27.64 -5.98 -20.85
C THR B 42 -27.13 -5.09 -21.97
N GLN B 43 -26.46 -5.68 -22.93
CA GLN B 43 -26.20 -5.04 -24.21
C GLN B 43 -26.82 -5.91 -25.29
N ASP B 44 -27.87 -5.42 -25.92
CA ASP B 44 -28.58 -6.23 -26.91
C ASP B 44 -29.36 -5.27 -27.80
N LEU B 45 -30.20 -5.84 -28.66
CA LEU B 45 -31.01 -5.07 -29.59
C LEU B 45 -32.33 -4.71 -28.93
N PHE B 46 -32.49 -3.43 -28.61
CA PHE B 46 -33.67 -2.95 -27.92
C PHE B 46 -34.27 -1.79 -28.69
N LEU B 47 -35.57 -1.62 -28.54
CA LEU B 47 -36.22 -0.41 -28.99
C LEU B 47 -35.92 0.69 -28.00
N PRO B 48 -35.18 1.72 -28.39
CA PRO B 48 -34.74 2.72 -27.42
C PRO B 48 -35.90 3.59 -26.97
N PHE B 49 -35.75 4.14 -25.77
CA PHE B 49 -36.85 4.90 -25.19
C PHE B 49 -37.04 6.23 -25.90
N TYR B 50 -38.30 6.59 -26.10
CA TYR B 50 -38.74 7.82 -26.78
C TYR B 50 -38.18 7.92 -28.19
N SER B 51 -38.30 6.84 -28.93
CA SER B 51 -37.86 6.83 -30.31
C SER B 51 -39.05 6.95 -31.25
N ASN B 52 -38.77 7.41 -32.45
CA ASN B 52 -39.82 7.65 -33.43
C ASN B 52 -40.23 6.36 -34.12
N VAL B 53 -41.52 6.03 -34.02
CA VAL B 53 -42.11 4.89 -34.70
C VAL B 53 -42.96 5.40 -35.85
N THR B 54 -43.12 4.52 -36.84
CA THR B 54 -43.83 4.86 -38.07
C THR B 54 -45.19 4.18 -38.10
N GLY B 55 -46.25 4.97 -38.16
CA GLY B 55 -47.60 4.44 -38.14
C GLY B 55 -48.14 4.18 -39.53
N PHE B 56 -48.81 3.04 -39.67
CA PHE B 56 -49.48 2.64 -40.90
C PHE B 56 -50.96 2.39 -40.64
N HIS B 57 -51.72 2.32 -41.72
CA HIS B 57 -53.17 2.38 -41.63
C HIS B 57 -53.84 1.26 -42.42
N THR B 58 -54.95 0.77 -41.85
CA THR B 58 -55.95 0.00 -42.56
C THR B 58 -57.24 0.79 -42.38
N ILE B 59 -57.55 1.63 -43.36
CA ILE B 59 -58.65 2.59 -43.30
C ILE B 59 -59.06 2.76 -44.76
N ASN B 60 -60.19 3.45 -45.03
CA ASN B 60 -61.09 3.29 -46.17
C ASN B 60 -60.50 2.86 -47.50
N HIS B 61 -59.48 3.57 -47.99
CA HIS B 61 -58.79 3.21 -49.22
C HIS B 61 -57.33 2.81 -48.97
N THR B 62 -56.91 2.81 -47.70
CA THR B 62 -55.52 2.59 -47.34
C THR B 62 -55.34 1.14 -46.91
N PHE B 63 -54.52 0.42 -47.65
CA PHE B 63 -54.30 -1.02 -47.45
C PHE B 63 -52.78 -1.17 -47.43
N GLY B 64 -52.18 -0.92 -46.27
CA GLY B 64 -50.72 -0.80 -46.19
C GLY B 64 -50.08 -2.16 -46.02
N ASN B 65 -49.73 -2.80 -47.14
CA ASN B 65 -48.84 -3.95 -47.02
C ASN B 65 -47.57 -3.84 -47.88
N PRO B 66 -46.80 -2.75 -47.82
CA PRO B 66 -45.66 -2.64 -48.74
C PRO B 66 -44.47 -3.44 -48.22
N VAL B 67 -43.42 -3.43 -49.02
CA VAL B 67 -42.14 -3.93 -48.56
C VAL B 67 -41.55 -2.91 -47.58
N ILE B 68 -41.53 -3.26 -46.31
CA ILE B 68 -40.92 -2.44 -45.26
C ILE B 68 -39.58 -3.06 -44.93
N PRO B 69 -38.51 -2.29 -44.87
CA PRO B 69 -37.21 -2.87 -44.49
C PRO B 69 -37.19 -3.31 -43.03
N PHE B 70 -36.40 -4.34 -42.77
CA PHE B 70 -36.25 -4.99 -41.48
C PHE B 70 -34.99 -4.50 -40.78
N LYS B 71 -33.87 -4.71 -41.46
CA LYS B 71 -32.52 -4.16 -41.27
C LYS B 71 -31.83 -4.73 -40.05
N ASP B 72 -32.49 -4.91 -38.92
CA ASP B 72 -31.80 -5.29 -37.70
C ASP B 72 -32.67 -6.16 -36.82
N GLY B 73 -33.96 -6.15 -37.09
CA GLY B 73 -34.97 -6.50 -36.13
C GLY B 73 -35.95 -5.36 -36.07
N ILE B 74 -37.21 -5.69 -35.88
CA ILE B 74 -38.25 -4.68 -35.82
C ILE B 74 -39.06 -4.87 -34.56
N TYR B 75 -39.74 -3.81 -34.17
CA TYR B 75 -40.80 -3.86 -33.18
C TYR B 75 -42.11 -3.67 -33.90
N PHE B 76 -42.99 -4.64 -33.80
CA PHE B 76 -44.29 -4.58 -34.45
C PHE B 76 -45.35 -4.47 -33.37
N ALA B 77 -46.30 -3.59 -33.56
CA ALA B 77 -47.44 -3.54 -32.65
C ALA B 77 -48.68 -3.31 -33.49
N ALA B 78 -49.82 -3.72 -32.94
CA ALA B 78 -51.06 -3.59 -33.69
C ALA B 78 -52.21 -3.35 -32.73
N THR B 79 -52.98 -2.31 -33.02
CA THR B 79 -54.24 -2.06 -32.34
C THR B 79 -55.32 -2.80 -33.10
N GLU B 80 -56.07 -3.64 -32.40
CA GLU B 80 -57.08 -4.44 -33.06
C GLU B 80 -58.39 -4.43 -32.30
N LYS B 81 -59.47 -4.45 -33.08
CA LYS B 81 -60.79 -4.88 -32.65
C LYS B 81 -61.36 -5.96 -33.55
N SER B 82 -60.82 -6.15 -34.74
CA SER B 82 -61.35 -7.10 -35.72
C SER B 82 -60.30 -8.07 -36.24
N ASN B 83 -59.09 -8.06 -35.66
CA ASN B 83 -57.97 -8.94 -36.01
C ASN B 83 -57.62 -8.84 -37.50
N VAL B 84 -57.36 -7.62 -37.95
CA VAL B 84 -57.04 -7.40 -39.35
C VAL B 84 -55.64 -7.90 -39.66
N VAL B 85 -54.68 -7.61 -38.78
CA VAL B 85 -53.33 -8.10 -38.96
C VAL B 85 -53.27 -9.58 -38.61
N ARG B 86 -52.85 -10.40 -39.56
CA ARG B 86 -52.78 -11.83 -39.35
C ARG B 86 -51.40 -12.41 -39.55
N GLY B 87 -50.57 -11.81 -40.39
CA GLY B 87 -49.36 -12.49 -40.78
C GLY B 87 -48.29 -11.57 -41.30
N TRP B 88 -47.12 -12.15 -41.54
CA TRP B 88 -45.96 -11.44 -42.01
C TRP B 88 -45.21 -12.33 -42.98
N VAL B 89 -44.63 -11.70 -43.99
CA VAL B 89 -43.77 -12.37 -44.97
C VAL B 89 -42.37 -11.84 -44.77
N PHE B 90 -41.45 -12.72 -44.41
CA PHE B 90 -40.07 -12.31 -44.21
C PHE B 90 -39.19 -12.89 -45.29
N GLY B 91 -38.28 -12.06 -45.80
CA GLY B 91 -37.35 -12.52 -46.81
C GLY B 91 -36.51 -11.37 -47.31
N SER B 92 -35.73 -11.63 -48.36
CA SER B 92 -34.93 -10.56 -48.95
C SER B 92 -35.56 -10.02 -50.22
N THR B 93 -35.72 -10.87 -51.24
CA THR B 93 -36.16 -10.41 -52.55
C THR B 93 -37.67 -10.46 -52.72
N MET B 94 -38.37 -11.15 -51.82
CA MET B 94 -39.81 -11.40 -51.85
C MET B 94 -40.26 -12.15 -53.10
N ASN B 95 -39.37 -12.93 -53.70
CA ASN B 95 -39.64 -13.69 -54.91
C ASN B 95 -39.42 -15.18 -54.61
N ASN B 96 -39.80 -16.04 -55.55
CA ASN B 96 -39.62 -17.47 -55.40
C ASN B 96 -38.20 -17.95 -55.68
N LYS B 97 -37.28 -17.03 -55.98
CA LYS B 97 -35.91 -17.38 -56.29
C LYS B 97 -35.07 -17.71 -55.06
N SER B 98 -35.53 -17.35 -53.86
CA SER B 98 -34.82 -17.70 -52.64
C SER B 98 -35.85 -18.11 -51.59
N GLN B 99 -35.39 -18.28 -50.36
CA GLN B 99 -36.24 -18.79 -49.31
C GLN B 99 -36.85 -17.65 -48.53
N SER B 100 -38.13 -17.79 -48.20
CA SER B 100 -38.86 -16.83 -47.41
C SER B 100 -39.71 -17.60 -46.42
N VAL B 101 -40.19 -16.92 -45.39
CA VAL B 101 -41.00 -17.56 -44.38
C VAL B 101 -42.29 -16.75 -44.22
N ILE B 102 -43.38 -17.46 -43.95
CA ILE B 102 -44.68 -16.85 -43.73
C ILE B 102 -45.23 -17.39 -42.43
N ILE B 103 -45.55 -16.49 -41.52
CA ILE B 103 -46.08 -16.84 -40.20
C ILE B 103 -47.46 -16.21 -40.13
N ILE B 104 -48.50 -17.00 -40.37
CA ILE B 104 -49.86 -16.49 -40.47
C ILE B 104 -50.79 -17.19 -39.49
N ASN B 105 -51.76 -16.43 -39.00
CA ASN B 105 -52.88 -16.95 -38.23
C ASN B 105 -54.05 -17.04 -39.20
N ASN B 106 -54.30 -18.25 -39.73
CA ASN B 106 -55.30 -18.44 -40.77
C ASN B 106 -56.71 -18.68 -40.23
N SER B 107 -56.97 -18.27 -38.98
CA SER B 107 -58.18 -18.42 -38.16
C SER B 107 -58.41 -19.85 -37.70
N THR B 108 -57.54 -20.79 -38.04
CA THR B 108 -57.66 -22.16 -37.57
C THR B 108 -56.39 -22.56 -36.85
N ASN B 109 -55.25 -22.13 -37.40
CA ASN B 109 -53.94 -22.51 -36.92
C ASN B 109 -52.96 -21.37 -37.13
N VAL B 110 -51.86 -21.41 -36.40
CA VAL B 110 -50.70 -20.60 -36.72
C VAL B 110 -49.80 -21.43 -37.62
N VAL B 111 -49.56 -20.95 -38.83
CA VAL B 111 -48.87 -21.72 -39.86
C VAL B 111 -47.54 -21.03 -40.16
N ILE B 112 -46.45 -21.75 -39.95
CA ILE B 112 -45.10 -21.24 -40.18
C ILE B 112 -44.45 -22.13 -41.22
N ARG B 113 -44.09 -21.57 -42.37
CA ARG B 113 -43.46 -22.36 -43.42
C ARG B 113 -42.35 -21.57 -44.07
N ALA B 114 -41.16 -22.18 -44.14
CA ALA B 114 -39.98 -21.55 -44.75
C ALA B 114 -39.64 -22.33 -46.01
N CYS B 115 -40.01 -21.78 -47.17
CA CYS B 115 -39.93 -22.50 -48.44
C CYS B 115 -39.63 -21.49 -49.54
N ASN B 116 -39.46 -22.00 -50.76
CA ASN B 116 -39.46 -21.17 -51.97
C ASN B 116 -40.90 -20.94 -52.35
N PHE B 117 -41.42 -19.75 -52.04
CA PHE B 117 -42.83 -19.44 -52.23
C PHE B 117 -43.07 -18.55 -53.43
N GLU B 118 -44.10 -18.90 -54.21
CA GLU B 118 -44.61 -18.03 -55.27
C GLU B 118 -45.44 -16.92 -54.61
N LEU B 119 -44.72 -15.91 -54.15
CA LEU B 119 -45.31 -14.90 -53.27
C LEU B 119 -46.20 -13.94 -54.03
N CYS B 120 -47.33 -13.59 -53.41
CA CYS B 120 -48.18 -12.56 -53.95
C CYS B 120 -47.53 -11.19 -53.77
N ASP B 121 -47.71 -10.31 -54.76
CA ASP B 121 -47.38 -8.92 -54.55
C ASP B 121 -48.42 -8.21 -53.70
N ASN B 122 -49.61 -8.80 -53.59
CA ASN B 122 -50.65 -8.36 -52.66
C ASN B 122 -51.03 -9.56 -51.80
N PRO B 123 -50.30 -9.82 -50.72
CA PRO B 123 -50.71 -10.90 -49.80
C PRO B 123 -51.72 -10.40 -48.77
N PHE B 124 -52.78 -11.16 -48.59
CA PHE B 124 -53.88 -10.76 -47.70
C PHE B 124 -54.73 -11.97 -47.36
N PHE B 125 -55.50 -11.83 -46.29
CA PHE B 125 -56.71 -12.60 -46.05
C PHE B 125 -57.89 -11.73 -46.41
N ALA B 126 -59.07 -12.35 -46.54
CA ALA B 126 -60.26 -11.56 -46.81
C ALA B 126 -61.43 -12.11 -46.02
N VAL B 127 -62.18 -11.19 -45.41
CA VAL B 127 -63.35 -11.51 -44.62
C VAL B 127 -64.54 -10.74 -45.18
N SER B 128 -65.64 -11.45 -45.44
CA SER B 128 -66.87 -10.83 -45.89
C SER B 128 -67.50 -10.08 -44.72
N LYS B 129 -67.86 -8.81 -44.94
CA LYS B 129 -68.56 -8.04 -43.91
C LYS B 129 -69.96 -8.56 -43.57
N PRO B 130 -70.86 -8.91 -44.52
CA PRO B 130 -72.16 -9.45 -44.08
C PRO B 130 -72.10 -10.88 -43.56
N MET B 131 -71.05 -11.63 -43.88
CA MET B 131 -70.91 -12.98 -43.32
C MET B 131 -70.20 -12.96 -41.98
N GLY B 132 -69.19 -12.10 -41.84
CA GLY B 132 -68.36 -12.09 -40.65
C GLY B 132 -67.35 -13.21 -40.59
N THR B 133 -67.10 -13.91 -41.70
CA THR B 133 -66.23 -15.07 -41.76
C THR B 133 -65.15 -14.86 -42.81
N GLN B 134 -64.03 -15.59 -42.65
CA GLN B 134 -62.95 -15.57 -43.61
C GLN B 134 -63.37 -16.32 -44.87
N THR B 135 -63.07 -15.74 -46.03
CA THR B 135 -63.33 -16.39 -47.30
C THR B 135 -62.09 -16.67 -48.13
N HIS B 136 -61.06 -15.83 -48.04
CA HIS B 136 -59.91 -15.94 -48.92
C HIS B 136 -58.63 -16.13 -48.11
N THR B 137 -57.71 -16.90 -48.69
CA THR B 137 -56.39 -17.19 -48.14
C THR B 137 -55.43 -17.00 -49.30
N MET B 138 -54.96 -15.78 -49.52
CA MET B 138 -54.12 -15.47 -50.69
C MET B 138 -52.80 -14.89 -50.19
N ILE B 139 -51.87 -15.78 -49.87
CA ILE B 139 -50.56 -15.41 -49.40
C ILE B 139 -49.49 -15.78 -50.42
N PHE B 140 -49.56 -17.01 -50.91
CA PHE B 140 -48.79 -17.54 -52.02
C PHE B 140 -49.73 -18.48 -52.75
N ASP B 141 -49.34 -18.90 -53.93
CA ASP B 141 -50.12 -19.93 -54.62
C ASP B 141 -49.51 -21.32 -54.49
N ASN B 142 -48.17 -21.42 -54.47
CA ASN B 142 -47.51 -22.71 -54.50
C ASN B 142 -46.23 -22.60 -53.67
N ALA B 143 -45.71 -23.76 -53.27
CA ALA B 143 -44.51 -23.82 -52.46
C ALA B 143 -43.69 -25.06 -52.83
N PHE B 144 -42.37 -24.94 -52.72
CA PHE B 144 -41.46 -26.05 -52.93
C PHE B 144 -40.17 -25.80 -52.16
N ASN B 145 -39.40 -26.87 -51.97
CA ASN B 145 -38.10 -26.88 -51.29
C ASN B 145 -38.20 -26.28 -49.89
N CYS B 146 -39.12 -26.84 -49.10
CA CYS B 146 -39.33 -26.34 -47.75
C CYS B 146 -38.20 -26.76 -46.83
N THR B 147 -37.78 -25.84 -45.96
CA THR B 147 -36.71 -26.09 -45.01
C THR B 147 -37.19 -26.15 -43.56
N PHE B 148 -38.36 -25.58 -43.27
CA PHE B 148 -38.92 -25.65 -41.93
C PHE B 148 -40.43 -25.55 -42.03
N GLU B 149 -41.13 -26.24 -41.15
CA GLU B 149 -42.57 -26.10 -41.03
C GLU B 149 -42.99 -26.41 -39.60
N TYR B 150 -43.87 -25.57 -39.06
CA TYR B 150 -44.46 -25.81 -37.75
C TYR B 150 -45.87 -25.25 -37.74
N ILE B 151 -46.81 -26.01 -37.18
CA ILE B 151 -48.19 -25.58 -37.02
C ILE B 151 -48.57 -25.73 -35.55
N SER B 152 -49.14 -24.68 -34.98
CA SER B 152 -49.51 -24.74 -33.57
C SER B 152 -50.83 -25.46 -33.39
N ASP B 153 -51.33 -25.41 -32.15
CA ASP B 153 -52.61 -26.00 -31.80
C ASP B 153 -53.76 -25.31 -32.53
N ALA B 154 -54.85 -26.04 -32.70
CA ALA B 154 -56.02 -25.47 -33.35
C ALA B 154 -56.80 -24.59 -32.39
N PHE B 155 -57.40 -23.54 -32.95
CA PHE B 155 -58.36 -22.70 -32.24
C PHE B 155 -59.26 -22.06 -33.28
N SER B 156 -60.21 -21.25 -32.82
CA SER B 156 -61.21 -20.64 -33.68
C SER B 156 -61.18 -19.14 -33.45
N LEU B 157 -60.86 -18.38 -34.50
CA LEU B 157 -60.50 -16.98 -34.34
C LEU B 157 -61.64 -16.07 -34.78
N ASP B 158 -61.90 -15.05 -33.97
CA ASP B 158 -62.87 -14.00 -34.27
C ASP B 158 -62.34 -13.17 -35.43
N VAL B 159 -62.97 -13.27 -36.59
CA VAL B 159 -62.51 -12.63 -37.82
C VAL B 159 -63.44 -11.50 -38.24
N SER B 160 -64.58 -11.35 -37.59
CA SER B 160 -65.62 -10.44 -38.06
C SER B 160 -65.26 -8.99 -37.73
N GLU B 161 -65.89 -8.07 -38.45
CA GLU B 161 -65.68 -6.66 -38.19
C GLU B 161 -66.47 -6.25 -36.96
N LYS B 162 -65.81 -5.59 -36.02
CA LYS B 162 -66.44 -5.20 -34.77
C LYS B 162 -66.63 -3.68 -34.73
N SER B 163 -67.63 -3.26 -33.96
CA SER B 163 -67.84 -1.85 -33.70
C SER B 163 -67.10 -1.43 -32.43
N GLY B 164 -67.19 -0.16 -32.10
CA GLY B 164 -66.53 0.35 -30.92
C GLY B 164 -65.08 0.72 -31.19
N ASN B 165 -64.35 0.91 -30.10
CA ASN B 165 -62.97 1.33 -30.20
C ASN B 165 -62.06 0.11 -30.21
N PHE B 166 -60.75 0.38 -30.28
CA PHE B 166 -59.77 -0.70 -30.24
C PHE B 166 -59.63 -1.21 -28.82
N LYS B 167 -59.74 -2.52 -28.65
CA LYS B 167 -59.72 -3.11 -27.32
C LYS B 167 -58.46 -3.92 -27.03
N HIS B 168 -57.63 -4.22 -28.03
CA HIS B 168 -56.54 -5.15 -27.86
C HIS B 168 -55.29 -4.59 -28.52
N LEU B 169 -54.18 -4.62 -27.79
CA LEU B 169 -52.87 -4.28 -28.33
C LEU B 169 -51.99 -5.50 -28.27
N ARG B 170 -51.65 -6.05 -29.43
CA ARG B 170 -50.69 -7.14 -29.52
C ARG B 170 -49.33 -6.56 -29.87
N GLU B 171 -48.29 -7.08 -29.24
CA GLU B 171 -46.95 -6.54 -29.37
C GLU B 171 -45.96 -7.65 -29.68
N PHE B 172 -45.24 -7.51 -30.78
CA PHE B 172 -44.28 -8.52 -31.22
C PHE B 172 -42.92 -7.88 -31.42
N VAL B 173 -41.87 -8.68 -31.22
CA VAL B 173 -40.51 -8.31 -31.56
C VAL B 173 -39.91 -9.45 -32.37
N PHE B 174 -39.26 -9.12 -33.48
CA PHE B 174 -38.70 -10.10 -34.40
C PHE B 174 -37.22 -9.84 -34.49
N LYS B 175 -36.40 -10.89 -34.41
CA LYS B 175 -34.95 -10.74 -34.43
C LYS B 175 -34.29 -11.87 -35.20
N ASN B 176 -33.16 -11.55 -35.84
CA ASN B 176 -32.37 -12.53 -36.57
C ASN B 176 -31.08 -12.82 -35.82
N LYS B 177 -30.84 -14.08 -35.49
CA LYS B 177 -29.63 -14.45 -34.77
C LYS B 177 -29.33 -15.92 -34.98
N ASP B 178 -28.19 -16.20 -35.64
CA ASP B 178 -27.63 -17.54 -35.83
C ASP B 178 -28.61 -18.46 -36.56
N GLY B 179 -29.27 -17.93 -37.58
CA GLY B 179 -30.26 -18.69 -38.32
C GLY B 179 -31.61 -18.81 -37.67
N PHE B 180 -31.79 -18.28 -36.45
CA PHE B 180 -33.04 -18.38 -35.73
C PHE B 180 -33.86 -17.11 -35.94
N LEU B 181 -35.15 -17.27 -36.08
CA LEU B 181 -36.08 -16.16 -35.96
C LEU B 181 -36.65 -16.15 -34.55
N TYR B 182 -36.22 -15.17 -33.76
CA TYR B 182 -36.72 -14.96 -32.41
C TYR B 182 -38.04 -14.22 -32.47
N VAL B 183 -39.06 -14.77 -31.84
CA VAL B 183 -40.39 -14.17 -31.81
C VAL B 183 -40.80 -13.98 -30.37
N TYR B 184 -41.07 -12.74 -29.99
CA TYR B 184 -41.43 -12.34 -28.64
C TYR B 184 -42.88 -11.85 -28.66
N LYS B 185 -43.62 -12.13 -27.60
CA LYS B 185 -45.05 -11.80 -27.60
C LYS B 185 -45.48 -11.15 -26.30
N GLY B 186 -46.14 -10.00 -26.41
CA GLY B 186 -46.80 -9.38 -25.28
C GLY B 186 -48.22 -8.99 -25.64
N TYR B 187 -48.95 -8.54 -24.62
CA TYR B 187 -50.34 -8.14 -24.81
C TYR B 187 -50.73 -7.12 -23.76
N GLN B 188 -51.52 -6.13 -24.18
CA GLN B 188 -52.05 -5.15 -23.27
C GLN B 188 -53.47 -4.77 -23.68
N PRO B 189 -54.43 -4.82 -22.76
CA PRO B 189 -55.78 -4.33 -23.07
C PRO B 189 -55.77 -2.81 -23.18
N ILE B 190 -56.45 -2.31 -24.20
CA ILE B 190 -56.49 -0.88 -24.49
C ILE B 190 -57.93 -0.44 -24.70
N ASP B 191 -58.12 0.88 -24.75
CA ASP B 191 -59.37 1.47 -25.22
C ASP B 191 -58.99 2.79 -25.88
N VAL B 192 -58.73 2.74 -27.19
CA VAL B 192 -58.24 3.88 -27.94
C VAL B 192 -58.98 3.99 -29.27
N VAL B 193 -59.04 5.21 -29.78
CA VAL B 193 -59.53 5.48 -31.14
C VAL B 193 -58.38 5.75 -32.09
N ARG B 194 -57.16 5.83 -31.59
CA ARG B 194 -56.02 6.41 -32.27
C ARG B 194 -54.79 5.63 -31.83
N ASP B 195 -53.65 6.32 -31.91
CA ASP B 195 -52.29 5.82 -32.01
C ASP B 195 -51.79 5.02 -30.80
N LEU B 196 -50.50 4.70 -30.80
CA LEU B 196 -49.82 3.93 -29.76
C LEU B 196 -49.90 4.57 -28.37
N PRO B 197 -50.35 3.85 -27.35
CA PRO B 197 -50.39 4.43 -26.00
C PRO B 197 -49.05 4.31 -25.31
N SER B 198 -48.80 5.23 -24.39
CA SER B 198 -47.56 5.20 -23.61
C SER B 198 -47.67 4.23 -22.45
N GLY B 199 -46.55 3.57 -22.15
CA GLY B 199 -46.54 2.62 -21.05
C GLY B 199 -45.41 1.62 -21.20
N PHE B 200 -45.32 0.76 -20.18
CA PHE B 200 -44.26 -0.23 -20.04
C PHE B 200 -44.88 -1.61 -19.87
N ASN B 201 -44.52 -2.54 -20.76
CA ASN B 201 -45.01 -3.91 -20.66
C ASN B 201 -43.99 -4.82 -21.31
N THR B 202 -43.54 -5.82 -20.58
CA THR B 202 -42.54 -6.77 -21.03
C THR B 202 -43.12 -7.71 -22.08
N LEU B 203 -42.23 -8.31 -22.87
CA LEU B 203 -42.62 -9.24 -23.90
C LEU B 203 -41.88 -10.56 -23.69
N LYS B 204 -42.61 -11.64 -23.72
CA LYS B 204 -42.11 -12.97 -23.43
C LYS B 204 -41.82 -13.72 -24.73
N PRO B 205 -40.82 -14.59 -24.75
CA PRO B 205 -40.56 -15.36 -25.99
C PRO B 205 -41.53 -16.49 -26.21
N ILE B 206 -41.86 -16.73 -27.48
CA ILE B 206 -42.77 -17.81 -27.85
C ILE B 206 -42.19 -18.72 -28.94
N PHE B 207 -41.23 -18.24 -29.73
CA PHE B 207 -40.65 -19.10 -30.75
C PHE B 207 -39.18 -18.81 -30.96
N LYS B 208 -38.42 -19.87 -31.24
CA LYS B 208 -37.07 -19.81 -31.78
C LYS B 208 -37.12 -20.63 -33.06
N LEU B 209 -37.22 -19.97 -34.20
CA LEU B 209 -37.52 -20.69 -35.43
C LEU B 209 -36.24 -20.87 -36.24
N PRO B 210 -35.68 -22.09 -36.32
CA PRO B 210 -34.42 -22.30 -37.07
C PRO B 210 -34.63 -22.28 -38.58
N LEU B 211 -34.96 -21.09 -39.09
CA LEU B 211 -35.37 -21.00 -40.48
C LEU B 211 -34.18 -21.10 -41.42
N GLY B 212 -33.07 -20.47 -41.05
CA GLY B 212 -31.91 -20.45 -41.92
C GLY B 212 -32.08 -19.63 -43.18
N ILE B 213 -32.86 -18.56 -43.13
CA ILE B 213 -33.08 -17.72 -44.30
C ILE B 213 -32.56 -16.33 -44.01
N ASN B 214 -32.33 -15.58 -45.08
CA ASN B 214 -31.77 -14.23 -44.99
C ASN B 214 -32.92 -13.25 -45.04
N ILE B 215 -33.26 -12.66 -43.90
CA ILE B 215 -34.37 -11.71 -43.81
C ILE B 215 -33.80 -10.30 -43.78
N THR B 216 -34.08 -9.54 -44.83
CA THR B 216 -33.75 -8.12 -44.84
C THR B 216 -34.96 -7.23 -45.03
N ASN B 217 -36.09 -7.77 -45.47
CA ASN B 217 -37.32 -7.01 -45.63
C ASN B 217 -38.48 -7.80 -45.07
N PHE B 218 -39.59 -7.10 -44.83
CA PHE B 218 -40.78 -7.80 -44.41
C PHE B 218 -42.01 -7.12 -44.98
N ARG B 219 -43.12 -7.85 -44.98
CA ARG B 219 -44.41 -7.33 -45.40
C ARG B 219 -45.48 -7.83 -44.45
N ALA B 220 -46.20 -6.90 -43.83
CA ALA B 220 -47.33 -7.28 -43.00
C ALA B 220 -48.45 -7.79 -43.87
N ILE B 221 -49.15 -8.81 -43.40
CA ILE B 221 -50.31 -9.34 -44.10
C ILE B 221 -51.56 -8.84 -43.41
N LEU B 222 -52.33 -8.02 -44.11
CA LEU B 222 -53.58 -7.46 -43.62
C LEU B 222 -54.73 -8.38 -44.01
N THR B 223 -55.92 -8.01 -43.53
CA THR B 223 -57.14 -8.67 -43.93
C THR B 223 -58.04 -7.66 -44.61
N ALA B 224 -58.55 -8.00 -45.78
CA ALA B 224 -59.44 -7.12 -46.53
C ALA B 224 -60.89 -7.41 -46.15
N PHE B 225 -61.62 -6.38 -45.74
CA PHE B 225 -63.03 -6.54 -45.38
C PHE B 225 -63.88 -5.88 -46.45
N SER B 226 -64.70 -6.67 -47.13
CA SER B 226 -65.50 -6.13 -48.22
C SER B 226 -66.91 -6.73 -48.16
N PRO B 227 -67.93 -5.96 -48.56
CA PRO B 227 -69.30 -6.50 -48.71
C PRO B 227 -69.55 -7.17 -50.06
N ILE B 231 -63.65 -7.14 -55.40
CA ILE B 231 -64.33 -6.45 -54.31
C ILE B 231 -63.44 -6.53 -53.08
N TRP B 232 -62.65 -5.48 -52.88
CA TRP B 232 -61.76 -5.36 -51.74
C TRP B 232 -62.21 -4.22 -50.85
N GLY B 233 -61.64 -4.16 -49.66
CA GLY B 233 -61.96 -3.10 -48.73
C GLY B 233 -61.14 -3.23 -47.48
N THR B 234 -61.44 -2.37 -46.51
CA THR B 234 -60.69 -2.28 -45.26
C THR B 234 -61.65 -2.10 -44.09
N SER B 235 -61.10 -2.23 -42.89
CA SER B 235 -61.75 -1.78 -41.66
C SER B 235 -60.67 -1.32 -40.71
N ALA B 236 -61.10 -0.58 -39.68
CA ALA B 236 -60.20 0.20 -38.85
C ALA B 236 -59.23 -0.67 -38.07
N ALA B 237 -57.95 -0.49 -38.35
CA ALA B 237 -56.84 -1.14 -37.67
C ALA B 237 -55.61 -0.29 -37.92
N ALA B 238 -54.60 -0.47 -37.09
CA ALA B 238 -53.36 0.27 -37.26
C ALA B 238 -52.21 -0.62 -36.84
N TYR B 239 -51.09 -0.48 -37.54
CA TYR B 239 -49.92 -1.23 -37.16
C TYR B 239 -48.69 -0.34 -37.25
N PHE B 240 -47.75 -0.60 -36.35
CA PHE B 240 -46.67 0.32 -36.05
C PHE B 240 -45.36 -0.41 -36.24
N VAL B 241 -44.35 0.27 -36.76
CA VAL B 241 -43.03 -0.34 -36.95
C VAL B 241 -41.97 0.56 -36.35
N GLY B 242 -41.26 0.07 -35.34
CA GLY B 242 -40.06 0.70 -34.86
C GLY B 242 -38.86 -0.19 -35.15
N TYR B 243 -37.68 0.38 -35.04
CA TYR B 243 -36.45 -0.35 -35.32
C TYR B 243 -35.63 -0.55 -34.06
N LEU B 244 -35.04 -1.74 -33.93
CA LEU B 244 -34.24 -2.07 -32.76
C LEU B 244 -32.82 -1.56 -32.96
N LYS B 245 -32.20 -1.13 -31.87
CA LYS B 245 -30.87 -0.59 -31.94
C LYS B 245 -29.96 -1.30 -30.96
N PRO B 246 -28.68 -1.42 -31.27
CA PRO B 246 -27.72 -1.96 -30.29
C PRO B 246 -27.42 -0.96 -29.19
N THR B 247 -27.95 -1.20 -28.00
CA THR B 247 -27.91 -0.23 -26.94
C THR B 247 -27.78 -0.98 -25.62
N THR B 248 -27.77 -0.23 -24.52
CA THR B 248 -27.61 -0.80 -23.19
C THR B 248 -28.79 -0.42 -22.33
N PHE B 249 -29.47 -1.41 -21.76
CA PHE B 249 -30.50 -1.15 -20.77
C PHE B 249 -30.07 -1.72 -19.44
N MET B 250 -30.62 -1.16 -18.38
CA MET B 250 -30.52 -1.75 -17.05
C MET B 250 -31.90 -2.22 -16.62
N LEU B 251 -32.03 -3.52 -16.39
CA LEU B 251 -33.31 -4.16 -16.13
C LEU B 251 -33.44 -4.47 -14.65
N LYS B 252 -34.61 -4.25 -14.08
CA LYS B 252 -34.85 -4.56 -12.68
C LYS B 252 -35.78 -5.74 -12.57
N TYR B 253 -35.36 -6.77 -11.85
CA TYR B 253 -36.17 -7.97 -11.69
C TYR B 253 -36.61 -8.02 -10.24
N ASP B 254 -37.87 -8.35 -10.00
CA ASP B 254 -38.36 -8.42 -8.63
C ASP B 254 -38.09 -9.82 -8.06
N GLU B 255 -38.77 -10.15 -6.96
CA GLU B 255 -38.55 -11.41 -6.27
C GLU B 255 -39.06 -12.61 -7.05
N ASN B 256 -40.02 -12.42 -7.95
CA ASN B 256 -40.53 -13.50 -8.77
C ASN B 256 -39.79 -13.64 -10.09
N GLY B 257 -38.76 -12.85 -10.32
CA GLY B 257 -38.11 -12.91 -11.60
C GLY B 257 -38.86 -12.24 -12.71
N THR B 258 -39.69 -11.27 -12.40
CA THR B 258 -40.45 -10.54 -13.39
C THR B 258 -39.80 -9.18 -13.59
N ILE B 259 -39.58 -8.79 -14.84
CA ILE B 259 -38.99 -7.49 -15.11
C ILE B 259 -40.05 -6.43 -14.85
N THR B 260 -39.79 -5.54 -13.90
CA THR B 260 -40.76 -4.52 -13.54
C THR B 260 -40.40 -3.13 -14.03
N ASP B 261 -39.13 -2.86 -14.31
CA ASP B 261 -38.74 -1.52 -14.72
C ASP B 261 -37.42 -1.59 -15.48
N ALA B 262 -37.13 -0.53 -16.23
CA ALA B 262 -35.91 -0.49 -17.02
C ALA B 262 -35.46 0.96 -17.23
N VAL B 263 -34.19 1.13 -17.59
CA VAL B 263 -33.58 2.42 -17.83
C VAL B 263 -32.70 2.34 -19.06
N ASP B 264 -32.93 3.22 -20.03
CA ASP B 264 -32.08 3.28 -21.22
C ASP B 264 -30.86 4.11 -20.90
N CYS B 265 -29.69 3.48 -20.91
CA CYS B 265 -28.48 4.14 -20.46
C CYS B 265 -28.00 5.27 -21.36
N SER B 266 -28.54 5.42 -22.56
CA SER B 266 -28.07 6.46 -23.46
C SER B 266 -29.15 7.46 -23.81
N GLN B 267 -30.19 7.56 -23.01
CA GLN B 267 -31.25 8.53 -23.28
C GLN B 267 -30.80 9.94 -22.94
N ASN B 268 -30.28 10.16 -21.74
CA ASN B 268 -29.92 11.48 -21.26
C ASN B 268 -28.88 11.31 -20.16
N PRO B 269 -28.21 12.40 -19.71
CA PRO B 269 -27.20 12.23 -18.64
C PRO B 269 -27.70 11.69 -17.34
N LEU B 270 -28.97 11.89 -17.01
CA LEU B 270 -29.49 11.34 -15.78
C LEU B 270 -29.54 9.82 -15.84
N ALA B 271 -29.89 9.27 -16.99
CA ALA B 271 -30.05 7.83 -17.08
C ALA B 271 -28.70 7.14 -17.16
N GLU B 272 -27.72 7.79 -17.76
CA GLU B 272 -26.36 7.24 -17.79
C GLU B 272 -25.77 7.21 -16.40
N LEU B 273 -26.15 8.17 -15.56
CA LEU B 273 -25.77 8.16 -14.16
C LEU B 273 -26.37 6.99 -13.42
N LYS B 274 -27.64 6.67 -13.68
CA LYS B 274 -28.29 5.56 -12.99
C LYS B 274 -27.69 4.22 -13.39
N CYS B 275 -27.24 4.10 -14.63
CA CYS B 275 -26.60 2.85 -15.05
C CYS B 275 -25.24 2.69 -14.41
N SER B 276 -24.57 3.82 -14.14
CA SER B 276 -23.25 3.77 -13.52
C SER B 276 -23.33 3.41 -12.04
N VAL B 277 -24.27 4.02 -11.32
CA VAL B 277 -24.43 3.77 -9.90
C VAL B 277 -25.09 2.40 -9.67
N LYS B 278 -25.82 1.91 -10.68
CA LYS B 278 -26.74 0.77 -10.57
C LYS B 278 -27.78 0.99 -9.47
N SER B 279 -28.62 2.00 -9.68
CA SER B 279 -29.65 2.37 -8.74
C SER B 279 -30.67 3.24 -9.45
N PHE B 280 -31.93 3.00 -9.18
CA PHE B 280 -32.97 3.90 -9.67
C PHE B 280 -33.10 5.15 -8.84
N GLU B 281 -32.47 5.19 -7.66
CA GLU B 281 -32.61 6.30 -6.73
C GLU B 281 -31.22 6.83 -6.42
N ILE B 282 -31.04 8.13 -6.53
CA ILE B 282 -29.74 8.76 -6.49
C ILE B 282 -29.82 10.02 -5.62
N ASP B 283 -28.93 10.11 -4.64
CA ASP B 283 -28.94 11.20 -3.68
C ASP B 283 -28.13 12.37 -4.23
N LYS B 284 -28.22 13.50 -3.53
CA LYS B 284 -27.62 14.75 -4.00
C LYS B 284 -26.11 14.68 -3.96
N GLY B 285 -25.46 15.17 -5.01
CA GLY B 285 -24.02 15.19 -5.06
C GLY B 285 -23.52 15.46 -6.45
N ILE B 286 -22.21 15.34 -6.62
CA ILE B 286 -21.56 15.34 -7.93
C ILE B 286 -20.92 13.97 -8.13
N TYR B 287 -21.07 13.44 -9.33
CA TYR B 287 -20.82 12.04 -9.64
C TYR B 287 -19.99 11.91 -10.89
N GLN B 288 -18.85 11.26 -10.78
CA GLN B 288 -17.99 11.06 -11.93
C GLN B 288 -18.51 9.93 -12.79
N THR B 289 -18.60 10.18 -14.09
CA THR B 289 -19.01 9.16 -15.05
C THR B 289 -18.11 9.20 -16.29
N SER B 290 -18.57 8.60 -17.39
CA SER B 290 -17.68 8.17 -18.47
C SER B 290 -17.02 9.32 -19.20
N ASN B 291 -15.80 9.09 -19.66
CA ASN B 291 -14.98 10.10 -20.32
C ASN B 291 -15.59 10.52 -21.64
N PHE B 292 -15.29 11.74 -22.07
CA PHE B 292 -15.73 12.19 -23.38
C PHE B 292 -14.53 12.38 -24.30
N ARG B 293 -14.76 12.20 -25.59
CA ARG B 293 -13.77 12.45 -26.62
C ARG B 293 -14.41 13.32 -27.69
N VAL B 294 -13.58 14.10 -28.38
CA VAL B 294 -14.01 14.79 -29.59
C VAL B 294 -13.56 13.96 -30.78
N VAL B 295 -14.48 13.71 -31.70
CA VAL B 295 -14.20 12.92 -32.89
C VAL B 295 -13.66 13.84 -33.98
N PRO B 296 -12.57 13.48 -34.67
CA PRO B 296 -12.01 14.38 -35.68
C PRO B 296 -12.88 14.48 -36.92
N SER B 297 -12.79 15.63 -37.59
CA SER B 297 -13.57 15.87 -38.82
C SER B 297 -12.67 16.59 -39.82
N GLY B 298 -12.02 15.82 -40.68
CA GLY B 298 -11.11 16.37 -41.65
C GLY B 298 -9.99 15.40 -41.94
N ASP B 299 -9.26 15.69 -43.01
CA ASP B 299 -8.10 14.87 -43.36
C ASP B 299 -7.10 15.75 -44.07
N VAL B 300 -5.93 15.92 -43.46
CA VAL B 300 -4.87 16.76 -43.98
C VAL B 300 -3.68 15.87 -44.29
N VAL B 301 -3.32 15.77 -45.56
CA VAL B 301 -2.18 14.96 -45.98
C VAL B 301 -1.21 15.85 -46.73
N ARG B 302 -0.01 16.00 -46.19
CA ARG B 302 1.07 16.65 -46.90
C ARG B 302 2.36 15.87 -46.77
N LEU B 502 -1.42 11.27 -51.83
CA LEU B 502 -1.71 12.53 -52.50
C LEU B 502 -1.31 13.72 -51.64
N SER B 503 -2.11 14.78 -51.75
CA SER B 503 -1.83 16.03 -51.07
C SER B 503 -3.14 16.80 -50.96
N THR B 504 -3.39 17.38 -49.81
CA THR B 504 -4.63 18.11 -49.56
C THR B 504 -4.29 19.50 -49.05
N ASP B 505 -5.33 20.28 -48.77
CA ASP B 505 -5.17 21.58 -48.17
C ASP B 505 -4.93 21.42 -46.67
N LEU B 506 -4.51 22.51 -46.03
CA LEU B 506 -4.15 22.50 -44.61
C LEU B 506 -5.29 23.09 -43.80
N ILE B 507 -5.98 22.25 -43.03
CA ILE B 507 -7.09 22.70 -42.20
C ILE B 507 -6.54 23.07 -40.84
N LYS B 508 -6.81 24.29 -40.39
CA LYS B 508 -6.29 24.78 -39.12
C LYS B 508 -7.41 24.97 -38.12
N ASN B 509 -7.05 24.88 -36.84
CA ASN B 509 -7.91 25.20 -35.70
C ASN B 509 -9.15 24.32 -35.65
N GLN B 510 -8.97 23.07 -36.05
CA GLN B 510 -10.04 22.09 -36.15
C GLN B 510 -9.44 20.72 -35.95
N CYS B 511 -10.11 19.88 -35.16
CA CYS B 511 -9.60 18.55 -34.89
C CYS B 511 -9.68 17.71 -36.16
N VAL B 512 -8.53 17.46 -36.78
CA VAL B 512 -8.45 16.70 -38.00
C VAL B 512 -7.55 15.50 -37.80
N ASN B 513 -7.60 14.60 -38.76
CA ASN B 513 -6.75 13.43 -38.76
C ASN B 513 -5.64 13.70 -39.78
N PHE B 514 -4.45 14.03 -39.31
CA PHE B 514 -3.41 14.53 -40.19
C PHE B 514 -2.40 13.44 -40.53
N ASN B 515 -1.74 13.66 -41.65
CA ASN B 515 -0.68 12.76 -42.12
C ASN B 515 0.35 13.62 -42.83
N PHE B 516 1.32 14.09 -42.09
CA PHE B 516 2.48 14.73 -42.68
C PHE B 516 3.45 13.67 -43.13
N ASN B 517 4.57 14.10 -43.68
CA ASN B 517 5.52 13.17 -44.25
C ASN B 517 6.16 12.39 -43.11
N GLY B 518 5.57 11.23 -42.79
CA GLY B 518 6.05 10.37 -41.74
C GLY B 518 5.40 10.51 -40.38
N LEU B 519 4.50 11.47 -40.20
CA LEU B 519 3.87 11.68 -38.90
C LEU B 519 2.36 11.56 -39.08
N THR B 520 1.74 10.70 -38.30
CA THR B 520 0.30 10.50 -38.34
C THR B 520 -0.29 10.75 -36.95
N GLY B 521 -1.59 10.89 -36.91
CA GLY B 521 -2.29 11.05 -35.67
C GLY B 521 -3.43 12.02 -35.83
N THR B 522 -4.17 12.20 -34.75
CA THR B 522 -5.27 13.15 -34.72
C THR B 522 -4.84 14.35 -33.91
N GLY B 523 -5.41 15.50 -34.21
CA GLY B 523 -5.05 16.66 -33.44
C GLY B 523 -5.52 17.94 -34.10
N VAL B 524 -5.09 19.05 -33.51
CA VAL B 524 -5.48 20.37 -33.91
C VAL B 524 -4.24 21.10 -34.41
N LEU B 525 -4.29 21.62 -35.62
CA LEU B 525 -3.15 22.25 -36.26
C LEU B 525 -3.26 23.77 -36.13
N THR B 526 -2.16 24.42 -35.81
CA THR B 526 -2.14 25.86 -35.58
C THR B 526 -0.72 26.37 -35.76
N PRO B 527 -0.53 27.56 -36.31
CA PRO B 527 0.83 28.05 -36.53
C PRO B 527 1.53 28.40 -35.24
N SER B 528 2.86 28.45 -35.29
CA SER B 528 3.65 28.63 -34.09
C SER B 528 4.93 29.37 -34.39
N SER B 529 5.64 29.73 -33.32
CA SER B 529 6.86 30.50 -33.40
C SER B 529 8.09 29.75 -32.90
N LYS B 530 8.02 28.42 -32.86
CA LYS B 530 9.20 27.64 -32.50
C LYS B 530 10.25 27.78 -33.60
N ARG B 531 11.44 28.23 -33.22
CA ARG B 531 12.47 28.52 -34.21
C ARG B 531 13.22 27.24 -34.55
N PHE B 532 12.70 26.54 -35.55
CA PHE B 532 13.41 25.38 -36.04
C PHE B 532 14.68 25.81 -36.75
N GLN B 533 15.67 24.98 -36.66
CA GLN B 533 16.84 25.10 -37.51
C GLN B 533 16.49 24.57 -38.89
N PRO B 534 17.23 24.95 -39.95
CA PRO B 534 16.87 24.50 -41.29
C PRO B 534 17.02 23.01 -41.57
N PHE B 535 17.51 22.24 -40.62
CA PHE B 535 17.69 20.81 -40.76
C PHE B 535 16.82 20.05 -39.78
N GLN B 536 15.80 20.70 -39.22
CA GLN B 536 14.97 20.09 -38.20
C GLN B 536 13.57 19.90 -38.75
N GLN B 537 13.18 18.65 -38.95
CA GLN B 537 11.94 18.36 -39.64
C GLN B 537 10.74 18.54 -38.73
N PHE B 538 10.84 18.12 -37.48
CA PHE B 538 9.74 18.31 -36.55
C PHE B 538 10.30 18.38 -35.14
N GLY B 539 9.41 18.62 -34.18
CA GLY B 539 9.82 18.88 -32.81
C GLY B 539 9.16 17.93 -31.84
N ARG B 540 9.62 17.99 -30.60
CA ARG B 540 9.10 17.13 -29.54
C ARG B 540 8.98 17.88 -28.24
N ASP B 541 8.15 17.33 -27.36
CA ASP B 541 7.79 17.94 -26.10
C ASP B 541 8.83 17.55 -25.06
N VAL B 542 8.57 17.84 -23.78
CA VAL B 542 9.48 17.38 -22.74
C VAL B 542 9.33 15.88 -22.51
N SER B 543 8.21 15.31 -22.91
CA SER B 543 8.07 13.87 -23.05
C SER B 543 8.46 13.48 -24.47
N ASP B 544 8.07 12.28 -24.87
CA ASP B 544 8.51 11.73 -26.14
C ASP B 544 7.42 11.83 -27.20
N PHE B 545 6.66 12.90 -27.18
CA PHE B 545 5.52 13.13 -28.05
C PHE B 545 5.84 14.22 -29.05
N THR B 546 5.45 14.00 -30.30
CA THR B 546 5.57 15.04 -31.31
C THR B 546 4.57 16.14 -31.03
N ASP B 547 5.06 17.37 -30.88
CA ASP B 547 4.15 18.47 -30.66
C ASP B 547 4.20 19.55 -31.72
N SER B 548 5.06 19.42 -32.72
CA SER B 548 5.18 20.46 -33.74
C SER B 548 5.77 19.83 -34.99
N VAL B 549 5.56 20.49 -36.12
CA VAL B 549 6.01 19.93 -37.38
C VAL B 549 6.27 21.06 -38.36
N ARG B 550 7.29 20.90 -39.19
CA ARG B 550 7.57 21.83 -40.27
C ARG B 550 6.86 21.33 -41.51
N ASP B 551 6.01 22.19 -42.08
CA ASP B 551 5.14 21.84 -43.19
C ASP B 551 5.95 21.47 -44.41
N PRO B 552 5.84 20.23 -44.92
CA PRO B 552 6.74 19.78 -45.99
C PRO B 552 6.51 20.43 -47.34
N LYS B 553 5.47 21.25 -47.50
CA LYS B 553 5.23 21.93 -48.77
C LYS B 553 5.56 23.41 -48.70
N THR B 554 5.31 24.09 -47.58
CA THR B 554 5.54 25.52 -47.48
C THR B 554 6.45 25.96 -46.34
N SER B 555 7.00 25.04 -45.55
CA SER B 555 7.90 25.26 -44.43
C SER B 555 7.29 26.09 -43.29
N GLU B 556 5.97 26.10 -43.17
CA GLU B 556 5.35 26.73 -42.02
C GLU B 556 5.53 25.86 -40.78
N ILE B 557 5.79 26.48 -39.65
CA ILE B 557 5.94 25.76 -38.39
C ILE B 557 4.58 25.68 -37.73
N LEU B 558 4.09 24.47 -37.54
CA LEU B 558 2.77 24.21 -36.98
C LEU B 558 2.91 23.63 -35.58
N ASP B 559 1.90 23.84 -34.74
CA ASP B 559 1.74 23.08 -33.51
C ASP B 559 0.76 21.93 -33.72
N ILE B 560 0.85 20.95 -32.84
CA ILE B 560 -0.11 19.87 -32.76
C ILE B 560 -0.58 19.76 -31.33
N SER B 561 -1.81 20.14 -31.08
CA SER B 561 -2.45 19.91 -29.81
C SER B 561 -3.19 18.60 -29.86
N PRO B 562 -3.44 17.95 -28.73
CA PRO B 562 -4.35 16.80 -28.75
C PRO B 562 -5.75 17.26 -29.05
N CYS B 563 -6.60 16.33 -29.49
CA CYS B 563 -7.89 16.71 -30.05
C CYS B 563 -8.80 17.38 -29.03
N ALA B 564 -9.33 16.60 -28.07
CA ALA B 564 -9.82 17.01 -26.76
C ALA B 564 -10.31 15.78 -26.03
N PHE B 565 -10.19 15.80 -24.71
CA PHE B 565 -10.68 14.71 -23.88
C PHE B 565 -10.85 15.22 -22.46
N GLY B 566 -11.48 14.40 -21.64
CA GLY B 566 -11.65 14.74 -20.24
C GLY B 566 -12.67 13.84 -19.60
N GLY B 567 -12.99 14.15 -18.35
CA GLY B 567 -14.03 13.45 -17.66
C GLY B 567 -15.35 14.18 -17.70
N VAL B 568 -16.41 13.45 -17.40
CA VAL B 568 -17.76 13.98 -17.36
C VAL B 568 -18.32 13.75 -15.97
N SER B 569 -18.87 14.79 -15.37
CA SER B 569 -19.44 14.68 -14.05
C SER B 569 -20.85 15.22 -14.08
N VAL B 570 -21.78 14.52 -13.42
CA VAL B 570 -23.18 14.89 -13.48
C VAL B 570 -23.61 15.39 -12.11
N ILE B 571 -24.12 16.61 -12.08
CA ILE B 571 -24.47 17.33 -10.86
C ILE B 571 -25.97 17.22 -10.67
N THR B 572 -26.39 16.73 -9.51
CA THR B 572 -27.80 16.45 -9.31
C THR B 572 -28.26 16.91 -7.94
N PRO B 573 -29.49 17.42 -7.84
CA PRO B 573 -30.07 17.70 -6.53
C PRO B 573 -30.64 16.46 -5.85
N GLY B 574 -30.59 15.31 -6.49
CA GLY B 574 -31.21 14.10 -6.00
C GLY B 574 -32.47 13.77 -6.78
N THR B 575 -32.71 12.48 -6.96
CA THR B 575 -33.93 12.08 -7.64
C THR B 575 -35.17 12.23 -6.76
N ASN B 576 -35.00 12.42 -5.46
CA ASN B 576 -36.11 12.69 -4.56
C ASN B 576 -36.59 14.12 -4.69
N ALA B 577 -35.78 15.01 -5.25
CA ALA B 577 -36.11 16.42 -5.36
C ALA B 577 -36.48 16.82 -6.78
N SER B 578 -35.74 16.35 -7.78
CA SER B 578 -36.04 16.68 -9.16
C SER B 578 -35.45 15.62 -10.07
N SER B 579 -35.57 15.86 -11.37
CA SER B 579 -34.98 14.99 -12.37
C SER B 579 -34.19 15.76 -13.42
N GLU B 580 -33.84 17.00 -13.14
CA GLU B 580 -32.93 17.76 -13.99
C GLU B 580 -31.54 17.74 -13.38
N VAL B 581 -30.54 17.69 -14.25
CA VAL B 581 -29.15 17.60 -13.82
C VAL B 581 -28.36 18.61 -14.64
N ALA B 582 -27.17 18.94 -14.13
CA ALA B 582 -26.20 19.74 -14.85
C ALA B 582 -24.97 18.89 -15.09
N VAL B 583 -24.24 19.19 -16.16
CA VAL B 583 -23.06 18.41 -16.49
C VAL B 583 -21.83 19.28 -16.45
N LEU B 584 -20.72 18.68 -16.03
CA LEU B 584 -19.43 19.34 -16.03
C LEU B 584 -18.51 18.58 -16.95
N TYR B 585 -18.01 19.24 -17.98
CA TYR B 585 -17.00 18.69 -18.87
C TYR B 585 -15.66 19.16 -18.33
N GLN B 586 -14.92 18.26 -17.71
CA GLN B 586 -13.79 18.70 -16.91
C GLN B 586 -12.59 19.02 -17.77
N ASP B 587 -11.97 20.16 -17.48
CA ASP B 587 -10.66 20.58 -18.02
C ASP B 587 -10.68 20.67 -19.55
N VAL B 588 -11.50 21.57 -20.06
CA VAL B 588 -11.69 21.68 -21.50
C VAL B 588 -12.20 23.08 -21.78
N ASN B 589 -11.83 23.60 -22.95
CA ASN B 589 -12.28 24.91 -23.41
C ASN B 589 -13.73 24.80 -23.85
N CYS B 590 -14.57 25.73 -23.39
CA CYS B 590 -15.99 25.71 -23.74
C CYS B 590 -16.26 26.02 -25.20
N THR B 591 -15.30 26.59 -25.92
CA THR B 591 -15.49 26.74 -27.36
C THR B 591 -15.49 25.39 -28.05
N ASP B 592 -14.57 24.51 -27.67
CA ASP B 592 -14.53 23.18 -28.25
C ASP B 592 -15.70 22.32 -27.82
N VAL B 593 -16.14 22.45 -26.58
CA VAL B 593 -17.24 21.63 -26.11
C VAL B 593 -18.54 22.04 -26.78
N SER B 594 -18.82 23.34 -26.83
CA SER B 594 -20.11 23.80 -27.34
C SER B 594 -20.24 23.51 -28.83
N THR B 595 -19.17 23.75 -29.58
CA THR B 595 -19.20 23.53 -31.02
C THR B 595 -19.32 22.05 -31.36
N ALA B 596 -18.60 21.19 -30.64
CA ALA B 596 -18.66 19.77 -30.95
C ALA B 596 -19.97 19.14 -30.50
N ILE B 597 -20.67 19.77 -29.55
CA ILE B 597 -22.01 19.31 -29.19
C ILE B 597 -22.97 19.63 -30.33
N HIS B 598 -22.92 20.86 -30.83
CA HIS B 598 -23.85 21.26 -31.89
C HIS B 598 -23.59 20.51 -33.18
N ALA B 599 -22.33 20.26 -33.51
CA ALA B 599 -22.03 19.54 -34.73
C ALA B 599 -22.04 18.03 -34.54
N ASP B 600 -22.42 17.55 -33.34
CA ASP B 600 -22.55 16.14 -33.00
C ASP B 600 -21.23 15.39 -33.18
N GLN B 601 -20.19 15.90 -32.54
CA GLN B 601 -18.85 15.32 -32.63
C GLN B 601 -18.41 14.69 -31.32
N LEU B 602 -19.22 14.68 -30.28
CA LEU B 602 -18.82 14.10 -29.01
C LEU B 602 -19.17 12.64 -28.92
N THR B 603 -18.32 11.90 -28.23
CA THR B 603 -18.57 10.56 -27.78
C THR B 603 -18.34 10.57 -26.26
N PRO B 604 -19.36 10.31 -25.43
CA PRO B 604 -20.74 9.89 -25.67
C PRO B 604 -21.66 11.01 -26.10
N ALA B 605 -22.70 10.62 -26.80
CA ALA B 605 -23.78 11.53 -27.16
C ALA B 605 -25.07 10.98 -26.59
N TRP B 606 -25.94 11.88 -26.20
CA TRP B 606 -27.22 11.51 -25.63
C TRP B 606 -28.31 11.99 -26.57
N ARG B 607 -29.42 11.26 -26.61
CA ARG B 607 -30.50 11.66 -27.50
C ARG B 607 -31.26 12.86 -26.96
N ILE B 608 -31.84 12.72 -25.78
CA ILE B 608 -32.74 13.75 -25.24
C ILE B 608 -31.86 14.65 -24.38
N TYR B 609 -31.18 15.59 -25.04
CA TYR B 609 -30.19 16.41 -24.37
C TYR B 609 -29.95 17.67 -25.19
N SER B 610 -29.81 18.81 -24.51
CA SER B 610 -29.54 20.06 -25.19
C SER B 610 -28.68 20.95 -24.29
N THR B 611 -28.04 21.93 -24.93
CA THR B 611 -27.17 22.86 -24.23
C THR B 611 -27.95 23.77 -23.28
N GLY B 612 -29.02 24.39 -23.76
CA GLY B 612 -29.85 25.23 -22.94
C GLY B 612 -29.39 26.66 -22.79
N ASN B 613 -28.33 27.07 -23.49
CA ASN B 613 -27.76 28.41 -23.46
C ASN B 613 -27.35 28.84 -22.04
N ASN B 614 -26.83 27.91 -21.27
CA ASN B 614 -26.18 28.20 -20.00
C ASN B 614 -24.83 27.50 -20.06
N VAL B 615 -23.85 28.17 -20.66
CA VAL B 615 -22.48 27.66 -20.74
C VAL B 615 -21.58 28.61 -19.99
N PHE B 616 -20.92 28.10 -18.96
CA PHE B 616 -20.13 28.91 -18.07
C PHE B 616 -18.81 28.20 -17.83
N GLN B 617 -17.69 28.90 -18.02
CA GLN B 617 -16.40 28.26 -17.90
C GLN B 617 -15.73 28.62 -16.59
N THR B 618 -15.46 27.61 -15.79
CA THR B 618 -14.74 27.68 -14.53
C THR B 618 -13.36 27.09 -14.75
N GLN B 619 -12.51 27.12 -13.72
CA GLN B 619 -11.23 26.43 -13.88
C GLN B 619 -11.38 24.92 -13.87
N ALA B 620 -12.49 24.40 -13.34
CA ALA B 620 -12.70 22.96 -13.35
C ALA B 620 -13.16 22.45 -14.70
N GLY B 621 -13.64 23.32 -15.59
CA GLY B 621 -14.07 22.95 -16.92
C GLY B 621 -15.29 23.72 -17.32
N CYS B 622 -16.08 23.13 -18.20
CA CYS B 622 -17.29 23.75 -18.73
C CYS B 622 -18.51 23.25 -17.98
N LEU B 623 -19.26 24.16 -17.39
CA LEU B 623 -20.47 23.83 -16.68
C LEU B 623 -21.66 24.15 -17.56
N ILE B 624 -22.42 23.14 -17.93
CA ILE B 624 -23.54 23.29 -18.86
C ILE B 624 -24.83 22.90 -18.16
N GLY B 625 -25.76 23.84 -18.08
CA GLY B 625 -27.05 23.58 -17.52
C GLY B 625 -27.37 24.35 -16.26
N ALA B 626 -26.38 24.88 -15.58
CA ALA B 626 -26.60 25.65 -14.36
C ALA B 626 -26.47 27.14 -14.64
N GLU B 627 -27.20 27.94 -13.88
CA GLU B 627 -27.22 29.37 -14.08
C GLU B 627 -26.22 30.04 -13.16
N HIS B 628 -25.63 31.13 -13.64
CA HIS B 628 -24.63 31.85 -12.87
C HIS B 628 -25.30 32.92 -12.04
N VAL B 629 -25.25 32.77 -10.73
CA VAL B 629 -25.85 33.71 -9.80
C VAL B 629 -24.72 34.52 -9.18
N ASP B 630 -24.92 35.82 -9.07
CA ASP B 630 -23.89 36.78 -8.68
C ASP B 630 -23.84 37.03 -7.18
N THR B 631 -24.34 36.11 -6.36
CA THR B 631 -24.24 36.26 -4.91
C THR B 631 -23.44 35.12 -4.32
N SER B 632 -23.41 34.99 -3.00
CA SER B 632 -22.59 34.00 -2.34
C SER B 632 -23.33 33.36 -1.17
N TYR B 633 -23.35 32.03 -1.16
CA TYR B 633 -24.02 31.25 -0.14
C TYR B 633 -23.04 30.25 0.44
N GLU B 634 -23.54 29.41 1.33
CA GLU B 634 -22.79 28.25 1.80
C GLU B 634 -22.57 27.27 0.65
N CYS B 635 -21.45 26.56 0.66
CA CYS B 635 -21.20 25.57 -0.38
C CYS B 635 -22.05 24.33 -0.17
N ASP B 636 -22.85 24.00 -1.18
CA ASP B 636 -23.72 22.82 -1.13
C ASP B 636 -23.04 21.63 -1.82
N ILE B 637 -22.78 21.77 -3.12
CA ILE B 637 -22.13 20.75 -3.93
C ILE B 637 -20.86 21.37 -4.49
N PRO B 638 -19.68 20.91 -4.10
CA PRO B 638 -18.45 21.56 -4.56
C PRO B 638 -18.06 21.17 -5.97
N ILE B 639 -17.66 22.16 -6.74
CA ILE B 639 -17.16 21.96 -8.10
C ILE B 639 -15.67 22.22 -8.20
N GLY B 640 -15.22 23.38 -7.77
CA GLY B 640 -13.80 23.65 -7.70
C GLY B 640 -13.47 25.10 -7.97
N ALA B 641 -12.31 25.52 -7.46
CA ALA B 641 -11.76 26.85 -7.59
C ALA B 641 -12.70 27.93 -7.06
N GLY B 642 -13.35 27.62 -5.95
CA GLY B 642 -14.19 28.56 -5.26
C GLY B 642 -15.64 28.56 -5.67
N ILE B 643 -16.08 27.63 -6.50
CA ILE B 643 -17.39 27.65 -7.10
C ILE B 643 -18.16 26.41 -6.68
N CYS B 644 -19.36 26.60 -6.14
CA CYS B 644 -20.22 25.49 -5.75
C CYS B 644 -21.52 25.59 -6.52
N ALA B 645 -22.42 24.64 -6.26
CA ALA B 645 -23.71 24.62 -6.94
C ALA B 645 -24.78 24.08 -6.01
N SER B 646 -26.02 24.46 -6.27
CA SER B 646 -27.15 24.05 -5.44
C SER B 646 -28.43 24.21 -6.22
N TYR B 647 -29.55 23.96 -5.55
CA TYR B 647 -30.86 23.90 -6.19
C TYR B 647 -31.79 24.88 -5.49
N HIS B 648 -31.89 26.10 -6.03
CA HIS B 648 -32.54 27.20 -5.35
C HIS B 648 -33.66 27.78 -6.20
N THR B 649 -34.48 28.59 -5.54
CA THR B 649 -35.58 29.28 -6.20
C THR B 649 -35.05 30.52 -6.93
N VAL B 650 -35.33 30.60 -8.21
CA VAL B 650 -34.89 31.74 -9.02
C VAL B 650 -36.05 32.31 -9.83
N LYS B 659 -37.75 25.90 -9.00
CA LYS B 659 -36.35 25.82 -8.62
C LYS B 659 -35.47 25.42 -9.80
N SER B 660 -34.17 25.69 -9.71
CA SER B 660 -33.24 25.28 -10.75
C SER B 660 -31.85 25.14 -10.15
N ILE B 661 -30.96 24.52 -10.91
CA ILE B 661 -29.58 24.38 -10.44
C ILE B 661 -28.82 25.64 -10.76
N VAL B 662 -28.19 26.23 -9.76
CA VAL B 662 -27.47 27.48 -9.88
C VAL B 662 -26.02 27.28 -9.49
N ALA B 663 -25.15 28.14 -9.99
CA ALA B 663 -23.73 28.12 -9.68
C ALA B 663 -23.28 29.46 -9.15
N TYR B 664 -22.45 29.45 -8.12
CA TYR B 664 -22.09 30.67 -7.42
C TYR B 664 -20.76 30.49 -6.73
N THR B 665 -20.23 31.58 -6.21
CA THR B 665 -18.98 31.54 -5.46
C THR B 665 -19.26 31.42 -3.97
N MET B 666 -18.44 30.65 -3.26
CA MET B 666 -18.71 30.34 -1.86
C MET B 666 -18.59 31.55 -0.96
N SER B 667 -19.38 31.53 0.12
CA SER B 667 -19.17 32.42 1.24
C SER B 667 -18.40 31.67 2.32
N LEU B 668 -17.49 32.38 2.99
CA LEU B 668 -16.58 31.76 3.94
C LEU B 668 -17.16 31.67 5.34
N GLY B 669 -17.91 32.68 5.76
CA GLY B 669 -18.49 32.69 7.07
C GLY B 669 -19.18 34.01 7.29
N ALA B 670 -19.73 34.16 8.49
CA ALA B 670 -20.42 35.40 8.84
C ALA B 670 -19.43 36.56 8.91
N ASP B 671 -19.83 37.70 8.36
CA ASP B 671 -18.98 38.88 8.32
C ASP B 671 -19.23 39.67 9.59
N SER B 672 -18.26 39.67 10.50
CA SER B 672 -18.45 40.24 11.82
C SER B 672 -17.28 41.16 12.16
N SER B 673 -17.31 41.70 13.37
CA SER B 673 -16.29 42.67 13.78
C SER B 673 -16.23 42.71 15.30
N ILE B 674 -15.01 42.83 15.81
CA ILE B 674 -14.77 43.04 17.23
C ILE B 674 -14.13 44.40 17.38
N ALA B 675 -14.82 45.30 18.06
CA ALA B 675 -14.22 46.57 18.41
C ALA B 675 -13.08 46.36 19.39
N TYR B 676 -11.96 47.02 19.13
CA TYR B 676 -10.84 46.96 20.05
C TYR B 676 -10.88 48.19 20.93
N SER B 677 -10.76 47.98 22.23
CA SER B 677 -10.67 49.08 23.18
C SER B 677 -9.69 48.67 24.26
N ASN B 678 -8.95 49.65 24.76
CA ASN B 678 -7.92 49.34 25.73
C ASN B 678 -8.44 49.24 27.16
N ASN B 679 -9.74 49.44 27.38
CA ASN B 679 -10.22 49.38 28.75
C ASN B 679 -11.59 48.74 28.88
N THR B 680 -12.02 47.94 27.92
CA THR B 680 -13.35 47.36 27.97
C THR B 680 -13.22 45.86 27.82
N ILE B 681 -13.90 45.12 28.68
CA ILE B 681 -13.87 43.67 28.70
C ILE B 681 -15.31 43.19 28.63
N ALA B 682 -15.54 42.07 27.98
CA ALA B 682 -16.86 41.46 27.96
C ALA B 682 -16.84 40.22 28.82
N ILE B 683 -17.85 40.06 29.66
CA ILE B 683 -17.95 38.96 30.60
C ILE B 683 -19.34 38.35 30.48
N PRO B 684 -19.47 37.04 30.37
CA PRO B 684 -20.79 36.42 30.28
C PRO B 684 -21.51 36.35 31.61
N THR B 685 -22.84 36.28 31.55
CA THR B 685 -23.71 36.50 32.70
C THR B 685 -24.69 35.33 32.86
N ASN B 686 -24.63 34.36 31.98
CA ASN B 686 -25.52 33.19 32.05
C ASN B 686 -24.79 32.07 31.32
N PHE B 687 -25.40 30.89 31.25
CA PHE B 687 -24.72 29.78 30.58
C PHE B 687 -25.73 28.75 30.11
N SER B 688 -25.22 27.76 29.38
CA SER B 688 -26.04 26.68 28.87
C SER B 688 -25.26 25.38 28.86
N ILE B 689 -26.00 24.27 28.93
CA ILE B 689 -25.43 22.93 28.88
C ILE B 689 -25.81 22.31 27.54
N SER B 690 -24.82 21.80 26.82
CA SER B 690 -25.01 21.36 25.45
C SER B 690 -24.38 19.99 25.28
N ILE B 691 -25.06 19.11 24.56
CA ILE B 691 -24.57 17.76 24.34
C ILE B 691 -24.37 17.57 22.84
N THR B 692 -23.16 17.15 22.46
CA THR B 692 -22.75 17.03 21.07
C THR B 692 -22.18 15.63 20.85
N THR B 693 -22.50 15.00 19.72
CA THR B 693 -22.04 13.66 19.43
C THR B 693 -20.85 13.62 18.49
N GLU B 694 -20.02 12.61 18.66
CA GLU B 694 -18.89 12.35 17.79
C GLU B 694 -18.85 10.87 17.45
N VAL B 695 -18.71 10.55 16.17
CA VAL B 695 -18.91 9.20 15.66
C VAL B 695 -17.58 8.71 15.12
N MET B 696 -17.08 7.59 15.65
CA MET B 696 -15.75 7.16 15.28
C MET B 696 -15.72 5.67 14.98
N PRO B 697 -15.32 5.27 13.78
CA PRO B 697 -15.23 3.85 13.47
C PRO B 697 -14.00 3.22 14.08
N VAL B 698 -14.13 1.98 14.56
CA VAL B 698 -12.99 1.38 15.24
C VAL B 698 -12.57 0.07 14.58
N SER B 699 -13.44 -0.53 13.77
CA SER B 699 -13.10 -1.84 13.23
C SER B 699 -13.69 -2.01 11.85
N MET B 700 -13.22 -3.04 11.17
CA MET B 700 -13.50 -3.27 9.76
C MET B 700 -13.98 -4.70 9.62
N ALA B 701 -14.82 -4.96 8.61
CA ALA B 701 -15.23 -6.33 8.36
C ALA B 701 -14.04 -7.17 7.92
N LYS B 702 -13.92 -8.36 8.48
CA LYS B 702 -12.76 -9.20 8.26
C LYS B 702 -13.13 -10.41 7.44
N THR B 703 -12.31 -10.69 6.44
CA THR B 703 -12.66 -11.59 5.35
C THR B 703 -11.60 -12.67 5.21
N SER B 704 -11.92 -13.65 4.40
CA SER B 704 -10.97 -14.69 4.04
C SER B 704 -11.29 -15.17 2.65
N VAL B 705 -10.26 -15.61 1.94
CA VAL B 705 -10.37 -16.05 0.55
C VAL B 705 -9.72 -17.42 0.43
N ASP B 706 -10.42 -18.34 -0.21
CA ASP B 706 -9.84 -19.62 -0.61
C ASP B 706 -9.38 -19.45 -2.05
N CYS B 707 -8.09 -19.68 -2.31
CA CYS B 707 -7.57 -19.50 -3.66
C CYS B 707 -8.18 -20.48 -4.64
N ASN B 708 -8.26 -21.74 -4.26
CA ASN B 708 -8.66 -22.77 -5.19
C ASN B 708 -10.12 -22.65 -5.58
N MET B 709 -10.95 -22.12 -4.69
CA MET B 709 -12.30 -21.81 -5.13
C MET B 709 -12.31 -20.55 -5.99
N TYR B 710 -11.43 -19.60 -5.72
CA TYR B 710 -11.45 -18.38 -6.49
C TYR B 710 -10.78 -18.57 -7.83
N ILE B 711 -9.54 -19.04 -7.83
CA ILE B 711 -8.75 -19.00 -9.05
C ILE B 711 -9.23 -20.07 -10.02
N CYS B 712 -9.47 -21.27 -9.53
CA CYS B 712 -9.85 -22.40 -10.36
C CYS B 712 -11.34 -22.68 -10.37
N GLY B 713 -11.95 -22.85 -9.21
CA GLY B 713 -13.36 -23.19 -9.19
C GLY B 713 -13.53 -24.64 -9.56
N ASP B 714 -12.85 -25.50 -8.81
CA ASP B 714 -12.94 -26.97 -8.88
C ASP B 714 -12.45 -27.53 -10.20
N SER B 715 -11.43 -26.95 -10.80
CA SER B 715 -10.83 -27.49 -12.01
C SER B 715 -9.47 -28.09 -11.66
N THR B 716 -9.26 -29.35 -12.07
CA THR B 716 -8.10 -30.08 -11.62
C THR B 716 -6.85 -29.68 -12.39
N GLU B 717 -7.01 -29.41 -13.70
CA GLU B 717 -5.90 -28.96 -14.50
C GLU B 717 -5.44 -27.57 -14.05
N CYS B 718 -6.38 -26.73 -13.62
CA CYS B 718 -6.04 -25.45 -13.05
C CYS B 718 -5.28 -25.61 -11.74
N ALA B 719 -5.68 -26.59 -10.92
CA ALA B 719 -5.08 -26.77 -9.61
C ALA B 719 -3.62 -27.20 -9.72
N ASN B 720 -3.30 -27.95 -10.78
CA ASN B 720 -1.92 -28.41 -10.95
C ASN B 720 -1.02 -27.26 -11.38
N LEU B 721 -1.53 -26.34 -12.19
CA LEU B 721 -0.68 -25.25 -12.66
C LEU B 721 -0.44 -24.20 -11.58
N LEU B 722 -1.25 -24.19 -10.53
CA LEU B 722 -1.02 -23.26 -9.43
C LEU B 722 0.25 -23.57 -8.66
N LEU B 723 0.71 -24.82 -8.68
CA LEU B 723 1.90 -25.17 -7.94
C LEU B 723 3.16 -24.57 -8.55
N GLN B 724 3.13 -24.22 -9.83
CA GLN B 724 4.29 -23.62 -10.48
C GLN B 724 4.55 -22.20 -10.03
N TYR B 725 3.62 -21.60 -9.30
CA TYR B 725 3.75 -20.24 -8.81
C TYR B 725 4.27 -20.21 -7.38
N GLY B 726 4.42 -21.35 -6.76
CA GLY B 726 4.91 -21.38 -5.41
C GLY B 726 3.77 -21.32 -4.42
N SER B 727 4.09 -20.88 -3.22
CA SER B 727 3.09 -20.78 -2.17
C SER B 727 2.55 -19.36 -2.08
N PHE B 728 1.95 -18.90 -3.19
CA PHE B 728 1.23 -17.63 -3.17
C PHE B 728 0.04 -17.66 -2.25
N CYS B 729 -0.63 -18.80 -2.12
CA CYS B 729 -1.84 -18.82 -1.32
C CYS B 729 -1.54 -18.87 0.16
N THR B 730 -0.33 -19.27 0.53
CA THR B 730 0.06 -19.18 1.92
C THR B 730 0.30 -17.73 2.33
N GLN B 731 0.91 -16.93 1.44
CA GLN B 731 1.15 -15.55 1.82
C GLN B 731 -0.11 -14.70 1.68
N LEU B 732 -1.07 -15.12 0.86
CA LEU B 732 -2.30 -14.37 0.80
C LEU B 732 -3.18 -14.70 1.99
N ASN B 733 -3.09 -15.91 2.50
CA ASN B 733 -3.80 -16.26 3.71
C ASN B 733 -3.16 -15.65 4.94
N ARG B 734 -1.84 -15.49 4.93
CA ARG B 734 -1.16 -14.87 6.06
C ARG B 734 -1.51 -13.40 6.17
N ALA B 735 -1.51 -12.69 5.06
CA ALA B 735 -1.77 -11.26 5.09
C ALA B 735 -3.21 -10.97 5.46
N LEU B 736 -4.15 -11.79 5.02
CA LEU B 736 -5.54 -11.54 5.37
C LEU B 736 -5.85 -11.95 6.80
N SER B 737 -5.11 -12.91 7.35
CA SER B 737 -5.40 -13.32 8.71
C SER B 737 -4.75 -12.37 9.70
N GLY B 738 -3.65 -11.73 9.28
CA GLY B 738 -3.06 -10.70 10.10
C GLY B 738 -3.93 -9.47 10.22
N ILE B 739 -4.67 -9.15 9.16
CA ILE B 739 -5.60 -8.04 9.21
C ILE B 739 -6.76 -8.36 10.12
N ALA B 740 -7.20 -9.61 10.12
CA ALA B 740 -8.35 -10.02 10.93
C ALA B 740 -8.04 -9.98 12.41
N ALA B 741 -6.81 -10.30 12.79
CA ALA B 741 -6.47 -10.27 14.20
C ALA B 741 -6.31 -8.85 14.71
N GLU B 742 -5.86 -7.93 13.84
CA GLU B 742 -5.79 -6.52 14.23
C GLU B 742 -7.17 -5.93 14.45
N GLN B 743 -8.18 -6.45 13.76
CA GLN B 743 -9.53 -5.95 13.93
C GLN B 743 -10.10 -6.31 15.28
N ASP B 744 -9.67 -7.43 15.86
CA ASP B 744 -10.06 -7.76 17.21
C ASP B 744 -9.28 -6.98 18.24
N ARG B 745 -8.01 -6.68 17.97
CA ARG B 745 -7.22 -5.87 18.87
C ARG B 745 -7.73 -4.44 18.93
N ASN B 746 -8.24 -3.92 17.81
CA ASN B 746 -8.78 -2.57 17.79
C ASN B 746 -10.00 -2.44 18.67
N THR B 747 -10.81 -3.49 18.75
CA THR B 747 -12.06 -3.40 19.49
C THR B 747 -11.80 -3.56 20.98
N ARG B 748 -10.81 -4.38 21.36
CA ARG B 748 -10.50 -4.53 22.77
C ARG B 748 -9.92 -3.27 23.36
N GLU B 749 -9.09 -2.56 22.61
CA GLU B 749 -8.41 -1.40 23.16
C GLU B 749 -9.35 -0.23 23.41
N VAL B 750 -10.45 -0.14 22.68
CA VAL B 750 -11.39 0.92 22.92
C VAL B 750 -12.23 0.62 24.12
N PHE B 751 -12.99 -0.46 24.08
CA PHE B 751 -14.03 -0.73 25.05
C PHE B 751 -13.51 -1.38 26.32
N ALA B 752 -12.62 -2.36 26.21
CA ALA B 752 -12.21 -3.12 27.39
C ALA B 752 -11.08 -2.38 28.12
N GLN B 753 -11.42 -1.23 28.66
CA GLN B 753 -10.46 -0.45 29.43
C GLN B 753 -10.71 -0.50 30.92
N VAL B 754 -11.76 -1.18 31.36
CA VAL B 754 -12.09 -1.27 32.77
C VAL B 754 -12.06 -2.72 33.19
N LYS B 755 -11.62 -2.96 34.42
CA LYS B 755 -11.45 -4.31 34.90
C LYS B 755 -12.68 -4.86 35.59
N GLN B 756 -13.58 -4.01 36.05
CA GLN B 756 -14.74 -4.47 36.78
C GLN B 756 -16.01 -4.05 36.06
N MET B 757 -16.97 -4.94 36.03
CA MET B 757 -18.22 -4.72 35.33
C MET B 757 -19.24 -4.29 36.38
N TYR B 758 -19.59 -3.02 36.38
CA TYR B 758 -20.46 -2.48 37.40
C TYR B 758 -21.91 -2.72 37.04
N LYS B 759 -22.67 -3.19 38.01
CA LYS B 759 -24.07 -3.48 37.77
C LYS B 759 -24.84 -2.19 37.57
N THR B 760 -25.77 -2.22 36.62
CA THR B 760 -26.57 -1.04 36.32
C THR B 760 -27.45 -0.73 37.52
N PRO B 761 -27.44 0.50 38.01
CA PRO B 761 -28.24 0.82 39.19
C PRO B 761 -29.71 0.89 38.83
N THR B 762 -30.54 0.66 39.85
CA THR B 762 -31.98 0.71 39.63
C THR B 762 -32.50 2.12 39.74
N LEU B 763 -31.85 2.96 40.52
CA LEU B 763 -32.13 4.38 40.53
C LEU B 763 -31.38 4.99 39.35
N LYS B 764 -32.12 5.54 38.40
CA LYS B 764 -31.51 6.15 37.24
C LYS B 764 -31.75 7.64 37.16
N TYR B 765 -32.31 8.23 38.21
CA TYR B 765 -32.61 9.65 38.28
C TYR B 765 -31.72 10.24 39.38
N PHE B 766 -30.49 10.60 39.00
CA PHE B 766 -29.46 10.95 39.97
C PHE B 766 -29.48 12.44 40.27
N GLY B 767 -30.41 12.83 41.13
CA GLY B 767 -30.48 14.22 41.53
C GLY B 767 -30.99 15.15 40.46
N GLY B 768 -31.99 14.75 39.71
CA GLY B 768 -32.54 15.57 38.65
C GLY B 768 -32.03 15.24 37.27
N PHE B 769 -30.89 14.58 37.17
CA PHE B 769 -30.31 14.22 35.89
C PHE B 769 -30.85 12.85 35.51
N ASN B 770 -31.57 12.77 34.40
CA ASN B 770 -32.32 11.57 34.03
C ASN B 770 -31.50 10.75 33.03
N PHE B 771 -31.02 9.58 33.46
CA PHE B 771 -30.14 8.74 32.65
C PHE B 771 -30.82 7.54 32.05
N SER B 772 -32.15 7.54 31.89
CA SER B 772 -32.83 6.33 31.48
C SER B 772 -32.66 6.02 30.01
N GLN B 773 -32.18 6.96 29.21
CA GLN B 773 -31.98 6.71 27.80
C GLN B 773 -30.54 6.43 27.47
N ILE B 774 -29.68 6.31 28.47
CA ILE B 774 -28.27 6.07 28.28
C ILE B 774 -27.86 4.73 28.88
N LEU B 775 -28.49 4.34 29.96
CA LEU B 775 -28.36 3.04 30.59
C LEU B 775 -29.39 2.07 30.00
N PRO B 776 -29.13 0.76 30.05
CA PRO B 776 -30.10 -0.19 29.51
C PRO B 776 -31.31 -0.37 30.42
N ASP B 777 -32.47 -0.51 29.81
CA ASP B 777 -33.68 -0.74 30.59
C ASP B 777 -33.91 -2.23 30.71
N PRO B 778 -33.91 -2.79 31.93
CA PRO B 778 -34.08 -4.25 32.07
C PRO B 778 -35.49 -4.73 31.81
N LEU B 779 -36.47 -3.84 31.68
CA LEU B 779 -37.83 -4.28 31.41
C LEU B 779 -38.01 -4.74 29.97
N LYS B 780 -37.24 -4.19 29.05
CA LYS B 780 -37.33 -4.53 27.64
C LYS B 780 -36.14 -5.39 27.23
N PRO B 781 -36.36 -6.57 26.65
CA PRO B 781 -35.26 -7.54 26.51
C PRO B 781 -34.34 -7.26 25.33
N THR B 782 -33.67 -6.13 25.33
CA THR B 782 -32.74 -5.81 24.26
C THR B 782 -31.31 -5.67 24.74
N LYS B 783 -31.13 -5.44 26.05
CA LYS B 783 -29.84 -5.28 26.71
C LYS B 783 -29.02 -4.12 26.14
N ARG B 784 -29.73 -3.13 25.60
CA ARG B 784 -29.17 -1.95 24.98
C ARG B 784 -29.93 -0.74 25.48
N SER B 785 -29.29 0.42 25.43
CA SER B 785 -30.00 1.61 25.81
C SER B 785 -30.94 2.03 24.69
N PHE B 786 -31.70 3.08 24.95
CA PHE B 786 -32.63 3.54 23.93
C PHE B 786 -31.93 4.32 22.84
N ILE B 787 -30.75 4.87 23.12
CA ILE B 787 -30.01 5.54 22.07
C ILE B 787 -29.27 4.53 21.21
N GLU B 788 -28.83 3.41 21.80
CA GLU B 788 -28.16 2.39 21.00
C GLU B 788 -29.12 1.69 20.06
N ASP B 789 -30.39 1.56 20.45
CA ASP B 789 -31.38 1.02 19.54
C ASP B 789 -31.57 1.91 18.33
N LEU B 790 -31.43 3.22 18.50
CA LEU B 790 -31.51 4.11 17.36
C LEU B 790 -30.23 4.07 16.53
N LEU B 791 -29.08 3.89 17.17
CA LEU B 791 -27.82 3.85 16.42
C LEU B 791 -27.70 2.57 15.62
N PHE B 792 -28.19 1.45 16.13
CA PHE B 792 -28.15 0.16 15.45
C PHE B 792 -29.16 0.04 14.33
N ASN B 793 -29.99 1.07 14.09
CA ASN B 793 -30.96 1.03 13.01
C ASN B 793 -30.74 2.10 11.97
N LYS B 794 -29.64 2.85 12.04
CA LYS B 794 -29.33 3.86 11.03
C LYS B 794 -28.12 3.51 10.20
N VAL B 795 -27.23 2.64 10.69
CA VAL B 795 -26.09 2.25 9.88
C VAL B 795 -26.51 1.20 8.87
N THR B 796 -27.43 0.32 9.27
CA THR B 796 -28.01 -0.73 8.44
C THR B 796 -28.52 -0.28 7.07
N GLN B 805 -23.78 -12.59 -1.81
CA GLN B 805 -22.61 -12.07 -2.49
C GLN B 805 -21.34 -12.76 -1.98
N TYR B 806 -21.30 -12.99 -0.67
CA TYR B 806 -20.17 -13.65 -0.03
C TYR B 806 -20.68 -14.66 0.97
N GLY B 807 -19.82 -15.62 1.31
CA GLY B 807 -20.22 -16.65 2.27
C GLY B 807 -20.27 -16.10 3.69
N GLU B 808 -21.27 -16.53 4.43
CA GLU B 808 -21.51 -15.99 5.76
C GLU B 808 -22.43 -16.94 6.52
N CYS B 809 -22.19 -17.11 7.82
CA CYS B 809 -23.03 -17.97 8.63
C CYS B 809 -23.86 -17.12 9.58
N LEU B 810 -25.16 -17.03 9.32
CA LEU B 810 -26.05 -16.13 10.05
C LEU B 810 -26.88 -16.88 11.08
N GLY B 811 -27.19 -16.20 12.18
CA GLY B 811 -28.05 -16.75 13.19
C GLY B 811 -27.51 -16.47 14.56
N ASP B 812 -27.86 -17.36 15.49
CA ASP B 812 -27.63 -17.19 16.92
C ASP B 812 -27.43 -18.57 17.52
N ILE B 813 -26.76 -18.59 18.67
CA ILE B 813 -26.65 -19.81 19.46
C ILE B 813 -27.20 -19.56 20.86
N LEU B 818 -28.58 -21.69 13.22
CA LEU B 818 -27.57 -21.14 12.35
C LEU B 818 -27.73 -21.61 10.92
N ILE B 819 -27.46 -20.73 9.96
CA ILE B 819 -27.50 -21.09 8.55
C ILE B 819 -26.14 -20.72 7.97
N CYS B 820 -25.26 -21.71 7.82
CA CYS B 820 -23.94 -21.49 7.25
C CYS B 820 -24.04 -21.77 5.75
N ALA B 821 -24.16 -20.71 4.96
CA ALA B 821 -24.29 -20.81 3.52
C ALA B 821 -22.99 -20.41 2.85
N GLN B 822 -22.66 -21.08 1.75
CA GLN B 822 -21.43 -20.81 1.04
C GLN B 822 -21.70 -20.50 -0.42
N LYS B 823 -20.78 -19.78 -1.04
CA LYS B 823 -20.95 -19.32 -2.40
C LYS B 823 -19.88 -19.95 -3.27
N PHE B 824 -20.05 -19.84 -4.58
CA PHE B 824 -19.16 -20.53 -5.49
C PHE B 824 -17.85 -19.81 -5.70
N ASN B 825 -17.75 -18.56 -5.28
CA ASN B 825 -16.45 -17.93 -5.19
C ASN B 825 -15.82 -18.34 -3.87
N GLY B 826 -14.61 -17.89 -3.62
CA GLY B 826 -13.97 -18.38 -2.43
C GLY B 826 -14.12 -17.45 -1.26
N LEU B 827 -15.06 -16.53 -1.33
CA LEU B 827 -15.06 -15.36 -0.48
C LEU B 827 -15.98 -15.56 0.71
N THR B 828 -15.48 -15.22 1.89
CA THR B 828 -16.24 -15.41 3.12
C THR B 828 -15.89 -14.35 4.14
N VAL B 829 -16.82 -14.10 5.05
CA VAL B 829 -16.67 -13.10 6.10
C VAL B 829 -16.79 -13.79 7.45
N LEU B 830 -15.85 -13.60 8.25
CA LEU B 830 -15.64 -14.19 9.55
C LEU B 830 -16.36 -13.39 10.63
N PRO B 831 -16.80 -14.05 11.71
CA PRO B 831 -17.42 -13.32 12.79
C PRO B 831 -16.38 -12.77 13.75
N PRO B 832 -16.67 -11.66 14.42
CA PRO B 832 -15.70 -11.09 15.35
C PRO B 832 -15.69 -11.79 16.69
N LEU B 833 -14.68 -11.48 17.49
CA LEU B 833 -14.51 -12.14 18.78
C LEU B 833 -15.56 -11.67 19.78
N LEU B 834 -15.71 -10.37 19.94
CA LEU B 834 -16.69 -9.82 20.84
C LEU B 834 -17.99 -9.60 20.10
N THR B 835 -19.05 -10.27 20.53
CA THR B 835 -20.36 -10.06 19.94
C THR B 835 -20.93 -8.70 20.34
N ASP B 836 -22.07 -8.34 19.76
CA ASP B 836 -22.70 -7.06 20.06
C ASP B 836 -23.19 -6.99 21.49
N ASP B 837 -23.54 -8.13 22.06
CA ASP B 837 -24.08 -8.13 23.41
C ASP B 837 -22.98 -7.94 24.44
N MET B 838 -21.77 -8.31 24.10
CA MET B 838 -20.65 -8.04 24.98
C MET B 838 -20.22 -6.58 24.90
N ILE B 839 -20.35 -5.96 23.72
CA ILE B 839 -20.01 -4.55 23.58
C ILE B 839 -20.97 -3.69 24.38
N ALA B 840 -22.24 -4.04 24.38
CA ALA B 840 -23.22 -3.24 25.10
C ALA B 840 -23.09 -3.44 26.61
N ALA B 841 -22.44 -4.51 27.05
CA ALA B 841 -22.20 -4.66 28.48
C ALA B 841 -21.00 -3.87 28.95
N TYR B 842 -20.01 -3.67 28.07
CA TYR B 842 -18.89 -2.81 28.42
C TYR B 842 -19.30 -1.35 28.41
N THR B 843 -20.22 -0.96 27.55
CA THR B 843 -20.68 0.42 27.49
C THR B 843 -21.55 0.76 28.69
N ALA B 844 -22.37 -0.18 29.15
CA ALA B 844 -23.21 0.09 30.31
C ALA B 844 -22.42 0.11 31.60
N ALA B 845 -21.23 -0.49 31.61
CA ALA B 845 -20.36 -0.39 32.78
C ALA B 845 -19.60 0.92 32.79
N LEU B 846 -19.33 1.49 31.62
CA LEU B 846 -18.66 2.79 31.58
C LEU B 846 -19.62 3.92 31.92
N VAL B 847 -20.89 3.78 31.61
CA VAL B 847 -21.84 4.82 31.93
C VAL B 847 -22.18 4.80 33.40
N SER B 848 -22.47 3.62 33.95
CA SER B 848 -22.86 3.55 35.35
C SER B 848 -21.66 3.72 36.27
N GLY B 849 -20.46 3.52 35.77
CA GLY B 849 -19.30 3.87 36.56
C GLY B 849 -19.09 5.37 36.64
N THR B 850 -19.34 6.07 35.54
CA THR B 850 -19.20 7.53 35.52
C THR B 850 -20.26 8.18 36.38
N ALA B 851 -21.45 7.60 36.41
CA ALA B 851 -22.57 8.20 37.13
C ALA B 851 -22.40 8.07 38.65
N THR B 852 -21.58 7.13 39.10
CA THR B 852 -21.43 6.89 40.52
C THR B 852 -20.01 7.02 41.06
N ALA B 853 -18.98 7.05 40.22
CA ALA B 853 -17.61 7.11 40.72
C ALA B 853 -16.72 8.15 40.06
N GLY B 854 -16.90 8.42 38.77
CA GLY B 854 -16.16 9.48 38.09
C GLY B 854 -14.77 9.19 37.57
N TRP B 855 -13.80 10.02 37.97
CA TRP B 855 -12.41 9.85 37.58
C TRP B 855 -11.87 8.51 38.07
N THR B 856 -12.09 8.21 39.34
CA THR B 856 -11.45 7.10 40.03
C THR B 856 -11.90 5.74 39.51
N PHE B 857 -12.93 5.75 38.68
CA PHE B 857 -13.37 4.59 37.93
C PHE B 857 -12.27 4.03 37.02
N GLY B 858 -11.45 4.91 36.44
CA GLY B 858 -10.45 4.44 35.49
C GLY B 858 -9.01 4.50 35.96
N ALA B 859 -8.67 5.50 36.76
CA ALA B 859 -7.30 5.66 37.20
C ALA B 859 -7.04 5.05 38.57
N GLY B 860 -7.82 4.05 38.97
CA GLY B 860 -7.64 3.39 40.25
C GLY B 860 -8.86 2.65 40.73
N ALA B 861 -8.98 2.47 42.04
CA ALA B 861 -10.16 1.84 42.62
C ALA B 861 -11.30 2.85 42.66
N ALA B 862 -12.50 2.43 42.27
CA ALA B 862 -13.61 3.37 42.16
C ALA B 862 -14.08 3.85 43.53
N LEU B 863 -14.19 5.16 43.66
CA LEU B 863 -14.62 5.80 44.88
C LEU B 863 -16.07 6.22 44.72
N GLN B 864 -16.90 5.91 45.69
CA GLN B 864 -18.28 6.38 45.70
C GLN B 864 -18.31 7.90 45.87
N ILE B 865 -19.14 8.59 45.10
CA ILE B 865 -19.38 10.01 45.33
C ILE B 865 -20.80 10.31 44.90
N PRO B 866 -21.54 11.19 45.58
CA PRO B 866 -22.86 11.59 45.08
C PRO B 866 -22.72 12.35 43.79
N PHE B 867 -23.78 12.32 42.97
CA PHE B 867 -23.63 12.77 41.60
C PHE B 867 -23.48 14.28 41.53
N ALA B 868 -24.21 15.01 42.36
CA ALA B 868 -24.12 16.46 42.31
C ALA B 868 -22.80 16.95 42.85
N MET B 869 -22.20 16.22 43.78
CA MET B 869 -20.89 16.62 44.25
C MET B 869 -19.83 16.28 43.21
N GLN B 870 -20.14 15.37 42.31
CA GLN B 870 -19.25 15.10 41.19
C GLN B 870 -19.34 16.20 40.14
N MET B 871 -20.54 16.68 39.86
CA MET B 871 -20.69 17.80 38.93
C MET B 871 -20.09 19.07 39.49
N ALA B 872 -20.06 19.22 40.81
CA ALA B 872 -19.49 20.43 41.39
C ALA B 872 -18.01 20.48 41.20
N TYR B 873 -17.36 19.33 41.18
CA TYR B 873 -15.92 19.27 40.99
C TYR B 873 -15.55 19.57 39.55
N ARG B 874 -16.38 19.11 38.62
CA ARG B 874 -16.07 19.32 37.21
C ARG B 874 -16.38 20.74 36.79
N PHE B 875 -17.33 21.39 37.45
CA PHE B 875 -17.50 22.83 37.27
C PHE B 875 -16.31 23.59 37.82
N ASN B 876 -15.76 23.12 38.93
CA ASN B 876 -14.59 23.75 39.51
C ASN B 876 -13.39 23.61 38.58
N GLY B 877 -13.35 22.54 37.82
CA GLY B 877 -12.23 22.27 36.94
C GLY B 877 -12.19 23.11 35.68
N ILE B 878 -13.28 23.79 35.35
CA ILE B 878 -13.31 24.63 34.16
C ILE B 878 -13.27 26.11 34.53
N GLY B 879 -13.02 26.44 35.79
CA GLY B 879 -12.87 27.80 36.20
C GLY B 879 -14.12 28.47 36.69
N VAL B 880 -15.12 27.71 37.13
CA VAL B 880 -16.38 28.25 37.61
C VAL B 880 -16.61 27.67 39.00
N THR B 881 -16.78 28.52 40.00
CA THR B 881 -16.74 28.05 41.37
C THR B 881 -18.00 27.25 41.74
N GLN B 882 -17.91 26.53 42.87
CA GLN B 882 -18.82 25.43 43.14
C GLN B 882 -20.23 25.87 43.44
N ASN B 883 -20.42 27.08 43.94
CA ASN B 883 -21.77 27.52 44.27
C ASN B 883 -22.65 27.73 43.04
N VAL B 884 -22.04 27.92 41.87
CA VAL B 884 -22.79 28.09 40.63
C VAL B 884 -23.57 26.84 40.32
N LEU B 885 -23.02 25.68 40.66
CA LEU B 885 -23.77 24.44 40.50
C LEU B 885 -24.93 24.38 41.47
N TYR B 886 -24.66 24.51 42.78
CA TYR B 886 -25.65 24.16 43.79
C TYR B 886 -26.79 25.15 43.84
N GLU B 887 -26.53 26.40 43.52
CA GLU B 887 -27.59 27.39 43.44
C GLU B 887 -28.39 27.29 42.16
N ASN B 888 -27.96 26.45 41.21
CA ASN B 888 -28.64 26.36 39.94
C ASN B 888 -28.78 24.92 39.48
N GLN B 889 -29.03 23.99 40.41
CA GLN B 889 -29.22 22.61 39.99
C GLN B 889 -30.48 22.43 39.19
N LYS B 890 -31.50 23.23 39.44
CA LYS B 890 -32.74 23.07 38.71
C LYS B 890 -32.59 23.47 37.26
N GLN B 891 -31.83 24.53 36.99
CA GLN B 891 -31.55 24.93 35.62
C GLN B 891 -30.67 23.90 34.93
N ILE B 892 -29.64 23.42 35.61
CA ILE B 892 -28.66 22.57 34.95
C ILE B 892 -29.22 21.17 34.72
N ALA B 893 -30.05 20.69 35.64
CA ALA B 893 -30.69 19.40 35.40
C ALA B 893 -31.69 19.48 34.26
N ASN B 894 -32.35 20.62 34.09
CA ASN B 894 -33.32 20.71 33.01
C ASN B 894 -32.64 20.89 31.66
N GLN B 895 -31.55 21.65 31.61
CA GLN B 895 -30.82 21.81 30.35
C GLN B 895 -30.14 20.51 29.95
N PHE B 896 -29.76 19.71 30.93
CA PHE B 896 -29.19 18.40 30.63
C PHE B 896 -30.25 17.46 30.07
N ASN B 897 -31.44 17.46 30.66
CA ASN B 897 -32.45 16.49 30.24
C ASN B 897 -33.02 16.84 28.88
N LYS B 898 -33.10 18.13 28.54
CA LYS B 898 -33.59 18.49 27.23
C LYS B 898 -32.56 18.23 26.14
N ALA B 899 -31.28 18.31 26.49
CA ALA B 899 -30.25 18.12 25.47
C ALA B 899 -30.09 16.66 25.09
N ILE B 900 -30.42 15.74 26.01
CA ILE B 900 -30.47 14.33 25.63
C ILE B 900 -31.65 14.08 24.71
N SER B 901 -32.79 14.70 24.98
CA SER B 901 -33.98 14.45 24.17
C SER B 901 -33.86 15.03 22.78
N GLN B 902 -33.03 16.07 22.60
CA GLN B 902 -32.84 16.59 21.25
C GLN B 902 -31.94 15.69 20.43
N ILE B 903 -31.03 14.97 21.07
CA ILE B 903 -30.21 14.00 20.36
C ILE B 903 -31.04 12.80 19.94
N GLN B 904 -31.91 12.35 20.83
CA GLN B 904 -32.78 11.22 20.53
C GLN B 904 -33.72 11.53 19.38
N GLU B 905 -34.16 12.79 19.28
CA GLU B 905 -34.99 13.19 18.15
C GLU B 905 -34.21 13.16 16.84
N SER B 906 -32.95 13.61 16.85
CA SER B 906 -32.15 13.62 15.63
C SER B 906 -31.85 12.21 15.15
N LEU B 907 -31.76 11.26 16.07
CA LEU B 907 -31.49 9.89 15.68
C LEU B 907 -32.75 9.10 15.32
N THR B 908 -33.92 9.73 15.33
CA THR B 908 -35.12 9.15 14.73
C THR B 908 -35.60 9.92 13.52
N THR B 909 -35.40 11.23 13.50
CA THR B 909 -35.94 12.05 12.44
C THR B 909 -35.06 12.01 11.20
N THR B 910 -33.75 12.20 11.36
CA THR B 910 -32.93 12.48 10.20
C THR B 910 -31.78 11.47 10.12
N SER B 911 -30.87 11.73 9.19
CA SER B 911 -29.86 10.77 8.78
C SER B 911 -28.52 11.50 8.70
N THR B 912 -27.52 10.80 8.13
CA THR B 912 -26.17 11.28 7.79
C THR B 912 -25.32 11.66 8.99
N ALA B 913 -25.81 11.45 10.22
CA ALA B 913 -24.97 11.66 11.38
C ALA B 913 -23.97 10.53 11.54
N LEU B 914 -24.34 9.33 11.11
CA LEU B 914 -23.49 8.15 11.16
C LEU B 914 -22.90 7.84 9.80
N GLY B 915 -22.55 8.86 9.04
CA GLY B 915 -22.03 8.64 7.70
C GLY B 915 -20.66 8.01 7.69
N LYS B 916 -19.87 8.23 8.74
CA LYS B 916 -18.54 7.62 8.80
C LYS B 916 -18.61 6.13 9.06
N LEU B 917 -19.65 5.66 9.73
CA LEU B 917 -19.80 4.23 9.93
C LEU B 917 -20.32 3.56 8.67
N GLN B 918 -21.16 4.26 7.93
CA GLN B 918 -21.68 3.72 6.68
C GLN B 918 -20.59 3.63 5.63
N ASP B 919 -19.61 4.53 5.69
CA ASP B 919 -18.53 4.52 4.71
C ASP B 919 -17.63 3.32 4.89
N VAL B 920 -17.44 2.87 6.13
CA VAL B 920 -16.68 1.66 6.41
C VAL B 920 -17.37 0.46 5.80
N VAL B 921 -18.70 0.44 5.86
CA VAL B 921 -19.46 -0.67 5.31
C VAL B 921 -19.40 -0.64 3.79
N ASN B 922 -19.53 0.54 3.20
CA ASN B 922 -19.65 0.63 1.75
C ASN B 922 -18.33 0.38 1.04
N GLN B 923 -17.20 0.74 1.67
CA GLN B 923 -15.91 0.47 1.06
C GLN B 923 -15.59 -1.02 1.05
N ASN B 924 -16.11 -1.77 2.02
CA ASN B 924 -15.89 -3.20 2.03
C ASN B 924 -16.76 -3.89 1.00
N ALA B 925 -17.90 -3.29 0.66
CA ALA B 925 -18.75 -3.88 -0.35
C ALA B 925 -18.18 -3.67 -1.74
N GLN B 926 -17.60 -2.50 -2.00
CA GLN B 926 -17.03 -2.24 -3.32
C GLN B 926 -15.80 -3.08 -3.57
N ALA B 927 -15.03 -3.39 -2.53
CA ALA B 927 -13.82 -4.16 -2.73
C ALA B 927 -14.15 -5.62 -3.02
N LEU B 928 -15.17 -6.16 -2.38
CA LEU B 928 -15.56 -7.53 -2.69
C LEU B 928 -16.24 -7.63 -4.02
N ASN B 929 -17.03 -6.62 -4.40
CA ASN B 929 -17.77 -6.73 -5.65
C ASN B 929 -16.85 -6.60 -6.85
N THR B 930 -15.74 -5.89 -6.70
CA THR B 930 -14.79 -5.80 -7.79
C THR B 930 -14.01 -7.08 -7.94
N LEU B 931 -13.70 -7.75 -6.83
CA LEU B 931 -12.95 -9.00 -6.92
C LEU B 931 -13.80 -10.10 -7.52
N VAL B 932 -15.11 -10.07 -7.26
CA VAL B 932 -16.03 -11.01 -7.88
C VAL B 932 -16.10 -10.76 -9.37
N LYS B 933 -16.24 -9.50 -9.75
CA LYS B 933 -16.43 -9.12 -11.14
C LYS B 933 -15.22 -9.46 -12.01
N GLN B 934 -14.03 -9.57 -11.43
CA GLN B 934 -12.85 -9.95 -12.20
C GLN B 934 -12.85 -11.41 -12.60
N LEU B 935 -13.74 -12.21 -12.04
CA LEU B 935 -13.86 -13.58 -12.48
C LEU B 935 -14.40 -13.67 -13.89
N SER B 936 -15.18 -12.69 -14.30
CA SER B 936 -15.81 -12.65 -15.61
C SER B 936 -14.87 -12.16 -16.70
N SER B 937 -13.71 -11.63 -16.36
CA SER B 937 -12.81 -11.11 -17.38
C SER B 937 -12.05 -12.23 -18.07
N ASN B 938 -11.64 -11.97 -19.30
CA ASN B 938 -10.97 -12.95 -20.14
C ASN B 938 -9.47 -12.80 -20.13
N PHE B 939 -8.98 -11.58 -19.90
CA PHE B 939 -7.55 -11.24 -19.88
C PHE B 939 -6.86 -11.60 -21.19
N GLY B 940 -7.61 -11.59 -22.29
CA GLY B 940 -7.12 -12.00 -23.58
C GLY B 940 -7.34 -13.45 -23.95
N ALA B 941 -7.83 -14.28 -23.03
CA ALA B 941 -7.96 -15.70 -23.32
C ALA B 941 -9.21 -16.00 -24.12
N ILE B 942 -9.44 -17.29 -24.36
CA ILE B 942 -10.53 -17.74 -25.21
C ILE B 942 -11.86 -17.53 -24.52
N SER B 943 -11.93 -17.84 -23.24
CA SER B 943 -13.13 -17.63 -22.46
C SER B 943 -12.75 -17.48 -21.00
N SER B 944 -13.62 -16.81 -20.25
CA SER B 944 -13.47 -16.70 -18.81
C SER B 944 -13.87 -17.97 -18.07
N VAL B 945 -14.41 -18.96 -18.77
CA VAL B 945 -14.86 -20.21 -18.15
C VAL B 945 -13.85 -21.28 -18.50
N LEU B 946 -13.32 -21.95 -17.47
CA LEU B 946 -12.25 -22.92 -17.68
C LEU B 946 -12.75 -24.17 -18.38
N ASN B 947 -14.04 -24.46 -18.26
CA ASN B 947 -14.59 -25.64 -18.93
C ASN B 947 -14.60 -25.45 -20.44
N ASP B 948 -14.92 -24.23 -20.89
CA ASP B 948 -14.95 -23.96 -22.33
C ASP B 948 -13.56 -23.95 -22.93
N ILE B 949 -12.54 -23.66 -22.12
CA ILE B 949 -11.16 -23.78 -22.60
C ILE B 949 -10.80 -25.25 -22.78
N LEU B 950 -11.22 -26.09 -21.83
CA LEU B 950 -10.93 -27.52 -21.92
C LEU B 950 -11.72 -28.19 -23.04
N SER B 951 -12.97 -27.76 -23.25
CA SER B 951 -13.79 -28.40 -24.27
C SER B 951 -13.35 -28.02 -25.67
N ARG B 952 -13.01 -26.76 -25.88
CA ARG B 952 -12.80 -26.30 -27.24
C ARG B 952 -11.36 -26.50 -27.71
N LEU B 953 -10.42 -26.67 -26.80
CA LEU B 953 -9.02 -26.63 -27.19
C LEU B 953 -8.28 -27.92 -26.86
N ASP B 954 -7.26 -28.20 -27.66
CA ASP B 954 -6.34 -29.30 -27.42
C ASP B 954 -5.50 -29.02 -26.17
N PRO B 955 -5.10 -30.05 -25.44
CA PRO B 955 -4.39 -29.88 -24.14
C PRO B 955 -3.09 -29.08 -24.20
N PRO B 956 -2.33 -29.02 -25.34
CA PRO B 956 -1.27 -27.99 -25.39
C PRO B 956 -1.74 -26.54 -25.31
N GLU B 957 -2.67 -26.10 -26.18
CA GLU B 957 -3.13 -24.73 -26.06
C GLU B 957 -4.10 -24.55 -24.92
N ALA B 958 -4.77 -25.62 -24.47
CA ALA B 958 -5.58 -25.54 -23.26
C ALA B 958 -4.72 -25.19 -22.06
N GLU B 959 -3.50 -25.73 -22.01
CA GLU B 959 -2.60 -25.41 -20.91
C GLU B 959 -2.15 -23.96 -20.98
N VAL B 960 -2.02 -23.42 -22.19
CA VAL B 960 -1.60 -22.02 -22.32
C VAL B 960 -2.74 -21.08 -21.95
N GLN B 961 -3.96 -21.40 -22.38
CA GLN B 961 -5.07 -20.50 -22.11
C GLN B 961 -5.52 -20.58 -20.65
N ILE B 962 -5.37 -21.75 -20.02
CA ILE B 962 -5.65 -21.83 -18.59
C ILE B 962 -4.61 -21.06 -17.79
N ASP B 963 -3.35 -21.15 -18.19
CA ASP B 963 -2.29 -20.43 -17.50
C ASP B 963 -2.41 -18.94 -17.70
N ARG B 964 -3.07 -18.53 -18.78
CA ARG B 964 -3.33 -17.11 -19.00
C ARG B 964 -4.37 -16.59 -18.01
N LEU B 965 -5.38 -17.40 -17.71
CA LEU B 965 -6.39 -16.97 -16.76
C LEU B 965 -5.90 -17.05 -15.33
N ILE B 966 -4.88 -17.86 -15.06
CA ILE B 966 -4.37 -17.94 -13.70
C ILE B 966 -3.73 -16.63 -13.28
N THR B 967 -2.79 -16.12 -14.08
CA THR B 967 -2.11 -14.88 -13.71
C THR B 967 -3.04 -13.69 -13.73
N GLY B 968 -4.11 -13.75 -14.50
CA GLY B 968 -5.08 -12.70 -14.47
C GLY B 968 -5.85 -12.71 -13.17
N ARG B 969 -6.21 -13.91 -12.69
CA ARG B 969 -6.97 -14.01 -11.46
C ARG B 969 -6.07 -13.88 -10.25
N LEU B 970 -4.83 -14.32 -10.36
CA LEU B 970 -3.92 -14.29 -9.22
C LEU B 970 -3.41 -12.89 -8.97
N GLN B 971 -3.45 -12.02 -9.97
CA GLN B 971 -3.04 -10.64 -9.74
C GLN B 971 -4.20 -9.77 -9.31
N SER B 972 -5.43 -10.16 -9.64
CA SER B 972 -6.57 -9.47 -9.06
C SER B 972 -6.70 -9.78 -7.58
N LEU B 973 -6.28 -10.97 -7.20
CA LEU B 973 -6.31 -11.37 -5.80
C LEU B 973 -5.24 -10.65 -5.01
N GLN B 974 -4.08 -10.43 -5.62
CA GLN B 974 -2.99 -9.75 -4.94
C GLN B 974 -3.28 -8.27 -4.79
N THR B 975 -4.06 -7.68 -5.70
CA THR B 975 -4.46 -6.29 -5.59
C THR B 975 -5.41 -6.07 -4.42
N TYR B 976 -6.38 -6.97 -4.26
CA TYR B 976 -7.33 -6.91 -3.15
C TYR B 976 -6.64 -6.99 -1.81
N VAL B 977 -5.63 -7.84 -1.71
CA VAL B 977 -4.93 -8.01 -0.44
C VAL B 977 -4.13 -6.77 -0.09
N THR B 978 -3.50 -6.16 -1.10
CA THR B 978 -2.71 -4.95 -0.87
C THR B 978 -3.58 -3.79 -0.43
N GLN B 979 -4.78 -3.64 -0.99
CA GLN B 979 -5.58 -2.47 -0.64
C GLN B 979 -6.36 -2.67 0.66
N GLN B 980 -6.66 -3.92 1.04
CA GLN B 980 -7.21 -4.15 2.37
C GLN B 980 -6.18 -3.86 3.43
N LEU B 981 -4.93 -4.08 3.10
CA LEU B 981 -3.85 -3.85 4.04
C LEU B 981 -3.59 -2.38 4.23
N ILE B 982 -3.81 -1.58 3.18
CA ILE B 982 -3.69 -0.12 3.28
C ILE B 982 -4.86 0.45 4.06
N ARG B 983 -6.04 -0.09 3.85
CA ARG B 983 -7.23 0.41 4.54
C ARG B 983 -7.26 0.02 6.00
N ALA B 984 -6.61 -1.08 6.35
CA ALA B 984 -6.51 -1.48 7.75
C ALA B 984 -5.60 -0.55 8.53
N ALA B 985 -4.69 0.12 7.83
CA ALA B 985 -3.83 1.09 8.51
C ALA B 985 -4.60 2.36 8.85
N GLU B 986 -5.68 2.62 8.12
CA GLU B 986 -6.47 3.81 8.37
C GLU B 986 -7.45 3.57 9.50
N ILE B 987 -7.95 2.35 9.65
CA ILE B 987 -8.84 2.02 10.76
C ILE B 987 -8.08 1.97 12.08
N ARG B 988 -6.83 1.50 12.08
CA ARG B 988 -6.01 1.60 13.28
C ARG B 988 -5.81 3.05 13.72
N ALA B 989 -5.68 3.96 12.76
CA ALA B 989 -5.52 5.36 13.11
C ALA B 989 -6.76 5.91 13.77
N SER B 990 -7.93 5.47 13.34
CA SER B 990 -9.16 5.93 13.94
C SER B 990 -9.50 5.15 15.19
N ALA B 991 -9.06 3.91 15.29
CA ALA B 991 -9.36 3.14 16.48
C ALA B 991 -8.42 3.49 17.60
N ASN B 992 -7.23 3.98 17.29
CA ASN B 992 -6.33 4.47 18.34
C ASN B 992 -6.77 5.82 18.87
N LEU B 993 -7.43 6.61 18.03
CA LEU B 993 -7.91 7.90 18.52
C LEU B 993 -9.12 7.70 19.41
N ALA B 994 -9.96 6.73 19.10
CA ALA B 994 -11.13 6.46 19.93
C ALA B 994 -10.73 5.87 21.26
N ALA B 995 -9.62 5.17 21.31
CA ALA B 995 -9.13 4.68 22.59
C ALA B 995 -8.53 5.82 23.41
N THR B 996 -8.05 6.86 22.75
CA THR B 996 -7.57 8.04 23.47
C THR B 996 -8.73 8.90 23.92
N LYS B 997 -9.79 8.97 23.14
CA LYS B 997 -10.94 9.75 23.57
C LYS B 997 -11.73 9.03 24.64
N MET B 998 -11.49 7.75 24.85
CA MET B 998 -12.28 7.12 25.90
C MET B 998 -11.57 7.26 27.22
N SER B 999 -10.27 7.09 27.24
CA SER B 999 -9.55 7.21 28.50
C SER B 999 -9.46 8.65 28.96
N GLU B 1000 -9.13 9.57 28.09
CA GLU B 1000 -8.89 10.94 28.50
C GLU B 1000 -10.14 11.77 28.63
N CYS B 1001 -11.30 11.23 28.29
CA CYS B 1001 -12.48 12.07 28.21
C CYS B 1001 -13.70 11.45 28.87
N VAL B 1002 -13.89 10.14 28.74
CA VAL B 1002 -14.90 9.47 29.55
C VAL B 1002 -14.38 9.19 30.94
N LEU B 1003 -13.19 8.60 31.04
CA LEU B 1003 -12.61 8.23 32.31
C LEU B 1003 -11.91 9.39 33.02
N GLY B 1004 -12.03 10.59 32.50
CA GLY B 1004 -11.40 11.74 33.12
C GLY B 1004 -12.09 13.04 32.83
N GLN B 1005 -11.33 14.12 32.64
CA GLN B 1005 -11.87 15.39 32.18
C GLN B 1005 -10.78 16.07 31.37
N SER B 1006 -11.07 16.39 30.12
CA SER B 1006 -10.07 16.95 29.23
C SER B 1006 -9.97 18.46 29.36
N LYS B 1007 -8.76 18.98 29.22
CA LYS B 1007 -8.55 20.42 29.13
C LYS B 1007 -8.09 20.86 27.76
N ARG B 1008 -8.07 19.96 26.80
CA ARG B 1008 -7.64 20.28 25.45
C ARG B 1008 -8.82 20.86 24.71
N VAL B 1009 -8.64 22.06 24.16
CA VAL B 1009 -9.73 22.73 23.49
C VAL B 1009 -10.00 22.05 22.15
N ASP B 1010 -11.28 21.81 21.87
CA ASP B 1010 -11.86 21.10 20.72
C ASP B 1010 -11.56 19.62 20.71
N PHE B 1011 -10.80 19.10 21.65
CA PHE B 1011 -10.83 17.69 21.96
C PHE B 1011 -12.02 17.54 22.86
N CYS B 1012 -12.84 16.53 22.60
CA CYS B 1012 -14.06 16.23 23.36
C CYS B 1012 -15.11 17.33 23.24
N GLY B 1013 -15.41 17.73 22.02
CA GLY B 1013 -16.52 18.63 21.74
C GLY B 1013 -16.16 20.07 21.99
N LYS B 1014 -17.08 20.95 21.58
CA LYS B 1014 -16.87 22.38 21.68
C LYS B 1014 -17.44 22.95 22.97
N GLY B 1015 -16.68 23.81 23.61
CA GLY B 1015 -17.00 24.30 24.93
C GLY B 1015 -16.04 23.76 25.96
N TYR B 1016 -16.35 24.04 27.21
CA TYR B 1016 -15.57 23.53 28.32
C TYR B 1016 -16.11 22.17 28.70
N HIS B 1017 -15.26 21.17 28.63
CA HIS B 1017 -15.68 19.80 28.80
C HIS B 1017 -16.03 19.49 30.23
N LEU B 1018 -17.24 18.98 30.45
CA LEU B 1018 -17.66 18.53 31.77
C LEU B 1018 -17.56 17.01 31.94
N MET B 1019 -18.33 16.25 31.19
CA MET B 1019 -18.23 14.79 31.21
C MET B 1019 -18.69 14.22 29.88
N SER B 1020 -18.58 12.91 29.73
CA SER B 1020 -18.81 12.32 28.43
C SER B 1020 -19.22 10.87 28.55
N PHE B 1021 -20.11 10.43 27.66
CA PHE B 1021 -20.78 9.14 27.74
C PHE B 1021 -20.60 8.34 26.46
N PRO B 1022 -20.05 7.15 26.49
CA PRO B 1022 -19.95 6.35 25.27
C PRO B 1022 -21.24 5.62 24.95
N GLN B 1023 -21.45 5.37 23.67
CA GLN B 1023 -22.51 4.49 23.18
C GLN B 1023 -21.95 3.63 22.07
N ALA B 1024 -22.43 2.41 21.95
CA ALA B 1024 -21.94 1.51 20.94
C ALA B 1024 -22.71 1.67 19.63
N ALA B 1025 -22.08 1.26 18.55
CA ALA B 1025 -22.57 1.46 17.19
C ALA B 1025 -22.04 0.29 16.36
N PRO B 1026 -22.57 0.07 15.16
CA PRO B 1026 -21.95 -0.94 14.30
C PRO B 1026 -20.58 -0.47 13.85
N HIS B 1027 -19.56 -1.25 14.20
CA HIS B 1027 -18.17 -1.03 13.83
C HIS B 1027 -17.63 0.30 14.35
N GLY B 1028 -18.07 0.75 15.51
CA GLY B 1028 -17.63 2.05 15.95
C GLY B 1028 -18.12 2.39 17.33
N VAL B 1029 -17.88 3.64 17.73
CA VAL B 1029 -18.31 4.21 18.99
C VAL B 1029 -19.09 5.47 18.69
N VAL B 1030 -19.90 5.88 19.64
CA VAL B 1030 -20.51 7.21 19.64
C VAL B 1030 -20.30 7.81 21.01
N PHE B 1031 -19.64 8.96 21.06
CA PHE B 1031 -19.42 9.67 22.30
C PHE B 1031 -20.39 10.83 22.39
N LEU B 1032 -21.04 10.97 23.53
CA LEU B 1032 -21.92 12.09 23.79
C LEU B 1032 -21.21 13.01 24.78
N HIS B 1033 -20.78 14.18 24.32
CA HIS B 1033 -19.97 15.07 25.13
C HIS B 1033 -20.82 16.17 25.73
N VAL B 1034 -20.86 16.24 27.05
CA VAL B 1034 -21.59 17.28 27.77
C VAL B 1034 -20.63 18.42 28.01
N THR B 1035 -20.89 19.58 27.41
CA THR B 1035 -20.01 20.72 27.51
C THR B 1035 -20.79 21.92 28.03
N TYR B 1036 -20.03 22.90 28.50
CA TYR B 1036 -20.52 24.13 29.12
C TYR B 1036 -20.27 25.29 28.17
N VAL B 1037 -21.33 26.03 27.83
CA VAL B 1037 -21.23 27.13 26.89
C VAL B 1037 -21.66 28.42 27.60
N PRO B 1038 -20.79 29.42 27.76
CA PRO B 1038 -21.24 30.65 28.40
C PRO B 1038 -21.92 31.57 27.42
N SER B 1039 -22.71 32.51 27.96
CA SER B 1039 -23.57 33.30 27.10
C SER B 1039 -24.01 34.59 27.81
N GLN B 1040 -24.73 35.42 27.05
CA GLN B 1040 -25.29 36.71 27.48
C GLN B 1040 -24.22 37.67 27.99
N GLU B 1041 -23.40 38.12 27.05
CA GLU B 1041 -22.26 38.94 27.35
C GLU B 1041 -22.68 40.35 27.77
N ARG B 1042 -21.78 41.02 28.48
CA ARG B 1042 -22.05 42.34 29.01
C ARG B 1042 -20.75 43.13 29.06
N ASN B 1043 -20.80 44.38 28.62
CA ASN B 1043 -19.61 45.21 28.60
C ASN B 1043 -19.34 45.84 29.96
N PHE B 1044 -18.07 45.95 30.31
CA PHE B 1044 -17.66 46.57 31.56
C PHE B 1044 -16.41 47.39 31.29
N THR B 1045 -16.16 48.38 32.12
CA THR B 1045 -14.88 49.06 32.10
C THR B 1045 -13.96 48.33 33.07
N THR B 1046 -12.70 48.19 32.70
CA THR B 1046 -11.79 47.43 33.52
C THR B 1046 -10.49 48.19 33.70
N ALA B 1047 -9.56 47.59 34.42
CA ALA B 1047 -8.28 48.20 34.73
C ALA B 1047 -7.28 47.14 35.18
N PRO B 1048 -5.98 47.35 34.97
CA PRO B 1048 -5.01 46.36 35.41
C PRO B 1048 -4.70 46.40 36.88
N ALA B 1049 -4.86 47.55 37.54
CA ALA B 1049 -4.40 47.69 38.91
C ALA B 1049 -5.15 48.81 39.59
N ILE B 1050 -5.02 48.87 40.91
CA ILE B 1050 -5.64 49.90 41.73
C ILE B 1050 -4.58 50.48 42.66
N CYS B 1051 -4.49 51.81 42.70
CA CYS B 1051 -3.55 52.50 43.56
C CYS B 1051 -4.20 52.81 44.90
N HIS B 1052 -3.59 52.35 45.99
CA HIS B 1052 -4.10 52.69 47.30
C HIS B 1052 -2.94 52.93 48.25
N GLU B 1053 -2.83 54.17 48.74
CA GLU B 1053 -1.82 54.62 49.70
C GLU B 1053 -0.41 54.41 49.17
N GLY B 1054 -0.23 54.67 47.87
CA GLY B 1054 1.08 54.58 47.26
C GLY B 1054 1.48 53.22 46.76
N LYS B 1055 0.66 52.20 46.96
CA LYS B 1055 0.97 50.85 46.55
C LYS B 1055 0.06 50.40 45.42
N ALA B 1056 0.61 49.65 44.48
CA ALA B 1056 -0.17 49.11 43.38
C ALA B 1056 -0.73 47.76 43.78
N TYR B 1057 -2.03 47.59 43.64
CA TYR B 1057 -2.67 46.32 43.98
C TYR B 1057 -3.19 45.69 42.69
N PHE B 1058 -2.77 44.46 42.46
CA PHE B 1058 -3.10 43.62 41.32
C PHE B 1058 -4.08 42.55 41.72
N PRO B 1059 -4.95 42.09 40.84
CA PRO B 1059 -5.78 40.95 41.19
C PRO B 1059 -4.97 39.68 41.16
N ARG B 1060 -5.24 38.79 42.11
CA ARG B 1060 -4.52 37.53 42.11
C ARG B 1060 -5.13 36.57 41.11
N GLU B 1061 -6.46 36.56 41.02
CA GLU B 1061 -7.20 35.79 40.02
C GLU B 1061 -8.32 36.67 39.48
N GLY B 1062 -8.50 36.67 38.18
CA GLY B 1062 -9.61 37.42 37.62
C GLY B 1062 -9.25 38.84 37.28
N VAL B 1063 -10.27 39.65 37.06
CA VAL B 1063 -10.11 41.02 36.61
C VAL B 1063 -10.86 41.95 37.54
N PHE B 1064 -10.46 43.22 37.54
CA PHE B 1064 -11.27 44.26 38.16
C PHE B 1064 -12.26 44.77 37.14
N VAL B 1065 -13.51 44.90 37.55
CA VAL B 1065 -14.50 45.49 36.66
C VAL B 1065 -15.12 46.69 37.35
N PHE B 1066 -15.61 47.62 36.57
CA PHE B 1066 -16.35 48.75 37.08
C PHE B 1066 -17.82 48.51 36.78
N ASN B 1067 -18.60 48.32 37.84
CA ASN B 1067 -20.04 48.06 37.78
C ASN B 1067 -20.80 49.15 37.02
N GLY B 1068 -20.31 50.38 37.03
CA GLY B 1068 -21.08 51.56 36.74
C GLY B 1068 -21.18 52.48 37.92
N THR B 1069 -21.04 51.94 39.14
CA THR B 1069 -21.01 52.71 40.36
C THR B 1069 -19.77 52.49 41.21
N SER B 1070 -19.21 51.29 41.21
CA SER B 1070 -18.10 50.97 42.11
C SER B 1070 -17.31 49.81 41.54
N TRP B 1071 -16.12 49.60 42.09
CA TRP B 1071 -15.19 48.63 41.54
C TRP B 1071 -15.22 47.32 42.29
N PHE B 1072 -15.24 46.23 41.54
CA PHE B 1072 -15.38 44.87 42.02
C PHE B 1072 -14.33 44.01 41.35
N ILE B 1073 -14.04 42.86 41.94
CA ILE B 1073 -13.21 41.85 41.31
C ILE B 1073 -14.09 40.66 40.96
N THR B 1074 -13.85 40.07 39.80
CA THR B 1074 -14.69 38.99 39.31
C THR B 1074 -13.83 38.03 38.51
N GLN B 1075 -14.43 36.90 38.12
CA GLN B 1075 -13.79 35.91 37.27
C GLN B 1075 -14.29 36.04 35.84
N ARG B 1076 -13.62 35.36 34.91
CA ARG B 1076 -13.86 35.69 33.52
C ARG B 1076 -14.92 34.82 32.85
N ASN B 1077 -15.25 33.67 33.43
CA ASN B 1077 -16.16 32.76 32.78
C ASN B 1077 -17.58 32.90 33.27
N PHE B 1078 -17.80 33.75 34.26
CA PHE B 1078 -19.12 33.97 34.83
C PHE B 1078 -19.02 35.25 35.62
N PHE B 1079 -20.07 36.03 35.60
CA PHE B 1079 -20.06 37.33 36.26
C PHE B 1079 -20.57 37.19 37.68
N SER B 1080 -19.67 37.31 38.64
CA SER B 1080 -20.00 37.29 40.07
C SER B 1080 -19.13 38.31 40.77
N PRO B 1081 -19.64 39.49 41.05
CA PRO B 1081 -18.80 40.56 41.56
C PRO B 1081 -18.59 40.44 43.06
N GLN B 1082 -17.39 40.78 43.52
CA GLN B 1082 -17.04 40.69 44.92
C GLN B 1082 -16.30 41.95 45.36
N ILE B 1083 -16.26 42.16 46.67
CA ILE B 1083 -15.61 43.33 47.23
C ILE B 1083 -14.11 43.14 47.21
N ILE B 1084 -13.38 44.17 46.76
CA ILE B 1084 -11.93 44.13 46.64
C ILE B 1084 -11.35 44.25 48.03
N THR B 1085 -10.91 43.15 48.61
CA THR B 1085 -10.24 43.19 49.89
C THR B 1085 -8.81 42.73 49.69
N THR B 1086 -8.04 42.71 50.77
CA THR B 1086 -6.67 42.22 50.66
C THR B 1086 -6.58 40.70 50.75
N ASP B 1087 -7.70 39.99 50.78
CA ASP B 1087 -7.68 38.55 50.79
C ASP B 1087 -7.47 37.96 49.41
N ASN B 1088 -7.94 38.66 48.38
CA ASN B 1088 -7.90 38.16 47.01
C ASN B 1088 -7.05 39.03 46.09
N THR B 1089 -6.21 39.89 46.65
CA THR B 1089 -5.56 40.93 45.90
C THR B 1089 -4.08 40.96 46.21
N PHE B 1090 -3.28 40.95 45.16
CA PHE B 1090 -1.84 40.80 45.24
C PHE B 1090 -1.16 42.16 45.31
N VAL B 1091 -0.33 42.34 46.32
CA VAL B 1091 0.31 43.61 46.64
C VAL B 1091 1.70 43.58 46.07
N SER B 1092 2.00 44.51 45.16
CA SER B 1092 3.34 44.54 44.58
C SER B 1092 3.67 45.84 43.87
N GLY B 1093 4.83 46.43 44.20
CA GLY B 1093 5.29 47.62 43.54
C GLY B 1093 4.59 48.87 44.02
N ASN B 1094 5.10 50.01 43.57
CA ASN B 1094 4.49 51.29 43.91
C ASN B 1094 3.57 51.74 42.80
N CYS B 1095 2.79 52.78 43.09
CA CYS B 1095 1.91 53.34 42.08
C CYS B 1095 2.74 54.10 41.05
N ASP B 1096 2.05 54.53 39.98
CA ASP B 1096 2.61 55.29 38.87
C ASP B 1096 3.77 54.56 38.19
N VAL B 1097 3.67 53.24 38.14
CA VAL B 1097 4.65 52.41 37.45
C VAL B 1097 4.05 51.70 36.25
N VAL B 1098 2.87 51.13 36.41
CA VAL B 1098 2.21 50.41 35.34
C VAL B 1098 1.14 51.32 34.73
N ILE B 1099 0.69 50.94 33.55
CA ILE B 1099 -0.16 51.80 32.75
C ILE B 1099 -1.62 51.53 33.07
N GLY B 1100 -2.31 52.54 33.58
CA GLY B 1100 -3.74 52.43 33.78
C GLY B 1100 -4.17 52.12 35.19
N ILE B 1101 -3.54 52.72 36.19
CA ILE B 1101 -3.88 52.45 37.56
C ILE B 1101 -5.04 53.35 37.97
N ILE B 1102 -6.00 52.81 38.67
CA ILE B 1102 -7.16 53.54 39.11
C ILE B 1102 -7.00 53.89 40.57
N ASN B 1103 -7.22 55.15 40.91
CA ASN B 1103 -7.35 55.54 42.32
C ASN B 1103 -8.60 54.91 42.88
N ASN B 1104 -8.44 54.08 43.90
CA ASN B 1104 -9.56 53.50 44.62
C ASN B 1104 -9.02 53.06 45.97
N THR B 1105 -9.92 52.64 46.85
CA THR B 1105 -9.57 52.09 48.15
C THR B 1105 -9.74 50.59 48.14
N VAL B 1106 -8.92 49.91 48.93
CA VAL B 1106 -8.94 48.46 49.03
C VAL B 1106 -9.10 48.09 50.50
N TYR B 1107 -10.16 47.34 50.79
CA TYR B 1107 -10.56 47.03 52.15
C TYR B 1107 -9.55 46.16 52.87
N ARG C 5 47.69 12.35 -63.75
CA ARG C 5 48.89 11.57 -63.47
C ARG C 5 49.20 11.58 -61.97
N CYS C 6 48.90 10.46 -61.30
CA CYS C 6 49.19 10.32 -59.88
C CYS C 6 50.69 10.37 -59.62
N THR C 7 51.13 11.38 -58.87
CA THR C 7 52.54 11.69 -58.70
C THR C 7 52.91 11.64 -57.23
N THR C 8 53.89 10.83 -56.89
CA THR C 8 54.40 10.79 -55.52
C THR C 8 55.40 11.91 -55.31
N PHE C 9 55.78 12.12 -54.06
CA PHE C 9 56.71 13.18 -53.71
C PHE C 9 58.05 12.59 -53.29
N ASP C 10 59.11 13.41 -53.41
CA ASP C 10 60.47 12.90 -53.37
C ASP C 10 60.92 12.54 -51.96
N ASP C 11 60.61 13.38 -50.98
CA ASP C 11 61.25 13.28 -49.67
C ASP C 11 60.23 13.48 -48.55
N VAL C 12 59.11 12.76 -48.61
CA VAL C 12 58.06 12.85 -47.59
C VAL C 12 58.58 12.28 -46.28
N GLN C 13 58.53 13.10 -45.22
CA GLN C 13 58.86 12.71 -43.86
C GLN C 13 57.78 11.82 -43.29
N ALA C 14 58.18 10.90 -42.40
CA ALA C 14 57.23 10.06 -41.69
C ALA C 14 56.35 10.91 -40.77
N PRO C 15 55.08 10.53 -40.59
CA PRO C 15 54.19 11.33 -39.73
C PRO C 15 54.59 11.22 -38.26
N ASN C 16 54.22 12.26 -37.50
CA ASN C 16 54.76 12.44 -36.16
C ASN C 16 53.90 11.81 -35.08
N TYR C 17 52.57 11.84 -35.24
CA TYR C 17 51.60 11.26 -34.31
C TYR C 17 51.72 11.87 -32.90
N THR C 18 51.84 13.19 -32.82
CA THR C 18 51.96 13.81 -31.51
C THR C 18 50.62 13.84 -30.79
N GLN C 19 50.67 13.94 -29.46
CA GLN C 19 49.51 13.75 -28.61
C GLN C 19 48.99 15.07 -28.09
N HIS C 20 47.67 15.24 -28.14
CA HIS C 20 47.02 16.40 -27.56
C HIS C 20 45.72 15.96 -26.91
N THR C 21 45.06 16.90 -26.24
CA THR C 21 43.91 16.63 -25.39
C THR C 21 42.70 17.39 -25.89
N SER C 22 41.65 16.66 -26.28
CA SER C 22 40.40 17.27 -26.73
C SER C 22 39.48 17.46 -25.54
N SER C 23 39.31 18.70 -25.11
CA SER C 23 38.59 18.95 -23.86
C SER C 23 37.09 18.73 -24.00
N MET C 24 36.42 19.56 -24.77
CA MET C 24 34.97 19.49 -24.88
C MET C 24 34.52 19.66 -26.32
N ARG C 25 35.19 18.98 -27.24
CA ARG C 25 34.86 19.12 -28.65
C ARG C 25 34.28 17.83 -29.22
N GLY C 26 33.61 17.96 -30.35
CA GLY C 26 32.98 16.83 -30.99
C GLY C 26 31.52 16.64 -30.66
N VAL C 27 30.91 17.60 -30.00
CA VAL C 27 29.50 17.54 -29.66
C VAL C 27 28.71 18.07 -30.84
N TYR C 28 27.73 17.28 -31.30
CA TYR C 28 26.96 17.64 -32.48
C TYR C 28 25.50 17.31 -32.23
N TYR C 29 24.65 17.74 -33.15
CA TYR C 29 23.22 17.46 -33.11
C TYR C 29 22.96 16.05 -33.60
N PRO C 30 22.57 15.13 -32.73
CA PRO C 30 22.48 13.72 -33.14
C PRO C 30 21.29 13.40 -34.01
N ASP C 31 20.27 14.26 -34.06
CA ASP C 31 19.06 13.98 -34.81
C ASP C 31 18.49 15.28 -35.36
N GLU C 32 17.33 15.19 -35.99
CA GLU C 32 16.67 16.36 -36.55
C GLU C 32 15.42 16.73 -35.78
N ILE C 33 15.49 16.70 -34.46
CA ILE C 33 14.37 16.97 -33.57
C ILE C 33 14.60 18.30 -32.90
N PHE C 34 13.61 19.18 -32.95
CA PHE C 34 13.68 20.40 -32.17
C PHE C 34 13.30 20.09 -30.73
N ARG C 35 14.15 20.46 -29.79
CA ARG C 35 13.80 20.38 -28.38
C ARG C 35 14.13 21.72 -27.75
N SER C 36 13.33 22.13 -26.78
CA SER C 36 13.53 23.44 -26.18
C SER C 36 13.46 23.31 -24.67
N ASP C 37 14.41 23.97 -23.99
CA ASP C 37 14.40 24.18 -22.55
C ASP C 37 14.36 22.85 -21.79
N THR C 38 15.31 21.98 -22.10
CA THR C 38 15.28 20.65 -21.50
C THR C 38 16.67 20.03 -21.50
N LEU C 39 16.83 19.04 -20.65
CA LEU C 39 18.00 18.18 -20.60
C LEU C 39 17.63 16.86 -21.26
N TYR C 40 18.60 16.24 -21.92
CA TYR C 40 18.28 15.05 -22.69
C TYR C 40 19.47 14.13 -22.74
N LEU C 41 19.28 12.87 -22.36
CA LEU C 41 20.33 11.87 -22.37
C LEU C 41 20.32 11.13 -23.70
N THR C 42 21.46 11.16 -24.38
CA THR C 42 21.63 10.44 -25.63
C THR C 42 22.62 9.32 -25.42
N GLN C 43 22.47 8.25 -26.19
CA GLN C 43 23.51 7.24 -26.34
C GLN C 43 23.86 7.18 -27.80
N ASP C 44 25.06 7.60 -28.16
CA ASP C 44 25.45 7.65 -29.56
C ASP C 44 26.97 7.69 -29.61
N LEU C 45 27.51 7.91 -30.80
CA LEU C 45 28.95 7.94 -31.02
C LEU C 45 29.44 9.37 -30.83
N PHE C 46 30.17 9.59 -29.73
CA PHE C 46 30.65 10.91 -29.38
C PHE C 46 32.16 10.85 -29.15
N LEU C 47 32.81 11.98 -29.37
CA LEU C 47 34.18 12.15 -28.95
C LEU C 47 34.18 12.40 -27.46
N PRO C 48 34.72 11.48 -26.64
CA PRO C 48 34.59 11.63 -25.19
C PRO C 48 35.45 12.75 -24.68
N PHE C 49 35.05 13.30 -23.54
CA PHE C 49 35.74 14.47 -23.01
C PHE C 49 37.11 14.10 -22.46
N TYR C 50 38.08 14.97 -22.75
CA TYR C 50 39.49 14.84 -22.34
C TYR C 50 40.10 13.55 -22.87
N SER C 51 39.89 13.29 -24.15
CA SER C 51 40.46 12.13 -24.78
C SER C 51 41.66 12.52 -25.62
N ASN C 52 42.53 11.55 -25.86
CA ASN C 52 43.76 11.80 -26.58
C ASN C 52 43.51 11.84 -28.09
N VAL C 53 43.88 12.95 -28.72
CA VAL C 53 43.82 13.11 -30.16
C VAL C 53 45.22 13.08 -30.72
N THR C 54 45.31 12.71 -31.98
CA THR C 54 46.59 12.52 -32.67
C THR C 54 46.82 13.64 -33.66
N GLY C 55 47.90 14.40 -33.46
CA GLY C 55 48.19 15.55 -34.29
C GLY C 55 49.09 15.19 -35.46
N PHE C 56 48.76 15.74 -36.63
CA PHE C 56 49.53 15.58 -37.84
C PHE C 56 49.93 16.94 -38.39
N HIS C 57 50.89 16.93 -39.31
CA HIS C 57 51.58 18.15 -39.71
C HIS C 57 51.63 18.31 -41.22
N THR C 58 51.53 19.56 -41.64
CA THR C 58 51.91 20.02 -42.97
C THR C 58 52.95 21.10 -42.72
N ILE C 59 54.23 20.71 -42.73
CA ILE C 59 55.35 21.56 -42.35
C ILE C 59 56.51 21.02 -43.18
N ASN C 60 57.66 21.72 -43.19
CA ASN C 60 58.67 21.79 -44.26
C ASN C 60 58.87 20.56 -45.13
N HIS C 61 59.12 19.40 -44.53
CA HIS C 61 59.26 18.15 -45.26
C HIS C 61 58.15 17.15 -44.92
N THR C 62 57.21 17.56 -44.07
CA THR C 62 56.18 16.67 -43.56
C THR C 62 54.89 16.89 -44.35
N PHE C 63 54.44 15.84 -45.04
CA PHE C 63 53.28 15.90 -45.93
C PHE C 63 52.43 14.70 -45.52
N GLY C 64 51.63 14.87 -44.47
CA GLY C 64 50.96 13.73 -43.84
C GLY C 64 49.66 13.43 -44.55
N ASN C 65 49.73 12.54 -45.54
CA ASN C 65 48.48 11.97 -46.05
C ASN C 65 48.42 10.44 -46.01
N PRO C 66 48.73 9.77 -44.90
CA PRO C 66 48.78 8.31 -44.94
C PRO C 66 47.38 7.71 -44.85
N VAL C 67 47.33 6.40 -44.95
CA VAL C 67 46.10 5.66 -44.62
C VAL C 67 45.93 5.70 -43.11
N ILE C 68 44.94 6.46 -42.64
CA ILE C 68 44.59 6.53 -41.23
C ILE C 68 43.34 5.68 -41.06
N PRO C 69 43.28 4.79 -40.08
CA PRO C 69 42.04 4.02 -39.86
C PRO C 69 40.90 4.90 -39.36
N PHE C 70 39.70 4.49 -39.72
CA PHE C 70 38.45 5.18 -39.44
C PHE C 70 37.76 4.54 -38.25
N LYS C 71 37.45 3.25 -38.41
CA LYS C 71 37.06 2.23 -37.43
C LYS C 71 35.64 2.44 -36.94
N ASP C 72 35.18 3.64 -36.66
CA ASP C 72 33.89 3.85 -36.03
C ASP C 72 33.24 5.13 -36.48
N GLY C 73 34.03 6.00 -37.06
CA GLY C 73 33.74 7.41 -37.13
C GLY C 73 34.93 8.14 -36.56
N ILE C 74 35.22 9.30 -37.13
CA ILE C 74 36.34 10.09 -36.70
C ILE C 74 35.88 11.51 -36.40
N TYR C 75 36.68 12.20 -35.61
CA TYR C 75 36.58 13.62 -35.45
C TYR C 75 37.76 14.24 -36.16
N PHE C 76 37.50 15.10 -37.13
CA PHE C 76 38.55 15.75 -37.89
C PHE C 76 38.50 17.23 -37.56
N ALA C 77 39.66 17.82 -37.32
CA ALA C 77 39.72 19.26 -37.15
C ALA C 77 40.95 19.75 -37.89
N ALA C 78 40.93 21.02 -38.27
CA ALA C 78 42.04 21.58 -39.02
C ALA C 78 42.20 23.04 -38.69
N THR C 79 43.42 23.41 -38.32
CA THR C 79 43.82 24.81 -38.18
C THR C 79 44.29 25.30 -39.53
N GLU C 80 43.69 26.37 -40.03
CA GLU C 80 44.05 26.85 -41.34
C GLU C 80 44.26 28.36 -41.35
N LYS C 81 45.22 28.77 -42.16
CA LYS C 81 45.33 30.12 -42.69
C LYS C 81 45.42 30.13 -44.21
N SER C 82 45.73 29.01 -44.84
CA SER C 82 45.93 28.95 -46.29
C SER C 82 45.11 27.85 -46.95
N ASN C 83 44.18 27.23 -46.21
CA ASN C 83 43.26 26.19 -46.69
C ASN C 83 44.02 25.03 -47.34
N VAL C 84 44.96 24.46 -46.59
CA VAL C 84 45.76 23.35 -47.11
C VAL C 84 44.92 22.08 -47.18
N VAL C 85 44.14 21.81 -46.15
CA VAL C 85 43.26 20.64 -46.15
C VAL C 85 42.06 20.93 -47.04
N ARG C 86 41.88 20.09 -48.05
CA ARG C 86 40.79 20.26 -49.00
C ARG C 86 39.85 19.08 -49.08
N GLY C 87 40.33 17.87 -48.81
CA GLY C 87 39.51 16.73 -49.14
C GLY C 87 39.91 15.48 -48.37
N TRP C 88 39.09 14.46 -48.56
CA TRP C 88 39.26 13.18 -47.89
C TRP C 88 38.89 12.07 -48.85
N VAL C 89 39.60 10.97 -48.75
CA VAL C 89 39.32 9.76 -49.51
C VAL C 89 38.85 8.70 -48.53
N PHE C 90 37.63 8.23 -48.68
CA PHE C 90 37.10 7.22 -47.78
C PHE C 90 36.94 5.91 -48.53
N GLY C 91 37.33 4.81 -47.89
CA GLY C 91 37.16 3.51 -48.49
C GLY C 91 37.79 2.45 -47.61
N SER C 92 37.85 1.23 -48.14
CA SER C 92 38.50 0.15 -47.40
C SER C 92 39.91 -0.13 -47.92
N THR C 93 40.02 -0.53 -49.18
CA THR C 93 41.29 -0.99 -49.74
C THR C 93 42.09 0.13 -50.38
N MET C 94 41.45 1.28 -50.62
CA MET C 94 42.01 2.45 -51.32
C MET C 94 42.47 2.13 -52.74
N ASN C 95 41.87 1.11 -53.37
CA ASN C 95 42.21 0.69 -54.71
C ASN C 95 40.95 0.80 -55.59
N ASN C 96 41.13 0.62 -56.89
CA ASN C 96 40.02 0.68 -57.83
C ASN C 96 39.18 -0.60 -57.85
N LYS C 97 39.51 -1.58 -57.02
CA LYS C 97 38.79 -2.85 -56.99
C LYS C 97 37.45 -2.77 -56.28
N SER C 98 37.22 -1.73 -55.47
CA SER C 98 35.94 -1.54 -54.81
C SER C 98 35.57 -0.08 -54.89
N GLN C 99 34.52 0.29 -54.17
CA GLN C 99 33.97 1.63 -54.24
C GLN C 99 34.57 2.50 -53.14
N SER C 100 34.91 3.73 -53.50
CA SER C 100 35.43 4.71 -52.58
C SER C 100 34.77 6.04 -52.89
N VAL C 101 34.85 6.97 -51.96
CA VAL C 101 34.24 8.27 -52.14
C VAL C 101 35.30 9.34 -51.90
N ILE C 102 35.21 10.43 -52.64
CA ILE C 102 36.11 11.56 -52.49
C ILE C 102 35.26 12.81 -52.35
N ILE C 103 35.48 13.54 -51.27
CA ILE C 103 34.75 14.76 -50.97
C ILE C 103 35.80 15.85 -50.94
N ILE C 104 35.92 16.62 -52.01
CA ILE C 104 36.98 17.63 -52.15
C ILE C 104 36.40 19.00 -52.44
N ASN C 105 37.08 20.00 -51.91
CA ASN C 105 36.85 21.41 -52.25
C ASN C 105 37.92 21.79 -53.28
N ASN C 106 37.55 21.77 -54.56
CA ASN C 106 38.52 21.98 -55.63
C ASN C 106 38.74 23.45 -55.97
N SER C 107 38.40 24.36 -55.05
CA SER C 107 38.42 25.82 -55.12
C SER C 107 37.33 26.39 -56.01
N THR C 108 36.49 25.55 -56.62
CA THR C 108 35.39 26.05 -57.43
C THR C 108 34.09 25.47 -56.88
N ASN C 109 34.14 24.21 -56.50
CA ASN C 109 32.97 23.46 -56.06
C ASN C 109 33.37 22.46 -54.99
N VAL C 110 32.37 22.01 -54.24
CA VAL C 110 32.53 20.82 -53.42
C VAL C 110 32.07 19.63 -54.25
N VAL C 111 32.96 18.68 -54.49
CA VAL C 111 32.73 17.58 -55.40
C VAL C 111 32.70 16.29 -54.60
N ILE C 112 31.59 15.58 -54.66
CA ILE C 112 31.39 14.33 -53.94
C ILE C 112 31.09 13.26 -54.98
N ARG C 113 31.96 12.26 -55.09
CA ARG C 113 31.74 11.19 -56.07
C ARG C 113 32.09 9.85 -55.45
N ALA C 114 31.16 8.89 -55.55
CA ALA C 114 31.34 7.55 -55.03
C ALA C 114 31.41 6.57 -56.20
N CYS C 115 32.62 6.16 -56.57
CA CYS C 115 32.85 5.41 -57.80
C CYS C 115 34.00 4.43 -57.56
N ASN C 116 34.29 3.63 -58.57
CA ASN C 116 35.53 2.84 -58.62
C ASN C 116 36.62 3.77 -59.15
N PHE C 117 37.46 4.28 -58.26
CA PHE C 117 38.46 5.28 -58.61
C PHE C 117 39.85 4.69 -58.70
N GLU C 118 40.58 5.09 -59.75
CA GLU C 118 42.01 4.81 -59.86
C GLU C 118 42.75 5.78 -58.94
N LEU C 119 42.80 5.40 -57.67
CA LEU C 119 43.24 6.31 -56.62
C LEU C 119 44.74 6.51 -56.63
N CYS C 120 45.15 7.75 -56.40
CA CYS C 120 46.56 8.05 -56.21
C CYS C 120 47.02 7.51 -54.86
N ASP C 121 48.26 7.00 -54.82
CA ASP C 121 48.88 6.76 -53.53
C ASP C 121 49.36 8.04 -52.88
N ASN C 122 49.49 9.12 -53.66
CA ASN C 122 49.74 10.46 -53.16
C ASN C 122 48.65 11.38 -53.71
N PRO C 123 47.49 11.44 -53.04
CA PRO C 123 46.46 12.39 -53.48
C PRO C 123 46.67 13.76 -52.85
N PHE C 124 46.58 14.80 -53.70
CA PHE C 124 46.87 16.16 -53.27
C PHE C 124 46.28 17.14 -54.28
N PHE C 125 46.13 18.38 -53.82
CA PHE C 125 46.08 19.55 -54.69
C PHE C 125 47.44 20.23 -54.63
N ALA C 126 47.69 21.14 -55.56
CA ALA C 126 48.93 21.88 -55.52
C ALA C 126 48.69 23.33 -55.89
N VAL C 127 49.30 24.23 -55.12
CA VAL C 127 49.20 25.67 -55.30
C VAL C 127 50.61 26.23 -55.45
N SER C 128 50.82 27.01 -56.49
CA SER C 128 52.09 27.69 -56.69
C SER C 128 52.21 28.84 -55.70
N LYS C 129 53.33 28.89 -54.98
CA LYS C 129 53.59 30.00 -54.06
C LYS C 129 53.73 31.37 -54.73
N PRO C 130 54.48 31.57 -55.83
CA PRO C 130 54.51 32.92 -56.43
C PRO C 130 53.25 33.28 -57.20
N MET C 131 52.44 32.31 -57.59
CA MET C 131 51.16 32.62 -58.24
C MET C 131 50.05 32.83 -57.23
N GLY C 132 50.04 32.04 -56.16
CA GLY C 132 48.95 32.07 -55.21
C GLY C 132 47.69 31.39 -55.68
N THR C 133 47.77 30.58 -56.73
CA THR C 133 46.62 29.94 -57.35
C THR C 133 46.84 28.42 -57.41
N GLN C 134 45.72 27.69 -57.49
CA GLN C 134 45.78 26.25 -57.66
C GLN C 134 46.22 25.89 -59.07
N THR C 135 47.12 24.93 -59.19
CA THR C 135 47.56 24.45 -60.49
C THR C 135 47.26 22.98 -60.74
N HIS C 136 47.25 22.14 -59.71
CA HIS C 136 47.12 20.70 -59.90
C HIS C 136 45.92 20.16 -59.15
N THR C 137 45.30 19.15 -59.74
CA THR C 137 44.15 18.43 -59.20
C THR C 137 44.47 16.94 -59.40
N MET C 138 45.17 16.35 -58.43
CA MET C 138 45.64 14.97 -58.58
C MET C 138 45.10 14.15 -57.42
N ILE C 139 43.88 13.66 -57.60
CA ILE C 139 43.19 12.85 -56.60
C ILE C 139 43.04 11.41 -57.09
N PHE C 140 42.55 11.28 -58.32
CA PHE C 140 42.47 10.06 -59.08
C PHE C 140 42.74 10.46 -60.52
N ASP C 141 42.97 9.47 -61.38
CA ASP C 141 43.07 9.78 -62.79
C ASP C 141 41.78 9.47 -63.56
N ASN C 142 41.06 8.41 -63.18
CA ASN C 142 39.92 7.96 -63.94
C ASN C 142 38.88 7.41 -62.96
N ALA C 143 37.64 7.31 -63.44
CA ALA C 143 36.54 6.82 -62.62
C ALA C 143 35.55 6.05 -63.48
N PHE C 144 34.92 5.04 -62.87
CA PHE C 144 33.88 4.27 -63.53
C PHE C 144 32.97 3.67 -62.47
N ASN C 145 31.78 3.24 -62.90
CA ASN C 145 30.75 2.59 -62.09
C ASN C 145 30.38 3.45 -60.88
N CYS C 146 30.00 4.69 -61.16
CA CYS C 146 29.65 5.62 -60.10
C CYS C 146 28.29 5.28 -59.51
N THR C 147 28.18 5.38 -58.19
CA THR C 147 26.95 5.10 -57.47
C THR C 147 26.30 6.35 -56.87
N PHE C 148 27.06 7.41 -56.67
CA PHE C 148 26.51 8.66 -56.16
C PHE C 148 27.38 9.81 -56.65
N GLU C 149 26.75 10.95 -56.92
CA GLU C 149 27.47 12.16 -57.23
C GLU C 149 26.65 13.36 -56.80
N TYR C 150 27.31 14.33 -56.16
CA TYR C 150 26.69 15.60 -55.81
C TYR C 150 27.73 16.69 -55.86
N ILE C 151 27.36 17.84 -56.43
CA ILE C 151 28.23 19.00 -56.49
C ILE C 151 27.47 20.18 -55.90
N SER C 152 28.09 20.91 -54.97
CA SER C 152 27.40 22.03 -54.35
C SER C 152 27.48 23.26 -55.24
N ASP C 153 27.04 24.38 -54.68
CA ASP C 153 27.07 25.66 -55.36
C ASP C 153 28.50 26.11 -55.64
N ALA C 154 28.65 26.94 -56.64
CA ALA C 154 29.98 27.45 -56.98
C ALA C 154 30.37 28.58 -56.05
N PHE C 155 31.68 28.66 -55.77
CA PHE C 155 32.28 29.78 -55.07
C PHE C 155 33.74 29.85 -55.48
N SER C 156 34.46 30.82 -54.93
CA SER C 156 35.85 31.07 -55.30
C SER C 156 36.67 31.06 -54.02
N LEU C 157 37.62 30.13 -53.94
CA LEU C 157 38.26 29.83 -52.67
C LEU C 157 39.68 30.42 -52.62
N ASP C 158 40.01 31.03 -51.48
CA ASP C 158 41.33 31.55 -51.18
C ASP C 158 42.29 30.37 -51.03
N VAL C 159 43.20 30.21 -51.98
CA VAL C 159 44.11 29.07 -52.04
C VAL C 159 45.54 29.48 -51.73
N SER C 160 45.82 30.77 -51.63
CA SER C 160 47.19 31.26 -51.57
C SER C 160 47.77 31.04 -50.17
N GLU C 161 49.10 31.06 -50.10
CA GLU C 161 49.76 30.93 -48.81
C GLU C 161 49.70 32.27 -48.08
N LYS C 162 49.28 32.24 -46.84
CA LYS C 162 49.11 33.45 -46.04
C LYS C 162 50.16 33.52 -44.94
N SER C 163 50.48 34.74 -44.55
CA SER C 163 51.36 34.95 -43.40
C SER C 163 50.53 35.07 -42.13
N GLY C 164 51.21 35.23 -41.01
CA GLY C 164 50.53 35.35 -39.73
C GLY C 164 50.23 34.00 -39.10
N ASN C 165 49.36 34.05 -38.10
CA ASN C 165 49.03 32.84 -37.37
C ASN C 165 47.79 32.18 -37.99
N PHE C 166 47.38 31.07 -37.39
CA PHE C 166 46.17 30.40 -37.85
C PHE C 166 44.93 31.15 -37.38
N LYS C 167 44.04 31.45 -38.32
CA LYS C 167 42.87 32.25 -38.00
C LYS C 167 41.56 31.48 -38.01
N HIS C 168 41.55 30.24 -38.53
CA HIS C 168 40.31 29.53 -38.77
C HIS C 168 40.44 28.09 -38.30
N LEU C 169 39.47 27.63 -37.52
CA LEU C 169 39.37 26.24 -37.12
C LEU C 169 38.10 25.66 -37.72
N ARG C 170 38.25 24.74 -38.66
CA ARG C 170 37.12 24.00 -39.20
C ARG C 170 37.05 22.66 -38.52
N GLU C 171 35.83 22.23 -38.19
CA GLU C 171 35.61 21.03 -37.40
C GLU C 171 34.59 20.14 -38.09
N PHE C 172 34.96 18.90 -38.36
CA PHE C 172 34.10 17.95 -39.03
C PHE C 172 33.97 16.68 -38.21
N VAL C 173 32.82 16.02 -38.35
CA VAL C 173 32.59 14.70 -37.79
C VAL C 173 32.03 13.83 -38.90
N PHE C 174 32.57 12.62 -39.06
CA PHE C 174 32.20 11.71 -40.13
C PHE C 174 31.69 10.44 -39.48
N LYS C 175 30.57 9.91 -39.94
CA LYS C 175 29.98 8.72 -39.35
C LYS C 175 29.37 7.82 -40.41
N ASN C 176 29.39 6.51 -40.15
CA ASN C 176 28.79 5.53 -41.04
C ASN C 176 27.54 4.94 -40.38
N LYS C 177 26.40 5.04 -41.07
CA LYS C 177 25.16 4.53 -40.53
C LYS C 177 24.17 4.26 -41.67
N ASP C 178 23.83 2.99 -41.86
CA ASP C 178 22.78 2.54 -42.80
C ASP C 178 23.08 2.95 -44.23
N GLY C 179 24.34 2.85 -44.63
CA GLY C 179 24.76 3.26 -45.94
C GLY C 179 24.96 4.75 -46.12
N PHE C 180 24.68 5.56 -45.11
CA PHE C 180 24.81 7.00 -45.20
C PHE C 180 26.16 7.43 -44.64
N LEU C 181 26.76 8.42 -45.28
CA LEU C 181 27.88 9.15 -44.69
C LEU C 181 27.33 10.43 -44.07
N TYR C 182 27.30 10.48 -42.75
CA TYR C 182 26.90 11.66 -42.00
C TYR C 182 28.06 12.63 -41.92
N VAL C 183 27.83 13.86 -42.33
CA VAL C 183 28.86 14.90 -42.31
C VAL C 183 28.34 16.07 -41.49
N TYR C 184 29.06 16.41 -40.43
CA TYR C 184 28.72 17.46 -39.50
C TYR C 184 29.75 18.57 -39.63
N LYS C 185 29.33 19.83 -39.49
CA LYS C 185 30.22 20.95 -39.73
C LYS C 185 30.11 22.01 -38.66
N GLY C 186 31.25 22.38 -38.07
CA GLY C 186 31.31 23.52 -37.18
C GLY C 186 32.46 24.44 -37.58
N TYR C 187 32.53 25.58 -36.92
CA TYR C 187 33.57 26.56 -37.20
C TYR C 187 33.82 27.42 -35.97
N GLN C 188 35.10 27.73 -35.72
CA GLN C 188 35.47 28.62 -34.65
C GLN C 188 36.64 29.49 -35.08
N PRO C 189 36.54 30.81 -34.93
CA PRO C 189 37.69 31.67 -35.18
C PRO C 189 38.74 31.48 -34.10
N ILE C 190 40.00 31.40 -34.53
CA ILE C 190 41.11 31.14 -33.62
C ILE C 190 42.22 32.14 -33.90
N ASP C 191 43.21 32.16 -33.01
CA ASP C 191 44.47 32.85 -33.24
C ASP C 191 45.53 32.06 -32.49
N VAL C 192 46.14 31.08 -33.19
CA VAL C 192 47.09 30.16 -32.58
C VAL C 192 48.28 29.98 -33.50
N VAL C 193 49.41 29.61 -32.89
CA VAL C 193 50.61 29.19 -33.60
C VAL C 193 50.79 27.68 -33.56
N ARG C 194 49.94 26.99 -32.80
CA ARG C 194 50.17 25.62 -32.37
C ARG C 194 48.81 24.95 -32.27
N ASP C 195 48.75 23.94 -31.43
CA ASP C 195 47.82 22.83 -31.40
C ASP C 195 46.34 23.19 -31.14
N LEU C 196 45.51 22.18 -30.95
CA LEU C 196 44.07 22.30 -30.71
C LEU C 196 43.72 23.13 -29.48
N PRO C 197 42.87 24.16 -29.59
CA PRO C 197 42.50 24.93 -28.41
C PRO C 197 41.35 24.27 -27.65
N SER C 198 41.30 24.54 -26.35
CA SER C 198 40.24 24.00 -25.53
C SER C 198 38.98 24.84 -25.64
N GLY C 199 37.83 24.18 -25.59
CA GLY C 199 36.57 24.88 -25.68
C GLY C 199 35.45 23.97 -26.13
N PHE C 200 34.25 24.55 -26.18
CA PHE C 200 33.00 23.86 -26.49
C PHE C 200 32.31 24.56 -27.63
N ASN C 201 32.06 23.83 -28.72
CA ASN C 201 31.33 24.39 -29.86
C ASN C 201 30.62 23.24 -30.57
N THR C 202 29.31 23.40 -30.76
CA THR C 202 28.48 22.40 -31.39
C THR C 202 28.76 22.32 -32.89
N LEU C 203 28.38 21.19 -33.48
CA LEU C 203 28.57 20.97 -34.90
C LEU C 203 27.23 20.60 -35.52
N LYS C 204 26.89 21.25 -36.60
CA LYS C 204 25.61 21.11 -37.27
C LYS C 204 25.74 20.18 -38.46
N PRO C 205 24.70 19.44 -38.81
CA PRO C 205 24.78 18.55 -39.98
C PRO C 205 24.64 19.31 -41.29
N ILE C 206 25.38 18.84 -42.30
CA ILE C 206 25.35 19.43 -43.63
C ILE C 206 25.10 18.40 -44.73
N PHE C 207 25.40 17.12 -44.49
CA PHE C 207 25.16 16.12 -45.51
C PHE C 207 24.75 14.79 -44.91
N LYS C 208 23.85 14.10 -45.61
CA LYS C 208 23.53 12.69 -45.41
C LYS C 208 23.76 12.04 -46.77
N LEU C 209 24.92 11.39 -46.96
CA LEU C 209 25.30 10.97 -48.28
C LEU C 209 25.03 9.48 -48.44
N PRO C 210 24.02 9.07 -49.22
CA PRO C 210 23.69 7.64 -49.38
C PRO C 210 24.69 6.92 -50.28
N LEU C 211 25.92 6.78 -49.79
CA LEU C 211 26.99 6.29 -50.64
C LEU C 211 26.89 4.79 -50.84
N GLY C 212 26.54 4.06 -49.78
CA GLY C 212 26.49 2.62 -49.85
C GLY C 212 27.84 1.95 -50.01
N ILE C 213 28.91 2.53 -49.44
CA ILE C 213 30.23 1.95 -49.55
C ILE C 213 30.72 1.59 -48.16
N ASN C 214 31.72 0.71 -48.11
CA ASN C 214 32.27 0.21 -46.85
C ASN C 214 33.51 1.04 -46.54
N ILE C 215 33.40 1.94 -45.56
CA ILE C 215 34.49 2.81 -45.18
C ILE C 215 35.12 2.27 -43.91
N THR C 216 36.36 1.82 -44.01
CA THR C 216 37.14 1.43 -42.84
C THR C 216 38.42 2.23 -42.69
N ASN C 217 38.87 2.93 -43.72
CA ASN C 217 40.06 3.75 -43.66
C ASN C 217 39.79 5.07 -44.33
N PHE C 218 40.64 6.06 -44.05
CA PHE C 218 40.51 7.32 -44.74
C PHE C 218 41.89 7.92 -44.96
N ARG C 219 41.95 8.88 -45.89
CA ARG C 219 43.16 9.62 -46.18
C ARG C 219 42.81 11.08 -46.38
N ALA C 220 43.40 11.95 -45.58
CA ALA C 220 43.22 13.38 -45.76
C ALA C 220 43.95 13.81 -47.03
N ILE C 221 43.34 14.73 -47.77
CA ILE C 221 43.97 15.29 -48.96
C ILE C 221 44.50 16.68 -48.61
N LEU C 222 45.83 16.81 -48.66
CA LEU C 222 46.51 18.06 -48.39
C LEU C 222 46.70 18.84 -49.67
N THR C 223 47.23 20.05 -49.54
CA THR C 223 47.62 20.84 -50.68
C THR C 223 49.12 21.09 -50.60
N ALA C 224 49.83 20.85 -51.69
CA ALA C 224 51.27 21.05 -51.75
C ALA C 224 51.56 22.45 -52.25
N PHE C 225 52.36 23.21 -51.48
CA PHE C 225 52.72 24.56 -51.88
C PHE C 225 54.19 24.57 -52.28
N SER C 226 54.47 24.89 -53.53
CA SER C 226 55.85 24.86 -54.01
C SER C 226 56.10 26.08 -54.90
N PRO C 227 57.33 26.60 -54.90
CA PRO C 227 57.74 27.66 -55.85
C PRO C 227 58.21 27.11 -57.20
N ILE C 231 58.46 19.23 -58.19
CA ILE C 231 58.60 20.37 -57.29
C ILE C 231 57.40 20.38 -56.35
N TRP C 232 57.58 19.78 -55.18
CA TRP C 232 56.57 19.72 -54.14
C TRP C 232 57.02 20.52 -52.93
N GLY C 233 56.09 20.75 -52.03
CA GLY C 233 56.41 21.47 -50.81
C GLY C 233 55.18 21.57 -49.93
N THR C 234 55.34 22.30 -48.83
CA THR C 234 54.30 22.43 -47.82
C THR C 234 54.21 23.87 -47.33
N SER C 235 53.15 24.14 -46.58
CA SER C 235 53.06 25.35 -45.77
C SER C 235 52.27 25.01 -44.51
N ALA C 236 52.36 25.90 -43.52
CA ALA C 236 51.96 25.61 -42.15
C ALA C 236 50.47 25.36 -42.05
N ALA C 237 50.13 24.14 -41.63
CA ALA C 237 48.77 23.71 -41.37
C ALA C 237 48.87 22.49 -40.45
N ALA C 238 47.77 22.19 -39.78
CA ALA C 238 47.76 21.04 -38.90
C ALA C 238 46.37 20.42 -38.94
N TYR C 239 46.33 19.10 -38.85
CA TYR C 239 45.05 18.43 -38.80
C TYR C 239 45.08 17.32 -37.78
N PHE C 240 43.93 17.11 -37.13
CA PHE C 240 43.83 16.35 -35.91
C PHE C 240 42.82 15.23 -36.12
N VAL C 241 43.08 14.07 -35.56
CA VAL C 241 42.15 12.95 -35.68
C VAL C 241 41.88 12.37 -34.30
N GLY C 242 40.62 12.43 -33.86
CA GLY C 242 40.17 11.70 -32.71
C GLY C 242 39.18 10.63 -33.14
N TYR C 243 38.90 9.70 -32.24
CA TYR C 243 38.00 8.60 -32.54
C TYR C 243 36.74 8.70 -31.70
N LEU C 244 35.60 8.39 -32.31
CA LEU C 244 34.32 8.45 -31.64
C LEU C 244 34.08 7.16 -30.89
N LYS C 245 33.42 7.27 -29.75
CA LYS C 245 33.17 6.10 -28.91
C LYS C 245 31.68 6.01 -28.59
N PRO C 246 31.17 4.80 -28.43
CA PRO C 246 29.78 4.65 -27.96
C PRO C 246 29.66 4.97 -26.48
N THR C 247 29.06 6.11 -26.18
CA THR C 247 29.06 6.64 -24.84
C THR C 247 27.75 7.37 -24.60
N THR C 248 27.58 7.95 -23.41
CA THR C 248 26.37 8.64 -23.05
C THR C 248 26.68 10.08 -22.67
N PHE C 249 26.04 11.03 -23.34
CA PHE C 249 26.14 12.42 -22.93
C PHE C 249 24.79 12.91 -22.45
N MET C 250 24.80 13.93 -21.62
CA MET C 250 23.61 14.67 -21.29
C MET C 250 23.71 16.06 -21.87
N LEU C 251 22.79 16.41 -22.76
CA LEU C 251 22.85 17.64 -23.53
C LEU C 251 21.84 18.64 -22.98
N LYS C 252 22.23 19.90 -22.89
CA LYS C 252 21.33 20.94 -22.41
C LYS C 252 20.96 21.85 -23.55
N TYR C 253 19.66 22.01 -23.78
CA TYR C 253 19.17 22.85 -24.86
C TYR C 253 18.50 24.06 -24.25
N ASP C 254 18.78 25.25 -24.78
CA ASP C 254 18.16 26.44 -24.23
C ASP C 254 16.79 26.67 -24.87
N GLU C 255 16.27 27.90 -24.73
CA GLU C 255 14.94 28.22 -25.22
C GLU C 255 14.85 28.27 -26.74
N ASN C 256 15.97 28.50 -27.42
CA ASN C 256 15.98 28.51 -28.87
C ASN C 256 16.30 27.15 -29.47
N GLY C 257 16.45 26.12 -28.65
CA GLY C 257 16.83 24.84 -29.20
C GLY C 257 18.28 24.74 -29.58
N THR C 258 19.14 25.53 -28.95
CA THR C 258 20.57 25.51 -29.21
C THR C 258 21.26 24.75 -28.07
N ILE C 259 22.12 23.81 -28.41
CA ILE C 259 22.85 23.08 -27.39
C ILE C 259 23.90 24.00 -26.80
N THR C 260 23.80 24.27 -25.50
CA THR C 260 24.73 25.20 -24.87
C THR C 260 25.75 24.52 -23.97
N ASP C 261 25.48 23.30 -23.50
CA ASP C 261 26.40 22.64 -22.59
C ASP C 261 26.15 21.14 -22.63
N ALA C 262 27.14 20.38 -22.15
CA ALA C 262 27.03 18.93 -22.16
C ALA C 262 27.87 18.34 -21.04
N VAL C 263 27.57 17.09 -20.67
CA VAL C 263 28.26 16.36 -19.63
C VAL C 263 28.49 14.92 -20.09
N ASP C 264 29.74 14.47 -20.04
CA ASP C 264 30.07 13.09 -20.39
C ASP C 264 29.82 12.24 -19.16
N CYS C 265 28.86 11.33 -19.24
CA CYS C 265 28.43 10.56 -18.08
C CYS C 265 29.46 9.57 -17.57
N SER C 266 30.51 9.28 -18.32
CA SER C 266 31.48 8.30 -17.89
C SER C 266 32.88 8.88 -17.69
N GLN C 267 32.98 10.18 -17.52
CA GLN C 267 34.27 10.80 -17.30
C GLN C 267 34.79 10.52 -15.89
N ASN C 268 33.98 10.81 -14.88
CA ASN C 268 34.39 10.68 -13.48
C ASN C 268 33.13 10.51 -12.65
N PRO C 269 33.25 10.15 -11.34
CA PRO C 269 32.03 9.98 -10.53
C PRO C 269 31.17 11.19 -10.36
N LEU C 270 31.73 12.39 -10.48
CA LEU C 270 30.90 13.58 -10.36
C LEU C 270 29.97 13.70 -11.55
N ALA C 271 30.45 13.35 -12.74
CA ALA C 271 29.65 13.53 -13.93
C ALA C 271 28.58 12.46 -14.03
N GLU C 272 28.87 11.26 -13.55
CA GLU C 272 27.87 10.19 -13.53
C GLU C 272 26.76 10.54 -12.56
N LEU C 273 27.08 11.26 -11.50
CA LEU C 273 26.08 11.77 -10.58
C LEU C 273 25.17 12.79 -11.26
N LYS C 274 25.73 13.68 -12.07
CA LYS C 274 24.93 14.70 -12.75
C LYS C 274 23.98 14.09 -13.76
N CYS C 275 24.41 13.00 -14.41
CA CYS C 275 23.54 12.33 -15.37
C CYS C 275 22.39 11.63 -14.66
N SER C 276 22.64 11.16 -13.44
CA SER C 276 21.61 10.46 -12.67
C SER C 276 20.56 11.44 -12.15
N VAL C 277 21.00 12.56 -11.59
CA VAL C 277 20.09 13.55 -11.04
C VAL C 277 19.39 14.32 -12.16
N LYS C 278 20.00 14.36 -13.35
CA LYS C 278 19.65 15.24 -14.46
C LYS C 278 19.66 16.70 -14.02
N SER C 279 20.83 17.18 -13.66
CA SER C 279 21.04 18.54 -13.21
C SER C 279 22.52 18.87 -13.30
N PHE C 280 22.81 20.07 -13.76
CA PHE C 280 24.19 20.54 -13.71
C PHE C 280 24.59 21.05 -12.33
N GLU C 281 23.63 21.22 -11.44
CA GLU C 281 23.88 21.80 -10.12
C GLU C 281 23.36 20.82 -9.08
N ILE C 282 24.20 20.51 -8.10
CA ILE C 282 23.94 19.43 -7.15
C ILE C 282 24.30 19.92 -5.75
N ASP C 283 23.36 19.77 -4.82
CA ASP C 283 23.52 20.25 -3.46
C ASP C 283 24.22 19.19 -2.61
N LYS C 284 24.59 19.58 -1.40
CA LYS C 284 25.39 18.74 -0.52
C LYS C 284 24.58 17.54 -0.03
N GLY C 285 25.19 16.37 -0.04
CA GLY C 285 24.53 15.17 0.43
C GLY C 285 25.28 13.93 0.02
N ILE C 286 24.66 12.79 0.28
CA ILE C 286 25.10 11.50 -0.24
C ILE C 286 24.02 10.97 -1.16
N TYR C 287 24.44 10.42 -2.29
CA TYR C 287 23.58 10.14 -3.43
C TYR C 287 23.82 8.76 -3.96
N GLN C 288 22.77 7.95 -4.00
CA GLN C 288 22.90 6.60 -4.50
C GLN C 288 22.92 6.60 -6.01
N THR C 289 23.88 5.89 -6.59
CA THR C 289 23.96 5.73 -8.03
C THR C 289 24.27 4.29 -8.41
N SER C 290 24.74 4.04 -9.63
CA SER C 290 24.65 2.73 -10.26
C SER C 290 25.51 1.68 -9.58
N ASN C 291 25.03 0.45 -9.62
CA ASN C 291 25.68 -0.67 -8.94
C ASN C 291 27.02 -0.99 -9.57
N PHE C 292 27.90 -1.60 -8.79
CA PHE C 292 29.17 -2.04 -9.34
C PHE C 292 29.25 -3.56 -9.31
N ARG C 293 30.01 -4.12 -10.25
CA ARG C 293 30.28 -5.54 -10.31
C ARG C 293 31.78 -5.73 -10.47
N VAL C 294 32.28 -6.85 -10.00
CA VAL C 294 33.64 -7.27 -10.30
C VAL C 294 33.57 -8.27 -11.44
N VAL C 295 34.39 -8.05 -12.46
CA VAL C 295 34.43 -8.92 -13.63
C VAL C 295 35.41 -10.07 -13.37
N PRO C 296 35.04 -11.32 -13.65
CA PRO C 296 35.94 -12.44 -13.36
C PRO C 296 37.15 -12.47 -14.29
N SER C 297 38.25 -13.02 -13.77
CA SER C 297 39.50 -13.15 -14.53
C SER C 297 40.11 -14.51 -14.25
N GLY C 298 39.79 -15.47 -15.09
CA GLY C 298 40.27 -16.83 -14.93
C GLY C 298 39.26 -17.81 -15.43
N ASP C 299 39.72 -19.06 -15.57
CA ASP C 299 38.82 -20.13 -16.00
C ASP C 299 39.32 -21.43 -15.38
N VAL C 300 38.50 -22.02 -14.52
CA VAL C 300 38.83 -23.25 -13.82
C VAL C 300 37.85 -24.31 -14.27
N VAL C 301 38.35 -25.35 -14.94
CA VAL C 301 37.51 -26.45 -15.39
C VAL C 301 38.06 -27.74 -14.82
N ARG C 302 37.26 -28.40 -13.99
CA ARG C 302 37.58 -29.74 -13.54
C ARG C 302 36.37 -30.64 -13.62
N LEU C 502 38.13 -30.21 -21.22
CA LEU C 502 39.48 -30.46 -20.74
C LEU C 502 39.57 -30.38 -19.23
N SER C 503 40.71 -29.89 -18.75
CA SER C 503 41.00 -29.80 -17.34
C SER C 503 42.08 -28.75 -17.14
N THR C 504 41.91 -27.90 -16.13
CA THR C 504 42.85 -26.83 -15.86
C THR C 504 43.28 -26.90 -14.41
N ASP C 505 44.13 -25.96 -14.03
CA ASP C 505 44.56 -25.84 -12.64
C ASP C 505 43.47 -25.14 -11.84
N LEU C 506 43.61 -25.18 -10.52
CA LEU C 506 42.60 -24.64 -9.62
C LEU C 506 43.07 -23.29 -9.09
N ILE C 507 42.41 -22.22 -9.53
CA ILE C 507 42.77 -20.87 -9.10
C ILE C 507 41.94 -20.54 -7.87
N LYS C 508 42.61 -20.16 -6.78
CA LYS C 508 41.94 -19.87 -5.53
C LYS C 508 42.04 -18.39 -5.19
N ASN C 509 41.05 -17.92 -4.41
CA ASN C 509 41.01 -16.58 -3.82
C ASN C 509 41.02 -15.49 -4.89
N GLN C 510 40.35 -15.77 -5.99
CA GLN C 510 40.30 -14.89 -7.15
C GLN C 510 38.98 -15.14 -7.86
N CYS C 511 38.30 -14.08 -8.27
CA CYS C 511 37.03 -14.23 -8.96
C CYS C 511 37.26 -14.85 -10.32
N VAL C 512 36.89 -16.12 -10.47
CA VAL C 512 37.07 -16.84 -11.72
C VAL C 512 35.74 -17.36 -12.19
N ASN C 513 35.72 -17.81 -13.43
CA ASN C 513 34.55 -18.42 -14.02
C ASN C 513 34.78 -19.91 -14.03
N PHE C 514 34.14 -20.62 -13.11
CA PHE C 514 34.48 -22.02 -12.88
C PHE C 514 33.47 -22.94 -13.54
N ASN C 515 33.93 -24.17 -13.79
CA ASN C 515 33.11 -25.22 -14.38
C ASN C 515 33.59 -26.53 -13.77
N PHE C 516 32.99 -26.92 -12.66
CA PHE C 516 33.18 -28.24 -12.12
C PHE C 516 32.28 -29.20 -12.85
N ASN C 517 32.34 -30.47 -12.45
CA ASN C 517 31.60 -31.49 -13.16
C ASN C 517 30.12 -31.27 -12.89
N GLY C 518 29.47 -30.52 -13.79
CA GLY C 518 28.05 -30.23 -13.68
C GLY C 518 27.68 -28.92 -13.01
N LEU C 519 28.64 -28.15 -12.51
CA LEU C 519 28.32 -26.90 -11.83
C LEU C 519 29.08 -25.79 -12.52
N THR C 520 28.36 -24.76 -12.95
CA THR C 520 28.96 -23.60 -13.61
C THR C 520 28.61 -22.34 -12.84
N GLY C 521 29.31 -21.28 -13.16
CA GLY C 521 29.02 -19.99 -12.58
C GLY C 521 30.32 -19.24 -12.31
N THR C 522 30.16 -18.03 -11.83
CA THR C 522 31.31 -17.20 -11.46
C THR C 522 31.40 -17.17 -9.95
N GLY C 523 32.60 -16.97 -9.44
CA GLY C 523 32.75 -16.90 -8.01
C GLY C 523 34.19 -17.01 -7.58
N VAL C 524 34.36 -17.09 -6.28
CA VAL C 524 35.65 -17.12 -5.64
C VAL C 524 35.81 -18.46 -4.95
N LEU C 525 36.88 -19.17 -5.26
CA LEU C 525 37.11 -20.52 -4.75
C LEU C 525 38.08 -20.46 -3.57
N THR C 526 37.78 -21.21 -2.53
CA THR C 526 38.57 -21.20 -1.30
C THR C 526 38.32 -22.50 -0.55
N PRO C 527 39.33 -23.06 0.11
CA PRO C 527 39.12 -24.33 0.81
C PRO C 527 38.24 -24.16 2.04
N SER C 528 37.67 -25.26 2.49
CA SER C 528 36.71 -25.20 3.58
C SER C 528 36.74 -26.48 4.40
N SER C 529 36.01 -26.45 5.51
CA SER C 529 35.96 -27.53 6.48
C SER C 529 34.60 -28.17 6.59
N LYS C 530 33.73 -27.99 5.60
CA LYS C 530 32.44 -28.67 5.62
C LYS C 530 32.65 -30.16 5.46
N ARG C 531 32.15 -30.94 6.41
CA ARG C 531 32.42 -32.37 6.42
C ARG C 531 31.41 -33.09 5.52
N PHE C 532 31.78 -33.19 4.25
CA PHE C 532 30.96 -33.98 3.34
C PHE C 532 31.03 -35.44 3.70
N GLN C 533 29.97 -36.12 3.46
CA GLN C 533 29.97 -37.57 3.46
C GLN C 533 30.60 -38.06 2.16
N PRO C 534 31.10 -39.31 2.12
CA PRO C 534 31.76 -39.78 0.88
C PRO C 534 30.87 -39.94 -0.34
N PHE C 535 29.58 -39.72 -0.22
CA PHE C 535 28.65 -39.84 -1.32
C PHE C 535 27.99 -38.49 -1.62
N GLN C 536 28.59 -37.40 -1.16
CA GLN C 536 28.01 -36.07 -1.33
C GLN C 536 28.89 -35.25 -2.26
N GLN C 537 28.37 -34.98 -3.45
CA GLN C 537 29.19 -34.36 -4.49
C GLN C 537 29.36 -32.86 -4.23
N PHE C 538 28.31 -32.19 -3.80
CA PHE C 538 28.42 -30.76 -3.52
C PHE C 538 27.38 -30.38 -2.48
N GLY C 539 27.42 -29.12 -2.06
CA GLY C 539 26.61 -28.67 -0.95
C GLY C 539 25.73 -27.51 -1.36
N ARG C 540 24.83 -27.13 -0.45
CA ARG C 540 23.90 -26.04 -0.68
C ARG C 540 23.69 -25.23 0.59
N ASP C 541 23.23 -24.01 0.38
CA ASP C 541 23.08 -23.02 1.44
C ASP C 541 21.71 -23.22 2.08
N VAL C 542 21.28 -22.28 2.93
CA VAL C 542 19.93 -22.37 3.48
C VAL C 542 18.89 -21.99 2.43
N SER C 543 19.30 -21.28 1.39
CA SER C 543 18.51 -21.13 0.19
C SER C 543 18.89 -22.25 -0.79
N ASP C 544 18.53 -22.09 -2.04
CA ASP C 544 18.70 -23.14 -3.03
C ASP C 544 19.90 -22.90 -3.92
N PHE C 545 20.97 -22.36 -3.35
CA PHE C 545 22.17 -21.97 -4.06
C PHE C 545 23.31 -22.90 -3.69
N THR C 546 24.07 -23.30 -4.70
CA THR C 546 25.28 -24.07 -4.44
C THR C 546 26.32 -23.19 -3.79
N ASP C 547 26.80 -23.59 -2.61
CA ASP C 547 27.84 -22.81 -1.98
C ASP C 547 29.12 -23.56 -1.74
N SER C 548 29.21 -24.83 -2.11
CA SER C 548 30.42 -25.60 -1.86
C SER C 548 30.45 -26.76 -2.84
N VAL C 549 31.63 -27.31 -3.05
CA VAL C 549 31.78 -28.37 -4.03
C VAL C 549 32.97 -29.25 -3.64
N ARG C 550 32.84 -30.55 -3.88
CA ARG C 550 33.94 -31.47 -3.69
C ARG C 550 34.69 -31.59 -5.01
N ASP C 551 35.98 -31.31 -4.96
CA ASP C 551 36.83 -31.22 -6.16
C ASP C 551 36.89 -32.58 -6.86
N PRO C 552 36.44 -32.69 -8.11
CA PRO C 552 36.33 -34.02 -8.75
C PRO C 552 37.66 -34.66 -9.09
N LYS C 553 38.78 -33.99 -8.93
CA LYS C 553 40.08 -34.59 -9.20
C LYS C 553 40.86 -34.93 -7.94
N THR C 554 40.76 -34.12 -6.88
CA THR C 554 41.53 -34.37 -5.66
C THR C 554 40.71 -34.45 -4.38
N SER C 555 39.38 -34.37 -4.45
CA SER C 555 38.44 -34.45 -3.33
C SER C 555 38.62 -33.36 -2.28
N GLU C 556 39.20 -32.22 -2.65
CA GLU C 556 39.24 -31.09 -1.74
C GLU C 556 37.87 -30.45 -1.65
N ILE C 557 37.49 -30.04 -0.44
CA ILE C 557 36.21 -29.37 -0.24
C ILE C 557 36.44 -27.87 -0.38
N LEU C 558 35.77 -27.27 -1.35
CA LEU C 558 35.92 -25.86 -1.67
C LEU C 558 34.66 -25.11 -1.28
N ASP C 559 34.81 -23.82 -0.99
CA ASP C 559 33.68 -22.90 -0.93
C ASP C 559 33.52 -22.15 -2.23
N ILE C 560 32.33 -21.62 -2.44
CA ILE C 560 32.04 -20.73 -3.55
C ILE C 560 31.37 -19.49 -2.98
N SER C 561 32.07 -18.39 -2.98
CA SER C 561 31.49 -17.11 -2.64
C SER C 561 31.03 -16.45 -3.92
N PRO C 562 30.07 -15.52 -3.86
CA PRO C 562 29.77 -14.71 -5.03
C PRO C 562 30.93 -13.79 -5.33
N CYS C 563 30.98 -13.30 -6.57
CA CYS C 563 32.19 -12.62 -7.03
C CYS C 563 32.47 -11.34 -6.26
N ALA C 564 31.68 -10.29 -6.49
CA ALA C 564 31.41 -9.15 -5.61
C ALA C 564 30.42 -8.24 -6.29
N PHE C 565 29.61 -7.56 -5.49
CA PHE C 565 28.66 -6.59 -6.02
C PHE C 565 28.25 -5.67 -4.89
N GLY C 566 27.55 -4.60 -5.25
CA GLY C 566 27.04 -3.67 -4.26
C GLY C 566 26.57 -2.40 -4.93
N GLY C 567 26.20 -1.44 -4.09
CA GLY C 567 25.85 -0.13 -4.60
C GLY C 567 27.00 0.84 -4.52
N VAL C 568 26.86 1.93 -5.25
CA VAL C 568 27.84 3.01 -5.30
C VAL C 568 27.15 4.28 -4.87
N SER C 569 27.76 4.99 -3.93
CA SER C 569 27.20 6.24 -3.47
C SER C 569 28.25 7.33 -3.55
N VAL C 570 27.87 8.51 -4.02
CA VAL C 570 28.81 9.57 -4.26
C VAL C 570 28.57 10.69 -3.25
N ILE C 571 29.59 11.02 -2.48
CA ILE C 571 29.52 11.96 -1.37
C ILE C 571 30.06 13.29 -1.85
N THR C 572 29.28 14.35 -1.73
CA THR C 572 29.67 15.62 -2.29
C THR C 572 29.39 16.77 -1.34
N PRO C 573 30.26 17.77 -1.32
CA PRO C 573 29.97 18.99 -0.56
C PRO C 573 29.05 19.94 -1.30
N GLY C 574 28.64 19.61 -2.51
CA GLY C 574 27.87 20.49 -3.36
C GLY C 574 28.72 21.07 -4.46
N THR C 575 28.10 21.28 -5.62
CA THR C 575 28.82 21.88 -6.73
C THR C 575 29.01 23.38 -6.54
N ASN C 576 28.30 23.99 -5.60
CA ASN C 576 28.50 25.39 -5.26
C ASN C 576 29.74 25.59 -4.42
N ALA C 577 30.25 24.55 -3.80
CA ALA C 577 31.39 24.64 -2.91
C ALA C 577 32.66 24.08 -3.54
N SER C 578 32.57 22.93 -4.19
CA SER C 578 33.73 22.32 -4.82
C SER C 578 33.28 21.40 -5.94
N SER C 579 34.26 20.71 -6.53
CA SER C 579 33.98 19.72 -7.55
C SER C 579 34.71 18.41 -7.30
N GLU C 580 35.19 18.19 -6.08
CA GLU C 580 35.73 16.91 -5.69
C GLU C 580 34.69 16.15 -4.89
N VAL C 581 34.67 14.83 -5.07
CA VAL C 581 33.70 13.97 -4.42
C VAL C 581 34.43 12.77 -3.86
N ALA C 582 33.79 12.10 -2.92
CA ALA C 582 34.25 10.83 -2.39
C ALA C 582 33.24 9.76 -2.75
N VAL C 583 33.70 8.52 -2.88
CA VAL C 583 32.80 7.43 -3.26
C VAL C 583 32.75 6.39 -2.16
N LEU C 584 31.59 5.80 -2.00
CA LEU C 584 31.38 4.71 -1.07
C LEU C 584 30.97 3.49 -1.85
N TYR C 585 31.75 2.43 -1.75
CA TYR C 585 31.44 1.14 -2.34
C TYR C 585 30.77 0.34 -1.23
N GLN C 586 29.47 0.17 -1.30
CA GLN C 586 28.73 -0.29 -0.14
C GLN C 586 28.85 -1.80 0.03
N ASP C 587 29.14 -2.21 1.26
CA ASP C 587 29.09 -3.61 1.72
C ASP C 587 30.03 -4.50 0.92
N VAL C 588 31.32 -4.22 1.03
CA VAL C 588 32.31 -4.91 0.24
C VAL C 588 33.65 -4.78 0.96
N ASN C 589 34.49 -5.80 0.82
CA ASN C 589 35.81 -5.81 1.40
C ASN C 589 36.71 -4.90 0.58
N CYS C 590 37.47 -4.02 1.25
CA CYS C 590 38.34 -3.09 0.56
C CYS C 590 39.52 -3.75 -0.13
N THR C 591 39.85 -4.99 0.22
CA THR C 591 40.88 -5.69 -0.54
C THR C 591 40.40 -5.98 -1.95
N ASP C 592 39.15 -6.44 -2.09
CA ASP C 592 38.60 -6.72 -3.40
C ASP C 592 38.36 -5.46 -4.20
N VAL C 593 37.94 -4.38 -3.55
CA VAL C 593 37.66 -3.16 -4.28
C VAL C 593 38.95 -2.53 -4.79
N SER C 594 39.97 -2.43 -3.93
CA SER C 594 41.20 -1.73 -4.32
C SER C 594 41.94 -2.49 -5.41
N THR C 595 42.00 -3.81 -5.29
CA THR C 595 42.72 -4.61 -6.28
C THR C 595 42.00 -4.60 -7.63
N ALA C 596 40.67 -4.69 -7.62
CA ALA C 596 39.94 -4.72 -8.88
C ALA C 596 39.91 -3.35 -9.55
N ILE C 597 40.11 -2.28 -8.77
CA ILE C 597 40.26 -0.95 -9.38
C ILE C 597 41.59 -0.86 -10.10
N HIS C 598 42.67 -1.31 -9.44
CA HIS C 598 44.00 -1.20 -10.05
C HIS C 598 44.13 -2.11 -11.26
N ALA C 599 43.54 -3.30 -11.21
CA ALA C 599 43.63 -4.20 -12.34
C ALA C 599 42.53 -3.97 -13.37
N ASP C 600 41.72 -2.93 -13.18
CA ASP C 600 40.66 -2.51 -14.10
C ASP C 600 39.63 -3.62 -14.31
N GLN C 601 39.08 -4.12 -13.21
CA GLN C 601 38.11 -5.20 -13.25
C GLN C 601 36.72 -4.75 -12.84
N LEU C 602 36.51 -3.47 -12.54
CA LEU C 602 35.20 -3.01 -12.12
C LEU C 602 34.37 -2.56 -13.29
N THR C 603 33.06 -2.77 -13.16
CA THR C 603 32.05 -2.20 -14.01
C THR C 603 31.07 -1.50 -13.08
N PRO C 604 30.91 -0.17 -13.15
CA PRO C 604 31.45 0.83 -14.06
C PRO C 604 32.87 1.23 -13.77
N ALA C 605 33.53 1.70 -14.81
CA ALA C 605 34.86 2.26 -14.69
C ALA C 605 34.80 3.68 -15.23
N TRP C 606 35.58 4.55 -14.62
CA TRP C 606 35.63 5.94 -15.02
C TRP C 606 37.02 6.23 -15.56
N ARG C 607 37.11 7.16 -16.50
CA ARG C 607 38.41 7.47 -17.06
C ARG C 607 39.25 8.31 -16.12
N ILE C 608 38.76 9.49 -15.75
CA ILE C 608 39.55 10.44 -14.98
C ILE C 608 39.21 10.17 -13.52
N TYR C 609 39.88 9.17 -12.94
CA TYR C 609 39.54 8.69 -11.62
C TYR C 609 40.72 7.92 -11.05
N SER C 610 41.01 8.13 -9.76
CA SER C 610 42.09 7.42 -9.11
C SER C 610 41.73 7.17 -7.65
N THR C 611 42.43 6.22 -7.05
CA THR C 611 42.20 5.85 -5.65
C THR C 611 42.62 6.97 -4.70
N GLY C 612 43.84 7.48 -4.86
CA GLY C 612 44.30 8.59 -4.05
C GLY C 612 44.94 8.20 -2.73
N ASN C 613 45.08 6.88 -2.47
CA ASN C 613 45.66 6.35 -1.23
C ASN C 613 44.93 6.82 0.01
N ASN C 614 43.62 6.93 -0.08
CA ASN C 614 42.75 7.13 1.08
C ASN C 614 41.68 6.06 0.98
N VAL C 615 41.98 4.86 1.48
CA VAL C 615 41.03 3.76 1.51
C VAL C 615 40.77 3.40 2.96
N PHE C 616 39.53 3.51 3.38
CA PHE C 616 39.15 3.33 4.75
C PHE C 616 37.91 2.47 4.81
N GLN C 617 37.94 1.41 5.60
CA GLN C 617 36.82 0.48 5.63
C GLN C 617 35.97 0.68 6.87
N THR C 618 34.71 1.01 6.64
CA THR C 618 33.68 1.17 7.65
C THR C 618 32.74 -0.03 7.55
N GLN C 619 31.75 -0.11 8.44
CA GLN C 619 30.76 -1.18 8.26
C GLN C 619 29.85 -0.93 7.08
N ALA C 620 29.75 0.31 6.62
CA ALA C 620 28.92 0.59 5.46
C ALA C 620 29.60 0.21 4.15
N GLY C 621 30.91 -0.01 4.15
CA GLY C 621 31.64 -0.41 2.97
C GLY C 621 32.98 0.28 2.92
N CYS C 622 33.49 0.45 1.70
CA CYS C 622 34.80 1.07 1.46
C CYS C 622 34.63 2.52 1.10
N LEU C 623 35.24 3.40 1.86
CA LEU C 623 35.19 4.82 1.60
C LEU C 623 36.50 5.23 0.94
N ILE C 624 36.43 5.70 -0.29
CA ILE C 624 37.60 6.04 -1.08
C ILE C 624 37.56 7.52 -1.41
N GLY C 625 38.59 8.24 -0.97
CA GLY C 625 38.72 9.65 -1.29
C GLY C 625 38.65 10.58 -0.11
N ALA C 626 38.12 10.14 1.01
CA ALA C 626 38.02 10.98 2.19
C ALA C 626 39.10 10.59 3.21
N GLU C 627 39.53 11.57 3.98
CA GLU C 627 40.59 11.36 4.96
C GLU C 627 40.00 11.03 6.31
N HIS C 628 40.71 10.20 7.06
CA HIS C 628 40.24 9.78 8.37
C HIS C 628 40.79 10.73 9.43
N VAL C 629 39.90 11.48 10.06
CA VAL C 629 40.26 12.43 11.09
C VAL C 629 39.89 11.83 12.44
N ASP C 630 40.78 11.95 13.41
CA ASP C 630 40.67 11.28 14.70
C ASP C 630 39.94 12.09 15.75
N THR C 631 39.11 13.05 15.35
CA THR C 631 38.32 13.81 16.32
C THR C 631 36.84 13.60 16.07
N SER C 632 35.97 14.37 16.72
CA SER C 632 34.54 14.16 16.62
C SER C 632 33.81 15.50 16.54
N TYR C 633 32.94 15.62 15.54
CA TYR C 633 32.17 16.83 15.31
C TYR C 633 30.70 16.45 15.20
N GLU C 634 29.88 17.45 14.91
CA GLU C 634 28.48 17.21 14.56
C GLU C 634 28.41 16.43 13.25
N CYS C 635 27.39 15.59 13.09
CA CYS C 635 27.24 14.85 11.85
C CYS C 635 26.71 15.75 10.74
N ASP C 636 27.47 15.83 9.65
CA ASP C 636 27.08 16.65 8.50
C ASP C 636 26.39 15.79 7.45
N ILE C 637 27.11 14.81 6.90
CA ILE C 637 26.59 13.89 5.90
C ILE C 637 26.70 12.49 6.48
N PRO C 638 25.61 11.80 6.76
CA PRO C 638 25.71 10.49 7.40
C PRO C 638 26.07 9.38 6.44
N ILE C 639 26.97 8.52 6.90
CA ILE C 639 27.40 7.34 6.15
C ILE C 639 26.89 6.06 6.79
N GLY C 640 27.17 5.87 8.06
CA GLY C 640 26.62 4.74 8.78
C GLY C 640 27.57 4.20 9.83
N ALA C 641 26.98 3.54 10.83
CA ALA C 641 27.66 2.91 11.95
C ALA C 641 28.51 3.90 12.74
N GLY C 642 27.97 5.10 12.91
CA GLY C 642 28.61 6.10 13.72
C GLY C 642 29.55 7.03 13.01
N ILE C 643 29.63 6.97 11.69
CA ILE C 643 30.64 7.68 10.92
C ILE C 643 29.95 8.63 9.96
N CYS C 644 30.35 9.90 10.00
CA CYS C 644 29.81 10.90 9.09
C CYS C 644 30.95 11.50 8.28
N ALA C 645 30.63 12.45 7.41
CA ALA C 645 31.63 13.09 6.59
C ALA C 645 31.27 14.54 6.33
N SER C 646 32.27 15.36 6.06
CA SER C 646 32.06 16.79 5.84
C SER C 646 33.24 17.35 5.08
N TYR C 647 33.24 18.66 4.88
CA TYR C 647 34.21 19.35 4.04
C TYR C 647 34.89 20.43 4.86
N HIS C 648 36.04 20.10 5.43
CA HIS C 648 36.69 20.93 6.43
C HIS C 648 38.11 21.30 6.02
N THR C 649 38.66 22.28 6.71
CA THR C 649 40.02 22.73 6.49
C THR C 649 40.99 21.78 7.19
N VAL C 650 41.94 21.24 6.44
CA VAL C 650 42.93 20.32 6.99
C VAL C 650 44.34 20.73 6.56
N LYS C 659 40.49 23.09 1.63
CA LYS C 659 39.53 22.19 2.24
C LYS C 659 39.53 20.82 1.58
N SER C 660 39.02 19.81 2.27
CA SER C 660 38.91 18.47 1.70
C SER C 660 37.80 17.72 2.41
N ILE C 661 37.40 16.60 1.82
CA ILE C 661 36.37 15.78 2.43
C ILE C 661 37.01 14.88 3.47
N VAL C 662 36.50 14.93 4.69
CA VAL C 662 37.04 14.17 5.80
C VAL C 662 35.98 13.25 6.37
N ALA C 663 36.41 12.18 7.02
CA ALA C 663 35.52 11.23 7.66
C ALA C 663 35.87 11.08 9.13
N TYR C 664 34.87 11.01 9.99
CA TYR C 664 35.07 11.04 11.42
C TYR C 664 33.91 10.39 12.12
N THR C 665 34.06 10.17 13.43
CA THR C 665 32.99 9.61 14.23
C THR C 665 32.19 10.73 14.88
N MET C 666 30.88 10.55 14.98
CA MET C 666 29.99 11.60 15.45
C MET C 666 30.20 11.95 16.92
N SER C 667 29.94 13.21 17.23
CA SER C 667 29.76 13.64 18.60
C SER C 667 28.28 13.71 18.91
N LEU C 668 27.92 13.32 20.13
CA LEU C 668 26.52 13.20 20.51
C LEU C 668 25.92 14.49 21.03
N GLY C 669 26.70 15.25 21.78
CA GLY C 669 26.23 16.51 22.32
C GLY C 669 27.31 17.08 23.21
N ALA C 670 26.97 18.22 23.81
CA ALA C 670 27.91 18.88 24.71
C ALA C 670 28.15 18.04 25.96
N ASP C 671 29.41 17.95 26.37
CA ASP C 671 29.79 17.16 27.53
C ASP C 671 29.69 18.04 28.76
N SER C 672 28.69 17.79 29.59
CA SER C 672 28.39 18.68 30.71
C SER C 672 28.22 17.86 31.98
N SER C 673 27.89 18.55 33.06
CA SER C 673 27.79 17.91 34.37
C SER C 673 26.91 18.74 35.28
N ILE C 674 26.08 18.05 36.07
CA ILE C 674 25.29 18.68 37.11
C ILE C 674 25.77 18.14 38.44
N ALA C 675 26.30 19.03 39.26
CA ALA C 675 26.64 18.66 40.62
C ALA C 675 25.38 18.33 41.40
N TYR C 676 25.41 17.23 42.13
CA TYR C 676 24.30 16.87 42.98
C TYR C 676 24.62 17.32 44.39
N SER C 677 23.65 18.00 45.02
CA SER C 677 23.78 18.40 46.40
C SER C 677 22.42 18.28 47.03
N ASN C 678 22.39 17.91 48.30
CA ASN C 678 21.13 17.67 48.97
C ASN C 678 20.49 18.94 49.51
N ASN C 679 21.12 20.10 49.36
CA ASN C 679 20.53 21.29 49.92
C ASN C 679 20.70 22.52 49.04
N THR C 680 20.94 22.37 47.76
CA THR C 680 21.18 23.51 46.90
C THR C 680 20.23 23.43 45.72
N ILE C 681 19.57 24.55 45.43
CA ILE C 681 18.60 24.64 44.36
C ILE C 681 19.03 25.80 43.47
N ALA C 682 18.78 25.69 42.18
CA ALA C 682 19.04 26.78 41.26
C ALA C 682 17.72 27.37 40.82
N ILE C 683 17.63 28.69 40.82
CA ILE C 683 16.41 29.41 40.50
C ILE C 683 16.76 30.51 39.49
N PRO C 684 16.02 30.64 38.41
CA PRO C 684 16.32 31.70 37.44
C PRO C 684 15.85 33.07 37.89
N THR C 685 16.49 34.11 37.35
CA THR C 685 16.38 35.47 37.87
C THR C 685 16.00 36.44 36.76
N ASN C 686 15.85 35.96 35.54
CA ASN C 686 15.48 36.80 34.41
C ASN C 686 14.81 35.87 33.38
N PHE C 687 14.38 36.42 32.26
CA PHE C 687 13.71 35.57 31.27
C PHE C 687 13.80 36.18 29.89
N SER C 688 13.33 35.41 28.90
CA SER C 688 13.33 35.86 27.52
C SER C 688 12.10 35.32 26.80
N ILE C 689 11.69 36.04 25.75
CA ILE C 689 10.58 35.66 24.90
C ILE C 689 11.12 35.23 23.56
N SER C 690 10.74 34.05 23.11
CA SER C 690 11.33 33.43 21.94
C SER C 690 10.24 32.92 21.02
N ILE C 691 10.41 33.12 19.72
CA ILE C 691 9.41 32.70 18.75
C ILE C 691 10.06 31.67 17.83
N THR C 692 9.43 30.51 17.70
CA THR C 692 9.95 29.37 16.97
C THR C 692 8.88 28.89 15.99
N THR C 693 9.29 28.52 14.78
CA THR C 693 8.36 28.10 13.75
C THR C 693 8.30 26.58 13.60
N GLU C 694 7.14 26.10 13.21
CA GLU C 694 6.93 24.69 12.91
C GLU C 694 6.14 24.58 11.61
N VAL C 695 6.60 23.74 10.69
CA VAL C 695 6.11 23.70 9.33
C VAL C 695 5.46 22.35 9.10
N MET C 696 4.18 22.36 8.74
CA MET C 696 3.46 21.09 8.64
C MET C 696 2.65 21.01 7.36
N PRO C 697 2.89 20.01 6.52
CA PRO C 697 2.10 19.87 5.31
C PRO C 697 0.73 19.30 5.60
N VAL C 698 -0.29 19.77 4.89
CA VAL C 698 -1.63 19.30 5.20
C VAL C 698 -2.30 18.67 3.99
N SER C 699 -1.81 18.94 2.78
CA SER C 699 -2.51 18.45 1.61
C SER C 699 -1.53 18.12 0.50
N MET C 700 -2.04 17.43 -0.50
CA MET C 700 -1.24 16.84 -1.55
C MET C 700 -1.86 17.26 -2.87
N ALA C 701 -1.04 17.36 -3.92
CA ALA C 701 -1.58 17.65 -5.24
C ALA C 701 -2.45 16.50 -5.72
N LYS C 702 -3.62 16.83 -6.26
CA LYS C 702 -4.60 15.82 -6.61
C LYS C 702 -4.74 15.73 -8.13
N THR C 703 -4.75 14.51 -8.63
CA THR C 703 -4.52 14.22 -10.02
C THR C 703 -5.66 13.38 -10.56
N SER C 704 -5.67 13.22 -11.87
CA SER C 704 -6.61 12.33 -12.52
C SER C 704 -5.95 11.80 -13.77
N VAL C 705 -6.33 10.59 -14.17
CA VAL C 705 -5.76 9.90 -15.31
C VAL C 705 -6.89 9.41 -16.19
N ASP C 706 -6.80 9.68 -17.49
CA ASP C 706 -7.67 9.07 -18.48
C ASP C 706 -6.95 7.84 -19.00
N CYS C 707 -7.57 6.66 -18.89
CA CYS C 707 -6.92 5.43 -19.34
C CYS C 707 -6.69 5.43 -20.83
N ASN C 708 -7.71 5.82 -21.59
CA ASN C 708 -7.65 5.66 -23.03
C ASN C 708 -6.63 6.61 -23.65
N MET C 709 -6.40 7.76 -23.04
CA MET C 709 -5.28 8.56 -23.51
C MET C 709 -3.96 7.97 -23.06
N TYR C 710 -3.93 7.35 -21.88
CA TYR C 710 -2.66 6.81 -21.40
C TYR C 710 -2.34 5.50 -22.08
N ILE C 711 -3.25 4.54 -22.00
CA ILE C 711 -2.91 3.18 -22.41
C ILE C 711 -2.80 3.08 -23.91
N CYS C 712 -3.76 3.65 -24.62
CA CYS C 712 -3.82 3.56 -26.07
C CYS C 712 -3.27 4.77 -26.78
N GLY C 713 -3.77 5.96 -26.47
CA GLY C 713 -3.32 7.13 -27.19
C GLY C 713 -3.96 7.17 -28.55
N ASP C 714 -5.30 7.13 -28.55
CA ASP C 714 -6.16 7.27 -29.72
C ASP C 714 -6.00 6.14 -30.74
N SER C 715 -5.77 4.91 -30.28
CA SER C 715 -5.72 3.77 -31.17
C SER C 715 -6.97 2.93 -30.97
N THR C 716 -7.65 2.62 -32.06
CA THR C 716 -8.97 2.00 -31.97
C THR C 716 -8.86 0.51 -31.69
N GLU C 717 -7.86 -0.15 -32.27
CA GLU C 717 -7.63 -1.56 -32.00
C GLU C 717 -7.21 -1.77 -30.55
N CYS C 718 -6.45 -0.82 -30.00
CA CYS C 718 -6.11 -0.86 -28.59
C CYS C 718 -7.34 -0.69 -27.72
N ALA C 719 -8.26 0.19 -28.13
CA ALA C 719 -9.43 0.49 -27.32
C ALA C 719 -10.37 -0.70 -27.22
N ASN C 720 -10.39 -1.54 -28.26
CA ASN C 720 -11.26 -2.71 -28.24
C ASN C 720 -10.71 -3.78 -27.32
N LEU C 721 -9.38 -3.92 -27.24
CA LEU C 721 -8.81 -4.96 -26.41
C LEU C 721 -8.87 -4.60 -24.93
N LEU C 722 -9.07 -3.33 -24.60
CA LEU C 722 -9.22 -2.95 -23.20
C LEU C 722 -10.49 -3.49 -22.57
N LEU C 723 -11.51 -3.78 -23.36
CA LEU C 723 -12.75 -4.28 -22.82
C LEU C 723 -12.62 -5.68 -22.27
N GLN C 724 -11.64 -6.45 -22.75
CA GLN C 724 -11.43 -7.81 -22.27
C GLN C 724 -10.90 -7.87 -20.85
N TYR C 725 -10.48 -6.73 -20.31
CA TYR C 725 -9.93 -6.65 -18.97
C TYR C 725 -10.99 -6.24 -17.96
N GLY C 726 -12.18 -5.90 -18.43
CA GLY C 726 -13.22 -5.50 -17.51
C GLY C 726 -13.19 -4.01 -17.30
N SER C 727 -13.76 -3.59 -16.18
CA SER C 727 -13.82 -2.18 -15.85
C SER C 727 -12.68 -1.80 -14.91
N PHE C 728 -11.45 -1.99 -15.39
CA PHE C 728 -10.27 -1.50 -14.66
C PHE C 728 -10.25 0.00 -14.58
N CYS C 729 -10.74 0.70 -15.59
CA CYS C 729 -10.64 2.15 -15.56
C CYS C 729 -11.67 2.78 -14.66
N THR C 730 -12.73 2.05 -14.35
CA THR C 730 -13.68 2.55 -13.36
C THR C 730 -13.07 2.48 -11.97
N GLN C 731 -12.34 1.41 -11.65
CA GLN C 731 -11.77 1.33 -10.31
C GLN C 731 -10.53 2.19 -10.18
N LEU C 732 -9.85 2.51 -11.29
CA LEU C 732 -8.73 3.42 -11.17
C LEU C 732 -9.21 4.85 -11.05
N ASN C 733 -10.34 5.17 -11.65
CA ASN C 733 -10.93 6.49 -11.47
C ASN C 733 -11.55 6.64 -10.10
N ARG C 734 -12.08 5.55 -9.53
CA ARG C 734 -12.66 5.63 -8.20
C ARG C 734 -11.61 5.86 -7.14
N ALA C 735 -10.49 5.15 -7.25
CA ALA C 735 -9.45 5.27 -6.23
C ALA C 735 -8.77 6.62 -6.29
N LEU C 736 -8.60 7.19 -7.48
CA LEU C 736 -7.96 8.50 -7.55
C LEU C 736 -8.91 9.61 -7.17
N SER C 737 -10.21 9.41 -7.34
CA SER C 737 -11.13 10.47 -6.97
C SER C 737 -11.41 10.45 -5.48
N GLY C 738 -11.28 9.29 -4.86
CA GLY C 738 -11.37 9.21 -3.42
C GLY C 738 -10.20 9.88 -2.73
N ILE C 739 -9.03 9.83 -3.34
CA ILE C 739 -7.87 10.53 -2.78
C ILE C 739 -8.05 12.03 -2.90
N ALA C 740 -8.65 12.47 -4.00
CA ALA C 740 -8.82 13.91 -4.24
C ALA C 740 -9.82 14.53 -3.28
N ALA C 741 -10.84 13.79 -2.89
CA ALA C 741 -11.81 14.33 -1.95
C ALA C 741 -11.24 14.40 -0.54
N GLU C 742 -10.37 13.45 -0.18
CA GLU C 742 -9.70 13.51 1.12
C GLU C 742 -8.77 14.71 1.22
N GLN C 743 -8.22 15.16 0.10
CA GLN C 743 -7.33 16.30 0.13
C GLN C 743 -8.08 17.59 0.41
N ASP C 744 -9.35 17.65 0.05
CA ASP C 744 -10.16 18.80 0.43
C ASP C 744 -10.64 18.72 1.87
N ARG C 745 -10.90 17.51 2.36
CA ARG C 745 -11.28 17.34 3.74
C ARG C 745 -10.13 17.67 4.69
N ASN C 746 -8.89 17.38 4.27
CA ASN C 746 -7.73 17.70 5.10
C ASN C 746 -7.58 19.20 5.28
N THR C 747 -7.91 19.97 4.25
CA THR C 747 -7.68 21.41 4.31
C THR C 747 -8.77 22.09 5.12
N ARG C 748 -10.01 21.58 5.05
CA ARG C 748 -11.07 22.17 5.84
C ARG C 748 -10.87 21.95 7.32
N GLU C 749 -10.38 20.79 7.70
CA GLU C 749 -10.26 20.48 9.12
C GLU C 749 -9.20 21.29 9.82
N VAL C 750 -8.19 21.73 9.11
CA VAL C 750 -7.17 22.55 9.73
C VAL C 750 -7.65 23.97 9.90
N PHE C 751 -7.97 24.63 8.79
CA PHE C 751 -8.21 26.06 8.79
C PHE C 751 -9.61 26.44 9.19
N ALA C 752 -10.62 25.75 8.69
CA ALA C 752 -12.01 26.15 8.94
C ALA C 752 -12.48 25.61 10.28
N GLN C 753 -11.88 26.13 11.34
CA GLN C 753 -12.29 25.74 12.68
C GLN C 753 -13.07 26.82 13.40
N VAL C 754 -13.26 27.98 12.77
CA VAL C 754 -13.98 29.07 13.39
C VAL C 754 -15.18 29.41 12.54
N LYS C 755 -16.26 29.80 13.21
CA LYS C 755 -17.51 30.05 12.52
C LYS C 755 -17.67 31.49 12.07
N GLN C 756 -16.95 32.42 12.67
CA GLN C 756 -17.10 33.82 12.34
C GLN C 756 -15.80 34.39 11.83
N MET C 757 -15.89 35.21 10.80
CA MET C 757 -14.73 35.79 10.16
C MET C 757 -14.56 37.19 10.72
N TYR C 758 -13.56 37.38 11.57
CA TYR C 758 -13.38 38.64 12.26
C TYR C 758 -12.62 39.61 11.38
N LYS C 759 -13.12 40.83 11.31
CA LYS C 759 -12.50 41.84 10.48
C LYS C 759 -11.17 42.24 11.08
N THR C 760 -10.18 42.43 10.20
CA THR C 760 -8.84 42.81 10.65
C THR C 760 -8.91 44.19 11.27
N PRO C 761 -8.39 44.38 12.48
CA PRO C 761 -8.48 45.70 13.11
C PRO C 761 -7.51 46.67 12.47
N THR C 762 -7.84 47.95 12.58
CA THR C 762 -6.99 48.97 12.00
C THR C 762 -5.87 49.35 12.96
N LEU C 763 -6.11 49.22 14.25
CA LEU C 763 -5.04 49.33 15.22
C LEU C 763 -4.32 48.00 15.28
N LYS C 764 -3.05 47.99 14.89
CA LYS C 764 -2.28 46.77 14.92
C LYS C 764 -1.14 46.81 15.92
N TYR C 765 -1.09 47.82 16.76
CA TYR C 765 -0.05 48.00 17.76
C TYR C 765 -0.75 47.88 19.13
N PHE C 766 -0.89 46.65 19.60
CA PHE C 766 -1.73 46.35 20.77
C PHE C 766 -0.92 46.43 22.05
N GLY C 767 -0.71 47.65 22.52
CA GLY C 767 0.00 47.85 23.76
C GLY C 767 1.48 47.54 23.69
N GLY C 768 2.14 47.95 22.62
CA GLY C 768 3.56 47.71 22.46
C GLY C 768 3.90 46.51 21.61
N PHE C 769 2.96 45.58 21.44
CA PHE C 769 3.19 44.38 20.64
C PHE C 769 2.78 44.71 19.21
N ASN C 770 3.72 44.63 18.29
CA ASN C 770 3.52 45.11 16.92
C ASN C 770 3.16 43.93 16.02
N PHE C 771 1.92 43.88 15.54
CA PHE C 771 1.41 42.77 14.74
C PHE C 771 1.31 43.06 13.27
N SER C 772 2.05 44.03 12.74
CA SER C 772 1.82 44.44 11.36
C SER C 772 2.40 43.46 10.35
N GLN C 773 3.24 42.53 10.77
CA GLN C 773 3.79 41.55 9.86
C GLN C 773 3.10 40.22 9.95
N ILE C 774 2.03 40.13 10.72
CA ILE C 774 1.29 38.91 10.91
C ILE C 774 -0.13 39.03 10.38
N LEU C 775 -0.70 40.20 10.47
CA LEU C 775 -1.98 40.58 9.89
C LEU C 775 -1.77 41.12 8.48
N PRO C 776 -2.79 41.05 7.61
CA PRO C 776 -2.62 41.59 6.26
C PRO C 776 -2.68 43.09 6.23
N ASP C 777 -1.84 43.69 5.39
CA ASP C 777 -1.86 45.14 5.25
C ASP C 777 -2.80 45.51 4.11
N PRO C 778 -3.87 46.26 4.37
CA PRO C 778 -4.82 46.60 3.29
C PRO C 778 -4.29 47.62 2.30
N LEU C 779 -3.15 48.27 2.58
CA LEU C 779 -2.63 49.25 1.63
C LEU C 779 -2.01 48.58 0.41
N LYS C 780 -1.49 47.36 0.58
CA LYS C 780 -0.85 46.65 -0.52
C LYS C 780 -1.75 45.51 -0.98
N PRO C 781 -2.09 45.43 -2.28
CA PRO C 781 -3.17 44.54 -2.71
C PRO C 781 -2.75 43.09 -2.87
N THR C 782 -2.33 42.46 -1.78
CA THR C 782 -1.95 41.06 -1.82
C THR C 782 -2.84 40.18 -0.96
N LYS C 783 -3.53 40.78 0.01
CA LYS C 783 -4.44 40.12 0.95
C LYS C 783 -3.75 39.04 1.76
N ARG C 784 -2.45 39.22 1.97
CA ARG C 784 -1.59 38.30 2.70
C ARG C 784 -0.73 39.12 3.64
N SER C 785 -0.24 38.48 4.69
CA SER C 785 0.66 39.19 5.56
C SER C 785 2.04 39.26 4.93
N PHE C 786 2.95 39.93 5.62
CA PHE C 786 4.29 40.06 5.08
C PHE C 786 5.09 38.79 5.27
N ILE C 787 4.71 37.96 6.25
CA ILE C 787 5.40 36.69 6.42
C ILE C 787 4.87 35.67 5.42
N GLU C 788 3.59 35.74 5.07
CA GLU C 788 3.06 34.82 4.07
C GLU C 788 3.62 35.10 2.69
N ASP C 789 3.92 36.35 2.38
CA ASP C 789 4.59 36.66 1.12
C ASP C 789 5.96 36.03 1.06
N LEU C 790 6.65 35.92 2.18
CA LEU C 790 7.93 35.25 2.19
C LEU C 790 7.76 33.73 2.12
N LEU C 791 6.71 33.19 2.73
CA LEU C 791 6.50 31.75 2.70
C LEU C 791 6.08 31.27 1.33
N PHE C 792 5.30 32.07 0.63
CA PHE C 792 4.84 31.73 -0.71
C PHE C 792 5.90 31.90 -1.78
N ASN C 793 7.11 32.33 -1.44
CA ASN C 793 8.18 32.48 -2.41
C ASN C 793 9.38 31.60 -2.11
N LYS C 794 9.28 30.71 -1.13
CA LYS C 794 10.37 29.79 -0.83
C LYS C 794 10.04 28.35 -1.16
N VAL C 795 8.76 27.99 -1.23
CA VAL C 795 8.42 26.63 -1.60
C VAL C 795 8.52 26.45 -3.10
N THR C 796 8.17 27.50 -3.85
CA THR C 796 8.24 27.56 -5.32
C THR C 796 9.59 27.12 -5.91
N GLN C 805 4.39 19.04 -18.58
CA GLN C 805 4.56 17.66 -18.17
C GLN C 805 3.19 17.00 -17.98
N TYR C 806 2.26 17.74 -17.40
CA TYR C 806 0.91 17.26 -17.14
C TYR C 806 -0.08 18.34 -17.53
N GLY C 807 -1.32 17.93 -17.77
CA GLY C 807 -2.36 18.88 -18.13
C GLY C 807 -2.80 19.71 -16.94
N GLU C 808 -3.03 21.00 -17.19
CA GLU C 808 -3.32 21.93 -16.12
C GLU C 808 -3.94 23.18 -16.71
N CYS C 809 -4.92 23.77 -16.03
CA CYS C 809 -5.55 24.99 -16.50
C CYS C 809 -5.15 26.15 -15.60
N LEU C 810 -4.30 27.04 -16.12
CA LEU C 810 -3.71 28.11 -15.34
C LEU C 810 -4.39 29.44 -15.61
N GLY C 811 -4.44 30.28 -14.58
CA GLY C 811 -4.96 31.62 -14.72
C GLY C 811 -5.83 31.99 -13.54
N ASP C 812 -6.79 32.86 -13.81
CA ASP C 812 -7.60 33.51 -12.80
C ASP C 812 -8.96 33.81 -13.44
N ILE C 813 -9.97 33.94 -12.57
CA ILE C 813 -11.27 34.42 -13.02
C ILE C 813 -11.66 35.66 -12.22
N LEU C 818 -7.93 32.45 -18.59
CA LEU C 818 -7.56 31.07 -18.33
C LEU C 818 -6.96 30.40 -19.55
N ILE C 819 -5.97 29.56 -19.34
CA ILE C 819 -5.36 28.78 -20.41
C ILE C 819 -5.44 27.32 -20.00
N CYS C 820 -6.43 26.61 -20.53
CA CYS C 820 -6.59 25.18 -20.24
C CYS C 820 -5.86 24.41 -21.33
N ALA C 821 -4.65 23.95 -21.02
CA ALA C 821 -3.81 23.23 -21.95
C ALA C 821 -3.80 21.75 -21.59
N GLN C 822 -3.76 20.89 -22.59
CA GLN C 822 -3.77 19.45 -22.37
C GLN C 822 -2.59 18.80 -23.06
N LYS C 823 -2.21 17.63 -22.55
CA LYS C 823 -1.04 16.94 -23.03
C LYS C 823 -1.46 15.62 -23.63
N PHE C 824 -0.55 14.98 -24.35
CA PHE C 824 -0.90 13.77 -25.07
C PHE C 824 -0.94 12.54 -24.21
N ASN C 825 -0.42 12.61 -23.00
CA ASN C 825 -0.69 11.57 -22.03
C ASN C 825 -2.03 11.86 -21.37
N GLY C 826 -2.48 11.00 -20.49
CA GLY C 826 -3.80 11.22 -19.96
C GLY C 826 -3.81 11.96 -18.66
N LEU C 827 -2.69 12.61 -18.33
CA LEU C 827 -2.42 13.02 -16.96
C LEU C 827 -2.80 14.47 -16.76
N THR C 828 -3.51 14.74 -15.66
CA THR C 828 -3.98 16.09 -15.38
C THR C 828 -4.04 16.32 -13.88
N VAL C 829 -3.96 17.59 -13.50
CA VAL C 829 -3.99 18.01 -12.10
C VAL C 829 -5.17 18.94 -11.91
N LEU C 830 -5.97 18.64 -10.98
CA LEU C 830 -7.21 19.29 -10.62
C LEU C 830 -6.97 20.44 -9.66
N PRO C 831 -7.81 21.48 -9.70
CA PRO C 831 -7.65 22.57 -8.75
C PRO C 831 -8.35 22.25 -7.44
N PRO C 832 -7.88 22.79 -6.33
CA PRO C 832 -8.52 22.50 -5.04
C PRO C 832 -9.76 23.34 -4.81
N LEU C 833 -10.51 22.96 -3.78
CA LEU C 833 -11.77 23.64 -3.50
C LEU C 833 -11.54 25.04 -2.95
N LEU C 834 -10.70 25.15 -1.93
CA LEU C 834 -10.40 26.43 -1.33
C LEU C 834 -9.19 27.02 -2.03
N THR C 835 -9.36 28.19 -2.64
CA THR C 835 -8.24 28.88 -3.26
C THR C 835 -7.31 29.46 -2.20
N ASP C 836 -6.19 30.01 -2.65
CA ASP C 836 -5.21 30.60 -1.73
C ASP C 836 -5.76 31.83 -1.04
N ASP C 837 -6.67 32.54 -1.70
CA ASP C 837 -7.18 33.77 -1.12
C ASP C 837 -8.19 33.47 -0.02
N MET C 838 -8.83 32.32 -0.08
CA MET C 838 -9.71 31.91 1.00
C MET C 838 -8.92 31.40 2.20
N ILE C 839 -7.77 30.78 1.96
CA ILE C 839 -6.93 30.30 3.06
C ILE C 839 -6.36 31.48 3.84
N ALA C 840 -5.97 32.53 3.14
CA ALA C 840 -5.40 33.69 3.81
C ALA C 840 -6.46 34.49 4.56
N ALA C 841 -7.73 34.30 4.22
CA ALA C 841 -8.78 34.97 4.99
C ALA C 841 -9.12 34.20 6.26
N TYR C 842 -8.96 32.88 6.25
CA TYR C 842 -9.14 32.12 7.48
C TYR C 842 -7.98 32.34 8.43
N THR C 843 -6.79 32.53 7.91
CA THR C 843 -5.63 32.77 8.77
C THR C 843 -5.68 34.15 9.42
N ALA C 844 -6.17 35.15 8.69
CA ALA C 844 -6.25 36.48 9.26
C ALA C 844 -7.37 36.59 10.27
N ALA C 845 -8.35 35.70 10.23
CA ALA C 845 -9.39 35.68 11.25
C ALA C 845 -8.90 34.98 12.51
N LEU C 846 -7.98 34.02 12.37
CA LEU C 846 -7.44 33.36 13.55
C LEU C 846 -6.43 34.23 14.28
N VAL C 847 -5.72 35.08 13.55
CA VAL C 847 -4.77 35.97 14.20
C VAL C 847 -5.47 37.11 14.90
N SER C 848 -6.42 37.75 14.22
CA SER C 848 -7.08 38.89 14.83
C SER C 848 -8.09 38.46 15.88
N GLY C 849 -8.52 37.21 15.86
CA GLY C 849 -9.31 36.72 16.96
C GLY C 849 -8.49 36.48 18.20
N THR C 850 -7.26 35.98 18.02
CA THR C 850 -6.37 35.74 19.16
C THR C 850 -5.92 37.05 19.78
N ALA C 851 -5.73 38.07 18.95
CA ALA C 851 -5.23 39.35 19.43
C ALA C 851 -6.26 40.11 20.25
N THR C 852 -7.55 39.79 20.06
CA THR C 852 -8.61 40.53 20.74
C THR C 852 -9.52 39.69 21.63
N ALA C 853 -9.51 38.36 21.52
CA ALA C 853 -10.43 37.55 22.31
C ALA C 853 -9.80 36.36 23.02
N GLY C 854 -8.79 35.73 22.45
CA GLY C 854 -8.06 34.65 23.11
C GLY C 854 -8.63 33.24 23.06
N TRP C 855 -8.79 32.64 24.25
CA TRP C 855 -9.35 31.31 24.37
C TRP C 855 -10.77 31.26 23.82
N THR C 856 -11.60 32.21 24.24
CA THR C 856 -13.04 32.18 24.00
C THR C 856 -13.40 32.35 22.54
N PHE C 857 -12.42 32.68 21.72
CA PHE C 857 -12.52 32.69 20.28
C PHE C 857 -12.89 31.32 19.72
N GLY C 858 -12.38 30.24 20.33
CA GLY C 858 -12.61 28.92 19.78
C GLY C 858 -13.55 28.03 20.58
N ALA C 859 -13.53 28.15 21.90
CA ALA C 859 -14.35 27.29 22.74
C ALA C 859 -15.68 27.93 23.13
N GLY C 860 -16.17 28.88 22.34
CA GLY C 860 -17.44 29.53 22.63
C GLY C 860 -17.61 30.86 21.92
N ALA C 861 -18.43 31.73 22.49
CA ALA C 861 -18.59 33.07 21.93
C ALA C 861 -17.41 33.93 22.34
N ALA C 862 -16.88 34.71 21.40
CA ALA C 862 -15.66 35.46 21.66
C ALA C 862 -15.91 36.61 22.64
N LEU C 863 -15.08 36.68 23.66
CA LEU C 863 -15.15 37.70 24.68
C LEU C 863 -14.07 38.73 24.42
N GLN C 864 -14.45 39.99 24.45
CA GLN C 864 -13.46 41.06 24.35
C GLN C 864 -12.57 41.08 25.57
N ILE C 865 -11.27 41.24 25.37
CA ILE C 865 -10.35 41.45 26.49
C ILE C 865 -9.21 42.32 25.99
N PRO C 866 -8.67 43.25 26.79
CA PRO C 866 -7.49 43.99 26.37
C PRO C 866 -6.31 43.07 26.25
N PHE C 867 -5.34 43.44 25.41
CA PHE C 867 -4.32 42.48 25.04
C PHE C 867 -3.37 42.19 26.18
N ALA C 868 -3.01 43.22 26.95
CA ALA C 868 -2.08 43.00 28.04
C ALA C 868 -2.72 42.22 29.17
N MET C 869 -4.03 42.35 29.35
CA MET C 869 -4.68 41.52 30.36
C MET C 869 -4.82 40.09 29.87
N GLN C 870 -4.73 39.88 28.57
CA GLN C 870 -4.69 38.52 28.04
C GLN C 870 -3.32 37.89 28.25
N MET C 871 -2.25 38.66 28.04
CA MET C 871 -0.92 38.16 28.32
C MET C 871 -0.70 37.89 29.79
N ALA C 872 -1.39 38.64 30.67
CA ALA C 872 -1.21 38.44 32.10
C ALA C 872 -1.79 37.12 32.53
N TYR C 873 -2.84 36.67 31.86
CA TYR C 873 -3.46 35.41 32.19
C TYR C 873 -2.62 34.23 31.74
N ARG C 874 -1.98 34.39 30.58
CA ARG C 874 -1.18 33.30 30.05
C ARG C 874 0.15 33.19 30.80
N PHE C 875 0.65 34.30 31.33
CA PHE C 875 1.77 34.21 32.26
C PHE C 875 1.38 33.52 33.54
N ASN C 876 0.16 33.77 34.00
CA ASN C 876 -0.33 33.12 35.19
C ASN C 876 -0.47 31.63 34.98
N GLY C 877 -0.74 31.22 33.74
CA GLY C 877 -0.96 29.82 33.43
C GLY C 877 0.30 28.99 33.37
N ILE C 878 1.47 29.62 33.33
CA ILE C 878 2.72 28.87 33.27
C ILE C 878 3.46 28.95 34.60
N GLY C 879 2.81 29.46 35.64
CA GLY C 879 3.40 29.49 36.97
C GLY C 879 4.15 30.73 37.33
N VAL C 880 3.89 31.84 36.65
CA VAL C 880 4.58 33.10 36.91
C VAL C 880 3.51 34.15 37.17
N THR C 881 3.57 34.80 38.31
CA THR C 881 2.44 35.61 38.75
C THR C 881 2.32 36.90 37.94
N GLN C 882 1.16 37.55 38.06
CA GLN C 882 0.70 38.53 37.07
C GLN C 882 1.51 39.80 37.09
N ASN C 883 2.11 40.17 38.22
CA ASN C 883 2.86 41.41 38.28
C ASN C 883 4.12 41.38 37.45
N VAL C 884 4.65 40.19 37.14
CA VAL C 884 5.83 40.04 36.31
C VAL C 884 5.59 40.59 34.93
N LEU C 885 4.37 40.43 34.43
CA LEU C 885 4.01 41.03 33.16
C LEU C 885 3.97 42.55 33.27
N TYR C 886 3.17 43.09 34.19
CA TYR C 886 2.83 44.51 34.16
C TYR C 886 4.00 45.39 34.55
N GLU C 887 4.88 44.89 35.40
CA GLU C 887 6.08 45.61 35.74
C GLU C 887 7.15 45.51 34.68
N ASN C 888 6.96 44.68 33.66
CA ASN C 888 7.96 44.48 32.64
C ASN C 888 7.35 44.44 31.25
N GLN C 889 6.33 45.26 30.98
CA GLN C 889 5.76 45.28 29.65
C GLN C 889 6.71 45.83 28.63
N LYS C 890 7.60 46.74 29.03
CA LYS C 890 8.52 47.32 28.07
C LYS C 890 9.54 46.31 27.61
N GLN C 891 10.02 45.47 28.52
CA GLN C 891 10.94 44.40 28.14
C GLN C 891 10.25 43.37 27.27
N ILE C 892 9.04 42.97 27.64
CA ILE C 892 8.38 41.86 26.97
C ILE C 892 7.88 42.29 25.60
N ALA C 893 7.44 43.53 25.47
CA ALA C 893 7.04 44.01 24.14
C ALA C 893 8.25 44.12 23.21
N ASN C 894 9.41 44.47 23.75
CA ASN C 894 10.56 44.62 22.89
C ASN C 894 11.14 43.27 22.49
N GLN C 895 11.13 42.30 23.41
CA GLN C 895 11.60 40.96 23.07
C GLN C 895 10.66 40.28 22.10
N PHE C 896 9.38 40.60 22.17
CA PHE C 896 8.42 40.07 21.21
C PHE C 896 8.64 40.67 19.83
N ASN C 897 8.89 41.97 19.75
CA ASN C 897 9.00 42.62 18.45
C ASN C 897 10.29 42.25 17.75
N LYS C 898 11.36 42.01 18.51
CA LYS C 898 12.60 41.61 17.87
C LYS C 898 12.56 40.16 17.41
N ALA C 899 11.79 39.32 18.09
CA ALA C 899 11.76 37.91 17.73
C ALA C 899 10.95 37.68 16.47
N ILE C 900 9.98 38.54 16.18
CA ILE C 900 9.31 38.48 14.89
C ILE C 900 10.24 38.90 13.77
N SER C 901 11.04 39.94 14.01
CA SER C 901 11.93 40.44 12.97
C SER C 901 13.07 39.47 12.67
N GLN C 902 13.44 38.63 13.62
CA GLN C 902 14.47 37.64 13.33
C GLN C 902 13.92 36.50 12.49
N ILE C 903 12.63 36.20 12.62
CA ILE C 903 12.02 35.18 11.76
C ILE C 903 11.88 35.70 10.34
N GLN C 904 11.49 36.96 10.20
CA GLN C 904 11.35 37.58 8.89
C GLN C 904 12.68 37.64 8.16
N GLU C 905 13.77 37.83 8.90
CA GLU C 905 15.09 37.80 8.29
C GLU C 905 15.46 36.42 7.79
N SER C 906 15.14 35.37 8.56
CA SER C 906 15.46 34.01 8.15
C SER C 906 14.67 33.60 6.92
N LEU C 907 13.46 34.13 6.75
CA LEU C 907 12.67 33.79 5.59
C LEU C 907 12.97 34.66 4.37
N THR C 908 13.96 35.55 4.45
CA THR C 908 14.50 36.21 3.27
C THR C 908 15.94 35.83 3.01
N THR C 909 16.71 35.56 4.05
CA THR C 909 18.12 35.31 3.89
C THR C 909 18.39 33.87 3.45
N THR C 910 17.78 32.90 4.12
CA THR C 910 18.24 31.53 3.97
C THR C 910 17.07 30.64 3.55
N SER C 911 17.33 29.34 3.53
CA SER C 911 16.45 28.35 2.93
C SER C 911 16.32 27.17 3.88
N THR C 912 15.72 26.09 3.37
CA THR C 912 15.56 24.76 3.99
C THR C 912 14.70 24.76 5.25
N ALA C 913 14.09 25.89 5.61
CA ALA C 913 13.15 25.88 6.72
C ALA C 913 11.84 25.25 6.29
N LEU C 914 11.48 25.39 5.01
CA LEU C 914 10.27 24.83 4.46
C LEU C 914 10.56 23.57 3.64
N GLY C 915 11.50 22.77 4.10
CA GLY C 915 11.88 21.58 3.37
C GLY C 915 10.82 20.51 3.35
N LYS C 916 9.96 20.49 4.37
CA LYS C 916 8.89 19.50 4.39
C LYS C 916 7.80 19.82 3.39
N LEU C 917 7.61 21.09 3.07
CA LEU C 917 6.63 21.44 2.05
C LEU C 917 7.17 21.17 0.67
N GLN C 918 8.47 21.36 0.48
CA GLN C 918 9.09 21.08 -0.80
C GLN C 918 9.10 19.59 -1.09
N ASP C 919 9.20 18.77 -0.05
CA ASP C 919 9.23 17.32 -0.24
C ASP C 919 7.89 16.80 -0.73
N VAL C 920 6.80 17.41 -0.31
CA VAL C 920 5.47 17.06 -0.80
C VAL C 920 5.38 17.34 -2.29
N VAL C 921 5.98 18.45 -2.72
CA VAL C 921 5.94 18.84 -4.13
C VAL C 921 6.81 17.89 -4.95
N ASN C 922 7.99 17.55 -4.43
CA ASN C 922 8.95 16.79 -5.21
C ASN C 922 8.54 15.33 -5.36
N GLN C 923 7.88 14.76 -4.35
CA GLN C 923 7.42 13.38 -4.45
C GLN C 923 6.31 13.23 -5.47
N ASN C 924 5.51 14.28 -5.67
CA ASN C 924 4.46 14.22 -6.68
C ASN C 924 5.03 14.37 -8.06
N ALA C 925 6.17 15.04 -8.19
CA ALA C 925 6.79 15.18 -9.50
C ALA C 925 7.46 13.89 -9.93
N GLN C 926 8.09 13.17 -9.00
CA GLN C 926 8.75 11.92 -9.35
C GLN C 926 7.74 10.84 -9.71
N ALA C 927 6.57 10.86 -9.08
CA ALA C 927 5.57 9.83 -9.38
C ALA C 927 4.97 10.03 -10.75
N LEU C 928 4.74 11.28 -11.15
CA LEU C 928 4.20 11.52 -12.48
C LEU C 928 5.25 11.28 -13.54
N ASN C 929 6.51 11.62 -13.25
CA ASN C 929 7.53 11.49 -14.29
C ASN C 929 7.86 10.04 -14.56
N THR C 930 7.70 9.18 -13.56
CA THR C 930 7.92 7.76 -13.78
C THR C 930 6.79 7.15 -14.58
N LEU C 931 5.56 7.59 -14.35
CA LEU C 931 4.44 7.04 -15.09
C LEU C 931 4.48 7.46 -16.54
N VAL C 932 4.98 8.66 -16.81
CA VAL C 932 5.18 9.11 -18.18
C VAL C 932 6.24 8.28 -18.86
N LYS C 933 7.36 8.06 -18.17
CA LYS C 933 8.50 7.37 -18.73
C LYS C 933 8.19 5.92 -19.08
N GLN C 934 7.20 5.31 -18.42
CA GLN C 934 6.83 3.93 -18.74
C GLN C 934 6.11 3.80 -20.06
N LEU C 935 5.69 4.91 -20.66
CA LEU C 935 5.11 4.85 -21.98
C LEU C 935 6.14 4.47 -23.03
N SER C 936 7.40 4.78 -22.77
CA SER C 936 8.49 4.52 -23.71
C SER C 936 8.98 3.08 -23.63
N SER C 937 8.56 2.30 -22.65
CA SER C 937 9.06 0.94 -22.53
C SER C 937 8.36 0.01 -23.50
N ASN C 938 9.05 -1.06 -23.86
CA ASN C 938 8.57 -2.02 -24.84
C ASN C 938 7.93 -3.24 -24.21
N PHE C 939 8.36 -3.59 -23.00
CA PHE C 939 7.87 -4.75 -22.25
C PHE C 939 8.05 -6.05 -23.03
N GLY C 940 9.07 -6.09 -23.89
CA GLY C 940 9.31 -7.23 -24.76
C GLY C 940 8.68 -7.15 -26.13
N ALA C 941 7.85 -6.14 -26.40
CA ALA C 941 7.15 -6.10 -27.68
C ALA C 941 8.04 -5.55 -28.79
N ILE C 942 7.43 -5.40 -29.97
CA ILE C 942 8.17 -4.98 -31.16
C ILE C 942 8.56 -3.52 -31.05
N SER C 943 7.64 -2.69 -30.59
CA SER C 943 7.92 -1.28 -30.41
C SER C 943 6.97 -0.74 -29.35
N SER C 944 7.40 0.35 -28.72
CA SER C 944 6.55 1.06 -27.76
C SER C 944 5.50 1.92 -28.45
N VAL C 945 5.52 2.01 -29.76
CA VAL C 945 4.57 2.83 -30.51
C VAL C 945 3.57 1.90 -31.17
N LEU C 946 2.28 2.13 -30.91
CA LEU C 946 1.26 1.23 -31.40
C LEU C 946 1.09 1.32 -32.90
N ASN C 947 1.46 2.45 -33.50
CA ASN C 947 1.34 2.59 -34.95
C ASN C 947 2.35 1.70 -35.65
N ASP C 948 3.56 1.59 -35.10
CA ASP C 948 4.58 0.76 -35.72
C ASP C 948 4.26 -0.74 -35.57
N ILE C 949 3.49 -1.09 -34.56
CA ILE C 949 3.02 -2.47 -34.45
C ILE C 949 1.99 -2.75 -35.54
N LEU C 950 1.09 -1.80 -35.78
CA LEU C 950 0.07 -1.97 -36.81
C LEU C 950 0.66 -1.94 -38.21
N SER C 951 1.67 -1.09 -38.44
CA SER C 951 2.24 -0.97 -39.77
C SER C 951 3.10 -2.19 -40.12
N ARG C 952 3.87 -2.69 -39.17
CA ARG C 952 4.87 -3.69 -39.52
C ARG C 952 4.30 -5.11 -39.45
N LEU C 953 3.20 -5.32 -38.75
CA LEU C 953 2.78 -6.68 -38.47
C LEU C 953 1.38 -6.98 -38.99
N ASP C 954 1.17 -8.24 -39.31
CA ASP C 954 -0.14 -8.76 -39.69
C ASP C 954 -1.09 -8.72 -38.49
N PRO C 955 -2.38 -8.55 -38.73
CA PRO C 955 -3.36 -8.37 -37.62
C PRO C 955 -3.44 -9.50 -36.61
N PRO C 956 -3.11 -10.79 -36.95
CA PRO C 956 -2.92 -11.76 -35.85
C PRO C 956 -1.79 -11.44 -34.87
N GLU C 957 -0.55 -11.25 -35.34
CA GLU C 957 0.50 -10.91 -34.39
C GLU C 957 0.42 -9.45 -33.94
N ALA C 958 -0.21 -8.58 -34.73
CA ALA C 958 -0.46 -7.22 -34.25
C ALA C 958 -1.36 -7.24 -33.03
N GLU C 959 -2.32 -8.15 -32.99
CA GLU C 959 -3.19 -8.25 -31.83
C GLU C 959 -2.42 -8.76 -30.63
N VAL C 960 -1.43 -9.61 -30.84
CA VAL C 960 -0.65 -10.15 -29.73
C VAL C 960 0.30 -9.08 -29.19
N GLN C 961 0.94 -8.33 -30.09
CA GLN C 961 1.91 -7.35 -29.64
C GLN C 961 1.23 -6.12 -29.04
N ILE C 962 0.03 -5.78 -29.50
CA ILE C 962 -0.72 -4.71 -28.86
C ILE C 962 -1.18 -5.14 -27.47
N ASP C 963 -1.62 -6.38 -27.34
CA ASP C 963 -2.08 -6.88 -26.05
C ASP C 963 -0.92 -7.02 -25.08
N ARG C 964 0.30 -7.16 -25.59
CA ARG C 964 1.47 -7.18 -24.74
C ARG C 964 1.74 -5.80 -24.15
N LEU C 965 1.54 -4.75 -24.93
CA LEU C 965 1.75 -3.41 -24.41
C LEU C 965 0.63 -2.96 -23.50
N ILE C 966 -0.55 -3.57 -23.61
CA ILE C 966 -1.64 -3.15 -22.73
C ILE C 966 -1.35 -3.54 -21.29
N THR C 967 -1.00 -4.80 -21.04
CA THR C 967 -0.74 -5.23 -19.67
C THR C 967 0.51 -4.59 -19.10
N GLY C 968 1.43 -4.17 -19.94
CA GLY C 968 2.57 -3.44 -19.46
C GLY C 968 2.18 -2.06 -19.00
N ARG C 969 1.31 -1.41 -19.76
CA ARG C 969 0.89 -0.05 -19.39
C ARG C 969 -0.16 -0.08 -18.30
N LEU C 970 -0.99 -1.11 -18.28
CA LEU C 970 -2.08 -1.17 -17.31
C LEU C 970 -1.56 -1.54 -15.94
N GLN C 971 -0.38 -2.17 -15.87
CA GLN C 971 0.18 -2.47 -14.56
C GLN C 971 1.06 -1.35 -14.05
N SER C 972 1.59 -0.52 -14.94
CA SER C 972 2.27 0.68 -14.49
C SER C 972 1.27 1.68 -13.93
N LEU C 973 0.06 1.66 -14.47
CA LEU C 973 -0.98 2.54 -13.99
C LEU C 973 -1.50 2.08 -12.65
N GLN C 974 -1.57 0.77 -12.43
CA GLN C 974 -2.04 0.24 -11.17
C GLN C 974 -1.03 0.45 -10.05
N THR C 975 0.26 0.50 -10.40
CA THR C 975 1.30 0.78 -9.42
C THR C 975 1.23 2.22 -8.92
N TYR C 976 1.01 3.15 -9.83
CA TYR C 976 0.88 4.56 -9.48
C TYR C 976 -0.29 4.80 -8.55
N VAL C 977 -1.39 4.12 -8.79
CA VAL C 977 -2.58 4.33 -7.97
C VAL C 977 -2.37 3.77 -6.58
N THR C 978 -1.68 2.64 -6.46
CA THR C 978 -1.41 2.04 -5.16
C THR C 978 -0.48 2.91 -4.32
N GLN C 979 0.52 3.53 -4.93
CA GLN C 979 1.46 4.29 -4.14
C GLN C 979 0.97 5.70 -3.82
N GLN C 980 0.08 6.27 -4.64
CA GLN C 980 -0.58 7.51 -4.27
C GLN C 980 -1.51 7.28 -3.09
N LEU C 981 -2.07 6.09 -3.02
CA LEU C 981 -2.99 5.75 -1.95
C LEU C 981 -2.25 5.54 -0.65
N ILE C 982 -1.02 5.04 -0.72
CA ILE C 982 -0.20 4.88 0.48
C ILE C 982 0.29 6.24 0.96
N ARG C 983 0.63 7.12 0.03
CA ARG C 983 1.15 8.43 0.40
C ARG C 983 0.05 9.35 0.93
N ALA C 984 -1.18 9.12 0.51
CA ALA C 984 -2.31 9.89 1.02
C ALA C 984 -2.59 9.54 2.47
N ALA C 985 -2.20 8.36 2.90
CA ALA C 985 -2.36 7.99 4.30
C ALA C 985 -1.36 8.70 5.18
N GLU C 986 -0.24 9.12 4.60
CA GLU C 986 0.77 9.82 5.38
C GLU C 986 0.43 11.30 5.50
N ILE C 987 -0.21 11.88 4.49
CA ILE C 987 -0.63 13.28 4.57
C ILE C 987 -1.80 13.44 5.54
N ARG C 988 -2.72 12.47 5.61
CA ARG C 988 -3.75 12.51 6.64
C ARG C 988 -3.16 12.49 8.04
N ALA C 989 -2.07 11.75 8.23
CA ALA C 989 -1.44 11.72 9.54
C ALA C 989 -0.85 13.07 9.91
N SER C 990 -0.33 13.78 8.92
CA SER C 990 0.23 15.09 9.20
C SER C 990 -0.83 16.16 9.20
N ALA C 991 -1.91 15.96 8.47
CA ALA C 991 -2.97 16.96 8.46
C ALA C 991 -3.85 16.84 9.68
N ASN C 992 -3.92 15.66 10.28
CA ASN C 992 -4.66 15.52 11.53
C ASN C 992 -3.86 16.07 12.69
N LEU C 993 -2.55 16.05 12.60
CA LEU C 993 -1.76 16.62 13.68
C LEU C 993 -1.80 18.14 13.63
N ALA C 994 -1.85 18.71 12.43
CA ALA C 994 -1.94 20.15 12.31
C ALA C 994 -3.29 20.66 12.75
N ALA C 995 -4.33 19.85 12.63
CA ALA C 995 -5.63 20.25 13.15
C ALA C 995 -5.65 20.16 14.66
N THR C 996 -4.82 19.31 15.25
CA THR C 996 -4.70 19.25 16.70
C THR C 996 -3.84 20.38 17.21
N LYS C 997 -2.81 20.78 16.46
CA LYS C 997 -2.00 21.89 16.90
C LYS C 997 -2.70 23.20 16.69
N MET C 998 -3.78 23.24 15.92
CA MET C 998 -4.42 24.54 15.77
C MET C 998 -5.44 24.74 16.87
N SER C 999 -6.19 23.71 17.20
CA SER C 999 -7.19 23.87 18.23
C SER C 999 -6.57 23.95 19.61
N GLU C 1000 -5.61 23.11 19.92
CA GLU C 1000 -5.08 23.04 21.27
C GLU C 1000 -4.00 24.07 21.54
N CYS C 1001 -3.60 24.84 20.56
CA CYS C 1001 -2.43 25.68 20.74
C CYS C 1001 -2.62 27.10 20.24
N VAL C 1002 -3.31 27.29 19.11
CA VAL C 1002 -3.72 28.62 18.72
C VAL C 1002 -4.96 29.03 19.47
N LEU C 1003 -5.98 28.19 19.48
CA LEU C 1003 -7.25 28.49 20.11
C LEU C 1003 -7.24 28.25 21.61
N GLY C 1004 -6.10 27.96 22.20
CA GLY C 1004 -6.02 27.73 23.63
C GLY C 1004 -4.66 28.01 24.21
N GLN C 1005 -4.23 27.20 25.17
CA GLN C 1005 -2.85 27.26 25.69
C GLN C 1005 -2.48 25.86 26.11
N SER C 1006 -1.39 25.34 25.55
CA SER C 1006 -1.00 23.96 25.81
C SER C 1006 -0.14 23.84 27.05
N LYS C 1007 -0.31 22.75 27.78
CA LYS C 1007 0.58 22.41 28.87
C LYS C 1007 1.44 21.21 28.59
N ARG C 1008 1.41 20.69 27.38
CA ARG C 1008 2.18 19.53 27.01
C ARG C 1008 3.57 19.99 26.63
N VAL C 1009 4.57 19.43 27.29
CA VAL C 1009 5.94 19.87 27.04
C VAL C 1009 6.40 19.35 25.68
N ASP C 1010 7.03 20.24 24.90
CA ASP C 1010 7.51 20.08 23.53
C ASP C 1010 6.40 19.94 22.51
N PHE C 1011 5.16 19.92 22.91
CA PHE C 1011 4.07 20.23 22.01
C PHE C 1011 4.02 21.75 22.01
N CYS C 1012 3.91 22.34 20.82
CA CYS C 1012 3.87 23.78 20.62
C CYS C 1012 5.17 24.48 21.01
N GLY C 1013 6.30 23.96 20.52
CA GLY C 1013 7.57 24.63 20.67
C GLY C 1013 8.20 24.37 22.01
N LYS C 1014 9.45 24.80 22.14
CA LYS C 1014 10.23 24.58 23.34
C LYS C 1014 10.13 25.75 24.30
N GLY C 1015 9.94 25.45 25.57
CA GLY C 1015 9.66 26.45 26.57
C GLY C 1015 8.24 26.32 27.07
N TYR C 1016 7.85 27.29 27.88
CA TYR C 1016 6.50 27.35 28.39
C TYR C 1016 5.65 28.11 27.39
N HIS C 1017 4.62 27.46 26.89
CA HIS C 1017 3.84 28.00 25.80
C HIS C 1017 2.98 29.16 26.27
N LEU C 1018 3.10 30.30 25.59
CA LEU C 1018 2.24 31.44 25.85
C LEU C 1018 1.12 31.58 24.84
N MET C 1019 1.42 31.82 23.58
CA MET C 1019 0.41 31.86 22.53
C MET C 1019 1.03 31.50 21.20
N SER C 1020 0.20 31.41 20.17
CA SER C 1020 0.69 30.89 18.90
C SER C 1020 -0.14 31.40 17.74
N PHE C 1021 0.53 31.63 16.61
CA PHE C 1021 -0.03 32.32 15.46
C PHE C 1021 0.11 31.49 14.20
N PRO C 1022 -0.96 31.14 13.50
CA PRO C 1022 -0.82 30.41 12.24
C PRO C 1022 -0.49 31.33 11.08
N GLN C 1023 0.21 30.75 10.09
CA GLN C 1023 0.42 31.38 8.80
C GLN C 1023 0.23 30.34 7.71
N ALA C 1024 -0.27 30.77 6.56
CA ALA C 1024 -0.50 29.84 5.49
C ALA C 1024 0.74 29.68 4.61
N ALA C 1025 0.80 28.57 3.91
CA ALA C 1025 1.94 28.16 3.12
C ALA C 1025 1.41 27.33 1.95
N PRO C 1026 2.22 27.07 0.92
CA PRO C 1026 1.77 26.13 -0.12
C PRO C 1026 1.66 24.73 0.45
N HIS C 1027 0.45 24.19 0.41
CA HIS C 1027 0.13 22.82 0.85
C HIS C 1027 0.44 22.59 2.31
N GLY C 1028 0.27 23.59 3.16
CA GLY C 1028 0.65 23.40 4.54
C GLY C 1028 0.30 24.59 5.41
N VAL C 1029 0.78 24.52 6.64
CA VAL C 1029 0.63 25.56 7.65
C VAL C 1029 2.01 25.91 8.17
N VAL C 1030 2.12 27.10 8.74
CA VAL C 1030 3.28 27.48 9.52
C VAL C 1030 2.77 28.08 10.83
N PHE C 1031 3.17 27.48 11.94
CA PHE C 1031 2.82 27.97 13.25
C PHE C 1031 3.98 28.73 13.85
N LEU C 1032 3.74 29.91 14.37
CA LEU C 1032 4.74 30.69 15.07
C LEU C 1032 4.43 30.62 16.56
N HIS C 1033 5.24 29.91 17.31
CA HIS C 1033 4.96 29.66 18.72
C HIS C 1033 5.75 30.63 19.60
N VAL C 1034 5.04 31.42 20.38
CA VAL C 1034 5.67 32.36 21.33
C VAL C 1034 5.80 31.64 22.65
N THR C 1035 7.03 31.41 23.09
CA THR C 1035 7.29 30.67 24.31
C THR C 1035 8.14 31.50 25.25
N TYR C 1036 8.15 31.09 26.50
CA TYR C 1036 8.83 31.75 27.61
C TYR C 1036 10.01 30.91 28.04
N VAL C 1037 11.21 31.50 28.04
CA VAL C 1037 12.43 30.79 28.39
C VAL C 1037 13.05 31.46 29.60
N PRO C 1038 13.20 30.77 30.73
CA PRO C 1038 13.85 31.41 31.87
C PRO C 1038 15.36 31.31 31.80
N SER C 1039 16.04 32.19 32.52
CA SER C 1039 17.48 32.32 32.35
C SER C 1039 18.12 32.98 33.56
N GLN C 1040 19.46 33.05 33.52
CA GLN C 1040 20.32 33.66 34.55
C GLN C 1040 20.13 33.02 35.92
N GLU C 1041 20.58 31.78 36.01
CA GLU C 1041 20.37 30.97 37.19
C GLU C 1041 21.24 31.45 38.34
N ARG C 1042 20.85 31.09 39.55
CA ARG C 1042 21.54 31.52 40.75
C ARG C 1042 21.39 30.45 41.81
N ASN C 1043 22.49 30.12 42.50
CA ASN C 1043 22.46 29.08 43.52
C ASN C 1043 21.95 29.62 44.84
N PHE C 1044 21.19 28.80 45.56
CA PHE C 1044 20.68 29.15 46.87
C PHE C 1044 20.76 27.93 47.76
N THR C 1045 20.81 28.14 49.06
CA THR C 1045 20.64 27.04 49.99
C THR C 1045 19.15 26.92 50.29
N THR C 1046 18.66 25.71 50.40
CA THR C 1046 17.24 25.51 50.61
C THR C 1046 17.01 24.51 51.72
N ALA C 1047 15.74 24.23 51.99
CA ALA C 1047 15.33 23.33 53.06
C ALA C 1047 13.90 22.88 52.85
N PRO C 1048 13.53 21.69 53.33
CA PRO C 1048 12.15 21.25 53.16
C PRO C 1048 11.17 21.86 54.14
N ALA C 1049 11.61 22.28 55.31
CA ALA C 1049 10.68 22.71 56.35
C ALA C 1049 11.39 23.63 57.32
N ILE C 1050 10.60 24.29 58.14
CA ILE C 1050 11.09 25.19 59.17
C ILE C 1050 10.42 24.85 60.50
N CYS C 1051 11.22 24.70 61.55
CA CYS C 1051 10.71 24.39 62.88
C CYS C 1051 10.46 25.67 63.64
N HIS C 1052 9.24 25.85 64.12
CA HIS C 1052 8.94 27.02 64.94
C HIS C 1052 7.99 26.62 66.05
N GLU C 1053 8.46 26.72 67.30
CA GLU C 1053 7.69 26.44 68.51
C GLU C 1053 7.17 25.00 68.54
N GLY C 1054 8.01 24.08 68.07
CA GLY C 1054 7.68 22.66 68.10
C GLY C 1054 6.89 22.16 66.93
N LYS C 1055 6.50 23.02 65.99
CA LYS C 1055 5.70 22.63 64.85
C LYS C 1055 6.51 22.74 63.56
N ALA C 1056 6.30 21.80 62.66
CA ALA C 1056 6.97 21.82 61.37
C ALA C 1056 6.12 22.61 60.38
N TYR C 1057 6.72 23.59 59.74
CA TYR C 1057 6.03 24.40 58.76
C TYR C 1057 6.60 24.11 57.37
N PHE C 1058 5.72 23.73 56.46
CA PHE C 1058 6.00 23.39 55.08
C PHE C 1058 5.54 24.50 54.17
N PRO C 1059 6.18 24.72 53.03
CA PRO C 1059 5.64 25.69 52.09
C PRO C 1059 4.42 25.11 51.38
N ARG C 1060 3.44 25.96 51.15
CA ARG C 1060 2.26 25.48 50.46
C ARG C 1060 2.50 25.45 48.95
N GLU C 1061 3.20 26.47 48.45
CA GLU C 1061 3.63 26.54 47.07
C GLU C 1061 5.06 27.06 47.03
N GLY C 1062 5.91 26.44 46.24
CA GLY C 1062 7.26 26.94 46.11
C GLY C 1062 8.21 26.33 47.11
N VAL C 1063 9.37 26.98 47.25
CA VAL C 1063 10.45 26.47 48.09
C VAL C 1063 10.88 27.55 49.06
N PHE C 1064 11.52 27.13 50.15
CA PHE C 1064 12.22 28.06 51.01
C PHE C 1064 13.63 28.23 50.48
N VAL C 1065 14.09 29.46 50.38
CA VAL C 1065 15.47 29.69 50.00
C VAL C 1065 16.15 30.51 51.08
N PHE C 1066 17.45 30.36 51.17
CA PHE C 1066 18.26 31.17 52.06
C PHE C 1066 18.99 32.20 51.22
N ASN C 1067 18.63 33.47 51.40
CA ASN C 1067 19.20 34.61 50.68
C ASN C 1067 20.71 34.69 50.82
N GLY C 1068 21.27 34.21 51.92
CA GLY C 1068 22.59 34.56 52.38
C GLY C 1068 22.55 35.27 53.71
N THR C 1069 21.43 35.91 54.03
CA THR C 1069 21.21 36.55 55.32
C THR C 1069 19.97 36.06 56.04
N SER C 1070 18.91 35.71 55.33
CA SER C 1070 17.64 35.37 55.98
C SER C 1070 16.83 34.48 55.04
N TRP C 1071 15.80 33.86 55.60
CA TRP C 1071 15.03 32.87 54.88
C TRP C 1071 13.75 33.44 54.30
N PHE C 1072 13.49 33.10 53.05
CA PHE C 1072 12.38 33.60 52.25
C PHE C 1072 11.69 32.43 51.59
N ILE C 1073 10.47 32.63 51.15
CA ILE C 1073 9.77 31.66 50.31
C ILE C 1073 9.62 32.26 48.92
N THR C 1074 9.79 31.43 47.89
CA THR C 1074 9.78 31.91 46.53
C THR C 1074 9.20 30.82 45.64
N GLN C 1075 8.99 31.15 44.37
CA GLN C 1075 8.52 30.22 43.36
C GLN C 1075 9.67 29.78 42.48
N ARG C 1076 9.45 28.74 41.67
CA ARG C 1076 10.59 28.10 41.05
C ARG C 1076 10.91 28.61 39.67
N ASN C 1077 10.00 29.31 39.02
CA ASN C 1077 10.22 29.73 37.65
C ASN C 1077 10.72 31.14 37.55
N PHE C 1078 10.81 31.85 38.68
CA PHE C 1078 11.26 33.22 38.71
C PHE C 1078 11.58 33.50 40.17
N PHE C 1079 12.62 34.30 40.39
CA PHE C 1079 13.08 34.56 41.73
C PHE C 1079 12.41 35.82 42.26
N SER C 1080 11.50 35.64 43.20
CA SER C 1080 10.83 36.76 43.87
C SER C 1080 10.65 36.39 45.33
N PRO C 1081 11.52 36.87 46.20
CA PRO C 1081 11.50 36.41 47.59
C PRO C 1081 10.45 37.14 48.41
N GLN C 1082 9.83 36.41 49.33
CA GLN C 1082 8.78 36.95 50.18
C GLN C 1082 8.99 36.53 51.62
N ILE C 1083 8.34 37.25 52.53
CA ILE C 1083 8.47 36.96 53.95
C ILE C 1083 7.62 35.76 54.30
N ILE C 1084 8.20 34.83 55.06
CA ILE C 1084 7.55 33.59 55.46
C ILE C 1084 6.53 33.93 56.54
N THR C 1085 5.26 34.01 56.17
CA THR C 1085 4.21 34.21 57.16
C THR C 1085 3.34 32.98 57.18
N THR C 1086 2.32 33.00 58.04
CA THR C 1086 1.39 31.87 58.07
C THR C 1086 0.31 31.96 57.01
N ASP C 1087 0.38 32.94 56.12
CA ASP C 1087 -0.58 33.04 55.04
C ASP C 1087 -0.26 32.10 53.89
N ASN C 1088 1.02 31.82 53.68
CA ASN C 1088 1.46 31.03 52.54
C ASN C 1088 2.16 29.74 52.97
N THR C 1089 1.99 29.32 54.21
CA THR C 1089 2.79 28.28 54.79
C THR C 1089 1.91 27.25 55.50
N PHE C 1090 2.12 25.99 55.17
CA PHE C 1090 1.26 24.89 55.58
C PHE C 1090 1.79 24.30 56.88
N VAL C 1091 0.92 24.20 57.87
CA VAL C 1091 1.26 23.77 59.22
C VAL C 1091 0.88 22.33 59.35
N SER C 1092 1.86 21.47 59.63
CA SER C 1092 1.59 20.05 59.79
C SER C 1092 2.68 19.26 60.48
N GLY C 1093 2.32 18.49 61.50
CA GLY C 1093 3.25 17.63 62.19
C GLY C 1093 4.13 18.38 63.17
N ASN C 1094 4.88 17.63 63.94
CA ASN C 1094 5.81 18.21 64.89
C ASN C 1094 7.21 18.27 64.29
N CYS C 1095 8.09 18.99 64.96
CA CYS C 1095 9.46 19.05 64.52
C CYS C 1095 10.17 17.73 64.80
N ASP C 1096 11.39 17.62 64.29
CA ASP C 1096 12.28 16.46 64.42
C ASP C 1096 11.62 15.18 63.88
N VAL C 1097 10.84 15.33 62.82
CA VAL C 1097 10.21 14.20 62.15
C VAL C 1097 10.73 14.03 60.73
N VAL C 1098 10.85 15.13 59.99
CA VAL C 1098 11.32 15.08 58.61
C VAL C 1098 12.78 15.50 58.60
N ILE C 1099 13.45 15.21 57.49
CA ILE C 1099 14.89 15.35 57.41
C ILE C 1099 15.23 16.74 56.89
N GLY C 1100 15.95 17.52 57.69
CA GLY C 1100 16.44 18.80 57.25
C GLY C 1100 15.63 20.00 57.66
N ILE C 1101 15.14 20.02 58.89
CA ILE C 1101 14.33 21.14 59.35
C ILE C 1101 15.24 22.23 59.87
N ILE C 1102 14.94 23.46 59.52
CA ILE C 1102 15.73 24.60 59.93
C ILE C 1102 15.03 25.30 61.07
N ASN C 1103 15.78 25.58 62.14
CA ASN C 1103 15.27 26.48 63.18
C ASN C 1103 15.15 27.88 62.59
N ASN C 1104 13.93 28.40 62.60
CA ASN C 1104 13.67 29.77 62.19
C ASN C 1104 12.34 30.17 62.80
N THR C 1105 12.00 31.44 62.67
CA THR C 1105 10.71 31.96 63.12
C THR C 1105 9.82 32.21 61.91
N VAL C 1106 8.53 32.06 62.13
CA VAL C 1106 7.52 32.26 61.09
C VAL C 1106 6.51 33.28 61.58
N TYR C 1107 6.37 34.36 60.83
CA TYR C 1107 5.57 35.51 61.22
C TYR C 1107 4.09 35.18 61.31
C1 NAG D . 30.38 -33.38 14.19
C2 NAG D . 30.21 -33.43 15.70
C3 NAG D . 31.52 -33.00 16.37
C4 NAG D . 32.70 -33.81 15.85
C5 NAG D . 32.72 -33.86 14.32
C6 NAG D . 33.70 -34.86 13.76
C7 NAG D . 28.04 -33.05 16.79
C8 NAG D . 27.00 -32.05 17.15
N2 NAG D . 29.11 -32.59 16.12
O3 NAG D . 31.37 -33.16 17.78
O4 NAG D . 33.91 -33.16 16.23
O5 NAG D . 31.42 -34.24 13.81
O6 NAG D . 34.66 -34.22 12.93
O7 NAG D . 27.96 -34.24 17.11
C1 NAG D . 34.69 -33.89 17.19
C2 NAG D . 36.08 -33.25 17.15
C3 NAG D . 36.97 -33.83 18.25
C4 NAG D . 36.30 -33.77 19.60
C5 NAG D . 34.93 -34.44 19.52
C6 NAG D . 34.14 -34.35 20.80
C7 NAG D . 36.99 -32.43 15.01
C8 NAG D . 37.64 -32.81 13.72
N2 NAG D . 36.71 -33.44 15.84
O3 NAG D . 38.19 -33.08 18.29
O4 NAG D . 37.10 -34.44 20.58
O5 NAG D . 34.15 -33.79 18.50
O6 NAG D . 33.13 -35.34 20.88
O7 NAG D . 36.72 -31.26 15.29
C1 NAG E . 20.93 -0.47 45.47
C2 NAG E . 21.76 -0.77 46.71
C3 NAG E . 22.83 -1.81 46.41
C4 NAG E . 22.29 -3.02 45.66
C5 NAG E . 21.40 -2.58 44.50
C6 NAG E . 20.63 -3.71 43.85
C7 NAG E . 22.39 0.82 48.49
C8 NAG E . 23.09 2.10 48.79
N2 NAG E . 22.37 0.46 47.19
O3 NAG E . 23.44 -2.23 47.62
O4 NAG E . 23.41 -3.72 45.13
O5 NAG E . 20.41 -1.66 44.97
O6 NAG E . 21.44 -4.36 42.87
O7 NAG E . 21.86 0.14 49.35
C1 NAG E . 23.54 -5.15 45.40
C2 NAG E . 24.48 -5.70 44.35
C3 NAG E . 24.63 -7.20 44.51
C4 NAG E . 25.08 -7.54 45.93
C5 NAG E . 24.13 -6.91 46.95
C6 NAG E . 24.60 -7.07 48.37
C7 NAG E . 24.80 -4.66 42.16
C8 NAG E . 24.21 -4.41 40.79
N2 NAG E . 24.05 -5.36 43.00
O3 NAG E . 25.57 -7.68 43.55
O4 NAG E . 25.09 -8.95 46.12
O5 NAG E . 24.02 -5.49 46.72
O6 NAG E . 24.89 -5.82 48.96
O7 NAG E . 25.91 -4.23 42.46
C1 BMA E . 26.44 -9.49 46.16
C2 BMA E . 26.38 -10.94 46.70
C3 BMA E . 27.76 -11.64 46.54
C4 BMA E . 28.37 -11.44 45.15
C5 BMA E . 28.41 -9.96 44.80
C6 BMA E . 28.98 -9.68 43.41
O2 BMA E . 25.46 -11.70 45.96
O3 BMA E . 27.69 -13.03 46.83
O4 BMA E . 29.69 -11.96 45.14
O5 BMA E . 27.05 -9.45 44.85
O6 BMA E . 28.92 -10.88 42.62
C1 NAG F . 0.06 1.83 54.28
C2 NAG F . 0.17 1.53 55.77
C3 NAG F . 1.57 1.01 56.09
C4 NAG F . 1.96 -0.16 55.20
C5 NAG F . 1.70 0.16 53.72
C6 NAG F . 1.80 -1.05 52.82
C7 NAG F . -1.34 2.97 57.03
C8 NAG F . -1.48 4.22 57.83
N2 NAG F . -0.12 2.71 56.56
O3 NAG F . 1.61 0.61 57.46
O4 NAG F . 3.36 -0.37 55.36
O5 NAG F . 0.37 0.67 53.54
O6 NAG F . 0.52 -1.57 52.51
O7 NAG F . -2.30 2.22 56.81
C1 NAG F . 3.69 -1.66 55.89
C2 NAG F . 5.04 -2.03 55.29
C3 NAG F . 5.48 -3.40 55.82
C4 NAG F . 5.51 -3.39 57.34
C5 NAG F . 4.14 -2.97 57.86
C6 NAG F . 4.07 -2.87 59.36
C7 NAG F . 5.79 -1.33 53.05
C8 NAG F . 5.57 -1.46 51.58
N2 NAG F . 4.97 -2.04 53.84
O3 NAG F . 6.77 -3.71 55.29
O4 NAG F . 5.83 -4.69 57.82
O5 NAG F . 3.79 -1.68 57.33
O6 NAG F . 2.96 -3.58 59.88
O7 NAG F . 6.67 -0.61 53.53
C1 NAG G . -44.78 -13.58 -6.62
C2 NAG G . -45.60 -12.55 -5.87
C3 NAG G . -46.34 -13.23 -4.72
C4 NAG G . -47.14 -14.44 -5.21
C5 NAG G . -46.28 -15.35 -6.10
C6 NAG G . -47.10 -16.41 -6.81
C7 NAG G . -44.94 -10.18 -5.72
C8 NAG G . -43.98 -9.21 -5.14
N2 NAG G . -44.76 -11.46 -5.38
O3 NAG G . -47.19 -12.29 -4.09
O4 NAG G . -47.52 -15.23 -4.09
O5 NAG G . -45.62 -14.59 -7.13
O6 NAG G . -46.65 -17.71 -6.48
O7 NAG G . -45.86 -9.85 -6.46
C1 NAG G . -48.93 -15.23 -3.82
C2 NAG G . -49.17 -16.43 -2.89
C3 NAG G . -50.62 -16.46 -2.39
C4 NAG G . -51.03 -15.11 -1.83
C5 NAG G . -50.76 -14.02 -2.86
C6 NAG G . -51.06 -12.64 -2.32
C7 NAG G . -47.83 -18.47 -3.15
C8 NAG G . -47.64 -19.74 -3.93
N2 NAG G . -48.83 -17.68 -3.55
O3 NAG G . -50.72 -17.46 -1.39
O4 NAG G . -52.41 -15.12 -1.50
O5 NAG G . -49.37 -14.05 -3.20
O6 NAG G . -51.27 -11.71 -3.39
O7 NAG G . -47.09 -18.18 -2.21
C1 NAG H . -36.77 10.18 32.38
C2 NAG H . -38.07 10.28 33.15
C3 NAG H . -39.11 9.31 32.56
C4 NAG H . -39.20 9.39 31.05
C5 NAG H . -37.82 9.39 30.42
C6 NAG H . -37.81 9.70 28.93
C7 NAG H . -38.37 10.71 35.55
C8 NAG H . -38.04 10.24 36.93
N2 NAG H . -37.85 9.99 34.55
O3 NAG H . -40.37 9.57 33.14
O4 NAG H . -39.89 8.21 30.61
O5 NAG H . -37.01 10.40 31.03
O6 NAG H . -38.07 8.53 28.18
O7 NAG H . -39.07 11.69 35.35
C1 NAG H . -41.04 8.38 29.73
C2 NAG H . -41.25 7.03 29.06
C3 NAG H . -42.42 7.13 28.08
C4 NAG H . -43.67 7.62 28.77
C5 NAG H . -43.38 8.95 29.49
C6 NAG H . -44.55 9.42 30.32
C7 NAG H . -39.45 5.41 28.72
C8 NAG H . -38.22 5.08 27.94
N2 NAG H . -40.06 6.58 28.40
O3 NAG H . -42.62 5.84 27.50
O4 NAG H . -44.72 7.82 27.82
O5 NAG H . -42.27 8.81 30.38
O6 NAG H . -44.21 9.44 31.71
O7 NAG H . -39.90 4.68 29.59
C1 BMA H . -45.73 6.79 27.90
C2 BMA H . -46.97 7.26 27.09
C3 BMA H . -48.01 6.13 26.96
C4 BMA H . -47.38 4.79 26.53
C5 BMA H . -46.21 4.45 27.47
C6 BMA H . -45.51 3.15 27.10
O2 BMA H . -46.60 7.62 25.79
O3 BMA H . -49.06 6.44 26.05
O4 BMA H . -48.34 3.76 26.60
O5 BMA H . -45.25 5.54 27.42
O6 BMA H . -45.80 2.82 25.73
C1 NAG I . -30.28 32.02 31.82
C2 NAG I . -31.40 32.82 32.46
C3 NAG I . -32.60 31.93 32.74
C4 NAG I . -33.04 31.16 31.49
C5 NAG I . -31.84 30.48 30.81
C6 NAG I . -32.16 29.95 29.44
C7 NAG I . -30.45 34.68 33.73
C8 NAG I . -30.02 35.18 35.07
N2 NAG I . -30.94 33.45 33.69
O3 NAG I . -33.67 32.73 33.22
O4 NAG I . -33.94 30.15 31.91
O5 NAG I . -30.77 31.41 30.63
O6 NAG I . -31.71 30.84 28.43
O7 NAG I . -30.36 35.37 32.71
C1 NAG I . -35.26 30.29 31.36
C2 NAG I . -35.80 28.88 31.20
C3 NAG I . -37.22 28.93 30.63
C4 NAG I . -38.11 29.81 31.50
C5 NAG I . -37.47 31.19 31.63
C6 NAG I . -38.25 32.12 32.53
C7 NAG I . -34.41 26.91 30.75
C8 NAG I . -33.54 26.21 29.74
N2 NAG I . -34.93 28.07 30.36
O3 NAG I . -37.75 27.61 30.55
O4 NAG I . -39.39 29.93 30.91
O5 NAG I . -36.15 31.07 32.18
O6 NAG I . -38.47 33.37 31.89
O7 NAG I . -34.63 26.43 31.85
C1 NAG J . 16.75 33.20 -29.16
C2 NAG J . 17.39 34.22 -28.25
C3 NAG J . 16.64 35.54 -28.35
C4 NAG J . 16.52 35.99 -29.82
C5 NAG J . 16.03 34.86 -30.71
C6 NAG J . 16.15 35.16 -32.18
C7 NAG J . 18.53 33.60 -26.16
C8 NAG J . 18.36 33.09 -24.75
N2 NAG J . 17.40 33.74 -26.86
O3 NAG J . 17.31 36.53 -27.57
O4 NAG J . 15.54 37.02 -29.90
O5 NAG J . 16.80 33.67 -30.49
O6 NAG J . 14.89 35.12 -32.83
O7 NAG J . 19.62 33.87 -26.62
C1 NAG J . 16.07 38.32 -30.24
C2 NAG J . 14.86 39.15 -30.69
C3 NAG J . 15.26 40.60 -30.93
C4 NAG J . 16.01 41.17 -29.73
C5 NAG J . 17.19 40.26 -29.39
C6 NAG J . 17.94 40.71 -28.16
C7 NAG J . 13.03 38.07 -31.92
C8 NAG J . 12.57 37.55 -33.25
N2 NAG J . 14.26 38.60 -31.89
O3 NAG J . 14.08 41.36 -31.15
O4 NAG J . 16.49 42.48 -30.02
O5 NAG J . 16.70 38.94 -29.14
O6 NAG J . 19.26 40.18 -28.13
O7 NAG J . 12.32 38.01 -30.92
C1 NAG K . 5.74 47.83 13.44
C2 NAG K . 5.99 49.33 13.50
C3 NAG K . 6.19 49.89 12.09
C4 NAG K . 7.18 49.08 11.25
C5 NAG K . 6.87 47.58 11.38
C6 NAG K . 7.93 46.69 10.78
C7 NAG K . 5.02 50.96 15.07
C8 NAG K . 3.74 51.54 15.61
N2 NAG K . 4.87 50.00 14.14
O3 NAG K . 6.65 51.24 12.18
O4 NAG K . 7.00 49.47 9.90
O5 NAG K . 6.78 47.22 12.76
O6 NAG K . 7.72 46.54 9.38
O7 NAG K . 6.12 51.32 15.47
C1 NAG K . 8.18 49.86 9.14
C2 NAG K . 7.79 49.75 7.67
C3 NAG K . 8.99 50.08 6.79
C4 NAG K . 9.52 51.47 7.14
C5 NAG K . 9.82 51.57 8.63
C6 NAG K . 10.22 52.96 9.07
C7 NAG K . 6.06 48.22 6.87
C8 NAG K . 5.69 46.79 6.59
N2 NAG K . 7.28 48.42 7.36
O3 NAG K . 8.57 50.02 5.43
O4 NAG K . 10.70 51.73 6.39
O5 NAG K . 8.67 51.20 9.41
O6 NAG K . 9.27 53.49 9.98
O7 NAG K . 5.28 49.15 6.66
C1 BMA K . 10.49 52.69 5.31
C2 BMA K . 11.86 53.17 4.80
C3 BMA K . 11.70 54.02 3.51
C4 BMA K . 10.76 53.35 2.48
C5 BMA K . 9.43 53.00 3.15
C6 BMA K . 8.45 52.31 2.20
O2 BMA K . 12.67 52.07 4.46
O3 BMA K . 12.95 54.30 2.89
O4 BMA K . 10.53 54.25 1.41
O5 BMA K . 9.71 52.11 4.26
O6 BMA K . 9.17 51.78 1.09
C1 NAG L . 17.16 40.60 31.76
C2 NAG L . 17.85 41.80 32.36
C3 NAG L . 17.70 43.01 31.43
C4 NAG L . 18.13 42.69 30.01
C5 NAG L . 17.50 41.38 29.52
C6 NAG L . 18.11 40.87 28.23
C7 NAG L . 17.88 41.65 34.79
C8 NAG L . 17.21 42.06 36.08
N2 NAG L . 17.32 42.11 33.68
O3 NAG L . 18.46 44.09 31.94
O4 NAG L . 17.66 43.74 29.17
O5 NAG L . 17.69 40.33 30.48
O6 NAG L . 19.05 39.84 28.49
O7 NAG L . 18.87 40.91 34.77
C1 NAG L . 18.72 44.46 28.52
C2 NAG L . 18.15 44.92 27.18
C3 NAG L . 19.20 45.72 26.41
C4 NAG L . 19.72 46.87 27.27
C5 NAG L . 20.23 46.34 28.60
C6 NAG L . 20.69 47.42 29.54
C7 NAG L . 16.45 43.69 25.91
C8 NAG L . 16.16 42.44 25.12
N2 NAG L . 17.70 43.79 26.39
O3 NAG L . 18.66 46.20 25.20
O4 NAG L . 20.75 47.56 26.59
O5 NAG L . 19.19 45.61 29.26
O6 NAG L . 21.98 47.13 30.05
O7 NAG L . 15.60 44.55 26.10
C1 NAG M . -2.68 -51.63 10.77
C2 NAG M . -3.78 -50.55 10.71
C3 NAG M . -4.60 -50.55 11.99
C4 NAG M . -5.10 -51.95 12.33
C5 NAG M . -3.93 -52.93 12.36
C6 NAG M . -4.34 -54.36 12.58
C7 NAG M . -3.53 -48.45 9.46
C8 NAG M . -2.83 -47.13 9.38
N2 NAG M . -3.19 -49.23 10.48
O3 NAG M . -5.70 -49.66 11.84
O4 NAG M . -5.75 -51.96 13.59
O5 NAG M . -3.27 -52.90 11.08
O6 NAG M . -3.26 -55.25 12.33
O7 NAG M . -4.37 -48.79 8.64
C1 NAG N . -30.99 11.44 50.54
C2 NAG N . -31.77 12.70 50.93
C3 NAG N . -32.55 12.47 52.22
C4 NAG N . -33.38 11.19 52.13
C5 NAG N . -32.52 10.02 51.69
C6 NAG N . -33.30 8.75 51.48
C7 NAG N . -30.51 14.64 50.07
C8 NAG N . -29.57 15.75 50.42
N2 NAG N . -30.86 13.84 51.07
O3 NAG N . -33.38 13.59 52.48
O4 NAG N . -33.93 10.90 53.42
O5 NAG N . -31.89 10.33 50.45
O6 NAG N . -32.45 7.69 51.04
O7 NAG N . -30.92 14.47 48.92
C1 NAG O . -12.29 11.57 64.66
C2 NAG O . -11.31 12.50 65.41
C3 NAG O . -10.45 11.68 66.40
C4 NAG O . -11.31 10.80 67.29
C5 NAG O . -12.19 9.92 66.41
C6 NAG O . -13.12 9.04 67.21
C7 NAG O . -9.92 14.40 64.71
C8 NAG O . -9.05 14.97 63.63
N2 NAG O . -10.46 13.19 64.46
O3 NAG O . -9.69 12.58 67.20
O4 NAG O . -10.48 9.99 68.10
O5 NAG O . -13.00 10.75 65.59
O6 NAG O . -14.44 9.09 66.69
O7 NAG O . -10.15 15.01 65.74
C1 NAG P . -30.91 24.30 61.44
C2 NAG P . -32.17 23.44 61.28
C3 NAG P . -33.36 24.32 60.90
C4 NAG P . -33.52 25.47 61.89
C5 NAG P . -32.21 26.23 62.07
C6 NAG P . -32.26 27.24 63.19
C7 NAG P . -31.80 21.13 60.57
C8 NAG P . -31.58 20.20 59.41
N2 NAG P . -31.95 22.41 60.27
O3 NAG P . -34.53 23.53 60.86
O4 NAG P . -34.51 26.37 61.41
O5 NAG P . -31.15 25.31 62.42
O6 NAG P . -31.17 28.14 63.13
O7 NAG P . -31.85 20.72 61.73
C1 NAG Q . -18.70 1.32 52.48
C2 NAG Q . -17.93 0.07 52.91
C3 NAG Q . -18.27 -1.09 51.99
C4 NAG Q . -19.77 -1.33 51.99
C5 NAG Q . -20.49 -0.06 51.56
C6 NAG Q . -21.98 -0.17 51.64
C7 NAG Q . -15.72 -0.18 53.91
C8 NAG Q . -14.27 0.16 53.81
N2 NAG Q . -16.50 0.31 52.95
O3 NAG Q . -17.59 -2.26 52.45
O4 NAG Q . -20.11 -2.40 51.13
O5 NAG Q . -20.11 1.03 52.43
O6 NAG Q . -22.59 0.23 50.42
O7 NAG Q . -16.16 -0.87 54.82
C1 NAG R . -26.85 -28.68 8.42
C2 NAG R . -27.67 -27.54 9.03
C3 NAG R . -28.99 -28.09 9.56
C4 NAG R . -29.76 -28.79 8.46
C5 NAG R . -28.90 -29.90 7.85
C6 NAG R . -29.54 -30.55 6.65
C7 NAG R . -26.48 -25.61 9.93
C8 NAG R . -25.77 -25.03 11.10
N2 NAG R . -26.95 -26.86 10.08
O3 NAG R . -29.75 -27.01 10.08
O4 NAG R . -30.97 -29.33 8.96
O5 NAG R . -27.65 -29.36 7.41
O6 NAG R . -29.58 -31.96 6.80
O7 NAG R . -26.63 -24.99 8.88
C1 NAG S . -38.78 12.25 -33.72
C2 NAG S . -37.51 13.01 -33.33
C3 NAG S . -37.86 14.44 -32.89
C4 NAG S . -38.73 15.13 -33.93
C5 NAG S . -39.95 14.28 -34.25
C6 NAG S . -40.83 14.84 -35.34
C7 NAG S . -35.52 11.93 -32.36
C8 NAG S . -34.96 11.23 -31.17
N2 NAG S . -36.80 12.32 -32.26
O3 NAG S . -36.65 15.17 -32.69
O4 NAG S . -39.15 16.41 -33.46
O5 NAG S . -39.51 12.99 -34.70
O6 NAG S . -41.78 13.88 -35.78
O7 NAG S . -34.87 12.15 -33.38
C1 NAG T . -6.80 54.09 26.17
C2 NAG T . -5.82 54.85 27.06
C3 NAG T . -6.35 56.27 27.34
C4 NAG T . -6.73 56.98 26.06
C5 NAG T . -7.67 56.10 25.22
C6 NAG T . -8.00 56.69 23.87
C7 NAG T . -4.66 53.21 28.48
C8 NAG T . -4.59 52.58 29.83
N2 NAG T . -5.60 54.14 28.31
O3 NAG T . -5.36 57.01 28.04
O4 NAG T . -7.41 58.19 26.35
O5 NAG T . -7.03 54.84 24.97
O6 NAG T . -8.85 55.82 23.12
O7 NAG T . -3.91 52.87 27.56
C1 NAG U . -23.93 47.39 40.68
C2 NAG U . -24.25 46.97 42.13
C3 NAG U . -25.77 46.92 42.37
C4 NAG U . -26.44 48.21 41.91
C5 NAG U . -26.09 48.46 40.45
C6 NAG U . -26.68 49.74 39.91
C7 NAG U . -23.26 45.32 43.64
C8 NAG U . -22.69 43.93 43.77
N2 NAG U . -23.65 45.69 42.42
O3 NAG U . -26.02 46.73 43.75
O4 NAG U . -27.85 48.08 42.04
O5 NAG U . -24.67 48.58 40.33
O6 NAG U . -25.71 50.49 39.20
O7 NAG U . -23.35 46.08 44.60
C1 NAG V . -4.73 59.57 41.98
C2 NAG V . -4.59 60.54 40.80
C3 NAG V . -3.21 61.21 40.85
C4 NAG V . -2.96 61.84 42.20
C5 NAG V . -3.21 60.84 43.33
C6 NAG V . -3.15 61.48 44.70
C7 NAG V . -5.88 59.99 38.80
C8 NAG V . -5.92 59.20 37.52
N2 NAG V . -4.78 59.84 39.54
O3 NAG V . -3.15 62.20 39.82
O4 NAG V . -1.61 62.29 42.27
O5 NAG V . -4.52 60.27 43.21
O6 NAG V . -3.06 60.49 45.72
O7 NAG V . -6.80 60.74 39.13
C1 NAG W . -20.51 46.07 23.92
C2 NAG W . -21.95 45.78 23.48
C3 NAG W . -22.02 45.60 21.98
C4 NAG W . -21.45 46.83 21.28
C5 NAG W . -20.02 47.06 21.75
C6 NAG W . -19.41 48.32 21.19
C7 NAG W . -23.76 44.62 24.63
C8 NAG W . -24.18 43.37 25.34
N2 NAG W . -22.50 44.65 24.18
O3 NAG W . -23.37 45.40 21.59
O4 NAG W . -21.49 46.66 19.87
O5 NAG W . -19.98 47.19 23.18
O6 NAG W . -18.15 48.05 20.59
O7 NAG W . -24.53 45.56 24.46
C1 NAG X . -10.68 28.69 -26.18
C2 NAG X . -9.90 29.63 -25.27
C3 NAG X . -9.93 31.03 -25.83
C4 NAG X . -9.37 31.05 -27.25
C5 NAG X . -10.17 30.08 -28.12
C6 NAG X . -9.59 29.93 -29.51
C7 NAG X . -9.73 29.05 -22.90
C8 NAG X . -10.37 29.15 -21.56
N2 NAG X . -10.40 29.61 -23.91
O3 NAG X . -9.15 31.88 -25.00
O4 NAG X . -9.44 32.36 -27.79
O5 NAG X . -10.16 28.76 -27.54
O6 NAG X . -10.58 30.14 -30.51
O7 NAG X . -8.64 28.51 -23.06
C1 NAG Y . 46.44 10.44 -22.93
C2 NAG Y . 46.09 9.59 -21.71
C3 NAG Y . 46.94 10.02 -20.50
C4 NAG Y . 48.42 10.05 -20.87
C5 NAG Y . 48.63 10.92 -22.10
C6 NAG Y . 50.06 10.93 -22.59
C7 NAG Y . 43.86 8.65 -21.31
C8 NAG Y . 42.43 8.93 -20.97
N2 NAG Y . 44.67 9.70 -21.39
O3 NAG Y . 46.71 9.10 -19.43
O4 NAG Y . 49.17 10.58 -19.78
O5 NAG Y . 47.84 10.39 -23.18
O6 NAG Y . 50.15 11.53 -23.88
O7 NAG Y . 44.26 7.50 -21.49
C1 NAG Z . 23.43 16.65 53.17
C2 NAG Z . 22.93 16.33 54.59
C3 NAG Z . 23.95 16.82 55.62
C4 NAG Z . 25.36 16.31 55.30
C5 NAG Z . 25.72 16.64 53.85
C6 NAG Z . 27.05 16.07 53.43
C7 NAG Z . 20.48 16.36 54.53
C8 NAG Z . 19.24 17.16 54.84
N2 NAG Z . 21.64 16.95 54.82
O3 NAG Z . 23.55 16.37 56.92
O4 NAG Z . 26.30 16.94 56.16
O5 NAG Z . 24.73 16.08 52.98
O6 NAG Z . 27.33 16.38 52.07
O7 NAG Z . 20.43 15.24 54.02
C1 NAG AA . 18.98 39.51 50.49
C2 NAG AA . 18.01 40.64 50.89
C3 NAG AA . 18.58 42.00 50.48
C4 NAG AA . 20.01 42.19 50.95
C5 NAG AA . 20.85 41.02 50.44
C6 NAG AA . 22.28 41.08 50.90
C7 NAG AA . 15.56 40.86 50.83
C8 NAG AA . 14.32 40.59 50.06
N2 NAG AA . 16.71 40.43 50.28
O3 NAG AA . 17.77 43.04 51.03
O4 NAG AA . 20.54 43.41 50.45
O5 NAG AA . 20.29 39.80 50.94
O6 NAG AA . 22.71 39.82 51.39
O7 NAG AA . 15.54 41.45 51.91
C1 NAG BA . 16.83 23.86 66.92
C2 NAG BA . 18.08 22.98 67.03
C3 NAG BA . 17.82 21.84 68.02
C4 NAG BA . 17.32 22.39 69.35
C5 NAG BA . 16.13 23.32 69.15
C6 NAG BA . 15.73 24.04 70.42
C7 NAG BA . 19.51 22.88 65.05
C8 NAG BA . 19.75 22.23 63.71
N2 NAG BA . 18.44 22.45 65.73
O3 NAG BA . 19.02 21.12 68.21
O4 NAG BA . 16.92 21.31 70.19
O5 NAG BA . 16.47 24.35 68.21
O6 NAG BA . 14.45 24.65 70.27
O7 NAG BA . 20.25 23.75 65.49
C1 NAG CA . 26.17 26.99 41.22
C2 NAG CA . 26.93 27.92 40.27
C3 NAG CA . 27.72 27.10 39.26
C4 NAG CA . 28.65 26.14 39.99
C5 NAG CA . 27.83 25.25 40.90
C6 NAG CA . 28.69 24.33 41.74
C7 NAG CA . 26.39 30.14 39.42
C8 NAG CA . 25.37 30.99 38.73
N2 NAG CA . 26.05 28.86 39.61
O3 NAG CA . 28.47 27.97 38.43
O4 NAG CA . 29.38 25.36 39.05
O5 NAG CA . 27.08 26.05 41.81
O6 NAG CA . 28.24 22.98 41.64
O7 NAG CA . 27.47 30.59 39.77
C1 NAG DA . 39.12 -9.03 3.22
C2 NAG DA . 38.83 -9.19 4.70
C3 NAG DA . 40.09 -9.60 5.44
C4 NAG DA . 40.65 -10.89 4.84
C5 NAG DA . 40.91 -10.69 3.35
C6 NAG DA . 41.34 -11.96 2.66
C7 NAG DA . 36.99 -7.89 5.67
C8 NAG DA . 36.59 -6.59 6.28
N2 NAG DA . 38.27 -7.98 5.29
O3 NAG DA . 39.77 -9.81 6.81
O4 NAG DA . 41.86 -11.25 5.50
O5 NAG DA . 39.71 -10.24 2.70
O6 NAG DA . 42.53 -11.76 1.92
O7 NAG DA . 36.21 -8.82 5.54
#